data_3N25
#
_entry.id   3N25
#
_cell.length_a   82.373
_cell.length_b   108.747
_cell.length_c   144.256
_cell.angle_alpha   95.18
_cell.angle_beta   93.38
_cell.angle_gamma   112.23
#
_symmetry.space_group_name_H-M   'P 1'
#
loop_
_entity.id
_entity.type
_entity.pdbx_description
1 polymer 'Pyruvate kinase isozymes M1/M2'
2 non-polymer PROLINE
3 non-polymer 'MANGANESE (II) ION'
4 non-polymer 'PYRUVIC ACID'
5 non-polymer 'POTASSIUM ION'
6 non-polymer 'SODIUM ION'
7 non-polymer GLYCEROL
8 non-polymer 1,2-ETHANEDIOL
9 water water
#
_entity_poly.entity_id   1
_entity_poly.type   'polypeptide(L)'
_entity_poly.pdbx_seq_one_letter_code
;MSKSHSEAGSAFIQTQQLHAAMADTFLEHKCRLDIDSAPITARNTGIICTIGPASRSVETLKEMIKSGMNVARMNFSHGT
HEYHAETIKNVRTATESFASDPILYRPVAVALDTKGPEIRTGLIKGSGTAEVELKKGATLKITLDNAYMEKCDENILWLD
YKNICKVVDVGSKVYVDDGLISLQVKQKGPDFLVTEVENGGFLGSKKGVNLPGAAVDLPAVSEKDIQDLKFGVEQDVDMV
FASFIRKAADVHEVRKILGEKGKNIKIISKIENHEGVRRFDEILEASDGIMVARGDLGIEIPAEKVFLAQKMIIGRCNRA
GKPVICATQMLESMIKKPRPTRAEGSDVANAVLDGADCIMLSGETAKGDYPLEAVRMQHLIAREAEAAMFHRKLFEELAR
ASSQSTDLMEAMAMGSVEASYKCLAAALIVLTESGRSAHQVARYRPRAPIIAVTRNHQTARQAHLYRGIFPVVCKDPVQE
AWAEDVDLRVNLAMNVGKARGFFKKGDVVIVLTGWRPGSGFTNTMRVVPVP
;
_entity_poly.pdbx_strand_id   A,B,C,D,E,F,G,H
#
loop_
_chem_comp.id
_chem_comp.type
_chem_comp.name
_chem_comp.formula
EDO non-polymer 1,2-ETHANEDIOL 'C2 H6 O2'
GOL non-polymer GLYCEROL 'C3 H8 O3'
K non-polymer 'POTASSIUM ION' 'K 1'
MN non-polymer 'MANGANESE (II) ION' 'Mn 2'
NA non-polymer 'SODIUM ION' 'Na 1'
PYR non-polymer 'PYRUVIC ACID' 'C3 H4 O3'
#
# COMPACT_ATOMS: atom_id res chain seq x y z
N ILE A 13 42.69 4.07 16.02
CA ILE A 13 41.51 3.20 16.34
C ILE A 13 41.76 2.35 17.58
N GLN A 14 41.01 2.62 18.64
CA GLN A 14 41.11 1.89 19.93
C GLN A 14 40.60 0.45 19.80
N THR A 15 41.24 -0.48 20.51
CA THR A 15 40.89 -1.89 20.46
C THR A 15 39.69 -2.16 21.37
N GLN A 16 39.12 -3.36 21.29
CA GLN A 16 38.15 -3.84 22.29
C GLN A 16 36.93 -2.92 22.40
N GLN A 17 36.52 -2.36 21.26
CA GLN A 17 35.39 -1.43 21.18
C GLN A 17 35.43 -0.35 22.27
N LEU A 18 36.62 0.14 22.58
CA LEU A 18 36.78 1.00 23.74
C LEU A 18 36.26 2.41 23.51
N HIS A 19 36.28 2.85 22.26
CA HIS A 19 35.63 4.11 21.89
C HIS A 19 34.15 4.04 22.23
N ALA A 20 33.48 2.99 21.74
CA ALA A 20 32.06 2.77 22.01
C ALA A 20 31.79 2.65 23.50
N ALA A 21 32.72 2.04 24.23
CA ALA A 21 32.65 1.88 25.68
C ALA A 21 32.49 3.20 26.43
N MET A 22 32.96 4.29 25.82
CA MET A 22 32.97 5.60 26.46
C MET A 22 31.72 6.43 26.15
N ALA A 23 30.74 5.81 25.50
CA ALA A 23 29.52 6.49 25.08
C ALA A 23 28.58 6.86 26.23
N ASP A 24 27.86 7.95 26.04
CA ASP A 24 26.87 8.39 27.01
C ASP A 24 25.58 7.62 26.87
N THR A 25 25.21 7.27 25.64
CA THR A 25 23.94 6.60 25.36
C THR A 25 24.11 5.26 24.66
N PHE A 26 23.06 4.43 24.76
CA PHE A 26 23.02 3.16 24.01
C PHE A 26 23.19 3.48 22.51
N LEU A 27 22.42 4.47 22.03
CA LEU A 27 22.49 4.90 20.62
C LEU A 27 23.91 5.23 20.16
N GLU A 28 24.56 6.15 20.88
CA GLU A 28 25.96 6.56 20.64
CA GLU A 28 25.94 6.53 20.55
C GLU A 28 26.90 5.34 20.67
N HIS A 29 26.61 4.42 21.59
CA HIS A 29 27.42 3.20 21.75
C HIS A 29 27.37 2.35 20.49
N LYS A 30 26.17 2.07 20.02
CA LYS A 30 25.99 1.32 18.77
CA LYS A 30 26.00 1.31 18.78
C LYS A 30 26.63 2.04 17.58
N CYS A 31 26.43 3.35 17.50
CA CYS A 31 26.93 4.16 16.40
C CYS A 31 28.45 4.16 16.30
N ARG A 32 29.11 3.83 17.42
CA ARG A 32 30.57 3.87 17.54
C ARG A 32 31.19 2.51 17.34
N LEU A 33 30.40 1.53 16.90
CA LEU A 33 30.88 0.17 16.78
C LEU A 33 31.77 0.05 15.57
N ASP A 34 32.95 -0.52 15.79
CA ASP A 34 33.99 -0.50 14.79
C ASP A 34 34.48 -1.90 14.48
N ILE A 35 34.32 -2.28 13.21
CA ILE A 35 34.76 -3.59 12.74
C ILE A 35 36.28 -3.62 12.60
N ASP A 36 36.89 -2.45 12.64
CA ASP A 36 38.34 -2.33 12.61
C ASP A 36 38.90 -2.26 14.03
N SER A 37 38.02 -2.35 15.03
CA SER A 37 38.46 -2.37 16.43
C SER A 37 38.68 -3.80 16.90
N ALA A 38 39.95 -4.17 17.01
CA ALA A 38 40.32 -5.55 17.26
C ALA A 38 39.84 -6.03 18.62
N PRO A 39 39.20 -7.21 18.68
CA PRO A 39 38.79 -7.78 19.95
C PRO A 39 39.99 -8.38 20.66
N ILE A 40 39.91 -8.61 21.97
CA ILE A 40 41.05 -9.17 22.70
C ILE A 40 41.17 -10.69 22.50
N THR A 41 42.35 -11.23 22.85
CA THR A 41 42.65 -12.66 22.71
C THR A 41 41.69 -13.56 23.50
N ALA A 42 41.46 -13.19 24.75
CA ALA A 42 40.63 -13.97 25.66
C ALA A 42 39.17 -13.93 25.24
N ARG A 43 38.49 -15.07 25.40
CA ARG A 43 37.07 -15.27 25.05
C ARG A 43 36.33 -15.60 26.34
N ASN A 44 35.30 -14.82 26.66
CA ASN A 44 34.64 -14.93 27.98
C ASN A 44 33.35 -15.76 28.03
N THR A 45 32.72 -15.98 26.88
CA THR A 45 31.54 -16.81 26.85
C THR A 45 31.95 -18.28 26.76
N GLY A 46 31.37 -19.10 27.64
CA GLY A 46 31.66 -20.52 27.68
C GLY A 46 30.97 -21.21 26.53
N ILE A 47 31.63 -22.24 26.00
CA ILE A 47 31.10 -22.96 24.87
C ILE A 47 30.84 -24.38 25.29
N ILE A 48 29.57 -24.77 25.16
CA ILE A 48 29.11 -26.11 25.51
C ILE A 48 28.79 -26.83 24.21
N CYS A 49 29.34 -28.04 24.07
CA CYS A 49 29.16 -28.81 22.83
C CYS A 49 28.48 -30.15 23.09
N THR A 50 27.40 -30.46 22.37
CA THR A 50 26.78 -31.79 22.46
C THR A 50 27.65 -32.79 21.71
N ILE A 51 27.97 -33.87 22.39
CA ILE A 51 28.85 -34.89 21.80
C ILE A 51 28.01 -36.01 21.18
N GLY A 52 28.41 -36.46 20.00
CA GLY A 52 27.73 -37.52 19.29
C GLY A 52 28.66 -38.17 18.27
N PRO A 53 28.09 -38.97 17.34
CA PRO A 53 28.85 -39.72 16.34
C PRO A 53 29.93 -38.88 15.65
N ALA A 54 29.60 -37.65 15.26
CA ALA A 54 30.57 -36.78 14.60
C ALA A 54 31.72 -36.30 15.50
N SER A 55 31.58 -36.44 16.82
CA SER A 55 32.51 -35.81 17.75
C SER A 55 33.08 -36.68 18.88
N ARG A 56 32.67 -37.94 18.96
CA ARG A 56 33.00 -38.75 20.12
C ARG A 56 34.37 -39.45 20.10
N SER A 57 35.04 -39.45 18.95
CA SER A 57 36.37 -40.02 18.86
C SER A 57 37.38 -39.20 19.70
N VAL A 58 38.39 -39.89 20.25
CA VAL A 58 39.44 -39.22 21.02
C VAL A 58 40.13 -38.11 20.24
N GLU A 59 40.58 -38.43 19.02
CA GLU A 59 41.30 -37.46 18.20
CA GLU A 59 41.29 -37.48 18.14
C GLU A 59 40.46 -36.23 17.84
N THR A 60 39.17 -36.43 17.57
CA THR A 60 38.33 -35.28 17.23
C THR A 60 38.11 -34.39 18.47
N LEU A 61 38.03 -35.03 19.65
CA LEU A 61 37.81 -34.31 20.90
C LEU A 61 39.00 -33.46 21.36
N LYS A 62 40.21 -33.84 20.95
CA LYS A 62 41.40 -33.05 21.25
C LYS A 62 41.28 -31.74 20.49
N GLU A 63 40.97 -31.85 19.22
CA GLU A 63 40.82 -30.67 18.37
C GLU A 63 39.62 -29.84 18.79
N MET A 64 38.60 -30.49 19.38
CA MET A 64 37.44 -29.76 19.91
CA MET A 64 37.43 -29.79 19.94
C MET A 64 37.85 -28.87 21.09
N ILE A 65 38.67 -29.39 22.01
CA ILE A 65 39.19 -28.60 23.12
C ILE A 65 40.05 -27.44 22.61
N LYS A 66 40.93 -27.73 21.66
CA LYS A 66 41.77 -26.72 21.04
C LYS A 66 40.92 -25.60 20.40
N SER A 67 39.87 -26.00 19.70
CA SER A 67 38.95 -25.06 19.06
C SER A 67 38.13 -24.22 20.04
N GLY A 68 37.94 -24.71 21.27
CA GLY A 68 37.31 -23.92 22.34
C GLY A 68 36.26 -24.57 23.23
N MET A 69 35.98 -25.86 23.02
CA MET A 69 34.97 -26.55 23.84
C MET A 69 35.29 -26.45 25.34
N ASN A 70 34.27 -26.17 26.13
CA ASN A 70 34.42 -26.02 27.57
C ASN A 70 33.67 -27.12 28.28
N VAL A 71 32.48 -27.42 27.77
CA VAL A 71 31.60 -28.39 28.38
C VAL A 71 31.18 -29.39 27.32
N ALA A 72 31.54 -30.64 27.55
CA ALA A 72 31.02 -31.78 26.80
C ALA A 72 29.66 -32.13 27.37
N ARG A 73 28.62 -32.15 26.51
CA ARG A 73 27.24 -32.43 26.93
C ARG A 73 26.73 -33.77 26.37
N MET A 74 26.21 -34.60 27.25
CA MET A 74 25.66 -35.90 26.87
C MET A 74 24.15 -35.82 26.92
N ASN A 75 23.54 -36.07 25.75
CA ASN A 75 22.11 -36.03 25.58
C ASN A 75 21.48 -37.39 25.86
N PHE A 76 20.80 -37.51 27.00
CA PHE A 76 20.24 -38.79 27.45
C PHE A 76 18.86 -39.12 26.86
N SER A 77 18.43 -38.37 25.83
CA SER A 77 17.24 -38.71 25.05
C SER A 77 17.51 -39.85 24.07
N HIS A 78 18.79 -40.19 23.91
CA HIS A 78 19.20 -41.32 23.07
C HIS A 78 20.42 -42.00 23.69
N GLY A 79 20.63 -43.27 23.33
CA GLY A 79 21.82 -44.04 23.70
C GLY A 79 21.72 -44.67 25.07
N THR A 80 22.36 -45.83 25.24
CA THR A 80 22.44 -46.52 26.53
C THR A 80 23.51 -45.91 27.43
N HIS A 81 23.59 -46.40 28.66
CA HIS A 81 24.63 -46.00 29.61
C HIS A 81 26.01 -46.39 29.11
N GLU A 82 26.12 -47.60 28.56
CA GLU A 82 27.37 -48.07 27.97
C GLU A 82 27.90 -47.06 26.94
N TYR A 83 27.03 -46.65 26.02
CA TYR A 83 27.35 -45.65 25.00
C TYR A 83 27.83 -44.35 25.63
N HIS A 84 27.16 -43.91 26.70
CA HIS A 84 27.49 -42.64 27.32
C HIS A 84 28.74 -42.69 28.19
N ALA A 85 28.97 -43.83 28.82
CA ALA A 85 30.19 -44.07 29.59
C ALA A 85 31.41 -43.99 28.68
N GLU A 86 31.33 -44.59 27.50
CA GLU A 86 32.42 -44.50 26.52
C GLU A 86 32.67 -43.06 26.02
N THR A 87 31.60 -42.33 25.73
CA THR A 87 31.72 -40.94 25.32
C THR A 87 32.44 -40.15 26.43
N ILE A 88 31.94 -40.30 27.66
CA ILE A 88 32.55 -39.68 28.83
C ILE A 88 34.02 -40.07 28.98
N LYS A 89 34.35 -41.34 28.75
CA LYS A 89 35.73 -41.80 28.86
C LYS A 89 36.60 -41.08 27.84
N ASN A 90 36.12 -41.05 26.60
CA ASN A 90 36.84 -40.40 25.51
C ASN A 90 37.13 -38.90 25.74
N VAL A 91 36.15 -38.20 26.30
CA VAL A 91 36.29 -36.78 26.62
C VAL A 91 37.40 -36.57 27.65
N ARG A 92 37.41 -37.41 28.69
CA ARG A 92 38.43 -37.34 29.73
C ARG A 92 39.82 -37.73 29.22
N THR A 93 39.89 -38.75 28.36
CA THR A 93 41.13 -39.11 27.68
C THR A 93 41.70 -37.92 26.91
N ALA A 94 40.86 -37.29 26.10
CA ALA A 94 41.25 -36.10 25.34
C ALA A 94 41.79 -35.01 26.27
N THR A 95 41.01 -34.68 27.29
CA THR A 95 41.33 -33.60 28.23
C THR A 95 42.70 -33.82 28.87
N GLU A 96 42.91 -35.01 29.43
CA GLU A 96 44.16 -35.30 30.14
C GLU A 96 45.38 -35.50 29.22
N SER A 97 45.17 -35.61 27.92
CA SER A 97 46.29 -35.66 26.97
C SER A 97 47.03 -34.31 26.92
N PHE A 98 46.38 -33.26 27.46
CA PHE A 98 46.98 -31.94 27.57
C PHE A 98 47.58 -31.66 28.95
N ALA A 99 47.36 -32.58 29.89
CA ALA A 99 47.72 -32.41 31.31
C ALA A 99 49.22 -32.40 31.56
N SER A 100 49.97 -32.92 30.59
CA SER A 100 51.43 -32.90 30.61
C SER A 100 51.95 -31.50 30.97
N ASP A 101 51.35 -30.48 30.34
CA ASP A 101 51.74 -29.09 30.50
C ASP A 101 50.74 -28.36 31.40
N PRO A 102 51.08 -28.23 32.71
CA PRO A 102 50.18 -27.59 33.68
C PRO A 102 49.77 -26.16 33.31
N ILE A 103 50.58 -25.52 32.45
CA ILE A 103 50.40 -24.12 32.04
C ILE A 103 49.40 -23.99 30.87
N LEU A 104 49.32 -25.03 30.03
CA LEU A 104 48.41 -25.03 28.88
C LEU A 104 47.14 -25.85 29.08
N TYR A 105 47.11 -26.70 30.11
CA TYR A 105 46.00 -27.63 30.35
C TYR A 105 44.66 -26.92 30.51
N ARG A 106 43.64 -27.38 29.78
CA ARG A 106 42.29 -26.83 29.91
C ARG A 106 41.38 -27.82 30.63
N PRO A 107 40.83 -27.43 31.80
CA PRO A 107 39.82 -28.27 32.44
C PRO A 107 38.54 -28.32 31.60
N VAL A 108 37.82 -29.43 31.67
CA VAL A 108 36.65 -29.64 30.78
C VAL A 108 35.53 -30.32 31.53
N ALA A 109 34.37 -29.67 31.51
CA ALA A 109 33.20 -30.17 32.24
C ALA A 109 32.43 -31.26 31.49
N VAL A 110 31.80 -32.14 32.25
CA VAL A 110 30.90 -33.12 31.68
C VAL A 110 29.48 -32.75 32.12
N ALA A 111 28.54 -32.80 31.17
CA ALA A 111 27.17 -32.44 31.45
C ALA A 111 26.20 -33.57 31.10
N LEU A 112 25.25 -33.83 31.99
CA LEU A 112 24.21 -34.82 31.71
C LEU A 112 22.88 -34.11 31.44
N ASP A 113 22.34 -34.33 30.26
CA ASP A 113 21.07 -33.74 29.86
C ASP A 113 20.00 -34.84 29.88
N THR A 114 19.03 -34.74 30.78
CA THR A 114 18.03 -35.80 30.97
C THR A 114 17.10 -35.94 29.76
N LYS A 115 16.50 -37.12 29.58
CA LYS A 115 15.42 -37.29 28.61
C LYS A 115 14.19 -36.47 29.07
N GLY A 116 13.83 -36.60 30.35
CA GLY A 116 12.72 -35.88 30.92
C GLY A 116 11.39 -36.37 30.40
N PRO A 117 10.32 -35.57 30.60
CA PRO A 117 9.00 -36.10 30.25
C PRO A 117 8.69 -35.95 28.76
N GLU A 118 9.41 -36.71 27.92
CA GLU A 118 9.30 -36.62 26.45
C GLU A 118 8.22 -37.50 25.85
N ILE A 119 7.61 -37.01 24.78
CA ILE A 119 6.70 -37.82 23.95
C ILE A 119 7.35 -38.10 22.59
N ARG A 120 7.37 -39.37 22.20
CA ARG A 120 7.97 -39.79 20.94
C ARG A 120 7.10 -40.79 20.21
N THR A 121 6.98 -40.62 18.90
CA THR A 121 6.34 -41.59 18.04
C THR A 121 7.19 -42.86 17.92
N GLY A 122 6.73 -43.81 17.13
CA GLY A 122 7.48 -45.04 16.92
C GLY A 122 8.24 -45.08 15.61
N LEU A 123 8.54 -46.30 15.17
CA LEU A 123 9.24 -46.50 13.92
C LEU A 123 8.26 -46.67 12.78
N ILE A 124 8.63 -46.13 11.63
CA ILE A 124 7.93 -46.37 10.37
C ILE A 124 8.08 -47.85 10.03
N LYS A 125 7.01 -48.45 9.49
CA LYS A 125 7.02 -49.83 9.02
C LYS A 125 8.11 -50.04 7.96
N GLY A 126 8.60 -51.27 7.83
CA GLY A 126 9.73 -51.57 6.96
C GLY A 126 9.47 -51.52 5.46
N SER A 127 8.19 -51.53 5.08
CA SER A 127 7.77 -51.41 3.68
C SER A 127 7.32 -49.99 3.33
N GLY A 128 7.29 -49.65 2.04
CA GLY A 128 7.04 -48.27 1.60
C GLY A 128 8.21 -47.33 1.92
N THR A 129 8.17 -46.12 1.35
CA THR A 129 9.27 -45.14 1.47
C THR A 129 9.73 -44.98 2.93
N ALA A 130 11.03 -44.70 3.11
CA ALA A 130 11.65 -44.58 4.45
C ALA A 130 10.88 -43.66 5.40
N GLU A 131 10.33 -42.58 4.83
CA GLU A 131 9.48 -41.63 5.53
C GLU A 131 8.16 -41.53 4.79
N VAL A 132 7.06 -41.70 5.51
CA VAL A 132 5.74 -41.56 4.90
C VAL A 132 5.39 -40.08 4.76
N GLU A 133 4.42 -39.78 3.90
CA GLU A 133 3.98 -38.40 3.68
C GLU A 133 2.59 -38.16 4.25
N LEU A 134 2.54 -37.38 5.33
CA LEU A 134 1.28 -36.89 5.86
C LEU A 134 0.93 -35.61 5.10
N LYS A 135 -0.22 -35.61 4.44
CA LYS A 135 -0.62 -34.48 3.61
C LYS A 135 -1.69 -33.62 4.29
N LYS A 136 -1.69 -32.33 3.97
CA LYS A 136 -2.75 -31.43 4.39
C LYS A 136 -4.13 -31.96 3.99
N GLY A 137 -5.02 -32.02 4.97
CA GLY A 137 -6.41 -32.44 4.74
C GLY A 137 -6.68 -33.91 4.95
N ALA A 138 -5.63 -34.69 5.17
CA ALA A 138 -5.74 -36.14 5.32
C ALA A 138 -5.99 -36.56 6.78
N THR A 139 -6.21 -37.85 6.97
CA THR A 139 -6.49 -38.41 8.28
C THR A 139 -5.27 -39.16 8.82
N LEU A 140 -5.14 -39.15 10.14
CA LEU A 140 -4.11 -39.90 10.83
C LEU A 140 -4.62 -40.28 12.20
N LYS A 141 -4.71 -41.58 12.44
CA LYS A 141 -5.12 -42.09 13.74
C LYS A 141 -3.90 -42.29 14.63
N ILE A 142 -3.91 -41.67 15.80
CA ILE A 142 -2.90 -41.94 16.80
C ILE A 142 -3.35 -43.12 17.67
N THR A 143 -2.49 -44.14 17.75
CA THR A 143 -2.77 -45.34 18.54
C THR A 143 -1.76 -45.52 19.68
N LEU A 144 -2.23 -46.12 20.76
CA LEU A 144 -1.38 -46.42 21.91
CA LEU A 144 -1.38 -46.42 21.91
C LEU A 144 -1.11 -47.92 21.97
N ASP A 145 -1.65 -48.63 20.98
CA ASP A 145 -1.50 -50.08 20.82
C ASP A 145 -0.07 -50.43 20.41
N ASN A 146 0.68 -51.00 21.35
CA ASN A 146 2.09 -51.37 21.19
C ASN A 146 2.42 -52.26 20.00
N ALA A 147 1.44 -53.03 19.51
CA ALA A 147 1.65 -53.86 18.32
C ALA A 147 2.08 -53.00 17.11
N TYR A 148 1.76 -51.72 17.18
CA TYR A 148 2.05 -50.77 16.12
C TYR A 148 3.26 -49.89 16.41
N MET A 149 4.02 -50.22 17.46
CA MET A 149 5.14 -49.37 17.90
C MET A 149 6.33 -49.30 16.94
N GLU A 150 6.42 -50.28 16.04
CA GLU A 150 7.46 -50.26 15.02
C GLU A 150 6.87 -50.34 13.61
N LYS A 151 5.57 -50.12 13.52
CA LYS A 151 4.86 -50.17 12.24
C LYS A 151 3.99 -48.92 12.00
N CYS A 152 4.59 -47.74 12.12
CA CYS A 152 3.87 -46.49 11.89
C CYS A 152 3.83 -46.16 10.41
N ASP A 153 2.73 -45.54 9.98
CA ASP A 153 2.60 -45.07 8.60
C ASP A 153 1.67 -43.85 8.52
N GLU A 154 1.16 -43.57 7.32
CA GLU A 154 0.34 -42.38 7.09
C GLU A 154 -1.08 -42.55 7.60
N ASN A 155 -1.43 -43.79 7.95
CA ASN A 155 -2.76 -44.13 8.45
C ASN A 155 -2.84 -44.27 9.97
N ILE A 156 -1.77 -44.76 10.59
CA ILE A 156 -1.75 -45.03 12.03
C ILE A 156 -0.40 -44.60 12.63
N LEU A 157 -0.46 -43.82 13.70
CA LEU A 157 0.74 -43.33 14.36
C LEU A 157 0.80 -43.73 15.83
N TRP A 158 1.71 -44.62 16.16
CA TRP A 158 1.97 -44.99 17.56
C TRP A 158 2.86 -43.94 18.21
N LEU A 159 2.58 -43.62 19.48
CA LEU A 159 3.48 -42.81 20.31
C LEU A 159 3.59 -43.43 21.71
N ASP A 160 4.54 -42.95 22.52
CA ASP A 160 4.84 -43.59 23.81
C ASP A 160 4.28 -42.92 25.08
N TYR A 161 3.34 -42.01 24.93
CA TYR A 161 2.65 -41.40 26.07
C TYR A 161 1.30 -42.10 26.29
N LYS A 162 1.29 -43.10 27.16
CA LYS A 162 0.12 -43.98 27.39
C LYS A 162 -1.07 -43.24 27.98
N ASN A 163 -0.84 -42.02 28.46
CA ASN A 163 -1.87 -41.24 29.09
C ASN A 163 -2.29 -40.03 28.23
N ILE A 164 -2.00 -40.07 26.94
CA ILE A 164 -2.31 -38.94 26.03
C ILE A 164 -3.79 -38.56 26.00
N CYS A 165 -4.65 -39.55 25.88
CA CYS A 165 -6.10 -39.34 25.72
C CYS A 165 -6.72 -38.56 26.88
N LYS A 166 -6.16 -38.72 28.08
CA LYS A 166 -6.66 -38.02 29.28
C LYS A 166 -6.49 -36.50 29.24
N VAL A 167 -5.44 -36.02 28.59
CA VAL A 167 -5.09 -34.59 28.60
C VAL A 167 -5.35 -33.88 27.27
N VAL A 168 -5.98 -34.56 26.33
CA VAL A 168 -6.23 -33.98 25.02
C VAL A 168 -7.73 -33.88 24.77
N ASP A 169 -8.17 -32.74 24.27
CA ASP A 169 -9.57 -32.53 23.92
C ASP A 169 -9.72 -32.60 22.41
N VAL A 170 -10.97 -32.71 21.95
CA VAL A 170 -11.33 -32.46 20.56
C VAL A 170 -10.90 -31.01 20.28
N GLY A 171 -10.28 -30.76 19.13
CA GLY A 171 -9.83 -29.42 18.78
C GLY A 171 -8.38 -29.14 19.13
N SER A 172 -7.86 -29.84 20.14
CA SER A 172 -6.46 -29.74 20.52
C SER A 172 -5.53 -29.99 19.34
N LYS A 173 -4.40 -29.30 19.36
CA LYS A 173 -3.38 -29.45 18.32
C LYS A 173 -2.26 -30.40 18.77
N VAL A 174 -1.79 -31.22 17.84
CA VAL A 174 -0.66 -32.13 18.08
C VAL A 174 0.46 -31.77 17.12
N TYR A 175 1.66 -31.60 17.65
CA TYR A 175 2.82 -31.28 16.83
C TYR A 175 3.81 -32.43 16.84
N VAL A 176 4.34 -32.75 15.66
CA VAL A 176 5.28 -33.87 15.49
C VAL A 176 6.50 -33.44 14.65
N ASP A 177 7.67 -33.85 15.12
CA ASP A 177 8.96 -33.56 14.50
C ASP A 177 9.29 -32.08 14.55
N ASP A 178 9.92 -31.69 15.66
CA ASP A 178 10.39 -30.32 15.87
C ASP A 178 9.36 -29.26 15.49
N GLY A 179 8.07 -29.61 15.54
CA GLY A 179 6.99 -28.68 15.32
C GLY A 179 6.65 -28.45 13.86
N LEU A 180 7.33 -29.20 12.98
CA LEU A 180 7.18 -29.07 11.52
C LEU A 180 5.86 -29.60 10.98
N ILE A 181 5.34 -30.64 11.64
CA ILE A 181 4.07 -31.25 11.27
C ILE A 181 3.04 -30.95 12.36
N SER A 182 1.84 -30.53 11.97
CA SER A 182 0.74 -30.37 12.95
C SER A 182 -0.54 -31.13 12.58
N LEU A 183 -1.22 -31.60 13.61
CA LEU A 183 -2.45 -32.37 13.48
C LEU A 183 -3.48 -31.82 14.45
N GLN A 184 -4.75 -31.84 14.08
CA GLN A 184 -5.83 -31.43 14.99
C GLN A 184 -6.75 -32.59 15.37
N VAL A 185 -6.90 -32.79 16.68
CA VAL A 185 -7.70 -33.89 17.21
C VAL A 185 -9.18 -33.70 16.87
N LYS A 186 -9.76 -34.71 16.23
CA LYS A 186 -11.16 -34.67 15.77
C LYS A 186 -12.11 -35.60 16.56
N GLN A 187 -11.64 -36.81 16.89
CA GLN A 187 -12.41 -37.74 17.71
C GLN A 187 -11.58 -38.34 18.83
N LYS A 188 -12.25 -38.75 19.91
CA LYS A 188 -11.59 -39.31 21.08
C LYS A 188 -12.11 -40.70 21.43
N GLY A 189 -11.23 -41.70 21.33
CA GLY A 189 -11.58 -43.07 21.66
C GLY A 189 -11.17 -43.43 23.07
N PRO A 190 -11.32 -44.72 23.45
CA PRO A 190 -10.81 -45.22 24.74
C PRO A 190 -9.28 -45.12 24.82
N ASP A 191 -8.60 -45.71 23.85
CA ASP A 191 -7.14 -45.65 23.78
C ASP A 191 -6.65 -45.05 22.44
N PHE A 192 -7.50 -44.24 21.80
CA PHE A 192 -7.12 -43.62 20.51
C PHE A 192 -7.64 -42.22 20.25
N LEU A 193 -6.90 -41.50 19.41
CA LEU A 193 -7.31 -40.22 18.85
C LEU A 193 -7.34 -40.35 17.33
N VAL A 194 -8.42 -39.86 16.73
CA VAL A 194 -8.48 -39.71 15.30
C VAL A 194 -8.18 -38.23 15.04
N THR A 195 -7.20 -37.96 14.16
CA THR A 195 -6.82 -36.58 13.86
C THR A 195 -6.93 -36.23 12.37
N GLU A 196 -6.93 -34.94 12.08
CA GLU A 196 -6.78 -34.44 10.71
C GLU A 196 -5.43 -33.73 10.60
N VAL A 197 -4.74 -33.96 9.48
CA VAL A 197 -3.45 -33.30 9.24
C VAL A 197 -3.66 -31.84 8.86
N GLU A 198 -3.33 -30.95 9.78
CA GLU A 198 -3.39 -29.52 9.51
C GLU A 198 -2.18 -29.08 8.69
N ASN A 199 -0.99 -29.40 9.20
CA ASN A 199 0.28 -29.07 8.54
C ASN A 199 1.07 -30.30 8.12
N GLY A 200 1.16 -30.50 6.81
CA GLY A 200 1.75 -31.70 6.24
C GLY A 200 3.26 -31.73 6.22
N GLY A 201 3.82 -32.93 6.04
CA GLY A 201 5.26 -33.16 6.01
C GLY A 201 5.61 -34.63 5.91
N PHE A 202 6.90 -34.92 5.74
CA PHE A 202 7.39 -36.29 5.65
C PHE A 202 7.78 -36.81 7.03
N LEU A 203 7.15 -37.91 7.46
CA LEU A 203 7.30 -38.39 8.83
C LEU A 203 8.27 -39.58 8.95
N GLY A 204 9.31 -39.41 9.74
CA GLY A 204 10.27 -40.47 10.04
C GLY A 204 10.00 -41.18 11.34
N SER A 205 11.02 -41.85 11.87
CA SER A 205 10.92 -42.68 13.10
C SER A 205 11.29 -41.92 14.37
N LYS A 206 10.67 -42.31 15.50
CA LYS A 206 11.02 -41.74 16.82
C LYS A 206 11.10 -40.21 16.83
N LYS A 207 10.03 -39.55 16.40
CA LYS A 207 9.99 -38.08 16.35
C LYS A 207 9.29 -37.48 17.57
N GLY A 208 9.75 -36.29 17.95
CA GLY A 208 9.22 -35.61 19.12
C GLY A 208 7.85 -35.04 18.88
N VAL A 209 6.93 -35.36 19.79
CA VAL A 209 5.59 -34.83 19.78
C VAL A 209 5.51 -33.70 20.79
N ASN A 210 4.83 -32.61 20.43
CA ASN A 210 4.53 -31.55 21.38
C ASN A 210 3.04 -31.34 21.51
N LEU A 211 2.59 -31.25 22.76
CA LEU A 211 1.19 -30.97 23.08
C LEU A 211 1.10 -29.61 23.76
N PRO A 212 1.19 -28.52 22.96
CA PRO A 212 1.38 -27.19 23.54
C PRO A 212 0.22 -26.77 24.44
N GLY A 213 -1.01 -27.06 24.01
CA GLY A 213 -2.19 -26.81 24.82
C GLY A 213 -2.21 -27.63 26.12
N ALA A 214 -2.08 -28.95 25.96
CA ALA A 214 -2.30 -29.93 27.04
C ALA A 214 -1.47 -29.72 28.32
N ALA A 215 -2.07 -30.11 29.45
CA ALA A 215 -1.35 -30.22 30.72
C ALA A 215 -0.77 -31.63 30.86
N VAL A 216 0.42 -31.83 30.31
CA VAL A 216 1.07 -33.15 30.29
C VAL A 216 1.41 -33.65 31.70
N ASP A 217 0.90 -34.84 32.03
CA ASP A 217 1.01 -35.40 33.39
C ASP A 217 2.12 -36.42 33.58
N LEU A 218 3.10 -36.44 32.68
CA LEU A 218 4.26 -37.31 32.83
C LEU A 218 5.10 -36.89 34.05
N PRO A 219 5.92 -37.81 34.60
CA PRO A 219 6.78 -37.34 35.71
C PRO A 219 7.87 -36.39 35.21
N ALA A 220 8.11 -35.33 35.98
CA ALA A 220 9.28 -34.49 35.78
C ALA A 220 10.51 -35.39 35.69
N VAL A 221 10.61 -36.26 36.69
CA VAL A 221 11.71 -37.21 36.84
C VAL A 221 11.13 -38.63 36.86
N SER A 222 11.27 -39.31 35.73
CA SER A 222 10.77 -40.67 35.55
C SER A 222 11.75 -41.72 36.07
N GLU A 223 11.37 -42.99 35.92
CA GLU A 223 12.21 -44.11 36.31
C GLU A 223 13.54 -44.11 35.55
N LYS A 224 13.46 -43.88 34.24
CA LYS A 224 14.67 -43.78 33.41
C LYS A 224 15.52 -42.60 33.88
N ASP A 225 14.88 -41.43 34.00
CA ASP A 225 15.54 -40.25 34.54
C ASP A 225 16.30 -40.56 35.83
N ILE A 226 15.67 -41.37 36.69
CA ILE A 226 16.25 -41.74 37.97
C ILE A 226 17.52 -42.57 37.79
N GLN A 227 17.47 -43.59 36.94
CA GLN A 227 18.64 -44.40 36.61
CA GLN A 227 18.67 -44.38 36.66
C GLN A 227 19.75 -43.51 36.04
N ASP A 228 19.37 -42.62 35.13
CA ASP A 228 20.33 -41.73 34.45
C ASP A 228 21.09 -40.79 35.38
N LEU A 229 20.36 -40.07 36.23
CA LEU A 229 20.96 -39.24 37.29
C LEU A 229 21.89 -40.01 38.24
N LYS A 230 21.47 -41.19 38.67
CA LYS A 230 22.30 -41.99 39.59
C LYS A 230 23.58 -42.42 38.88
N PHE A 231 23.46 -42.67 37.57
CA PHE A 231 24.59 -42.98 36.72
C PHE A 231 25.52 -41.77 36.65
N GLY A 232 24.94 -40.58 36.50
CA GLY A 232 25.69 -39.33 36.47
C GLY A 232 26.52 -39.08 37.71
N VAL A 233 25.97 -39.44 38.86
CA VAL A 233 26.72 -39.35 40.12
C VAL A 233 27.92 -40.29 40.06
N GLU A 234 27.67 -41.55 39.70
CA GLU A 234 28.71 -42.58 39.56
C GLU A 234 29.82 -42.19 38.57
N GLN A 235 29.43 -41.67 37.42
CA GLN A 235 30.39 -41.18 36.43
C GLN A 235 30.96 -39.81 36.81
N ASP A 236 30.52 -39.30 37.97
CA ASP A 236 31.07 -38.08 38.57
C ASP A 236 30.94 -36.89 37.60
N VAL A 237 29.71 -36.65 37.11
CA VAL A 237 29.47 -35.54 36.21
C VAL A 237 29.48 -34.22 36.97
N ASP A 238 29.66 -33.13 36.25
CA ASP A 238 29.80 -31.84 36.87
C ASP A 238 28.45 -31.15 37.06
N MET A 239 27.56 -31.34 36.11
CA MET A 239 26.29 -30.62 36.07
C MET A 239 25.24 -31.50 35.44
N VAL A 240 23.97 -31.21 35.74
CA VAL A 240 22.83 -31.84 35.09
C VAL A 240 21.97 -30.77 34.42
N PHE A 241 21.59 -30.99 33.16
CA PHE A 241 20.60 -30.15 32.47
C PHE A 241 19.28 -30.88 32.57
N ALA A 242 18.39 -30.37 33.43
CA ALA A 242 17.11 -31.02 33.72
C ALA A 242 16.06 -30.51 32.75
N SER A 243 15.55 -31.44 31.93
CA SER A 243 14.62 -31.11 30.85
C SER A 243 13.18 -30.88 31.35
N PHE A 244 12.53 -29.86 30.78
CA PHE A 244 11.10 -29.58 31.02
C PHE A 244 10.73 -29.27 32.48
N ILE A 245 11.60 -28.56 33.19
CA ILE A 245 11.28 -28.07 34.53
C ILE A 245 10.10 -27.10 34.49
N ARG A 246 9.03 -27.44 35.20
CA ARG A 246 7.77 -26.67 35.18
CA ARG A 246 7.79 -26.65 35.16
C ARG A 246 7.57 -25.83 36.43
N LYS A 247 8.26 -26.20 37.51
CA LYS A 247 8.06 -25.60 38.82
C LYS A 247 9.18 -26.01 39.78
N ALA A 248 9.23 -25.38 40.95
CA ALA A 248 10.28 -25.62 41.95
C ALA A 248 10.38 -27.06 42.44
N ALA A 249 9.23 -27.71 42.60
CA ALA A 249 9.18 -29.11 43.06
C ALA A 249 9.99 -30.04 42.14
N ASP A 250 9.92 -29.78 40.83
CA ASP A 250 10.71 -30.55 39.86
C ASP A 250 12.21 -30.51 40.14
N VAL A 251 12.71 -29.33 40.47
CA VAL A 251 14.12 -29.11 40.76
C VAL A 251 14.49 -29.80 42.07
N HIS A 252 13.56 -29.79 43.03
CA HIS A 252 13.73 -30.48 44.30
C HIS A 252 13.72 -32.00 44.10
N GLU A 253 12.90 -32.48 43.16
CA GLU A 253 12.86 -33.89 42.81
CA GLU A 253 12.84 -33.89 42.79
C GLU A 253 14.19 -34.36 42.24
N VAL A 254 14.82 -33.51 41.42
CA VAL A 254 16.13 -33.81 40.84
C VAL A 254 17.18 -33.83 41.94
N ARG A 255 17.21 -32.76 42.73
CA ARG A 255 18.16 -32.55 43.84
C ARG A 255 18.15 -33.73 44.82
N LYS A 256 16.97 -34.30 45.06
CA LYS A 256 16.81 -35.44 45.96
C LYS A 256 17.45 -36.72 45.39
N ILE A 257 17.29 -36.94 44.08
CA ILE A 257 17.85 -38.12 43.42
C ILE A 257 19.38 -38.08 43.43
N LEU A 258 19.93 -36.94 43.04
CA LEU A 258 21.38 -36.73 43.11
C LEU A 258 21.88 -36.96 44.54
N GLY A 259 21.06 -36.55 45.51
CA GLY A 259 21.29 -36.86 46.92
C GLY A 259 22.56 -36.28 47.51
N GLU A 260 22.95 -36.81 48.68
CA GLU A 260 24.14 -36.35 49.39
C GLU A 260 25.42 -36.56 48.58
N LYS A 261 25.54 -37.73 47.94
CA LYS A 261 26.73 -38.02 47.16
C LYS A 261 26.96 -36.98 46.05
N GLY A 262 25.89 -36.59 45.36
CA GLY A 262 25.97 -35.61 44.28
C GLY A 262 25.56 -34.20 44.68
N LYS A 263 25.65 -33.90 45.97
CA LYS A 263 25.24 -32.59 46.49
C LYS A 263 25.93 -31.40 45.82
N ASN A 264 27.07 -31.63 45.17
CA ASN A 264 27.82 -30.55 44.49
C ASN A 264 27.60 -30.47 42.99
N ILE A 265 27.01 -31.50 42.41
CA ILE A 265 26.59 -31.46 41.02
C ILE A 265 25.55 -30.35 40.87
N LYS A 266 25.77 -29.46 39.91
CA LYS A 266 24.94 -28.28 39.73
C LYS A 266 23.74 -28.53 38.81
N ILE A 267 22.54 -28.18 39.29
CA ILE A 267 21.32 -28.39 38.52
C ILE A 267 21.00 -27.17 37.66
N ILE A 268 21.11 -27.34 36.35
CA ILE A 268 20.69 -26.34 35.38
C ILE A 268 19.33 -26.73 34.84
N SER A 269 18.30 -25.96 35.21
CA SER A 269 16.94 -26.23 34.79
C SER A 269 16.66 -25.73 33.39
N LYS A 270 15.99 -26.56 32.59
CA LYS A 270 15.76 -26.20 31.20
C LYS A 270 14.37 -25.64 31.07
N ILE A 271 14.34 -24.38 30.68
CA ILE A 271 13.09 -23.71 30.42
C ILE A 271 12.77 -23.96 28.96
N GLU A 272 11.71 -24.74 28.74
CA GLU A 272 11.31 -25.15 27.40
C GLU A 272 9.80 -25.40 27.19
N ASN A 273 8.98 -24.83 28.09
CA ASN A 273 7.53 -24.79 27.88
C ASN A 273 6.90 -23.56 28.58
N HIS A 274 5.59 -23.37 28.41
CA HIS A 274 4.91 -22.20 28.98
C HIS A 274 4.95 -22.13 30.50
N GLU A 275 4.80 -23.27 31.18
CA GLU A 275 4.75 -23.24 32.64
C GLU A 275 6.10 -22.82 33.21
N GLY A 276 7.17 -23.32 32.58
CA GLY A 276 8.55 -22.96 32.90
C GLY A 276 8.82 -21.46 32.91
N VAL A 277 8.31 -20.75 31.92
CA VAL A 277 8.45 -19.30 31.87
C VAL A 277 7.60 -18.64 32.95
N ARG A 278 6.34 -19.05 33.04
CA ARG A 278 5.40 -18.52 34.04
C ARG A 278 5.92 -18.67 35.46
N ARG A 279 6.46 -19.85 35.77
CA ARG A 279 6.95 -20.12 37.12
C ARG A 279 8.46 -19.91 37.26
N PHE A 280 9.03 -19.10 36.37
CA PHE A 280 10.48 -18.93 36.28
C PHE A 280 11.18 -18.57 37.57
N ASP A 281 10.73 -17.50 38.23
CA ASP A 281 11.40 -17.05 39.46
C ASP A 281 11.65 -18.18 40.48
N GLU A 282 10.61 -18.96 40.77
CA GLU A 282 10.76 -20.04 41.76
C GLU A 282 11.68 -21.17 41.29
N ILE A 283 11.72 -21.40 39.97
CA ILE A 283 12.69 -22.34 39.39
C ILE A 283 14.12 -21.81 39.61
N LEU A 284 14.38 -20.59 39.14
CA LEU A 284 15.69 -19.96 39.35
C LEU A 284 16.16 -20.10 40.81
N GLU A 285 15.36 -19.64 41.77
CA GLU A 285 15.77 -19.75 43.18
C GLU A 285 16.20 -21.18 43.57
N ALA A 286 15.47 -22.20 43.12
CA ALA A 286 15.76 -23.61 43.40
C ALA A 286 16.94 -24.17 42.59
N SER A 287 17.28 -23.53 41.46
CA SER A 287 18.34 -24.03 40.57
C SER A 287 19.68 -23.38 40.85
N ASP A 288 20.74 -23.98 40.30
CA ASP A 288 22.07 -23.39 40.32
C ASP A 288 22.29 -22.55 39.08
N GLY A 289 21.41 -22.74 38.10
CA GLY A 289 21.42 -21.98 36.87
C GLY A 289 20.36 -22.52 35.95
N ILE A 290 20.26 -21.91 34.76
CA ILE A 290 19.16 -22.10 33.81
C ILE A 290 19.68 -22.26 32.37
N MET A 291 18.95 -23.05 31.57
CA MET A 291 19.18 -23.14 30.14
C MET A 291 17.92 -22.66 29.41
N VAL A 292 18.12 -21.80 28.41
CA VAL A 292 17.05 -21.36 27.54
C VAL A 292 16.99 -22.38 26.39
N ALA A 293 16.13 -23.38 26.56
CA ALA A 293 16.03 -24.48 25.62
C ALA A 293 15.05 -24.12 24.50
N ARG A 294 15.54 -23.31 23.58
CA ARG A 294 14.70 -22.64 22.57
C ARG A 294 14.00 -23.57 21.60
N GLY A 295 14.46 -24.83 21.54
CA GLY A 295 13.90 -25.83 20.64
C GLY A 295 12.46 -26.16 21.01
N ASP A 296 12.29 -26.82 22.15
CA ASP A 296 10.96 -27.08 22.69
C ASP A 296 10.22 -25.79 23.02
N LEU A 297 10.94 -24.77 23.49
CA LEU A 297 10.30 -23.52 23.89
C LEU A 297 9.51 -22.93 22.72
N GLY A 298 10.17 -22.78 21.57
CA GLY A 298 9.56 -22.22 20.36
C GLY A 298 8.49 -23.05 19.69
N ILE A 299 8.23 -24.26 20.21
CA ILE A 299 7.08 -25.06 19.80
C ILE A 299 5.97 -24.93 20.86
N GLU A 300 6.38 -24.97 22.12
CA GLU A 300 5.45 -24.85 23.23
C GLU A 300 4.76 -23.49 23.29
N ILE A 301 5.46 -22.45 22.85
CA ILE A 301 4.88 -21.13 22.72
C ILE A 301 5.16 -20.63 21.31
N PRO A 302 4.29 -19.76 20.78
CA PRO A 302 4.52 -19.29 19.42
C PRO A 302 5.97 -18.82 19.25
N ALA A 303 6.59 -19.22 18.14
CA ALA A 303 8.01 -19.03 17.96
C ALA A 303 8.45 -17.57 17.90
N GLU A 304 7.56 -16.69 17.44
CA GLU A 304 7.93 -15.28 17.37
C GLU A 304 8.13 -14.65 18.76
N LYS A 305 7.82 -15.42 19.81
CA LYS A 305 7.93 -14.94 21.19
C LYS A 305 9.18 -15.43 21.92
N VAL A 306 9.88 -16.42 21.37
CA VAL A 306 11.04 -16.99 22.07
C VAL A 306 11.98 -15.93 22.67
N PHE A 307 12.39 -14.97 21.84
CA PHE A 307 13.37 -13.94 22.22
C PHE A 307 12.95 -13.13 23.45
N LEU A 308 11.65 -12.99 23.68
CA LEU A 308 11.15 -12.34 24.88
C LEU A 308 11.56 -13.16 26.10
N ALA A 309 11.14 -14.43 26.12
CA ALA A 309 11.57 -15.36 27.15
C ALA A 309 13.11 -15.45 27.23
N GLN A 310 13.81 -15.41 26.10
CA GLN A 310 15.26 -15.49 26.15
C GLN A 310 15.88 -14.30 26.88
N LYS A 311 15.47 -13.11 26.50
CA LYS A 311 16.04 -11.90 27.05
C LYS A 311 15.64 -11.68 28.51
N MET A 312 14.42 -12.10 28.85
CA MET A 312 13.93 -12.09 30.20
C MET A 312 14.74 -13.04 31.07
N ILE A 313 14.91 -14.26 30.60
CA ILE A 313 15.63 -15.27 31.37
C ILE A 313 17.08 -14.86 31.59
N ILE A 314 17.75 -14.46 30.52
CA ILE A 314 19.14 -14.00 30.63
C ILE A 314 19.25 -12.79 31.56
N GLY A 315 18.27 -11.88 31.48
CA GLY A 315 18.26 -10.69 32.33
C GLY A 315 18.19 -11.03 33.81
N ARG A 316 17.34 -12.01 34.13
CA ARG A 316 17.08 -12.37 35.51
C ARG A 316 18.18 -13.23 36.10
N CYS A 317 18.76 -14.09 35.27
CA CYS A 317 19.91 -14.89 35.69
C CYS A 317 21.14 -14.00 35.96
N ASN A 318 21.34 -12.97 35.13
CA ASN A 318 22.37 -11.93 35.38
C ASN A 318 22.18 -11.21 36.73
N ARG A 319 20.94 -10.78 36.96
CA ARG A 319 20.51 -10.10 38.17
C ARG A 319 20.75 -10.97 39.44
N ALA A 320 20.55 -12.28 39.31
CA ALA A 320 20.69 -13.18 40.46
C ALA A 320 22.14 -13.62 40.60
N GLY A 321 22.93 -13.29 39.60
CA GLY A 321 24.31 -13.75 39.53
C GLY A 321 24.39 -15.24 39.32
N LYS A 322 23.45 -15.79 38.55
CA LYS A 322 23.39 -17.22 38.27
C LYS A 322 23.65 -17.52 36.78
N PRO A 323 24.33 -18.64 36.49
CA PRO A 323 24.69 -18.99 35.12
C PRO A 323 23.48 -19.25 34.23
N VAL A 324 23.52 -18.76 32.99
CA VAL A 324 22.48 -19.05 32.02
C VAL A 324 23.06 -19.43 30.64
N ILE A 325 22.42 -20.44 30.04
CA ILE A 325 22.84 -20.95 28.75
C ILE A 325 21.79 -20.59 27.69
N CYS A 326 22.25 -19.98 26.61
CA CYS A 326 21.46 -19.87 25.38
C CYS A 326 21.80 -21.10 24.54
N ALA A 327 20.78 -21.86 24.18
CA ALA A 327 20.98 -23.11 23.46
C ALA A 327 20.10 -23.26 22.21
N THR A 328 20.53 -24.17 21.33
CA THR A 328 19.70 -24.76 20.26
C THR A 328 19.58 -23.91 19.01
N GLN A 329 20.21 -24.40 17.94
CA GLN A 329 20.12 -23.87 16.56
C GLN A 329 20.85 -22.56 16.30
N MET A 330 21.76 -22.20 17.20
CA MET A 330 22.52 -20.97 17.05
C MET A 330 23.24 -20.91 15.71
N LEU A 331 23.72 -22.08 15.27
CA LEU A 331 24.49 -22.21 14.04
C LEU A 331 24.01 -23.41 13.23
N GLU A 332 22.69 -23.59 13.16
CA GLU A 332 22.09 -24.80 12.63
C GLU A 332 22.57 -25.23 11.23
N SER A 333 22.67 -24.27 10.31
CA SER A 333 23.04 -24.60 8.92
C SER A 333 24.40 -25.27 8.86
N MET A 334 25.25 -25.01 9.85
CA MET A 334 26.61 -25.52 9.84
C MET A 334 26.72 -27.04 10.00
N ILE A 335 25.58 -27.69 10.21
CA ILE A 335 25.42 -29.14 10.14
C ILE A 335 25.76 -29.65 8.72
N LYS A 336 25.33 -28.91 7.70
CA LYS A 336 25.60 -29.28 6.30
C LYS A 336 26.57 -28.33 5.58
N LYS A 337 26.77 -27.12 6.12
CA LYS A 337 27.61 -26.12 5.46
C LYS A 337 28.76 -25.62 6.35
N PRO A 338 29.92 -25.28 5.73
CA PRO A 338 31.13 -24.88 6.49
C PRO A 338 31.12 -23.45 7.05
N ARG A 339 30.28 -22.57 6.50
CA ARG A 339 30.09 -21.23 7.04
CA ARG A 339 30.08 -21.22 7.03
C ARG A 339 28.65 -21.11 7.57
N PRO A 340 28.43 -20.25 8.58
CA PRO A 340 27.03 -20.10 9.02
C PRO A 340 26.25 -19.07 8.19
N THR A 341 24.98 -18.86 8.53
CA THR A 341 24.18 -17.80 7.90
C THR A 341 24.37 -16.48 8.68
N ARG A 342 24.05 -15.36 8.04
CA ARG A 342 24.04 -14.06 8.70
C ARG A 342 23.07 -14.00 9.90
N ALA A 343 22.00 -14.81 9.86
CA ALA A 343 21.06 -14.86 10.99
C ALA A 343 21.68 -15.63 12.16
N GLU A 344 22.40 -16.70 11.83
CA GLU A 344 23.17 -17.47 12.79
C GLU A 344 24.37 -16.68 13.35
N GLY A 345 25.05 -15.90 12.51
CA GLY A 345 26.06 -14.97 13.02
C GLY A 345 25.44 -13.98 13.99
N SER A 346 24.27 -13.45 13.62
CA SER A 346 23.58 -12.47 14.45
C SER A 346 23.20 -13.05 15.82
N ASP A 347 22.55 -14.20 15.81
CA ASP A 347 22.01 -14.85 17.00
C ASP A 347 23.05 -15.13 18.10
N VAL A 348 24.17 -15.70 17.71
CA VAL A 348 25.26 -15.94 18.64
C VAL A 348 25.70 -14.62 19.27
N ALA A 349 25.88 -13.59 18.44
CA ALA A 349 26.27 -12.26 18.92
C ALA A 349 25.29 -11.65 19.93
N ASN A 350 24.01 -11.63 19.55
CA ASN A 350 22.94 -11.06 20.39
C ASN A 350 22.71 -11.81 21.70
N ALA A 351 22.96 -13.12 21.65
CA ALA A 351 22.95 -13.97 22.85
C ALA A 351 24.02 -13.50 23.82
N VAL A 352 25.19 -13.13 23.30
CA VAL A 352 26.29 -12.66 24.16
C VAL A 352 25.95 -11.26 24.68
N LEU A 353 25.48 -10.39 23.78
CA LEU A 353 25.04 -9.05 24.17
C LEU A 353 23.86 -9.12 25.15
N ASP A 354 23.05 -10.17 25.04
CA ASP A 354 21.95 -10.38 25.99
C ASP A 354 22.50 -10.54 27.42
N GLY A 355 23.54 -11.35 27.57
CA GLY A 355 24.21 -11.55 28.85
C GLY A 355 24.43 -13.01 29.17
N ALA A 356 24.39 -13.86 28.14
CA ALA A 356 24.51 -15.32 28.32
C ALA A 356 25.90 -15.68 28.78
N ASP A 357 26.00 -16.34 29.93
CA ASP A 357 27.24 -16.91 30.39
C ASP A 357 27.79 -17.93 29.38
N CYS A 358 26.90 -18.81 28.88
CA CYS A 358 27.27 -19.87 27.97
C CYS A 358 26.41 -19.93 26.72
N ILE A 359 27.05 -20.36 25.63
CA ILE A 359 26.35 -20.66 24.40
C ILE A 359 26.55 -22.13 24.09
N MET A 360 25.72 -22.66 23.18
CA MET A 360 25.61 -24.11 23.03
C MET A 360 25.36 -24.58 21.60
N LEU A 361 26.04 -25.67 21.25
CA LEU A 361 25.87 -26.37 19.99
C LEU A 361 25.29 -27.78 20.26
N SER A 362 24.25 -28.14 19.50
CA SER A 362 23.63 -29.46 19.61
C SER A 362 23.98 -30.31 18.37
N GLY A 363 23.12 -30.28 17.35
CA GLY A 363 23.35 -31.06 16.14
C GLY A 363 24.58 -30.58 15.39
N GLU A 364 25.03 -29.36 15.68
CA GLU A 364 26.21 -28.80 15.03
C GLU A 364 27.49 -29.55 15.39
N THR A 365 27.53 -30.09 16.61
CA THR A 365 28.66 -30.91 17.04
C THR A 365 28.35 -32.41 17.18
N ALA A 366 27.09 -32.75 17.45
CA ALA A 366 26.74 -34.15 17.71
C ALA A 366 26.82 -35.02 16.46
N LYS A 367 26.13 -34.58 15.41
CA LYS A 367 26.02 -35.37 14.19
C LYS A 367 26.47 -34.63 12.92
N GLY A 368 26.85 -33.36 13.04
CA GLY A 368 27.12 -32.51 11.87
C GLY A 368 28.40 -32.77 11.09
N ASP A 369 28.51 -32.19 9.90
CA ASP A 369 29.67 -32.39 9.03
C ASP A 369 30.85 -31.48 9.39
N TYR A 370 30.56 -30.40 10.13
CA TYR A 370 31.57 -29.36 10.39
C TYR A 370 31.66 -28.98 11.86
N PRO A 371 31.90 -29.99 12.73
CA PRO A 371 31.84 -29.79 14.18
C PRO A 371 32.92 -28.86 14.69
N LEU A 372 34.13 -29.01 14.19
CA LEU A 372 35.24 -28.15 14.56
C LEU A 372 35.02 -26.68 14.21
N GLU A 373 34.53 -26.41 12.99
CA GLU A 373 34.28 -25.06 12.45
CA GLU A 373 34.36 -25.04 12.54
C GLU A 373 33.15 -24.36 13.17
N ALA A 374 32.23 -25.14 13.72
CA ALA A 374 31.09 -24.59 14.44
C ALA A 374 31.58 -24.01 15.75
N VAL A 375 32.37 -24.80 16.49
CA VAL A 375 33.04 -24.37 17.72
C VAL A 375 33.95 -23.16 17.49
N ARG A 376 34.64 -23.13 16.34
CA ARG A 376 35.59 -22.03 16.04
C ARG A 376 34.87 -20.72 15.76
N MET A 377 33.79 -20.80 15.01
CA MET A 377 32.90 -19.68 14.72
C MET A 377 32.30 -19.06 15.99
N GLN A 378 31.77 -19.89 16.88
CA GLN A 378 31.24 -19.40 18.16
C GLN A 378 32.31 -18.66 18.97
N HIS A 379 33.50 -19.25 19.02
CA HIS A 379 34.62 -18.63 19.68
C HIS A 379 34.88 -17.24 19.12
N LEU A 380 34.85 -17.14 17.79
CA LEU A 380 35.16 -15.88 17.10
C LEU A 380 34.13 -14.82 17.37
N ILE A 381 32.85 -15.18 17.26
CA ILE A 381 31.78 -14.22 17.42
C ILE A 381 31.75 -13.75 18.86
N ALA A 382 31.91 -14.68 19.80
CA ALA A 382 31.84 -14.34 21.21
C ALA A 382 32.77 -13.17 21.53
N ARG A 383 34.03 -13.26 21.11
CA ARG A 383 35.02 -12.20 21.41
C ARG A 383 34.61 -10.84 20.84
N GLU A 384 34.01 -10.82 19.65
CA GLU A 384 33.55 -9.56 19.07
C GLU A 384 32.33 -8.99 19.84
N ALA A 385 31.39 -9.88 20.17
CA ALA A 385 30.20 -9.49 20.89
C ALA A 385 30.55 -9.11 22.33
N GLU A 386 31.48 -9.84 22.94
CA GLU A 386 31.99 -9.49 24.28
C GLU A 386 32.58 -8.06 24.30
N ALA A 387 33.33 -7.70 23.26
CA ALA A 387 33.84 -6.34 23.16
C ALA A 387 32.73 -5.30 23.00
N ALA A 388 31.66 -5.65 22.29
CA ALA A 388 30.62 -4.69 21.96
C ALA A 388 29.61 -4.43 23.10
N MET A 389 29.75 -5.15 24.20
CA MET A 389 28.91 -4.93 25.37
CA MET A 389 28.91 -4.93 25.37
C MET A 389 29.14 -3.52 25.89
N PHE A 390 28.11 -2.93 26.48
CA PHE A 390 28.18 -1.58 27.05
C PHE A 390 28.45 -1.65 28.57
N HIS A 391 29.62 -2.20 28.93
CA HIS A 391 29.99 -2.50 30.33
C HIS A 391 29.64 -1.44 31.36
N ARG A 392 29.97 -0.17 31.09
CA ARG A 392 29.68 0.90 32.04
C ARG A 392 28.21 0.91 32.46
N LYS A 393 27.33 0.77 31.47
CA LYS A 393 25.88 0.79 31.70
C LYS A 393 25.44 -0.48 32.41
N LEU A 394 25.69 -1.63 31.79
CA LEU A 394 25.44 -2.92 32.41
C LEU A 394 25.88 -2.92 33.89
N PHE A 395 27.14 -2.57 34.15
CA PHE A 395 27.66 -2.57 35.50
C PHE A 395 26.82 -1.72 36.44
N GLU A 396 26.44 -0.54 35.97
CA GLU A 396 25.57 0.36 36.76
C GLU A 396 24.22 -0.27 37.00
N GLU A 397 23.73 -1.02 36.01
CA GLU A 397 22.39 -1.57 36.09
C GLU A 397 22.36 -2.82 36.97
N LEU A 398 23.38 -3.67 36.83
CA LEU A 398 23.55 -4.79 37.76
C LEU A 398 23.71 -4.32 39.19
N ALA A 399 24.45 -3.24 39.41
CA ALA A 399 24.70 -2.71 40.78
C ALA A 399 23.45 -2.12 41.42
N ARG A 400 22.65 -1.43 40.61
CA ARG A 400 21.40 -0.84 41.05
CA ARG A 400 21.39 -0.84 41.04
C ARG A 400 20.47 -1.96 41.53
N ALA A 401 20.34 -3.02 40.72
CA ALA A 401 19.45 -4.15 41.02
C ALA A 401 19.84 -4.94 42.28
N SER A 402 21.12 -4.96 42.61
CA SER A 402 21.63 -5.70 43.76
C SER A 402 21.89 -4.81 44.98
N SER A 403 21.67 -3.52 44.80
CA SER A 403 22.00 -2.52 45.82
C SER A 403 21.39 -2.76 47.19
N GLN A 404 20.32 -3.56 47.28
CA GLN A 404 19.72 -3.88 48.58
C GLN A 404 20.52 -4.95 49.36
N SER A 405 21.57 -5.44 48.72
CA SER A 405 22.48 -6.42 49.31
C SER A 405 23.82 -5.73 49.64
N THR A 406 24.26 -5.91 50.89
CA THR A 406 25.46 -5.23 51.38
C THR A 406 26.60 -6.22 51.58
N ASP A 407 26.51 -7.35 50.90
CA ASP A 407 27.47 -8.45 51.04
C ASP A 407 28.90 -8.04 50.72
N LEU A 408 29.84 -8.51 51.54
CA LEU A 408 31.24 -8.10 51.50
C LEU A 408 32.04 -8.62 50.31
N MET A 409 31.65 -9.79 49.79
CA MET A 409 32.31 -10.34 48.60
C MET A 409 31.82 -9.60 47.36
N GLU A 410 30.53 -9.27 47.32
CA GLU A 410 29.97 -8.42 46.27
C GLU A 410 30.70 -7.08 46.23
N ALA A 411 30.95 -6.52 47.43
CA ALA A 411 31.72 -5.30 47.56
C ALA A 411 33.10 -5.46 46.96
N MET A 412 33.85 -6.47 47.40
CA MET A 412 35.15 -6.76 46.80
C MET A 412 35.07 -6.87 45.27
N ALA A 413 34.09 -7.65 44.79
CA ALA A 413 33.92 -7.89 43.34
C ALA A 413 33.69 -6.59 42.58
N MET A 414 32.66 -5.85 43.01
CA MET A 414 32.35 -4.57 42.42
C MET A 414 33.54 -3.61 42.49
N GLY A 415 34.23 -3.59 43.63
CA GLY A 415 35.45 -2.81 43.76
C GLY A 415 36.49 -3.14 42.72
N SER A 416 36.76 -4.44 42.56
CA SER A 416 37.81 -4.92 41.67
C SER A 416 37.47 -4.76 40.20
N VAL A 417 36.20 -4.99 39.87
CA VAL A 417 35.74 -4.83 38.49
C VAL A 417 35.77 -3.34 38.14
N GLU A 418 35.30 -2.50 39.05
CA GLU A 418 35.34 -1.08 38.80
C GLU A 418 36.78 -0.58 38.57
N ALA A 419 37.70 -1.06 39.41
CA ALA A 419 39.14 -0.76 39.28
C ALA A 419 39.75 -1.28 37.97
N SER A 420 39.33 -2.49 37.55
CA SER A 420 39.74 -3.09 36.27
C SER A 420 39.29 -2.25 35.10
N TYR A 421 38.15 -1.58 35.24
CA TYR A 421 37.66 -0.72 34.17
C TYR A 421 38.53 0.52 34.02
N LYS A 422 38.90 1.11 35.16
CA LYS A 422 39.62 2.37 35.20
C LYS A 422 41.04 2.25 34.60
N CYS A 423 41.76 1.20 34.96
CA CYS A 423 43.15 1.03 34.49
C CYS A 423 43.26 0.10 33.28
N LEU A 424 42.12 -0.20 32.66
CA LEU A 424 42.06 -1.21 31.60
C LEU A 424 43.02 -2.36 31.90
N ALA A 425 42.77 -3.01 33.03
CA ALA A 425 43.54 -4.18 33.45
C ALA A 425 43.39 -5.27 32.40
N ALA A 426 44.41 -6.10 32.28
CA ALA A 426 44.40 -7.15 31.27
C ALA A 426 43.76 -8.43 31.78
N ALA A 427 43.63 -8.53 33.11
CA ALA A 427 42.92 -9.61 33.75
C ALA A 427 42.64 -9.36 35.24
N LEU A 428 41.79 -10.21 35.82
CA LEU A 428 41.63 -10.26 37.25
C LEU A 428 41.98 -11.66 37.66
N ILE A 429 42.96 -11.77 38.54
CA ILE A 429 43.40 -13.03 39.07
C ILE A 429 42.65 -13.24 40.38
N VAL A 430 41.88 -14.33 40.44
CA VAL A 430 41.13 -14.70 41.63
C VAL A 430 41.59 -16.06 42.13
N LEU A 431 41.98 -16.13 43.41
CA LEU A 431 42.32 -17.37 44.07
C LEU A 431 41.11 -17.91 44.85
N THR A 432 40.60 -19.07 44.45
CA THR A 432 39.40 -19.62 45.09
C THR A 432 39.38 -21.14 45.17
N GLU A 433 38.63 -21.65 46.14
CA GLU A 433 38.47 -23.10 46.33
C GLU A 433 37.05 -23.52 46.03
N SER A 434 36.09 -22.77 46.58
CA SER A 434 34.67 -23.01 46.33
C SER A 434 34.20 -22.48 44.98
N GLY A 435 34.86 -21.43 44.48
CA GLY A 435 34.41 -20.74 43.27
C GLY A 435 33.68 -19.43 43.57
N ARG A 436 33.00 -19.39 44.71
CA ARG A 436 32.18 -18.24 45.12
C ARG A 436 32.80 -16.88 44.77
N SER A 437 34.01 -16.61 45.26
CA SER A 437 34.69 -15.33 45.02
C SER A 437 34.84 -14.98 43.54
N ALA A 438 35.13 -15.99 42.72
CA ALA A 438 35.26 -15.79 41.28
C ALA A 438 33.88 -15.59 40.66
N HIS A 439 32.91 -16.40 41.10
CA HIS A 439 31.51 -16.30 40.66
C HIS A 439 31.00 -14.87 40.82
N GLN A 440 31.24 -14.30 42.01
CA GLN A 440 30.89 -12.90 42.28
C GLN A 440 31.53 -11.90 41.34
N VAL A 441 32.76 -12.16 40.94
CA VAL A 441 33.48 -11.26 40.05
C VAL A 441 32.85 -11.31 38.67
N ALA A 442 32.54 -12.54 38.23
CA ALA A 442 31.89 -12.82 36.95
C ALA A 442 30.50 -12.21 36.88
N ARG A 443 29.76 -12.35 37.96
CA ARG A 443 28.48 -11.67 38.14
C ARG A 443 28.51 -10.22 37.64
N TYR A 444 29.58 -9.48 37.98
CA TYR A 444 29.64 -8.04 37.70
C TYR A 444 30.28 -7.64 36.37
N ARG A 445 30.55 -8.65 35.55
CA ARG A 445 30.80 -8.46 34.13
C ARG A 445 31.97 -7.53 33.79
N PRO A 446 33.21 -7.91 34.19
CA PRO A 446 34.35 -7.15 33.66
C PRO A 446 34.57 -7.50 32.19
N ARG A 447 35.27 -6.66 31.45
CA ARG A 447 35.68 -7.06 30.10
C ARG A 447 36.87 -8.01 30.13
N ALA A 448 37.83 -7.73 31.01
CA ALA A 448 39.06 -8.51 31.13
C ALA A 448 38.78 -9.95 31.57
N PRO A 449 39.62 -10.92 31.15
CA PRO A 449 39.45 -12.29 31.64
C PRO A 449 39.60 -12.43 33.15
N ILE A 450 38.95 -13.44 33.71
CA ILE A 450 39.07 -13.74 35.14
C ILE A 450 39.78 -15.06 35.29
N ILE A 451 41.07 -15.01 35.59
CA ILE A 451 41.87 -16.22 35.74
C ILE A 451 41.77 -16.71 37.18
N ALA A 452 40.83 -17.61 37.44
CA ALA A 452 40.66 -18.18 38.78
C ALA A 452 41.56 -19.39 38.99
N VAL A 453 42.43 -19.30 39.99
CA VAL A 453 43.29 -20.44 40.36
C VAL A 453 42.69 -21.22 41.54
N THR A 454 42.56 -22.54 41.36
CA THR A 454 41.97 -23.43 42.36
C THR A 454 42.63 -24.80 42.44
N ARG A 455 42.69 -25.36 43.65
CA ARG A 455 43.18 -26.70 43.88
C ARG A 455 42.05 -27.73 43.81
N ASN A 456 40.84 -27.23 43.60
CA ASN A 456 39.64 -28.07 43.51
C ASN A 456 39.26 -28.32 42.05
N HIS A 457 39.51 -29.55 41.60
CA HIS A 457 39.31 -29.94 40.20
C HIS A 457 37.86 -29.74 39.75
N GLN A 458 36.92 -30.08 40.62
CA GLN A 458 35.48 -29.89 40.32
C GLN A 458 35.10 -28.42 40.14
N THR A 459 35.50 -27.58 41.11
CA THR A 459 35.30 -26.13 41.03
C THR A 459 35.79 -25.60 39.68
N ALA A 460 36.98 -26.06 39.27
CA ALA A 460 37.58 -25.69 37.99
C ALA A 460 36.70 -26.02 36.77
N ARG A 461 36.16 -27.24 36.72
CA ARG A 461 35.29 -27.64 35.62
C ARG A 461 33.95 -26.89 35.66
N GLN A 462 33.27 -26.93 36.81
CA GLN A 462 32.03 -26.15 37.02
C GLN A 462 32.14 -24.64 36.72
N ALA A 463 33.35 -24.10 36.79
CA ALA A 463 33.59 -22.66 36.53
C ALA A 463 33.30 -22.22 35.10
N HIS A 464 33.25 -23.18 34.19
CA HIS A 464 32.92 -22.88 32.80
C HIS A 464 31.50 -22.33 32.63
N LEU A 465 30.73 -22.36 33.72
CA LEU A 465 29.36 -21.88 33.69
C LEU A 465 29.24 -20.39 33.90
N TYR A 466 30.36 -19.72 34.18
CA TYR A 466 30.33 -18.30 34.49
C TYR A 466 31.14 -17.49 33.49
N ARG A 467 30.57 -16.37 33.05
CA ARG A 467 31.23 -15.46 32.10
C ARG A 467 32.61 -15.06 32.60
N GLY A 468 33.63 -15.22 31.74
CA GLY A 468 34.94 -14.68 32.02
C GLY A 468 35.83 -15.55 32.87
N ILE A 469 35.27 -16.57 33.53
CA ILE A 469 36.08 -17.39 34.41
C ILE A 469 36.86 -18.40 33.59
N PHE A 470 38.17 -18.19 33.53
CA PHE A 470 39.12 -19.09 32.90
C PHE A 470 39.75 -19.84 34.07
N PRO A 471 39.25 -21.06 34.37
CA PRO A 471 39.77 -21.83 35.49
C PRO A 471 41.15 -22.40 35.21
N VAL A 472 42.01 -22.35 36.22
CA VAL A 472 43.37 -22.88 36.13
C VAL A 472 43.58 -23.81 37.31
N VAL A 473 44.02 -25.04 37.02
CA VAL A 473 44.22 -26.05 38.05
C VAL A 473 45.63 -26.02 38.62
N CYS A 474 45.73 -25.79 39.92
CA CYS A 474 47.00 -25.79 40.61
C CYS A 474 47.22 -27.11 41.35
N LYS A 475 48.14 -27.92 40.83
CA LYS A 475 48.45 -29.24 41.36
C LYS A 475 49.60 -29.22 42.37
N ASP A 476 50.15 -28.03 42.59
CA ASP A 476 51.27 -27.86 43.52
C ASP A 476 50.82 -28.14 44.95
N PRO A 477 51.70 -28.75 45.77
CA PRO A 477 51.42 -28.92 47.20
C PRO A 477 51.23 -27.58 47.93
N VAL A 478 50.52 -27.61 49.06
CA VAL A 478 50.28 -26.40 49.85
C VAL A 478 51.57 -26.04 50.58
N GLN A 479 51.98 -24.78 50.46
CA GLN A 479 53.22 -24.31 51.07
C GLN A 479 52.99 -23.81 52.49
N GLU A 480 53.87 -24.18 53.41
CA GLU A 480 53.79 -23.75 54.81
C GLU A 480 53.54 -22.25 54.96
N ALA A 481 54.34 -21.44 54.26
CA ALA A 481 54.19 -20.00 54.32
C ALA A 481 53.05 -19.54 53.39
N TRP A 482 52.07 -18.87 53.98
CA TRP A 482 50.90 -18.40 53.27
C TRP A 482 51.25 -17.41 52.15
N ALA A 483 52.04 -16.39 52.48
CA ALA A 483 52.49 -15.41 51.48
C ALA A 483 53.18 -16.09 50.30
N GLU A 484 53.92 -17.16 50.58
CA GLU A 484 54.54 -17.97 49.53
C GLU A 484 53.49 -18.74 48.74
N ASP A 485 52.49 -19.28 49.44
CA ASP A 485 51.45 -20.12 48.81
C ASP A 485 50.50 -19.31 47.93
N VAL A 486 50.21 -18.08 48.35
CA VAL A 486 49.49 -17.13 47.53
C VAL A 486 50.35 -16.85 46.29
N ASP A 487 51.59 -16.41 46.52
CA ASP A 487 52.53 -16.02 45.46
C ASP A 487 52.76 -17.13 44.45
N LEU A 488 52.79 -18.37 44.93
CA LEU A 488 52.90 -19.54 44.05
C LEU A 488 51.72 -19.56 43.07
N ARG A 489 50.52 -19.36 43.59
CA ARG A 489 49.29 -19.45 42.82
C ARG A 489 49.05 -18.25 41.91
N VAL A 490 49.58 -17.09 42.31
CA VAL A 490 49.41 -15.86 41.52
C VAL A 490 50.42 -15.87 40.36
N ASN A 491 51.58 -16.49 40.60
CA ASN A 491 52.58 -16.67 39.56
C ASN A 491 52.14 -17.67 38.50
N LEU A 492 51.40 -18.70 38.91
CA LEU A 492 50.84 -19.65 37.97
C LEU A 492 49.89 -18.94 37.02
N ALA A 493 49.07 -18.07 37.59
CA ALA A 493 48.06 -17.32 36.85
C ALA A 493 48.71 -16.42 35.83
N MET A 494 49.89 -15.90 36.18
CA MET A 494 50.65 -15.05 35.29
C MET A 494 51.22 -15.84 34.12
N ASN A 495 51.88 -16.96 34.43
CA ASN A 495 52.43 -17.86 33.41
C ASN A 495 51.41 -18.26 32.35
N VAL A 496 50.20 -18.60 32.80
CA VAL A 496 49.10 -18.94 31.91
C VAL A 496 48.78 -17.72 31.04
N GLY A 497 48.55 -16.58 31.68
CA GLY A 497 48.22 -15.32 31.00
C GLY A 497 49.20 -15.00 29.89
N LYS A 498 50.49 -15.04 30.21
CA LYS A 498 51.52 -14.80 29.21
C LYS A 498 51.52 -15.86 28.10
N ALA A 499 51.29 -17.12 28.48
CA ALA A 499 51.28 -18.25 27.55
C ALA A 499 50.09 -18.19 26.59
N ARG A 500 48.95 -17.74 27.12
CA ARG A 500 47.73 -17.65 26.35
C ARG A 500 47.66 -16.34 25.58
N GLY A 501 48.61 -15.46 25.85
CA GLY A 501 48.68 -14.17 25.20
C GLY A 501 47.64 -13.19 25.72
N PHE A 502 47.14 -13.42 26.94
CA PHE A 502 46.18 -12.47 27.51
C PHE A 502 46.89 -11.18 27.90
N PHE A 503 48.11 -11.32 28.40
CA PHE A 503 48.93 -10.18 28.79
C PHE A 503 50.44 -10.49 28.74
N LYS A 504 51.26 -9.46 28.94
CA LYS A 504 52.69 -9.63 28.96
C LYS A 504 53.35 -8.81 30.07
N LYS A 505 54.67 -8.93 30.16
CA LYS A 505 55.48 -8.17 31.11
C LYS A 505 55.18 -6.68 30.96
N GLY A 506 54.81 -6.03 32.06
CA GLY A 506 54.61 -4.58 32.06
C GLY A 506 53.16 -4.16 31.85
N ASP A 507 52.30 -5.14 31.63
CA ASP A 507 50.86 -4.96 31.67
C ASP A 507 50.43 -4.89 33.12
N VAL A 508 49.15 -4.64 33.34
CA VAL A 508 48.63 -4.45 34.68
C VAL A 508 47.47 -5.39 34.92
N VAL A 509 47.47 -6.06 36.08
CA VAL A 509 46.38 -6.96 36.44
C VAL A 509 45.82 -6.65 37.83
N ILE A 510 44.59 -7.10 38.07
CA ILE A 510 43.96 -7.03 39.39
C ILE A 510 44.09 -8.40 40.06
N VAL A 511 44.50 -8.42 41.32
CA VAL A 511 44.70 -9.67 42.05
C VAL A 511 43.75 -9.71 43.23
N LEU A 512 43.01 -10.80 43.33
CA LEU A 512 42.10 -10.98 44.44
C LEU A 512 42.50 -12.22 45.24
N THR A 513 42.88 -11.99 46.49
CA THR A 513 43.47 -13.03 47.36
C THR A 513 42.93 -12.93 48.78
N GLY A 514 43.11 -14.00 49.56
CA GLY A 514 42.78 -13.96 50.98
C GLY A 514 43.94 -13.40 51.79
N TRP A 515 43.63 -12.44 52.68
CA TRP A 515 44.64 -11.88 53.58
C TRP A 515 45.35 -12.93 54.44
N ARG A 516 44.57 -13.76 55.12
CA ARG A 516 45.12 -14.89 55.86
C ARG A 516 44.53 -16.21 55.35
N PRO A 517 45.05 -17.37 55.82
CA PRO A 517 44.47 -18.66 55.42
C PRO A 517 42.98 -18.76 55.74
N GLY A 518 42.58 -18.22 56.90
CA GLY A 518 41.20 -18.27 57.39
C GLY A 518 40.21 -17.22 56.86
N SER A 519 40.62 -16.42 55.88
CA SER A 519 39.70 -15.49 55.21
C SER A 519 38.62 -16.28 54.46
N GLY A 520 37.36 -15.90 54.65
CA GLY A 520 36.22 -16.61 54.03
C GLY A 520 35.91 -16.19 52.60
N PHE A 521 36.69 -15.25 52.07
CA PHE A 521 36.62 -14.79 50.69
C PHE A 521 37.90 -14.01 50.34
N THR A 522 38.01 -13.61 49.08
CA THR A 522 39.12 -12.77 48.63
C THR A 522 38.95 -11.33 49.11
N ASN A 523 39.29 -11.09 50.37
CA ASN A 523 39.13 -9.77 50.95
C ASN A 523 40.29 -8.83 50.63
N THR A 524 41.23 -9.30 49.81
CA THR A 524 42.38 -8.51 49.40
C THR A 524 42.45 -8.26 47.88
N MET A 525 42.37 -6.99 47.49
CA MET A 525 42.47 -6.60 46.09
CA MET A 525 42.46 -6.57 46.08
C MET A 525 43.79 -5.86 45.84
N ARG A 526 44.44 -6.18 44.71
CA ARG A 526 45.71 -5.57 44.34
C ARG A 526 45.83 -5.24 42.87
N VAL A 527 46.33 -4.05 42.58
CA VAL A 527 46.78 -3.70 41.23
CA VAL A 527 46.77 -3.73 41.22
C VAL A 527 48.24 -4.13 41.12
N VAL A 528 48.51 -5.10 40.24
CA VAL A 528 49.86 -5.67 40.14
C VAL A 528 50.43 -5.66 38.72
N PRO A 529 51.70 -5.23 38.56
CA PRO A 529 52.35 -5.29 37.26
C PRO A 529 52.81 -6.71 36.94
N VAL A 530 52.44 -7.20 35.75
CA VAL A 530 52.86 -8.52 35.28
C VAL A 530 54.38 -8.61 35.26
N PRO A 531 54.96 -9.62 35.96
CA PRO A 531 56.41 -9.81 35.94
C PRO A 531 56.86 -10.58 34.70
N PHE B 12 10.26 3.28 61.29
CA PHE B 12 11.74 3.11 61.30
C PHE B 12 12.36 3.83 60.11
N ILE B 13 13.21 4.82 60.40
CA ILE B 13 13.85 5.64 59.36
C ILE B 13 15.35 5.37 59.32
N GLN B 14 15.84 5.06 58.11
CA GLN B 14 17.25 4.81 57.91
C GLN B 14 18.02 6.12 58.12
N THR B 15 19.11 6.03 58.88
CA THR B 15 20.04 7.14 59.10
C THR B 15 20.60 7.70 57.77
N GLN B 16 21.15 8.91 57.84
CA GLN B 16 22.11 9.40 56.84
C GLN B 16 21.51 9.60 55.44
N GLN B 17 20.21 9.86 55.39
CA GLN B 17 19.48 10.03 54.12
C GLN B 17 19.64 8.84 53.16
N LEU B 18 19.68 7.64 53.72
CA LEU B 18 19.94 6.45 52.92
C LEU B 18 18.73 5.98 52.10
N HIS B 19 17.54 6.44 52.46
CA HIS B 19 16.38 6.15 51.63
C HIS B 19 16.43 7.01 50.36
N ALA B 20 16.80 8.28 50.53
CA ALA B 20 17.02 9.17 49.39
C ALA B 20 18.27 8.75 48.61
N ALA B 21 19.22 8.10 49.28
CA ALA B 21 20.43 7.62 48.61
C ALA B 21 20.09 6.61 47.52
N MET B 22 18.93 5.98 47.67
CA MET B 22 18.46 4.90 46.79
C MET B 22 17.50 5.36 45.70
N ALA B 23 17.27 6.66 45.59
CA ALA B 23 16.35 7.18 44.56
C ALA B 23 16.95 6.97 43.17
N ASP B 24 16.07 6.87 42.17
CA ASP B 24 16.51 6.74 40.80
C ASP B 24 16.81 8.07 40.15
N THR B 25 16.00 9.07 40.45
CA THR B 25 16.17 10.38 39.84
C THR B 25 16.54 11.46 40.84
N PHE B 26 17.02 12.61 40.33
CA PHE B 26 17.32 13.76 41.17
C PHE B 26 16.09 14.25 41.91
N LEU B 27 14.95 14.34 41.22
CA LEU B 27 13.70 14.75 41.84
C LEU B 27 13.26 13.81 42.98
N GLU B 28 13.33 12.49 42.76
CA GLU B 28 12.93 11.51 43.78
CA GLU B 28 12.89 11.55 43.81
C GLU B 28 13.85 11.61 45.00
N HIS B 29 15.10 11.96 44.75
CA HIS B 29 16.08 12.16 45.80
C HIS B 29 15.65 13.32 46.69
N LYS B 30 15.35 14.47 46.07
CA LYS B 30 14.85 15.63 46.80
CA LYS B 30 14.86 15.63 46.80
C LYS B 30 13.60 15.29 47.60
N CYS B 31 12.62 14.68 46.93
CA CYS B 31 11.33 14.31 47.55
C CYS B 31 11.46 13.36 48.74
N ARG B 32 12.60 12.69 48.87
CA ARG B 32 12.80 11.70 49.93
C ARG B 32 13.63 12.23 51.10
N LEU B 33 14.20 13.43 50.94
CA LEU B 33 15.05 14.02 51.99
C LEU B 33 14.29 14.13 53.30
N ASP B 34 14.88 13.57 54.35
CA ASP B 34 14.16 13.36 55.62
C ASP B 34 14.84 14.03 56.79
N ILE B 35 14.15 15.00 57.38
CA ILE B 35 14.64 15.71 58.56
C ILE B 35 14.67 14.80 59.80
N ASP B 36 14.04 13.64 59.70
CA ASP B 36 14.02 12.71 60.84
C ASP B 36 15.03 11.59 60.61
N SER B 37 15.81 11.73 59.53
CA SER B 37 16.93 10.85 59.24
C SER B 37 18.21 11.47 59.79
N ALA B 38 18.77 10.81 60.81
CA ALA B 38 19.92 11.32 61.56
C ALA B 38 21.21 11.19 60.75
N PRO B 39 22.02 12.28 60.70
CA PRO B 39 23.38 12.26 60.12
C PRO B 39 24.35 11.40 60.93
N ILE B 40 25.50 11.06 60.34
CA ILE B 40 26.58 10.34 61.03
C ILE B 40 27.48 11.32 61.76
N THR B 41 28.28 10.81 62.70
CA THR B 41 29.14 11.63 63.57
C THR B 41 30.21 12.41 62.80
N ALA B 42 30.90 11.71 61.90
CA ALA B 42 31.96 12.32 61.11
C ALA B 42 31.44 13.47 60.25
N ARG B 43 32.32 14.43 59.99
CA ARG B 43 32.02 15.65 59.24
C ARG B 43 33.16 15.86 58.24
N ASN B 44 32.79 15.88 56.97
CA ASN B 44 33.73 15.77 55.85
C ASN B 44 34.17 17.10 55.26
N THR B 45 33.39 18.15 55.47
CA THR B 45 33.69 19.44 54.85
C THR B 45 34.58 20.21 55.79
N GLY B 46 35.73 20.61 55.28
CA GLY B 46 36.72 21.32 56.08
C GLY B 46 36.30 22.73 56.43
N ILE B 47 36.52 23.08 57.70
CA ILE B 47 36.22 24.41 58.24
C ILE B 47 37.48 25.30 58.31
N ILE B 48 37.52 26.34 57.49
CA ILE B 48 38.60 27.32 57.48
C ILE B 48 38.13 28.57 58.20
N CYS B 49 38.94 29.03 59.17
CA CYS B 49 38.53 30.09 60.10
C CYS B 49 39.48 31.29 60.12
N THR B 50 38.97 32.45 59.70
CA THR B 50 39.76 33.67 59.69
C THR B 50 39.95 34.17 61.11
N ILE B 51 41.22 34.34 61.51
CA ILE B 51 41.53 34.71 62.89
C ILE B 51 41.82 36.21 63.03
N GLY B 52 41.05 36.86 63.89
CA GLY B 52 41.21 38.28 64.16
C GLY B 52 41.02 38.53 65.65
N PRO B 53 40.92 39.81 66.06
CA PRO B 53 40.87 40.20 67.46
C PRO B 53 39.94 39.33 68.32
N ALA B 54 38.84 38.86 67.72
CA ALA B 54 37.85 38.07 68.45
C ALA B 54 38.28 36.63 68.71
N SER B 55 39.16 36.10 67.87
CA SER B 55 39.52 34.69 67.90
C SER B 55 40.99 34.43 68.21
N ARG B 56 41.78 35.48 68.40
CA ARG B 56 43.24 35.34 68.40
C ARG B 56 43.88 34.82 69.69
N SER B 57 43.14 34.88 70.80
CA SER B 57 43.65 34.38 72.09
C SER B 57 43.77 32.86 72.12
N VAL B 58 44.69 32.36 72.93
CA VAL B 58 44.90 30.91 73.06
C VAL B 58 43.64 30.17 73.56
N GLU B 59 43.02 30.68 74.63
CA GLU B 59 41.82 30.06 75.20
C GLU B 59 40.65 30.03 74.19
N THR B 60 40.45 31.14 73.48
CA THR B 60 39.46 31.18 72.43
C THR B 60 39.80 30.16 71.33
N LEU B 61 41.07 30.15 70.91
CA LEU B 61 41.53 29.25 69.87
C LEU B 61 41.34 27.77 70.19
N LYS B 62 41.40 27.42 71.48
CA LYS B 62 41.26 26.02 71.88
C LYS B 62 39.85 25.53 71.62
N GLU B 63 38.88 26.36 71.97
CA GLU B 63 37.47 26.09 71.70
C GLU B 63 37.17 26.15 70.21
N MET B 64 37.91 26.99 69.49
CA MET B 64 37.81 27.07 68.03
C MET B 64 38.14 25.72 67.39
N ILE B 65 39.18 25.09 67.89
CA ILE B 65 39.61 23.76 67.43
C ILE B 65 38.63 22.67 67.88
N LYS B 66 38.17 22.78 69.13
CA LYS B 66 37.16 21.88 69.73
C LYS B 66 35.86 21.89 68.97
N SER B 67 35.42 23.08 68.55
CA SER B 67 34.14 23.24 67.87
C SER B 67 34.22 22.86 66.40
N GLY B 68 35.45 22.74 65.87
CA GLY B 68 35.66 22.22 64.51
C GLY B 68 36.66 22.87 63.58
N MET B 69 37.31 23.97 64.00
CA MET B 69 38.33 24.63 63.16
C MET B 69 39.46 23.69 62.72
N ASN B 70 39.73 23.67 61.41
CA ASN B 70 40.79 22.84 60.83
C ASN B 70 41.89 23.67 60.20
N VAL B 71 41.55 24.87 59.77
CA VAL B 71 42.50 25.75 59.10
C VAL B 71 42.46 27.17 59.71
N ALA B 72 43.61 27.67 60.15
CA ALA B 72 43.71 29.04 60.62
C ALA B 72 44.22 29.95 59.50
N ARG B 73 43.41 30.96 59.19
CA ARG B 73 43.66 31.92 58.12
C ARG B 73 44.07 33.27 58.69
N MET B 74 45.24 33.74 58.28
CA MET B 74 45.69 35.09 58.58
C MET B 74 45.44 35.97 57.35
N ASN B 75 44.82 37.13 57.58
CA ASN B 75 44.50 38.03 56.49
C ASN B 75 45.51 39.17 56.43
N PHE B 76 46.40 39.12 55.45
CA PHE B 76 47.51 40.07 55.37
C PHE B 76 47.13 41.40 54.72
N SER B 77 45.84 41.60 54.49
CA SER B 77 45.31 42.90 54.07
C SER B 77 45.53 43.92 55.18
N HIS B 78 45.60 43.45 56.42
CA HIS B 78 45.84 44.31 57.56
C HIS B 78 46.89 43.72 58.45
N GLY B 79 47.48 44.57 59.27
CA GLY B 79 48.36 44.12 60.34
C GLY B 79 49.80 43.89 59.93
N THR B 80 50.66 43.87 60.94
CA THR B 80 52.09 43.79 60.74
C THR B 80 52.56 42.36 60.81
N HIS B 81 53.78 42.12 60.34
CA HIS B 81 54.44 40.82 60.48
C HIS B 81 54.55 40.38 61.95
N GLU B 82 54.79 41.34 62.85
CA GLU B 82 54.82 41.05 64.28
C GLU B 82 53.46 40.57 64.82
N TYR B 83 52.38 41.19 64.34
CA TYR B 83 51.01 40.85 64.79
C TYR B 83 50.60 39.43 64.38
N HIS B 84 50.75 39.11 63.09
CA HIS B 84 50.40 37.79 62.54
C HIS B 84 51.31 36.68 63.08
N ALA B 85 52.55 37.01 63.39
CA ALA B 85 53.45 36.06 64.02
C ALA B 85 52.95 35.65 65.40
N GLU B 86 52.37 36.61 66.14
CA GLU B 86 51.78 36.34 67.45
C GLU B 86 50.56 35.45 67.31
N THR B 87 49.70 35.78 66.34
CA THR B 87 48.52 34.97 66.00
C THR B 87 48.90 33.54 65.62
N ILE B 88 49.86 33.41 64.70
CA ILE B 88 50.39 32.11 64.28
C ILE B 88 50.97 31.35 65.47
N LYS B 89 51.64 32.07 66.37
CA LYS B 89 52.22 31.49 67.57
C LYS B 89 51.15 30.93 68.51
N ASN B 90 50.06 31.67 68.65
CA ASN B 90 48.93 31.25 69.47
C ASN B 90 48.13 30.09 68.90
N VAL B 91 48.04 30.03 67.57
CA VAL B 91 47.39 28.92 66.89
C VAL B 91 48.13 27.63 67.26
N ARG B 92 49.45 27.64 67.09
CA ARG B 92 50.29 26.47 67.37
C ARG B 92 50.23 26.03 68.84
N THR B 93 50.25 27.00 69.76
CA THR B 93 50.13 26.70 71.19
C THR B 93 48.81 25.99 71.50
N ALA B 94 47.70 26.57 71.06
CA ALA B 94 46.38 25.95 71.16
C ALA B 94 46.37 24.53 70.59
N THR B 95 46.82 24.40 69.34
CA THR B 95 46.89 23.11 68.64
C THR B 95 47.70 22.08 69.42
N GLU B 96 48.89 22.46 69.89
CA GLU B 96 49.81 21.52 70.53
C GLU B 96 49.43 21.19 71.96
N SER B 97 48.43 21.88 72.50
CA SER B 97 47.93 21.61 73.85
C SER B 97 47.16 20.29 73.89
N PHE B 98 46.88 19.75 72.70
CA PHE B 98 46.20 18.46 72.54
C PHE B 98 47.15 17.30 72.19
N ALA B 99 48.43 17.61 71.97
CA ALA B 99 49.39 16.61 71.47
C ALA B 99 49.72 15.43 72.40
N SER B 100 49.27 15.48 73.65
CA SER B 100 49.49 14.39 74.61
C SER B 100 48.68 13.12 74.26
N ASP B 101 47.65 13.29 73.44
CA ASP B 101 46.80 12.19 73.01
C ASP B 101 46.78 12.08 71.48
N PRO B 102 47.76 11.36 70.89
CA PRO B 102 47.89 11.24 69.43
C PRO B 102 46.65 10.66 68.76
N ILE B 103 45.84 9.97 69.58
CA ILE B 103 44.54 9.45 69.16
C ILE B 103 43.57 10.59 68.81
N LEU B 104 43.36 11.51 69.75
CA LEU B 104 42.36 12.57 69.59
C LEU B 104 42.95 13.90 69.13
N TYR B 105 44.28 13.96 69.02
CA TYR B 105 44.96 15.13 68.51
C TYR B 105 44.50 15.47 67.08
N ARG B 106 44.13 16.74 66.88
CA ARG B 106 43.66 17.23 65.60
C ARG B 106 44.67 18.20 64.98
N PRO B 107 45.40 17.76 63.96
CA PRO B 107 46.31 18.70 63.25
C PRO B 107 45.56 19.95 62.80
N VAL B 108 46.23 21.12 62.83
CA VAL B 108 45.62 22.38 62.39
C VAL B 108 46.55 23.10 61.41
N ALA B 109 46.02 23.51 60.26
CA ALA B 109 46.82 24.13 59.21
C ALA B 109 46.77 25.66 59.24
N VAL B 110 47.88 26.27 58.83
CA VAL B 110 48.05 27.71 58.88
C VAL B 110 48.15 28.24 57.45
N ALA B 111 47.27 29.17 57.11
CA ALA B 111 47.23 29.75 55.76
C ALA B 111 47.56 31.25 55.75
N LEU B 112 48.48 31.65 54.88
CA LEU B 112 48.72 33.08 54.63
C LEU B 112 47.89 33.54 53.43
N ASP B 113 47.00 34.49 53.70
CA ASP B 113 46.17 35.09 52.68
C ASP B 113 46.74 36.47 52.32
N THR B 114 47.28 36.60 51.09
CA THR B 114 48.00 37.79 50.62
C THR B 114 47.12 39.02 50.37
N LYS B 115 47.61 40.21 50.72
CA LYS B 115 46.92 41.44 50.37
C LYS B 115 46.66 41.48 48.87
N GLY B 116 47.73 41.33 48.08
CA GLY B 116 47.62 41.35 46.64
C GLY B 116 47.39 42.77 46.18
N PRO B 117 46.77 42.93 44.99
CA PRO B 117 46.60 44.26 44.40
C PRO B 117 45.31 44.94 44.87
N GLU B 118 45.30 45.38 46.12
CA GLU B 118 44.18 46.16 46.63
C GLU B 118 44.30 47.64 46.25
N ILE B 119 43.16 48.30 46.11
CA ILE B 119 43.08 49.76 46.13
C ILE B 119 42.31 50.09 47.41
N ARG B 120 42.66 51.20 48.05
CA ARG B 120 42.05 51.58 49.34
C ARG B 120 41.95 53.10 49.48
N THR B 121 40.96 53.55 50.26
CA THR B 121 40.82 54.98 50.59
C THR B 121 41.79 55.40 51.69
N GLY B 122 41.83 56.70 51.96
CA GLY B 122 42.65 57.26 53.05
C GLY B 122 41.96 57.25 54.40
N LEU B 123 42.02 58.37 55.11
CA LEU B 123 41.41 58.50 56.44
C LEU B 123 40.30 59.57 56.51
N GLU B 133 30.20 60.47 55.04
CA GLU B 133 28.81 60.53 54.59
C GLU B 133 28.70 61.11 53.18
N LEU B 134 28.12 60.35 52.27
CA LEU B 134 28.03 60.77 50.87
C LEU B 134 26.60 60.75 50.33
N LYS B 135 26.18 61.90 49.81
CA LYS B 135 24.83 62.09 49.27
C LYS B 135 24.72 61.67 47.81
N LYS B 136 23.61 60.98 47.50
CA LYS B 136 23.28 60.57 46.14
C LYS B 136 23.23 61.79 45.22
N GLY B 137 23.97 61.73 44.11
CA GLY B 137 23.98 62.80 43.11
C GLY B 137 24.87 63.98 43.46
N ALA B 138 25.74 63.80 44.45
CA ALA B 138 26.69 64.84 44.85
C ALA B 138 28.05 64.62 44.20
N THR B 139 28.72 65.71 43.87
CA THR B 139 30.04 65.65 43.21
C THR B 139 31.20 65.42 44.19
N LEU B 140 32.05 64.45 43.88
CA LEU B 140 33.18 64.06 44.73
C LEU B 140 34.52 64.00 43.98
N LYS B 141 35.51 64.70 44.52
CA LYS B 141 36.84 64.79 43.92
C LYS B 141 37.75 63.65 44.40
N ILE B 142 38.13 62.78 43.46
CA ILE B 142 39.12 61.75 43.71
C ILE B 142 40.49 62.28 43.28
N THR B 143 41.47 62.18 44.18
CA THR B 143 42.83 62.63 43.88
C THR B 143 43.87 61.61 44.37
N LEU B 144 45.05 61.68 43.78
CA LEU B 144 46.13 60.73 44.08
C LEU B 144 47.22 61.41 44.91
N ASP B 145 47.04 62.71 45.14
CA ASP B 145 48.02 63.54 45.84
C ASP B 145 48.23 63.08 47.27
N ASN B 146 49.47 62.75 47.60
CA ASN B 146 49.83 62.23 48.92
C ASN B 146 49.92 63.32 49.99
N ALA B 147 49.13 64.38 49.79
CA ALA B 147 49.00 65.45 50.77
C ALA B 147 47.65 65.35 51.46
N TYR B 148 46.84 64.40 51.01
CA TYR B 148 45.46 64.21 51.49
C TYR B 148 45.21 62.83 52.12
N MET B 149 46.24 61.98 52.16
CA MET B 149 46.09 60.57 52.57
C MET B 149 45.64 60.33 54.03
N GLU B 150 45.48 61.42 54.80
CA GLU B 150 45.01 61.31 56.19
C GLU B 150 43.84 62.24 56.55
N LYS B 151 43.42 63.07 55.59
CA LYS B 151 42.31 64.00 55.81
C LYS B 151 41.19 63.86 54.78
N CYS B 152 40.72 62.63 54.57
CA CYS B 152 39.66 62.35 53.60
C CYS B 152 38.31 62.93 54.01
N ASP B 153 37.65 63.59 53.06
CA ASP B 153 36.52 64.48 53.34
C ASP B 153 35.26 64.12 52.56
N GLU B 154 34.20 64.91 52.74
CA GLU B 154 32.97 64.75 51.95
C GLU B 154 33.28 64.97 50.47
N ASN B 155 34.02 66.05 50.19
CA ASN B 155 34.24 66.51 48.82
C ASN B 155 35.61 66.19 48.24
N ILE B 156 36.52 65.68 49.07
CA ILE B 156 37.87 65.28 48.61
C ILE B 156 38.25 63.91 49.20
N LEU B 157 38.41 62.91 48.33
CA LEU B 157 38.77 61.54 48.75
C LEU B 157 40.09 61.09 48.11
N TRP B 158 41.00 60.56 48.92
CA TRP B 158 42.28 60.06 48.43
C TRP B 158 42.34 58.53 48.41
N LEU B 159 42.99 57.99 47.37
CA LEU B 159 43.28 56.55 47.29
C LEU B 159 44.73 56.27 46.81
N ASP B 160 45.16 55.01 46.91
CA ASP B 160 46.56 54.62 46.68
C ASP B 160 46.88 54.08 45.28
N TYR B 161 45.90 54.10 44.38
CA TYR B 161 46.08 53.66 43.00
C TYR B 161 46.64 54.82 42.16
N LYS B 162 47.78 54.59 41.50
CA LYS B 162 48.47 55.65 40.74
C LYS B 162 48.06 55.69 39.27
N ASN B 163 47.90 54.51 38.66
CA ASN B 163 47.55 54.37 37.24
C ASN B 163 46.06 54.62 36.96
N ILE B 164 45.26 54.67 38.02
CA ILE B 164 43.79 54.73 37.92
C ILE B 164 43.26 55.53 36.73
N CYS B 165 43.74 56.76 36.58
CA CYS B 165 43.26 57.67 35.54
C CYS B 165 43.50 57.15 34.12
N LYS B 166 44.40 56.19 33.98
CA LYS B 166 44.70 55.56 32.69
C LYS B 166 43.81 54.35 32.39
N VAL B 167 43.20 53.78 33.44
CA VAL B 167 42.40 52.55 33.29
C VAL B 167 40.87 52.74 33.37
N VAL B 168 40.42 53.91 33.82
CA VAL B 168 38.98 54.20 33.94
C VAL B 168 38.49 55.16 32.85
N ASP B 169 37.22 55.00 32.47
CA ASP B 169 36.61 55.81 31.42
C ASP B 169 35.50 56.72 31.95
N VAL B 170 35.08 57.69 31.15
CA VAL B 170 33.93 58.53 31.48
C VAL B 170 32.68 57.66 31.40
N GLY B 171 31.95 57.58 32.51
CA GLY B 171 30.76 56.73 32.60
C GLY B 171 31.00 55.47 33.41
N SER B 172 32.25 55.06 33.53
CA SER B 172 32.62 53.90 34.35
C SER B 172 32.45 54.21 35.83
N LYS B 173 32.11 53.17 36.60
CA LYS B 173 31.79 53.30 38.03
C LYS B 173 32.93 52.86 38.94
N VAL B 174 33.04 53.51 40.10
CA VAL B 174 33.98 53.13 41.16
C VAL B 174 33.23 52.90 42.49
N TYR B 175 33.49 51.76 43.12
CA TYR B 175 32.77 51.34 44.31
C TYR B 175 33.66 51.40 45.54
N VAL B 176 33.09 51.85 46.66
CA VAL B 176 33.86 52.02 47.91
C VAL B 176 33.23 51.27 49.08
N ASP B 177 34.09 50.67 49.91
CA ASP B 177 33.71 49.95 51.15
C ASP B 177 32.82 48.75 50.86
N ASP B 178 33.44 47.58 50.73
CA ASP B 178 32.71 46.36 50.36
C ASP B 178 31.62 46.58 49.31
N GLY B 179 31.91 47.45 48.35
CA GLY B 179 31.00 47.74 47.24
C GLY B 179 29.71 48.46 47.61
N LEU B 180 29.69 49.09 48.79
CA LEU B 180 28.48 49.71 49.34
C LEU B 180 28.12 51.03 48.66
N ILE B 181 29.14 51.87 48.41
CA ILE B 181 28.99 53.17 47.80
C ILE B 181 29.32 53.04 46.31
N SER B 182 28.53 53.67 45.44
CA SER B 182 28.87 53.74 44.01
C SER B 182 29.12 55.17 43.54
N LEU B 183 30.15 55.35 42.71
CA LEU B 183 30.49 56.65 42.13
C LEU B 183 30.84 56.51 40.65
N GLN B 184 30.19 57.30 39.80
CA GLN B 184 30.47 57.29 38.36
C GLN B 184 31.48 58.37 37.98
N VAL B 185 32.52 57.96 37.25
CA VAL B 185 33.53 58.87 36.73
C VAL B 185 32.90 59.83 35.70
N LYS B 186 33.13 61.13 35.88
CA LYS B 186 32.61 62.14 34.96
C LYS B 186 33.67 62.90 34.18
N GLN B 187 34.86 63.06 34.77
CA GLN B 187 35.96 63.82 34.14
C GLN B 187 37.37 63.41 34.60
N LYS B 188 38.32 63.48 33.66
CA LYS B 188 39.74 63.31 33.96
C LYS B 188 40.42 64.67 34.03
N PHE B 192 43.65 63.63 38.11
CA PHE B 192 42.53 63.76 39.06
C PHE B 192 41.19 63.30 38.46
N LEU B 193 40.24 62.95 39.34
CA LEU B 193 38.92 62.45 38.92
C LEU B 193 37.76 63.07 39.69
N VAL B 194 36.86 63.76 39.00
CA VAL B 194 35.62 64.23 39.61
C VAL B 194 34.49 63.22 39.34
N THR B 195 33.75 62.84 40.39
CA THR B 195 32.74 61.79 40.29
C THR B 195 31.39 62.21 40.87
N GLU B 196 30.33 61.55 40.41
CA GLU B 196 28.99 61.74 40.97
C GLU B 196 28.62 60.48 41.74
N VAL B 197 28.29 60.66 43.02
CA VAL B 197 27.85 59.56 43.87
C VAL B 197 26.48 59.07 43.40
N GLU B 198 26.31 57.75 43.35
CA GLU B 198 25.01 57.13 43.05
C GLU B 198 24.41 56.53 44.33
N ASN B 199 25.04 55.50 44.86
CA ASN B 199 24.66 54.96 46.16
C ASN B 199 25.59 55.49 47.24
N GLY B 200 25.03 55.88 48.39
CA GLY B 200 25.82 56.51 49.45
C GLY B 200 25.50 56.06 50.87
N GLY B 201 26.49 56.13 51.73
CA GLY B 201 26.33 55.79 53.15
C GLY B 201 27.43 56.42 54.01
N PHE B 202 27.57 55.91 55.23
CA PHE B 202 28.61 56.38 56.15
C PHE B 202 29.99 55.90 55.68
N LEU B 203 30.87 56.85 55.41
CA LEU B 203 32.22 56.53 54.95
C LEU B 203 33.22 56.55 56.10
N GLY B 204 34.19 55.63 56.05
CA GLY B 204 35.18 55.47 57.12
C GLY B 204 36.62 55.43 56.66
N SER B 205 37.48 54.80 57.46
CA SER B 205 38.94 54.80 57.27
C SER B 205 39.50 53.58 56.53
N LYS B 206 40.30 53.86 55.49
CA LYS B 206 40.97 52.84 54.68
C LYS B 206 40.01 51.79 54.12
N LYS B 207 39.10 52.24 53.26
CA LYS B 207 38.02 51.38 52.76
C LYS B 207 38.28 50.85 51.34
N GLY B 208 38.01 49.56 51.15
CA GLY B 208 38.29 48.88 49.88
C GLY B 208 37.65 49.51 48.66
N VAL B 209 38.42 49.61 47.59
CA VAL B 209 37.94 50.17 46.32
C VAL B 209 37.90 49.10 45.23
N ASN B 210 36.84 49.12 44.42
CA ASN B 210 36.70 48.20 43.30
C ASN B 210 36.41 48.92 41.98
N LEU B 211 37.07 48.45 40.91
CA LEU B 211 36.85 48.99 39.57
C LEU B 211 36.49 47.83 38.64
N PRO B 212 35.18 47.45 38.62
CA PRO B 212 34.75 46.30 37.85
C PRO B 212 34.83 46.58 36.35
N GLY B 213 35.37 45.62 35.60
CA GLY B 213 35.42 45.74 34.13
C GLY B 213 36.44 46.71 33.55
N ALA B 214 37.12 47.44 34.43
CA ALA B 214 38.31 48.20 34.01
C ALA B 214 39.54 47.36 34.36
N ALA B 215 40.31 46.99 33.34
CA ALA B 215 41.50 46.15 33.53
C ALA B 215 42.57 46.85 34.36
N VAL B 216 42.73 46.38 35.59
CA VAL B 216 43.62 47.02 36.55
C VAL B 216 45.01 46.43 36.39
N ASP B 217 46.02 47.29 36.21
CA ASP B 217 47.39 46.84 36.00
C ASP B 217 48.37 47.10 37.16
N LEU B 218 47.90 46.84 38.37
CA LEU B 218 48.76 46.77 39.56
C LEU B 218 49.54 45.47 39.51
N PRO B 219 50.79 45.47 40.05
CA PRO B 219 51.55 44.22 40.08
C PRO B 219 50.74 43.10 40.73
N ALA B 220 50.77 41.91 40.13
CA ALA B 220 50.05 40.76 40.66
C ALA B 220 50.58 40.36 42.05
N VAL B 221 51.90 40.33 42.17
CA VAL B 221 52.57 40.09 43.45
C VAL B 221 53.51 41.25 43.72
N SER B 222 53.04 42.18 44.54
CA SER B 222 53.76 43.41 44.88
C SER B 222 54.99 43.15 45.76
N GLU B 223 55.70 44.22 46.12
CA GLU B 223 56.75 44.14 47.11
C GLU B 223 56.18 43.80 48.47
N LYS B 224 55.05 44.42 48.80
CA LYS B 224 54.34 44.15 50.05
C LYS B 224 53.89 42.70 50.14
N ASP B 225 53.69 42.06 48.98
CA ASP B 225 53.39 40.63 48.90
C ASP B 225 54.64 39.75 49.05
N ILE B 226 55.67 40.05 48.25
CA ILE B 226 56.91 39.27 48.25
C ILE B 226 57.54 39.21 49.65
N GLN B 227 57.33 40.24 50.46
CA GLN B 227 57.76 40.26 51.85
C GLN B 227 56.90 39.34 52.72
N ASP B 228 55.60 39.34 52.48
CA ASP B 228 54.67 38.52 53.24
C ASP B 228 54.83 37.04 52.89
N LEU B 229 55.00 36.75 51.61
CA LEU B 229 55.20 35.38 51.15
C LEU B 229 56.46 34.75 51.74
N LYS B 230 57.59 35.49 51.69
CA LYS B 230 58.83 35.06 52.35
C LYS B 230 58.61 34.82 53.86
N PHE B 231 57.87 35.72 54.50
CA PHE B 231 57.47 35.56 55.90
C PHE B 231 56.77 34.21 56.13
N GLY B 232 55.87 33.84 55.23
CA GLY B 232 55.12 32.57 55.30
C GLY B 232 55.98 31.32 55.27
N VAL B 233 57.00 31.35 54.41
CA VAL B 233 58.01 30.30 54.36
C VAL B 233 58.69 30.15 55.72
N GLU B 234 59.32 31.24 56.19
CA GLU B 234 59.95 31.31 57.51
C GLU B 234 58.98 30.90 58.63
N GLN B 235 57.73 31.31 58.48
CA GLN B 235 56.67 31.03 59.46
C GLN B 235 56.09 29.62 59.34
N ASP B 236 56.62 28.85 58.39
CA ASP B 236 56.25 27.42 58.21
C ASP B 236 54.76 27.22 57.88
N VAL B 237 54.18 28.11 57.08
CA VAL B 237 52.78 27.94 56.68
C VAL B 237 52.62 26.85 55.62
N ASP B 238 51.41 26.31 55.52
CA ASP B 238 51.15 25.15 54.65
C ASP B 238 50.52 25.52 53.31
N MET B 239 49.75 26.61 53.30
CA MET B 239 49.04 27.04 52.10
C MET B 239 48.93 28.56 51.96
N VAL B 240 49.08 29.07 50.75
CA VAL B 240 48.87 30.48 50.46
C VAL B 240 47.54 30.65 49.74
N PHE B 241 46.79 31.67 50.13
CA PHE B 241 45.59 32.05 49.42
C PHE B 241 45.89 33.33 48.64
N ALA B 242 46.20 33.19 47.36
CA ALA B 242 46.71 34.30 46.57
C ALA B 242 45.59 35.17 45.98
N SER B 243 45.45 36.37 46.53
CA SER B 243 44.32 37.25 46.22
C SER B 243 44.36 37.82 44.80
N PHE B 244 43.18 37.95 44.21
CA PHE B 244 42.99 38.51 42.86
C PHE B 244 43.85 37.86 41.78
N ILE B 245 43.92 36.53 41.81
CA ILE B 245 44.61 35.77 40.75
C ILE B 245 43.85 35.93 39.43
N ARG B 246 44.55 36.51 38.45
CA ARG B 246 43.97 36.81 37.14
CA ARG B 246 43.99 36.83 37.14
C ARG B 246 44.31 35.78 36.07
N LYS B 247 45.53 35.23 36.12
CA LYS B 247 45.96 34.28 35.09
C LYS B 247 46.99 33.30 35.60
N ALA B 248 47.33 32.32 34.76
CA ALA B 248 48.30 31.28 35.10
C ALA B 248 49.63 31.91 35.52
N ALA B 249 50.07 32.88 34.73
CA ALA B 249 51.27 33.66 35.01
C ALA B 249 51.35 34.08 36.47
N ASP B 250 50.24 34.60 37.00
CA ASP B 250 50.15 35.08 38.39
C ASP B 250 50.49 34.00 39.42
N VAL B 251 50.03 32.77 39.17
CA VAL B 251 50.34 31.64 40.06
C VAL B 251 51.82 31.31 39.97
N HIS B 252 52.35 31.31 38.75
CA HIS B 252 53.78 31.05 38.50
C HIS B 252 54.67 32.11 39.16
N GLU B 253 54.15 33.32 39.31
CA GLU B 253 54.84 34.39 40.04
C GLU B 253 54.89 34.10 41.55
N VAL B 254 53.76 33.75 42.15
CA VAL B 254 53.68 33.35 43.58
C VAL B 254 54.56 32.12 43.84
N ARG B 255 54.58 31.23 42.85
CA ARG B 255 55.39 30.01 42.84
C ARG B 255 56.88 30.31 42.77
N LYS B 256 57.24 31.30 41.96
CA LYS B 256 58.63 31.75 41.85
C LYS B 256 59.09 32.39 43.16
N ILE B 257 58.22 33.20 43.75
CA ILE B 257 58.55 33.94 44.97
C ILE B 257 58.78 32.95 46.12
N LEU B 258 57.89 31.98 46.27
CA LEU B 258 58.02 30.96 47.31
C LEU B 258 59.31 30.15 47.15
N GLY B 259 59.82 30.11 45.90
CA GLY B 259 61.12 29.55 45.59
C GLY B 259 61.31 28.09 45.93
N GLU B 260 62.56 27.70 46.13
CA GLU B 260 62.93 26.31 46.45
C GLU B 260 62.52 25.94 47.87
N LYS B 261 62.83 26.78 48.85
CA LYS B 261 62.47 26.51 50.24
C LYS B 261 60.95 26.35 50.45
N GLY B 262 60.16 27.01 49.61
CA GLY B 262 58.70 26.98 49.72
C GLY B 262 57.97 26.21 48.65
N LYS B 263 58.54 25.08 48.23
CA LYS B 263 57.99 24.25 47.14
C LYS B 263 56.88 23.29 47.57
N ASN B 264 56.87 22.91 48.85
CA ASN B 264 55.85 22.01 49.35
C ASN B 264 54.60 22.74 49.86
N ILE B 265 54.66 24.07 49.88
CA ILE B 265 53.53 24.89 50.29
C ILE B 265 52.49 24.93 49.16
N LYS B 266 51.25 24.58 49.47
CA LYS B 266 50.16 24.60 48.48
C LYS B 266 49.75 26.03 48.11
N ILE B 267 49.35 26.24 46.87
CA ILE B 267 48.90 27.55 46.42
C ILE B 267 47.43 27.50 46.04
N ILE B 268 46.60 28.12 46.88
CA ILE B 268 45.17 28.23 46.62
C ILE B 268 44.92 29.59 45.99
N SER B 269 44.55 29.59 44.71
CA SER B 269 44.28 30.83 43.99
C SER B 269 42.86 31.32 44.27
N LYS B 270 42.74 32.63 44.47
CA LYS B 270 41.48 33.22 44.85
C LYS B 270 40.79 33.82 43.65
N ILE B 271 39.63 33.27 43.28
CA ILE B 271 38.86 33.79 42.15
C ILE B 271 37.93 34.89 42.66
N GLU B 272 38.22 36.12 42.23
CA GLU B 272 37.46 37.28 42.70
C GLU B 272 37.30 38.43 41.70
N ASN B 273 37.72 38.25 40.45
CA ASN B 273 37.36 39.18 39.38
C ASN B 273 36.97 38.48 38.05
N HIS B 274 36.54 39.26 37.06
CA HIS B 274 36.00 38.70 35.81
C HIS B 274 37.01 37.88 35.02
N GLU B 275 38.26 38.35 34.98
CA GLU B 275 39.32 37.62 34.29
C GLU B 275 39.66 36.29 34.97
N GLY B 276 39.62 36.27 36.30
CA GLY B 276 39.84 35.03 37.04
C GLY B 276 38.92 33.92 36.55
N VAL B 277 37.65 34.27 36.35
CA VAL B 277 36.64 33.35 35.81
C VAL B 277 36.89 33.11 34.33
N ARG B 278 37.19 34.19 33.60
CA ARG B 278 37.40 34.12 32.15
C ARG B 278 38.51 33.13 31.83
N ARG B 279 39.59 33.20 32.61
CA ARG B 279 40.79 32.39 32.36
C ARG B 279 40.98 31.25 33.37
N PHE B 280 39.94 30.96 34.14
CA PHE B 280 39.99 29.97 35.24
C PHE B 280 40.74 28.68 34.94
N ASP B 281 40.48 28.10 33.76
CA ASP B 281 41.07 26.81 33.38
C ASP B 281 42.59 26.78 33.48
N GLU B 282 43.26 27.77 32.90
CA GLU B 282 44.73 27.83 32.99
C GLU B 282 45.17 28.09 34.42
N ILE B 283 44.34 28.82 35.16
CA ILE B 283 44.59 29.09 36.57
C ILE B 283 44.51 27.81 37.41
N LEU B 284 43.46 27.01 37.17
CA LEU B 284 43.26 25.76 37.90
C LEU B 284 44.40 24.76 37.70
N GLU B 285 44.90 24.70 36.47
CA GLU B 285 45.99 23.82 36.09
CA GLU B 285 45.99 23.81 36.09
C GLU B 285 47.28 24.21 36.83
N ALA B 286 47.48 25.52 36.95
CA ALA B 286 48.63 26.14 37.63
C ALA B 286 48.56 26.15 39.17
N SER B 287 47.36 26.01 39.71
CA SER B 287 47.15 26.10 41.15
C SER B 287 47.09 24.74 41.80
N ASP B 288 47.25 24.72 43.11
CA ASP B 288 47.06 23.49 43.89
C ASP B 288 45.65 23.44 44.50
N GLY B 289 44.88 24.50 44.29
CA GLY B 289 43.53 24.64 44.83
C GLY B 289 42.93 26.00 44.52
N ILE B 290 41.64 26.18 44.84
CA ILE B 290 40.91 27.40 44.46
C ILE B 290 39.94 27.85 45.56
N MET B 291 39.83 29.17 45.77
CA MET B 291 38.83 29.72 46.66
C MET B 291 37.90 30.58 45.85
N VAL B 292 36.61 30.30 45.94
CA VAL B 292 35.59 31.22 45.42
C VAL B 292 35.57 32.37 46.42
N ALA B 293 36.16 33.51 46.03
CA ALA B 293 36.30 34.65 46.93
C ALA B 293 35.12 35.59 46.73
N ARG B 294 33.99 35.20 47.30
CA ARG B 294 32.69 35.72 46.89
C ARG B 294 32.50 37.22 47.09
N GLY B 295 33.01 37.75 48.20
CA GLY B 295 32.90 39.18 48.52
C GLY B 295 33.32 40.08 47.38
N ASP B 296 34.58 39.95 46.98
CA ASP B 296 35.13 40.74 45.89
C ASP B 296 34.59 40.31 44.53
N LEU B 297 34.23 39.04 44.39
CA LEU B 297 33.60 38.58 43.15
C LEU B 297 32.24 39.23 42.95
N GLY B 298 31.45 39.31 44.01
CA GLY B 298 30.13 39.95 43.94
C GLY B 298 30.18 41.46 43.80
N ILE B 299 31.39 42.01 43.83
CA ILE B 299 31.56 43.42 43.54
C ILE B 299 32.04 43.61 42.08
N GLU B 300 32.90 42.70 41.59
CA GLU B 300 33.46 42.72 40.22
C GLU B 300 32.50 42.32 39.11
N ILE B 301 31.61 41.38 39.39
CA ILE B 301 30.55 41.02 38.46
C ILE B 301 29.20 41.21 39.15
N PRO B 302 28.10 41.30 38.37
CA PRO B 302 26.79 41.40 38.98
C PRO B 302 26.57 40.32 40.03
N ALA B 303 26.11 40.71 41.22
CA ALA B 303 26.04 39.78 42.36
C ALA B 303 25.03 38.65 42.12
N GLU B 304 24.05 38.93 41.27
CA GLU B 304 23.10 37.93 40.83
C GLU B 304 23.78 36.82 40.00
N LYS B 305 25.06 37.00 39.64
CA LYS B 305 25.79 35.99 38.86
C LYS B 305 26.72 35.11 39.68
N VAL B 306 26.87 35.42 40.97
CA VAL B 306 27.92 34.81 41.78
C VAL B 306 27.75 33.30 41.89
N PHE B 307 26.52 32.87 42.14
CA PHE B 307 26.24 31.45 42.21
C PHE B 307 26.63 30.69 40.93
N LEU B 308 26.61 31.36 39.78
CA LEU B 308 27.00 30.70 38.53
C LEU B 308 28.46 30.32 38.57
N ALA B 309 29.29 31.32 38.83
CA ALA B 309 30.73 31.15 38.98
C ALA B 309 31.11 30.20 40.11
N GLN B 310 30.36 30.24 41.21
CA GLN B 310 30.61 29.32 42.32
C GLN B 310 30.43 27.85 41.91
N LYS B 311 29.29 27.54 41.29
CA LYS B 311 28.97 26.15 40.95
C LYS B 311 29.88 25.62 39.85
N MET B 312 30.12 26.45 38.82
CA MET B 312 31.04 26.12 37.72
C MET B 312 32.42 25.77 38.28
N ILE B 313 32.96 26.69 39.10
CA ILE B 313 34.26 26.54 39.70
C ILE B 313 34.33 25.29 40.56
N ILE B 314 33.44 25.15 41.54
CA ILE B 314 33.45 23.94 42.37
C ILE B 314 33.43 22.66 41.50
N GLY B 315 32.61 22.69 40.45
CA GLY B 315 32.47 21.55 39.58
C GLY B 315 33.75 21.21 38.87
N ARG B 316 34.45 22.24 38.40
CA ARG B 316 35.68 22.02 37.64
C ARG B 316 36.80 21.56 38.56
N CYS B 317 36.82 22.11 39.76
CA CYS B 317 37.77 21.66 40.77
C CYS B 317 37.48 20.22 41.16
N ASN B 318 36.21 19.89 41.37
CA ASN B 318 35.78 18.52 41.69
C ASN B 318 36.33 17.55 40.65
N ARG B 319 36.14 17.91 39.39
CA ARG B 319 36.58 17.16 38.22
C ARG B 319 38.08 16.88 38.15
N ALA B 320 38.90 17.90 38.37
CA ALA B 320 40.37 17.76 38.38
C ALA B 320 40.92 17.23 39.72
N GLY B 321 40.05 17.09 40.72
CA GLY B 321 40.47 16.61 42.02
C GLY B 321 41.47 17.56 42.65
N LYS B 322 41.14 18.84 42.63
CA LYS B 322 41.92 19.86 43.31
C LYS B 322 40.98 20.50 44.32
N PRO B 323 41.48 20.80 45.53
CA PRO B 323 40.63 21.35 46.61
C PRO B 323 39.95 22.66 46.21
N VAL B 324 38.74 22.87 46.75
CA VAL B 324 38.00 24.10 46.52
C VAL B 324 37.30 24.56 47.79
N ILE B 325 37.52 25.83 48.10
CA ILE B 325 36.94 26.47 49.27
C ILE B 325 35.85 27.45 48.85
N CYS B 326 34.67 27.31 49.43
CA CYS B 326 33.63 28.32 49.28
C CYS B 326 33.76 29.30 50.41
N ALA B 327 33.77 30.59 50.07
CA ALA B 327 34.13 31.63 51.02
C ALA B 327 33.21 32.85 51.01
N THR B 328 33.14 33.51 52.18
CA THR B 328 32.68 34.89 52.36
C THR B 328 31.18 35.09 52.53
N GLN B 329 30.83 35.60 53.72
CA GLN B 329 29.48 36.01 54.08
C GLN B 329 28.52 34.82 54.31
N MET B 330 29.09 33.62 54.40
CA MET B 330 28.31 32.40 54.56
C MET B 330 27.42 32.45 55.82
N LEU B 331 27.92 33.10 56.88
CA LEU B 331 27.16 33.25 58.12
C LEU B 331 27.23 34.70 58.64
N GLU B 332 27.21 35.65 57.71
CA GLU B 332 27.55 37.05 57.99
C GLU B 332 26.80 37.64 59.19
N SER B 333 25.51 37.36 59.32
CA SER B 333 24.73 37.95 60.41
C SER B 333 25.20 37.44 61.76
N MET B 334 25.85 36.28 61.79
CA MET B 334 26.39 35.80 63.08
C MET B 334 27.53 36.65 63.65
N ILE B 335 27.93 37.68 62.92
CA ILE B 335 28.85 38.67 63.47
C ILE B 335 28.22 39.32 64.70
N LYS B 336 26.90 39.51 64.66
CA LYS B 336 26.16 40.17 65.73
C LYS B 336 25.04 39.33 66.36
N LYS B 337 24.76 38.14 65.82
CA LYS B 337 23.62 37.34 66.32
C LYS B 337 24.01 35.89 66.54
N PRO B 338 23.46 35.24 67.61
CA PRO B 338 23.77 33.84 67.98
C PRO B 338 23.26 32.78 67.01
N ARG B 339 22.24 33.13 66.24
CA ARG B 339 21.65 32.25 65.25
C ARG B 339 21.76 32.92 63.87
N PRO B 340 21.96 32.11 62.81
CA PRO B 340 21.97 32.67 61.46
C PRO B 340 20.56 32.86 60.89
N THR B 341 20.47 33.63 59.81
CA THR B 341 19.21 33.74 59.06
C THR B 341 19.02 32.45 58.26
N ARG B 342 17.83 32.26 57.70
CA ARG B 342 17.57 31.07 56.90
C ARG B 342 18.39 31.10 55.61
N ALA B 343 18.78 32.29 55.14
CA ALA B 343 19.52 32.39 53.88
C ALA B 343 20.96 31.89 54.04
N GLU B 344 21.47 32.03 55.26
CA GLU B 344 22.82 31.62 55.60
C GLU B 344 22.85 30.11 55.85
N GLY B 345 21.83 29.58 56.54
CA GLY B 345 21.66 28.13 56.64
C GLY B 345 21.77 27.54 55.24
N SER B 346 20.79 27.89 54.42
CA SER B 346 20.67 27.49 53.01
C SER B 346 21.94 27.57 52.19
N ASP B 347 22.65 28.68 52.31
CA ASP B 347 23.92 28.87 51.62
C ASP B 347 24.91 27.75 52.00
N VAL B 348 25.14 27.56 53.30
CA VAL B 348 26.13 26.58 53.77
C VAL B 348 25.85 25.19 53.19
N ALA B 349 24.61 24.72 53.35
CA ALA B 349 24.19 23.40 52.88
C ALA B 349 24.31 23.19 51.36
N ASN B 350 23.90 24.21 50.60
CA ASN B 350 24.06 24.20 49.15
C ASN B 350 25.52 24.27 48.73
N ALA B 351 26.36 24.92 49.53
CA ALA B 351 27.81 24.91 49.26
C ALA B 351 28.38 23.51 49.41
N VAL B 352 27.87 22.76 50.39
CA VAL B 352 28.34 21.40 50.58
C VAL B 352 27.76 20.50 49.49
N LEU B 353 26.50 20.73 49.14
CA LEU B 353 25.84 19.97 48.10
C LEU B 353 26.44 20.24 46.72
N ASP B 354 26.90 21.48 46.49
CA ASP B 354 27.62 21.88 45.26
C ASP B 354 28.86 21.03 45.05
N GLY B 355 29.57 20.77 46.14
CA GLY B 355 30.77 19.94 46.16
C GLY B 355 31.99 20.55 46.85
N ALA B 356 31.82 21.71 47.48
CA ALA B 356 32.96 22.41 48.08
C ALA B 356 33.72 21.53 49.09
N ASP B 357 35.05 21.48 48.93
CA ASP B 357 35.89 20.74 49.85
C ASP B 357 35.88 21.44 51.22
N CYS B 358 35.93 22.77 51.19
CA CYS B 358 36.02 23.58 52.39
C CYS B 358 35.06 24.75 52.37
N ILE B 359 34.59 25.11 53.56
CA ILE B 359 33.84 26.34 53.76
C ILE B 359 34.64 27.26 54.69
N MET B 360 34.40 28.56 54.55
CA MET B 360 35.22 29.55 55.22
C MET B 360 34.36 30.52 56.02
N LEU B 361 34.90 30.94 57.16
CA LEU B 361 34.34 32.03 57.93
C LEU B 361 35.34 33.17 57.96
N SER B 362 34.84 34.40 57.90
CA SER B 362 35.72 35.56 57.89
C SER B 362 35.41 36.43 59.09
N GLY B 363 34.64 37.48 58.85
CA GLY B 363 34.21 38.40 59.90
C GLY B 363 33.58 37.67 61.07
N GLU B 364 32.88 36.58 60.76
CA GLU B 364 32.28 35.68 61.75
C GLU B 364 33.24 35.23 62.86
N THR B 365 34.43 34.79 62.48
CA THR B 365 35.44 34.37 63.45
C THR B 365 36.50 35.44 63.72
N ALA B 366 36.73 36.34 62.78
CA ALA B 366 37.78 37.36 62.96
C ALA B 366 37.39 38.42 63.99
N LYS B 367 36.22 39.04 63.80
CA LYS B 367 35.82 40.19 64.62
C LYS B 367 34.44 40.04 65.31
N GLY B 368 33.73 38.95 65.02
CA GLY B 368 32.35 38.80 65.47
C GLY B 368 32.16 38.67 66.97
N ASP B 369 30.90 38.65 67.39
CA ASP B 369 30.56 38.50 68.81
C ASP B 369 30.34 37.04 69.18
N TYR B 370 30.24 36.19 68.16
CA TYR B 370 29.88 34.79 68.35
C TYR B 370 30.69 33.84 67.44
N PRO B 371 32.03 33.92 67.50
CA PRO B 371 32.86 33.09 66.63
C PRO B 371 32.75 31.58 66.89
N LEU B 372 32.48 31.18 68.12
CA LEU B 372 32.35 29.77 68.48
C LEU B 372 31.10 29.12 67.90
N GLU B 373 29.98 29.87 67.94
CA GLU B 373 28.68 29.40 67.46
C GLU B 373 28.62 29.29 65.93
N ALA B 374 29.35 30.19 65.25
CA ALA B 374 29.51 30.16 63.80
C ALA B 374 30.26 28.90 63.34
N VAL B 375 31.31 28.51 64.07
CA VAL B 375 32.03 27.26 63.77
C VAL B 375 31.11 26.03 63.91
N ARG B 376 30.36 25.99 65.03
CA ARG B 376 29.46 24.89 65.34
C ARG B 376 28.31 24.72 64.34
N MET B 377 27.83 25.83 63.79
CA MET B 377 26.74 25.80 62.81
C MET B 377 27.22 25.34 61.44
N GLN B 378 28.44 25.72 61.06
CA GLN B 378 29.04 25.19 59.84
C GLN B 378 29.24 23.69 60.00
N HIS B 379 29.66 23.28 61.18
CA HIS B 379 29.80 21.87 61.51
C HIS B 379 28.46 21.17 61.39
N LEU B 380 27.45 21.64 62.12
CA LEU B 380 26.14 20.99 62.09
C LEU B 380 25.53 21.05 60.68
N ILE B 381 25.63 22.20 60.01
CA ILE B 381 25.04 22.29 58.65
C ILE B 381 25.71 21.31 57.67
N ALA B 382 27.05 21.29 57.69
CA ALA B 382 27.83 20.38 56.87
C ALA B 382 27.31 18.93 56.87
N ARG B 383 27.18 18.34 58.06
CA ARG B 383 26.83 16.92 58.19
C ARG B 383 25.45 16.59 57.69
N GLU B 384 24.51 17.52 57.85
CA GLU B 384 23.19 17.36 57.26
C GLU B 384 23.26 17.31 55.74
N ALA B 385 24.01 18.25 55.14
CA ALA B 385 24.12 18.36 53.69
C ALA B 385 24.99 17.26 53.06
N GLU B 386 25.96 16.75 53.81
CA GLU B 386 26.88 15.72 53.33
C GLU B 386 26.16 14.39 53.12
N ALA B 387 25.17 14.14 53.96
CA ALA B 387 24.37 12.93 53.86
C ALA B 387 23.36 13.10 52.73
N ALA B 388 23.01 14.35 52.47
CA ALA B 388 21.95 14.70 51.52
C ALA B 388 22.47 14.85 50.09
N MET B 389 23.78 14.72 49.91
CA MET B 389 24.36 14.54 48.61
C MET B 389 23.85 13.25 47.98
N PHE B 390 23.83 13.23 46.65
CA PHE B 390 23.35 12.11 45.86
C PHE B 390 24.56 11.31 45.38
N HIS B 391 25.22 10.62 46.32
CA HIS B 391 26.49 9.96 46.09
C HIS B 391 26.59 9.04 44.88
N ARG B 392 25.59 8.19 44.68
CA ARG B 392 25.57 7.24 43.56
CA ARG B 392 25.59 7.25 43.56
C ARG B 392 25.72 7.98 42.23
N LYS B 393 24.96 9.06 42.06
CA LYS B 393 25.00 9.85 40.84
C LYS B 393 26.27 10.71 40.75
N LEU B 394 26.73 11.23 41.88
CA LEU B 394 27.96 12.01 41.92
C LEU B 394 29.19 11.15 41.53
N PHE B 395 29.35 9.98 42.15
CA PHE B 395 30.42 9.07 41.75
C PHE B 395 30.43 8.76 40.23
N GLU B 396 29.26 8.37 39.69
CA GLU B 396 29.12 7.98 38.29
C GLU B 396 29.53 9.12 37.36
N GLU B 397 29.24 10.34 37.77
CA GLU B 397 29.53 11.54 36.98
C GLU B 397 30.99 11.99 37.07
N LEU B 398 31.65 11.67 38.17
CA LEU B 398 33.07 11.98 38.31
C LEU B 398 33.91 11.00 37.48
N ALA B 399 33.59 9.71 37.59
CA ALA B 399 34.26 8.67 36.80
C ALA B 399 34.22 8.98 35.29
N ARG B 400 33.03 9.31 34.79
CA ARG B 400 32.83 9.60 33.37
CA ARG B 400 32.82 9.60 33.37
C ARG B 400 33.74 10.73 32.89
N ALA B 401 33.81 11.81 33.68
CA ALA B 401 34.60 12.99 33.37
C ALA B 401 36.10 12.74 33.45
N SER B 402 36.49 11.82 34.34
CA SER B 402 37.91 11.41 34.46
C SER B 402 38.26 10.16 33.65
N SER B 403 37.37 9.74 32.76
CA SER B 403 37.51 8.45 32.10
C SER B 403 38.71 8.32 31.16
N GLN B 404 39.25 9.44 30.68
CA GLN B 404 40.48 9.41 29.86
C GLN B 404 41.72 9.03 30.67
N SER B 405 41.63 9.13 31.98
CA SER B 405 42.72 8.76 32.86
C SER B 405 42.66 7.28 33.21
N THR B 406 43.83 6.63 33.17
CA THR B 406 43.94 5.22 33.49
C THR B 406 44.91 5.03 34.64
N ASP B 407 45.16 6.11 35.38
CA ASP B 407 46.09 6.13 36.51
C ASP B 407 45.73 5.11 37.58
N LEU B 408 46.71 4.33 38.01
CA LEU B 408 46.47 3.22 38.92
C LEU B 408 45.96 3.62 40.31
N MET B 409 46.51 4.68 40.91
CA MET B 409 45.95 5.17 42.17
C MET B 409 44.46 5.49 42.03
N GLU B 410 44.10 6.26 40.99
CA GLU B 410 42.69 6.55 40.65
C GLU B 410 41.84 5.30 40.51
N ALA B 411 42.40 4.28 39.88
CA ALA B 411 41.75 2.97 39.77
C ALA B 411 41.44 2.37 41.15
N MET B 412 42.44 2.36 42.03
CA MET B 412 42.32 1.86 43.41
C MET B 412 41.35 2.69 44.29
N ALA B 413 41.30 3.98 44.00
CA ALA B 413 40.51 4.94 44.75
C ALA B 413 39.03 4.70 44.45
N MET B 414 38.75 4.68 43.14
CA MET B 414 37.43 4.40 42.60
C MET B 414 36.89 3.05 43.04
N GLY B 415 37.76 2.04 43.10
CA GLY B 415 37.35 0.70 43.51
C GLY B 415 37.00 0.65 44.99
N SER B 416 37.75 1.41 45.78
CA SER B 416 37.55 1.49 47.23
C SER B 416 36.28 2.24 47.61
N VAL B 417 36.03 3.36 46.93
CA VAL B 417 34.83 4.18 47.15
C VAL B 417 33.60 3.37 46.78
N GLU B 418 33.65 2.76 45.59
CA GLU B 418 32.62 1.83 45.13
C GLU B 418 32.36 0.73 46.18
N ALA B 419 33.42 0.07 46.65
CA ALA B 419 33.29 -0.97 47.67
C ALA B 419 32.71 -0.45 49.00
N SER B 420 33.14 0.74 49.42
CA SER B 420 32.53 1.43 50.57
C SER B 420 31.01 1.65 50.42
N TYR B 421 30.57 2.03 49.23
CA TYR B 421 29.15 2.31 49.01
C TYR B 421 28.34 1.02 49.14
N LYS B 422 28.87 -0.04 48.54
CA LYS B 422 28.18 -1.32 48.46
C LYS B 422 27.98 -1.99 49.82
N CYS B 423 28.94 -1.87 50.72
CA CYS B 423 28.80 -2.52 52.02
C CYS B 423 28.51 -1.55 53.18
N LEU B 424 28.10 -0.32 52.83
CA LEU B 424 27.81 0.75 53.81
C LEU B 424 28.93 0.86 54.84
N ALA B 425 30.17 0.77 54.33
CA ALA B 425 31.38 0.81 55.15
C ALA B 425 31.50 2.09 55.98
N ALA B 426 31.98 1.91 57.21
CA ALA B 426 32.03 2.99 58.20
C ALA B 426 33.18 3.97 57.95
N ALA B 427 34.14 3.59 57.13
CA ALA B 427 35.31 4.44 56.90
C ALA B 427 36.27 3.86 55.87
N LEU B 428 37.09 4.73 55.31
CA LEU B 428 38.23 4.30 54.52
C LEU B 428 39.52 4.70 55.25
N ILE B 429 40.43 3.74 55.40
CA ILE B 429 41.70 3.99 56.05
C ILE B 429 42.80 4.00 54.99
N VAL B 430 43.46 5.14 54.85
CA VAL B 430 44.46 5.34 53.82
C VAL B 430 45.83 5.66 54.45
N LEU B 431 46.87 4.96 54.02
CA LEU B 431 48.24 5.22 54.48
C LEU B 431 49.00 5.96 53.40
N THR B 432 49.62 7.09 53.79
CA THR B 432 50.17 8.03 52.82
C THR B 432 51.26 8.93 53.41
N GLU B 433 52.27 9.22 52.61
CA GLU B 433 53.30 10.17 53.01
CA GLU B 433 53.34 10.14 52.98
C GLU B 433 53.13 11.48 52.27
N SER B 434 52.87 11.42 50.96
CA SER B 434 52.64 12.62 50.16
C SER B 434 51.22 13.16 50.31
N GLY B 435 50.29 12.27 50.69
CA GLY B 435 48.86 12.61 50.76
C GLY B 435 48.11 12.25 49.49
N ARG B 436 48.85 12.05 48.40
CA ARG B 436 48.28 11.90 47.07
C ARG B 436 47.28 10.75 46.93
N SER B 437 47.58 9.63 47.60
CA SER B 437 46.64 8.51 47.66
C SER B 437 45.33 8.87 48.36
N ALA B 438 45.41 9.68 49.41
CA ALA B 438 44.22 10.04 50.15
C ALA B 438 43.43 11.06 49.35
N HIS B 439 44.17 11.96 48.71
CA HIS B 439 43.61 12.96 47.83
C HIS B 439 42.77 12.34 46.71
N GLN B 440 43.19 11.18 46.18
CA GLN B 440 42.46 10.50 45.12
CA GLN B 440 42.46 10.47 45.12
C GLN B 440 41.17 9.87 45.66
N VAL B 441 41.25 9.26 46.85
CA VAL B 441 40.05 8.73 47.50
C VAL B 441 38.99 9.84 47.69
N ALA B 442 39.36 10.93 48.37
CA ALA B 442 38.46 12.06 48.64
C ALA B 442 37.75 12.54 47.37
N ARG B 443 38.52 12.55 46.28
CA ARG B 443 38.09 13.09 45.01
C ARG B 443 36.88 12.35 44.47
N TYR B 444 36.81 11.06 44.76
CA TYR B 444 35.72 10.24 44.28
C TYR B 444 34.55 10.17 45.24
N ARG B 445 34.59 11.06 46.22
CA ARG B 445 33.46 11.42 47.09
C ARG B 445 32.74 10.25 47.81
N PRO B 446 33.44 9.53 48.71
CA PRO B 446 32.71 8.56 49.51
C PRO B 446 31.90 9.27 50.59
N ARG B 447 30.87 8.62 51.11
CA ARG B 447 30.04 9.21 52.17
C ARG B 447 30.66 8.95 53.53
N ALA B 448 31.49 7.91 53.59
CA ALA B 448 32.19 7.54 54.80
C ALA B 448 33.49 8.34 54.92
N PRO B 449 33.94 8.66 56.15
CA PRO B 449 35.16 9.43 56.38
C PRO B 449 36.41 8.72 55.89
N ILE B 450 37.47 9.50 55.62
CA ILE B 450 38.77 8.96 55.18
C ILE B 450 39.84 9.27 56.22
N ILE B 451 40.14 8.27 57.04
CA ILE B 451 41.22 8.39 58.02
C ILE B 451 42.56 8.18 57.28
N ALA B 452 43.35 9.25 57.21
CA ALA B 452 44.62 9.21 56.47
C ALA B 452 45.84 9.31 57.38
N VAL B 453 46.59 8.22 57.47
CA VAL B 453 47.71 8.15 58.38
C VAL B 453 48.99 8.52 57.65
N THR B 454 49.74 9.45 58.24
CA THR B 454 50.95 9.97 57.65
C THR B 454 51.98 10.30 58.71
N ARG B 455 53.24 10.01 58.42
CA ARG B 455 54.34 10.43 59.28
C ARG B 455 54.76 11.85 58.92
N ASN B 456 54.11 12.42 57.90
CA ASN B 456 54.47 13.73 57.40
C ASN B 456 53.54 14.78 58.00
N HIS B 457 54.04 15.49 59.00
CA HIS B 457 53.25 16.48 59.73
C HIS B 457 52.60 17.52 58.80
N GLN B 458 53.33 17.98 57.77
CA GLN B 458 52.79 18.96 56.81
C GLN B 458 51.71 18.36 55.89
N THR B 459 51.88 17.09 55.51
CA THR B 459 50.86 16.34 54.78
C THR B 459 49.52 16.34 55.52
N ALA B 460 49.56 16.02 56.81
CA ALA B 460 48.35 16.00 57.63
C ALA B 460 47.70 17.37 57.74
N ARG B 461 48.51 18.42 57.77
CA ARG B 461 47.97 19.78 57.87
C ARG B 461 47.32 20.18 56.55
N GLN B 462 47.95 19.81 55.44
CA GLN B 462 47.41 20.15 54.11
C GLN B 462 46.20 19.30 53.72
N ALA B 463 46.02 18.15 54.39
CA ALA B 463 44.91 17.26 54.08
C ALA B 463 43.55 17.87 54.39
N HIS B 464 43.53 18.90 55.23
CA HIS B 464 42.27 19.50 55.64
C HIS B 464 41.62 20.22 54.48
N LEU B 465 42.31 20.26 53.35
CA LEU B 465 41.79 20.90 52.15
C LEU B 465 40.88 19.97 51.38
N TYR B 466 40.90 18.68 51.72
CA TYR B 466 40.18 17.69 50.92
C TYR B 466 38.97 17.10 51.62
N ARG B 467 37.85 17.06 50.90
CA ARG B 467 36.60 16.51 51.45
C ARG B 467 36.80 15.12 52.04
N GLY B 468 36.32 14.93 53.27
CA GLY B 468 36.33 13.60 53.91
C GLY B 468 37.59 13.17 54.65
N ILE B 469 38.72 13.79 54.32
CA ILE B 469 40.00 13.33 54.84
C ILE B 469 40.20 13.83 56.25
N PHE B 470 40.30 12.85 57.15
CA PHE B 470 40.54 13.06 58.57
C PHE B 470 41.97 12.61 58.86
N PRO B 471 42.94 13.54 58.74
CA PRO B 471 44.35 13.17 58.86
C PRO B 471 44.70 12.78 60.27
N VAL B 472 45.51 11.73 60.39
CA VAL B 472 46.02 11.27 61.68
C VAL B 472 47.55 11.19 61.59
N VAL B 473 48.23 11.86 62.51
CA VAL B 473 49.69 11.86 62.53
C VAL B 473 50.23 10.58 63.19
N CYS B 474 51.17 9.91 62.52
CA CYS B 474 51.91 8.83 63.17
C CYS B 474 53.25 9.38 63.64
N LYS B 475 53.48 9.31 64.95
CA LYS B 475 54.73 9.80 65.53
C LYS B 475 55.73 8.69 65.88
N ASP B 476 55.33 7.43 65.67
CA ASP B 476 56.20 6.26 65.84
C ASP B 476 57.24 6.17 64.71
N PRO B 477 58.45 5.66 65.01
CA PRO B 477 59.45 5.42 63.98
C PRO B 477 59.12 4.24 63.06
N VAL B 478 59.66 4.28 61.83
CA VAL B 478 59.42 3.25 60.81
C VAL B 478 59.94 1.91 61.33
N GLN B 479 59.07 0.89 61.26
CA GLN B 479 59.37 -0.42 61.85
C GLN B 479 60.30 -1.26 60.96
N GLU B 480 60.96 -2.23 61.59
CA GLU B 480 61.88 -3.13 60.90
C GLU B 480 61.16 -3.85 59.76
N ALA B 481 60.11 -4.59 60.11
CA ALA B 481 59.31 -5.33 59.12
C ALA B 481 58.23 -4.47 58.51
N TRP B 482 58.18 -4.44 57.18
CA TRP B 482 57.23 -3.61 56.45
C TRP B 482 55.78 -3.90 56.81
N ALA B 483 55.46 -5.18 57.00
CA ALA B 483 54.10 -5.60 57.36
C ALA B 483 53.71 -5.12 58.76
N GLU B 484 54.66 -5.18 59.71
CA GLU B 484 54.47 -4.68 61.07
C GLU B 484 54.16 -3.19 61.11
N ASP B 485 54.88 -2.42 60.29
CA ASP B 485 54.67 -0.97 60.14
C ASP B 485 53.29 -0.63 59.59
N VAL B 486 52.76 -1.53 58.76
CA VAL B 486 51.42 -1.38 58.16
C VAL B 486 50.31 -1.64 59.19
N ASP B 487 50.40 -2.77 59.89
CA ASP B 487 49.46 -3.11 60.97
C ASP B 487 49.39 -2.01 62.03
N LEU B 488 50.57 -1.55 62.47
CA LEU B 488 50.70 -0.48 63.46
C LEU B 488 49.93 0.79 63.04
N ARG B 489 50.12 1.20 61.79
CA ARG B 489 49.44 2.39 61.24
C ARG B 489 47.95 2.18 61.07
N VAL B 490 47.57 1.02 60.55
CA VAL B 490 46.15 0.64 60.43
C VAL B 490 45.47 0.54 61.83
N ASN B 491 46.15 -0.05 62.82
CA ASN B 491 45.61 -0.15 64.19
CA ASN B 491 45.59 -0.14 64.16
C ASN B 491 45.46 1.22 64.86
N LEU B 492 46.41 2.12 64.59
CA LEU B 492 46.31 3.51 65.06
C LEU B 492 45.06 4.16 64.45
N ALA B 493 44.77 3.86 63.20
CA ALA B 493 43.57 4.37 62.51
C ALA B 493 42.28 3.78 63.08
N MET B 494 42.30 2.49 63.41
CA MET B 494 41.17 1.86 64.11
C MET B 494 40.94 2.55 65.46
N ASN B 495 42.01 2.69 66.25
CA ASN B 495 41.96 3.37 67.56
C ASN B 495 41.37 4.79 67.50
N VAL B 496 41.84 5.57 66.53
CA VAL B 496 41.34 6.93 66.28
C VAL B 496 39.84 6.92 65.95
N GLY B 497 39.45 6.07 65.01
CA GLY B 497 38.04 5.91 64.64
C GLY B 497 37.13 5.55 65.81
N LYS B 498 37.51 4.53 66.57
CA LYS B 498 36.75 4.07 67.73
C LYS B 498 36.64 5.11 68.85
N ALA B 499 37.69 5.90 69.03
CA ALA B 499 37.69 6.95 70.03
C ALA B 499 36.76 8.10 69.64
N ARG B 500 36.73 8.42 68.34
CA ARG B 500 35.89 9.50 67.84
C ARG B 500 34.52 9.05 67.32
N GLY B 501 34.09 7.86 67.74
CA GLY B 501 32.75 7.36 67.42
C GLY B 501 32.34 7.30 65.96
N PHE B 502 33.31 7.11 65.06
CA PHE B 502 32.99 6.85 63.66
C PHE B 502 32.53 5.40 63.50
N PHE B 503 33.23 4.49 64.17
CA PHE B 503 32.90 3.08 64.13
C PHE B 503 33.23 2.33 65.42
N LYS B 504 32.64 1.15 65.58
CA LYS B 504 32.91 0.25 66.70
C LYS B 504 33.06 -1.21 66.22
N LYS B 505 33.46 -2.07 67.15
CA LYS B 505 33.70 -3.50 66.90
C LYS B 505 32.62 -4.13 66.02
N GLY B 506 33.06 -4.80 64.96
CA GLY B 506 32.14 -5.50 64.05
C GLY B 506 31.71 -4.67 62.84
N ASP B 507 31.99 -3.37 62.88
CA ASP B 507 31.77 -2.53 61.71
C ASP B 507 32.77 -2.92 60.62
N VAL B 508 32.50 -2.48 59.40
CA VAL B 508 33.34 -2.84 58.28
C VAL B 508 34.07 -1.58 57.80
N VAL B 509 35.35 -1.73 57.48
CA VAL B 509 36.11 -0.63 56.89
C VAL B 509 36.86 -1.03 55.63
N ILE B 510 36.94 -0.11 54.66
CA ILE B 510 37.82 -0.24 53.51
C ILE B 510 39.19 0.25 53.95
N VAL B 511 40.23 -0.52 53.65
CA VAL B 511 41.57 -0.22 54.14
C VAL B 511 42.53 -0.22 52.97
N LEU B 512 43.11 0.94 52.69
CA LEU B 512 44.09 1.09 51.62
C LEU B 512 45.53 1.19 52.14
N THR B 513 46.39 0.28 51.67
CA THR B 513 47.80 0.18 52.07
C THR B 513 48.65 -0.19 50.86
N GLY B 514 49.97 -0.03 50.98
CA GLY B 514 50.89 -0.49 49.93
C GLY B 514 51.38 -1.91 50.22
N TRP B 515 51.55 -2.72 49.18
CA TRP B 515 51.99 -4.11 49.40
C TRP B 515 53.45 -4.23 49.88
N ARG B 516 54.33 -3.47 49.25
CA ARG B 516 55.76 -3.48 49.57
C ARG B 516 56.23 -2.03 49.74
N PRO B 517 57.33 -1.82 50.50
CA PRO B 517 57.80 -0.48 50.88
C PRO B 517 57.90 0.52 49.73
N GLY B 518 58.35 0.07 48.57
CA GLY B 518 58.69 0.96 47.45
C GLY B 518 57.54 1.37 46.53
N SER B 519 56.32 0.93 46.86
CA SER B 519 55.14 1.27 46.06
C SER B 519 54.86 2.77 46.18
N GLY B 520 54.69 3.42 45.02
CA GLY B 520 54.40 4.85 44.97
C GLY B 520 52.92 5.17 45.06
N PHE B 521 52.19 4.33 45.78
CA PHE B 521 50.74 4.49 46.04
C PHE B 521 50.16 3.25 46.74
N THR B 522 48.93 3.39 47.26
CA THR B 522 48.20 2.30 47.92
C THR B 522 47.58 1.32 46.91
N ASN B 523 48.35 0.28 46.58
CA ASN B 523 47.96 -0.74 45.60
C ASN B 523 47.18 -1.93 46.17
N THR B 524 46.94 -1.89 47.48
CA THR B 524 46.26 -2.97 48.20
C THR B 524 44.97 -2.43 48.80
N MET B 525 43.88 -3.17 48.59
CA MET B 525 42.59 -2.79 49.16
CA MET B 525 42.57 -2.79 49.14
C MET B 525 41.94 -3.97 49.87
N ARG B 526 41.49 -3.71 51.09
CA ARG B 526 40.80 -4.73 51.86
C ARG B 526 39.50 -4.27 52.49
N VAL B 527 38.55 -5.19 52.59
N VAL B 527 38.56 -5.20 52.61
CA VAL B 527 37.40 -5.06 53.47
CA VAL B 527 37.41 -5.04 53.48
C VAL B 527 37.82 -5.72 54.79
C VAL B 527 37.81 -5.72 54.78
N VAL B 528 38.05 -4.91 55.81
CA VAL B 528 38.52 -5.43 57.10
C VAL B 528 37.46 -5.16 58.18
N PRO B 529 37.21 -6.16 59.05
CA PRO B 529 36.38 -5.92 60.24
C PRO B 529 37.11 -5.08 61.29
N VAL B 530 36.36 -4.22 62.00
CA VAL B 530 36.89 -3.45 63.12
C VAL B 530 36.91 -4.33 64.35
N PRO B 531 38.11 -4.51 64.95
CA PRO B 531 38.26 -5.33 66.16
C PRO B 531 37.65 -4.65 67.39
N ILE C 13 -1.88 -8.21 33.57
CA ILE C 13 -0.90 -8.18 32.43
C ILE C 13 -1.25 -7.09 31.40
N GLN C 14 -0.44 -6.02 31.39
CA GLN C 14 -0.57 -4.95 30.41
C GLN C 14 -0.12 -5.46 29.03
N THR C 15 -0.79 -4.97 27.99
CA THR C 15 -0.50 -5.35 26.63
C THR C 15 0.71 -4.57 26.14
N GLN C 16 1.28 -4.99 25.01
CA GLN C 16 2.23 -4.16 24.23
C GLN C 16 3.53 -3.91 24.99
N GLN C 17 3.92 -4.88 25.81
CA GLN C 17 5.05 -4.80 26.75
C GLN C 17 5.17 -3.47 27.54
N LEU C 18 4.02 -2.96 27.97
CA LEU C 18 3.96 -1.67 28.66
C LEU C 18 4.49 -1.70 30.09
N HIS C 19 4.51 -2.87 30.72
CA HIS C 19 5.14 -3.00 32.01
C HIS C 19 6.65 -2.81 31.86
N ALA C 20 7.23 -3.53 30.89
CA ALA C 20 8.66 -3.38 30.55
C ALA C 20 8.98 -1.94 30.15
N ALA C 21 8.03 -1.30 29.48
CA ALA C 21 8.14 0.09 29.06
C ALA C 21 8.35 1.04 30.24
N MET C 22 7.80 0.70 31.40
CA MET C 22 7.82 1.56 32.58
C MET C 22 9.11 1.46 33.37
N ALA C 23 9.97 0.53 32.96
CA ALA C 23 11.21 0.24 33.68
C ALA C 23 12.19 1.41 33.62
N ASP C 24 13.06 1.47 34.63
CA ASP C 24 14.04 2.55 34.76
C ASP C 24 15.33 2.27 33.99
N THR C 25 15.78 1.02 34.02
CA THR C 25 17.00 0.60 33.32
C THR C 25 16.69 -0.39 32.16
N PHE C 26 17.68 -0.56 31.30
CA PHE C 26 17.62 -1.54 30.21
CA PHE C 26 17.62 -1.54 30.21
C PHE C 26 17.57 -2.96 30.78
N LEU C 27 18.37 -3.22 31.81
CA LEU C 27 18.35 -4.52 32.51
C LEU C 27 16.95 -4.86 33.00
N GLU C 28 16.39 -3.94 33.80
CA GLU C 28 15.01 -4.09 34.26
CA GLU C 28 15.00 -4.01 34.27
C GLU C 28 14.07 -4.33 33.09
N HIS C 29 14.08 -3.44 32.09
CA HIS C 29 13.24 -3.56 30.88
C HIS C 29 13.18 -4.98 30.34
N LYS C 30 14.34 -5.62 30.27
CA LYS C 30 14.45 -6.97 29.75
C LYS C 30 13.88 -8.00 30.71
N CYS C 31 14.22 -7.87 31.99
CA CYS C 31 13.70 -8.77 33.01
C CYS C 31 12.16 -8.75 33.01
N ARG C 32 11.60 -7.69 32.42
CA ARG C 32 10.16 -7.46 32.42
C ARG C 32 9.41 -7.89 31.15
N LEU C 33 10.12 -8.41 30.16
CA LEU C 33 9.48 -8.85 28.90
C LEU C 33 8.60 -10.07 29.15
N ASP C 34 7.36 -9.99 28.67
CA ASP C 34 6.32 -10.94 29.05
C ASP C 34 5.70 -11.60 27.82
N ILE C 35 5.69 -12.93 27.79
CA ILE C 35 5.24 -13.64 26.60
C ILE C 35 3.73 -13.62 26.49
N ASP C 36 3.08 -13.31 27.60
CA ASP C 36 1.62 -13.22 27.71
C ASP C 36 1.14 -11.78 27.56
N SER C 37 2.03 -10.89 27.13
CA SER C 37 1.71 -9.50 26.89
C SER C 37 1.51 -9.32 25.38
N ALA C 38 0.25 -9.29 24.97
CA ALA C 38 -0.07 -9.36 23.56
C ALA C 38 0.46 -8.13 22.82
N PRO C 39 1.09 -8.35 21.65
CA PRO C 39 1.41 -7.16 20.86
C PRO C 39 0.10 -6.50 20.42
N ILE C 40 0.18 -5.28 19.89
CA ILE C 40 -0.96 -4.65 19.24
C ILE C 40 -1.13 -5.17 17.84
N THR C 41 -2.19 -4.74 17.19
CA THR C 41 -2.51 -5.18 15.84
C THR C 41 -1.63 -4.59 14.75
N ALA C 42 -1.24 -3.32 14.92
CA ALA C 42 -0.43 -2.61 13.94
C ALA C 42 0.97 -3.20 13.82
N ARG C 43 1.52 -3.13 12.61
CA ARG C 43 2.87 -3.61 12.41
C ARG C 43 3.72 -2.49 11.79
N ASN C 44 4.69 -2.01 12.56
CA ASN C 44 5.49 -0.83 12.18
C ASN C 44 6.67 -1.05 11.21
N THR C 45 7.24 -2.24 11.21
CA THR C 45 8.43 -2.52 10.40
C THR C 45 8.06 -2.91 8.97
N GLY C 46 8.60 -2.21 7.99
CA GLY C 46 8.28 -2.48 6.60
C GLY C 46 8.89 -3.80 6.17
N ILE C 47 8.21 -4.49 5.26
CA ILE C 47 8.68 -5.77 4.74
C ILE C 47 8.90 -5.73 3.23
N ILE C 48 10.13 -6.04 2.83
CA ILE C 48 10.58 -5.96 1.45
C ILE C 48 10.81 -7.36 0.90
N CYS C 49 10.15 -7.69 -0.21
CA CYS C 49 10.19 -9.07 -0.73
C CYS C 49 10.75 -9.14 -2.12
N THR C 50 11.78 -9.97 -2.27
CA THR C 50 12.36 -10.21 -3.58
C THR C 50 11.41 -11.14 -4.32
N ILE C 51 11.07 -10.71 -5.53
CA ILE C 51 10.11 -11.44 -6.34
C ILE C 51 10.88 -12.27 -7.34
N GLY C 52 10.38 -13.48 -7.58
CA GLY C 52 10.93 -14.43 -8.56
C GLY C 52 9.94 -15.55 -8.85
N PRO C 53 10.44 -16.68 -9.36
CA PRO C 53 9.60 -17.79 -9.81
C PRO C 53 8.66 -18.40 -8.75
N ALA C 54 8.89 -18.15 -7.47
CA ALA C 54 7.98 -18.60 -6.44
C ALA C 54 6.87 -17.59 -6.20
N SER C 55 7.07 -16.36 -6.66
CA SER C 55 6.22 -15.26 -6.25
C SER C 55 5.78 -14.35 -7.37
N ARG C 56 6.08 -14.70 -8.61
CA ARG C 56 5.95 -13.82 -9.78
CA ARG C 56 5.89 -13.72 -9.69
C ARG C 56 4.54 -13.76 -10.38
N SER C 57 3.62 -14.56 -9.85
CA SER C 57 2.28 -14.63 -10.43
C SER C 57 1.40 -13.58 -9.78
N VAL C 58 0.54 -12.95 -10.56
CA VAL C 58 -0.50 -12.09 -10.00
C VAL C 58 -1.09 -12.73 -8.73
N GLU C 59 -1.54 -13.98 -8.86
CA GLU C 59 -2.26 -14.72 -7.83
C GLU C 59 -1.49 -14.79 -6.51
N THR C 60 -0.20 -15.10 -6.59
CA THR C 60 0.65 -15.22 -5.40
C THR C 60 0.96 -13.83 -4.81
N LEU C 61 1.05 -12.81 -5.66
CA LEU C 61 1.37 -11.46 -5.18
C LEU C 61 0.20 -10.86 -4.40
N LYS C 62 -1.02 -11.12 -4.85
CA LYS C 62 -2.21 -10.78 -4.05
C LYS C 62 -2.05 -11.29 -2.63
N GLU C 63 -1.71 -12.58 -2.51
CA GLU C 63 -1.54 -13.21 -1.21
C GLU C 63 -0.32 -12.64 -0.48
N MET C 64 0.73 -12.30 -1.22
CA MET C 64 1.94 -11.69 -0.63
CA MET C 64 1.91 -11.70 -0.61
C MET C 64 1.60 -10.33 -0.02
N ILE C 65 0.78 -9.57 -0.72
CA ILE C 65 0.31 -8.27 -0.28
C ILE C 65 -0.53 -8.43 0.98
N LYS C 66 -1.46 -9.38 0.94
CA LYS C 66 -2.34 -9.67 2.07
C LYS C 66 -1.52 -10.13 3.27
N SER C 67 -0.43 -10.87 3.00
CA SER C 67 0.39 -11.44 4.07
C SER C 67 1.28 -10.40 4.76
N GLY C 68 1.64 -9.34 4.05
CA GLY C 68 2.39 -8.24 4.65
C GLY C 68 3.30 -7.41 3.75
N MET C 69 3.58 -7.91 2.55
CA MET C 69 4.47 -7.23 1.59
C MET C 69 4.11 -5.74 1.42
N ASN C 70 5.12 -4.89 1.53
CA ASN C 70 5.00 -3.45 1.29
C ASN C 70 5.83 -2.99 0.10
N VAL C 71 6.95 -3.65 -0.12
CA VAL C 71 7.84 -3.32 -1.21
C VAL C 71 8.22 -4.60 -1.95
N ALA C 72 8.19 -4.53 -3.28
CA ALA C 72 8.65 -5.63 -4.12
C ALA C 72 10.02 -5.30 -4.75
N ARG C 73 11.00 -6.17 -4.47
CA ARG C 73 12.38 -6.01 -4.98
C ARG C 73 12.65 -6.83 -6.24
N MET C 74 13.17 -6.16 -7.27
CA MET C 74 13.62 -6.82 -8.51
C MET C 74 15.14 -6.94 -8.53
N ASN C 75 15.65 -8.18 -8.51
CA ASN C 75 17.09 -8.44 -8.52
C ASN C 75 17.70 -8.47 -9.94
N PHE C 76 18.42 -7.40 -10.29
CA PHE C 76 18.91 -7.24 -11.65
C PHE C 76 20.24 -7.94 -11.90
N SER C 77 20.67 -8.76 -10.95
CA SER C 77 21.79 -9.68 -11.16
C SER C 77 21.44 -10.82 -12.12
N HIS C 78 20.14 -11.06 -12.36
CA HIS C 78 19.66 -12.02 -13.35
C HIS C 78 18.37 -11.50 -14.00
N GLY C 79 17.97 -12.12 -15.10
CA GLY C 79 16.73 -11.77 -15.78
C GLY C 79 16.89 -10.62 -16.76
N THR C 80 16.21 -10.71 -17.88
CA THR C 80 16.23 -9.64 -18.89
C THR C 80 15.24 -8.53 -18.55
N HIS C 81 15.41 -7.39 -19.22
CA HIS C 81 14.43 -6.30 -19.15
C HIS C 81 12.99 -6.77 -19.40
N GLU C 82 12.82 -7.62 -20.42
CA GLU C 82 11.52 -8.21 -20.75
C GLU C 82 10.92 -8.90 -19.52
N TYR C 83 11.73 -9.77 -18.93
CA TYR C 83 11.36 -10.58 -17.77
CA TYR C 83 11.32 -10.57 -17.79
C TYR C 83 11.00 -9.71 -16.56
N HIS C 84 11.84 -8.70 -16.29
CA HIS C 84 11.63 -7.84 -15.12
C HIS C 84 10.41 -6.94 -15.30
N ALA C 85 10.17 -6.51 -16.53
CA ALA C 85 9.02 -5.66 -16.85
C ALA C 85 7.71 -6.39 -16.59
N GLU C 86 7.67 -7.66 -16.96
CA GLU C 86 6.48 -8.48 -16.77
C GLU C 86 6.17 -8.65 -15.28
N THR C 87 7.22 -8.89 -14.51
CA THR C 87 7.11 -9.02 -13.08
C THR C 87 6.55 -7.74 -12.49
N ILE C 88 7.18 -6.62 -12.83
CA ILE C 88 6.68 -5.30 -12.42
C ILE C 88 5.18 -5.19 -12.73
N LYS C 89 4.78 -5.52 -13.96
CA LYS C 89 3.38 -5.47 -14.38
C LYS C 89 2.49 -6.40 -13.57
N ASN C 90 3.00 -7.59 -13.27
CA ASN C 90 2.32 -8.52 -12.38
C ASN C 90 2.14 -8.00 -10.95
N VAL C 91 3.13 -7.27 -10.44
CA VAL C 91 3.03 -6.69 -9.10
C VAL C 91 1.94 -5.63 -9.05
N ARG C 92 1.85 -4.85 -10.12
CA ARG C 92 0.92 -3.74 -10.23
C ARG C 92 -0.49 -4.24 -10.50
N THR C 93 -0.59 -5.28 -11.33
CA THR C 93 -1.90 -5.88 -11.61
C THR C 93 -2.56 -6.35 -10.32
N ALA C 94 -1.74 -6.95 -9.44
CA ALA C 94 -2.17 -7.50 -8.16
C ALA C 94 -2.44 -6.41 -7.14
N THR C 95 -1.65 -5.35 -7.17
CA THR C 95 -1.80 -4.24 -6.24
C THR C 95 -3.08 -3.50 -6.55
N GLU C 96 -3.35 -3.33 -7.84
CA GLU C 96 -4.54 -2.59 -8.29
C GLU C 96 -5.83 -3.41 -8.18
N SER C 97 -5.70 -4.73 -8.03
CA SER C 97 -6.88 -5.59 -7.78
C SER C 97 -7.64 -5.21 -6.50
N PHE C 98 -7.01 -4.34 -5.69
CA PHE C 98 -7.60 -3.81 -4.45
C PHE C 98 -7.88 -2.31 -4.47
N ALA C 99 -7.68 -1.67 -5.64
CA ALA C 99 -7.76 -0.20 -5.74
C ALA C 99 -9.13 0.40 -5.43
N SER C 100 -10.21 -0.34 -5.70
CA SER C 100 -11.56 0.22 -5.63
C SER C 100 -11.99 0.58 -4.21
N ASP C 101 -11.42 -0.11 -3.23
CA ASP C 101 -11.73 0.16 -1.83
C ASP C 101 -10.62 0.97 -1.18
N PRO C 102 -10.88 2.27 -0.95
CA PRO C 102 -9.85 3.17 -0.44
C PRO C 102 -9.52 2.88 1.01
N ILE C 103 -10.43 2.24 1.73
CA ILE C 103 -10.23 1.94 3.14
C ILE C 103 -9.23 0.80 3.35
N LEU C 104 -9.14 -0.12 2.41
CA LEU C 104 -8.22 -1.26 2.56
C LEU C 104 -7.00 -1.21 1.63
N TYR C 105 -7.09 -0.44 0.54
CA TYR C 105 -5.99 -0.36 -0.44
C TYR C 105 -4.63 -0.17 0.20
N ARG C 106 -3.68 -1.03 -0.18
CA ARG C 106 -2.30 -0.87 0.28
C ARG C 106 -1.48 -0.50 -0.92
N PRO C 107 -0.86 0.68 -0.90
CA PRO C 107 0.13 0.91 -1.93
C PRO C 107 1.23 -0.14 -1.80
N VAL C 108 1.93 -0.42 -2.89
CA VAL C 108 3.06 -1.36 -2.90
C VAL C 108 4.14 -0.75 -3.76
N ALA C 109 5.32 -0.57 -3.18
CA ALA C 109 6.43 0.03 -3.91
C ALA C 109 7.15 -1.00 -4.76
N VAL C 110 7.78 -0.51 -5.84
CA VAL C 110 8.58 -1.32 -6.74
C VAL C 110 10.02 -0.89 -6.51
N ALA C 111 10.89 -1.87 -6.22
CA ALA C 111 12.30 -1.58 -5.98
C ALA C 111 13.22 -2.20 -7.04
N LEU C 112 14.19 -1.41 -7.50
CA LEU C 112 15.16 -1.91 -8.47
C LEU C 112 16.50 -2.14 -7.77
N ASP C 113 16.88 -3.40 -7.70
CA ASP C 113 18.15 -3.78 -7.09
C ASP C 113 19.14 -4.09 -8.21
N THR C 114 20.15 -3.22 -8.36
CA THR C 114 21.14 -3.29 -9.45
C THR C 114 22.15 -4.41 -9.27
N LYS C 115 22.79 -4.81 -10.37
CA LYS C 115 23.84 -5.83 -10.38
C LYS C 115 25.13 -5.26 -9.78
N GLY C 116 25.55 -4.10 -10.29
CA GLY C 116 26.76 -3.47 -9.81
C GLY C 116 28.00 -4.24 -10.22
N PRO C 117 29.14 -3.92 -9.59
CA PRO C 117 30.42 -4.48 -10.00
C PRO C 117 30.65 -5.91 -9.53
N GLU C 118 29.75 -6.82 -9.90
CA GLU C 118 29.89 -8.24 -9.58
C GLU C 118 30.98 -8.99 -10.36
N ILE C 119 31.59 -9.96 -9.71
CA ILE C 119 32.38 -10.97 -10.39
C ILE C 119 31.59 -12.28 -10.32
N ARG C 120 31.22 -12.82 -11.48
CA ARG C 120 30.58 -14.15 -11.56
C ARG C 120 31.45 -15.13 -12.37
N THR C 121 31.26 -16.43 -12.13
CA THR C 121 31.95 -17.47 -12.91
C THR C 121 31.20 -17.72 -14.23
N GLY C 122 31.59 -18.78 -14.95
CA GLY C 122 30.91 -19.12 -16.21
C GLY C 122 30.08 -20.39 -16.15
N LEU C 123 29.86 -20.99 -17.32
CA LEU C 123 29.13 -22.24 -17.48
C LEU C 123 30.06 -23.46 -17.35
N ILE C 124 29.47 -24.65 -17.23
CA ILE C 124 30.23 -25.89 -17.07
C ILE C 124 30.38 -26.66 -18.39
N ALA C 130 24.85 -28.04 -15.44
CA ALA C 130 25.59 -29.12 -14.80
C ALA C 130 26.34 -28.62 -13.56
N GLU C 131 27.15 -29.50 -12.95
CA GLU C 131 27.97 -29.16 -11.78
C GLU C 131 29.32 -29.91 -11.80
N VAL C 132 30.30 -29.34 -11.11
CA VAL C 132 31.62 -29.95 -10.95
C VAL C 132 32.07 -29.88 -9.49
N GLU C 133 32.90 -30.85 -9.08
CA GLU C 133 33.39 -30.88 -7.69
C GLU C 133 34.85 -30.40 -7.54
N LEU C 134 35.07 -29.50 -6.60
CA LEU C 134 36.40 -29.00 -6.27
C LEU C 134 36.83 -29.51 -4.89
N LYS C 135 37.80 -30.41 -4.89
CA LYS C 135 38.25 -31.07 -3.66
C LYS C 135 39.30 -30.26 -2.88
N LYS C 136 39.19 -30.32 -1.55
CA LYS C 136 40.17 -29.80 -0.61
C LYS C 136 41.60 -30.20 -1.02
N GLY C 137 42.45 -29.22 -1.25
CA GLY C 137 43.85 -29.46 -1.62
C GLY C 137 44.13 -29.46 -3.13
N ALA C 138 43.14 -29.87 -3.92
CA ALA C 138 43.30 -30.04 -5.36
C ALA C 138 43.42 -28.69 -6.09
N THR C 139 44.52 -28.52 -6.82
CA THR C 139 44.78 -27.30 -7.56
C THR C 139 43.67 -26.94 -8.57
N LEU C 140 43.42 -25.65 -8.73
CA LEU C 140 42.46 -25.12 -9.70
C LEU C 140 43.06 -23.91 -10.40
N LYS C 141 42.71 -23.72 -11.67
CA LYS C 141 43.30 -22.66 -12.49
C LYS C 141 42.28 -21.59 -12.91
N ILE C 142 42.39 -20.39 -12.32
CA ILE C 142 41.61 -19.24 -12.74
C ILE C 142 42.19 -18.65 -14.04
N THR C 143 41.32 -18.53 -15.04
CA THR C 143 41.70 -17.98 -16.33
C THR C 143 40.70 -16.91 -16.78
N LEU C 144 41.15 -16.05 -17.69
CA LEU C 144 40.35 -14.93 -18.21
C LEU C 144 40.23 -15.05 -19.72
N ASP C 145 40.94 -16.01 -20.29
CA ASP C 145 40.85 -16.38 -21.68
C ASP C 145 39.39 -16.69 -22.02
N ASN C 146 38.74 -15.76 -22.73
CA ASN C 146 37.30 -15.85 -22.98
C ASN C 146 36.82 -17.05 -23.82
N ALA C 147 37.75 -17.92 -24.20
CA ALA C 147 37.39 -19.16 -24.91
C ALA C 147 36.79 -20.21 -23.97
N TYR C 148 37.10 -20.07 -22.67
CA TYR C 148 36.69 -21.05 -21.66
C TYR C 148 35.44 -20.62 -20.87
N MET C 149 34.80 -19.54 -21.33
CA MET C 149 33.57 -18.99 -20.72
C MET C 149 32.56 -20.07 -20.38
N GLU C 150 32.53 -21.10 -21.23
CA GLU C 150 31.59 -22.19 -21.13
C GLU C 150 32.29 -23.54 -21.03
N LYS C 151 33.58 -23.50 -20.69
CA LYS C 151 34.39 -24.72 -20.57
C LYS C 151 35.06 -24.83 -19.19
N CYS C 152 34.30 -24.51 -18.14
CA CYS C 152 34.77 -24.61 -16.77
C CYS C 152 34.62 -26.03 -16.21
N ASP C 153 35.62 -26.48 -15.45
CA ASP C 153 35.55 -27.73 -14.70
C ASP C 153 36.45 -27.68 -13.45
N GLU C 154 36.81 -28.85 -12.92
CA GLU C 154 37.57 -28.93 -11.67
C GLU C 154 39.05 -28.54 -11.83
N ASN C 155 39.48 -28.42 -13.08
CA ASN C 155 40.82 -27.95 -13.40
C ASN C 155 40.84 -26.49 -13.82
N ILE C 156 39.87 -26.10 -14.66
CA ILE C 156 39.84 -24.78 -15.28
C ILE C 156 38.62 -23.97 -14.84
N LEU C 157 38.85 -22.79 -14.27
CA LEU C 157 37.76 -21.90 -13.84
C LEU C 157 37.82 -20.48 -14.40
N TRP C 158 36.79 -20.09 -15.15
CA TRP C 158 36.74 -18.75 -15.76
C TRP C 158 35.75 -17.82 -15.07
N LEU C 159 36.20 -16.60 -14.78
CA LEU C 159 35.35 -15.53 -14.27
C LEU C 159 35.47 -14.26 -15.12
N ASP C 160 34.48 -13.38 -15.04
CA ASP C 160 34.34 -12.26 -16.00
C ASP C 160 35.03 -10.95 -15.61
N TYR C 161 35.95 -11.03 -14.64
CA TYR C 161 36.68 -9.86 -14.17
C TYR C 161 38.10 -9.85 -14.75
N LYS C 162 38.27 -9.05 -15.81
CA LYS C 162 39.48 -9.07 -16.67
C LYS C 162 40.77 -8.66 -15.98
N ASN C 163 40.69 -7.65 -15.11
CA ASN C 163 41.86 -7.15 -14.40
C ASN C 163 42.11 -7.82 -13.04
N ILE C 164 41.60 -9.03 -12.84
CA ILE C 164 41.76 -9.71 -11.56
C ILE C 164 43.22 -9.76 -11.10
N CYS C 165 44.14 -9.89 -12.06
CA CYS C 165 45.55 -10.09 -11.77
C CYS C 165 46.25 -8.86 -11.21
N LYS C 166 45.83 -7.68 -11.63
CA LYS C 166 46.50 -6.45 -11.22
C LYS C 166 46.13 -6.05 -9.78
N VAL C 167 45.20 -6.78 -9.17
CA VAL C 167 44.58 -6.36 -7.90
C VAL C 167 44.80 -7.33 -6.73
N VAL C 168 45.24 -8.55 -7.04
CA VAL C 168 45.50 -9.56 -6.01
C VAL C 168 46.99 -9.86 -5.84
N ASP C 169 47.36 -10.33 -4.65
CA ASP C 169 48.75 -10.59 -4.30
C ASP C 169 49.07 -12.09 -4.31
N VAL C 170 50.32 -12.42 -4.01
CA VAL C 170 50.73 -13.79 -3.70
C VAL C 170 50.29 -14.08 -2.26
N GLY C 171 49.28 -14.95 -2.13
CA GLY C 171 48.74 -15.33 -0.82
C GLY C 171 47.34 -14.81 -0.57
N SER C 172 46.76 -14.20 -1.61
CA SER C 172 45.40 -13.70 -1.57
C SER C 172 44.39 -14.86 -1.57
N LYS C 173 43.18 -14.58 -1.09
CA LYS C 173 42.10 -15.55 -1.09
C LYS C 173 40.99 -15.20 -2.10
N VAL C 174 40.43 -16.22 -2.73
CA VAL C 174 39.30 -16.06 -3.63
C VAL C 174 38.14 -16.92 -3.11
N TYR C 175 37.00 -16.29 -2.86
CA TYR C 175 35.81 -17.01 -2.41
C TYR C 175 34.83 -17.19 -3.55
N VAL C 176 34.34 -18.42 -3.73
CA VAL C 176 33.37 -18.72 -4.78
C VAL C 176 32.06 -19.28 -4.21
N ASP C 177 30.95 -18.87 -4.84
CA ASP C 177 29.60 -19.34 -4.52
C ASP C 177 29.16 -18.95 -3.11
N ASP C 178 28.69 -17.71 -3.00
CA ASP C 178 28.24 -17.12 -1.73
C ASP C 178 29.19 -17.39 -0.56
N GLY C 179 30.48 -17.52 -0.91
CA GLY C 179 31.56 -17.71 0.07
C GLY C 179 31.78 -19.13 0.58
N LEU C 180 30.99 -20.08 0.06
CA LEU C 180 31.11 -21.47 0.49
C LEU C 180 32.45 -22.11 0.14
N ILE C 181 32.93 -21.84 -1.08
CA ILE C 181 34.21 -22.35 -1.58
C ILE C 181 35.29 -21.26 -1.44
N SER C 182 36.50 -21.65 -1.05
CA SER C 182 37.61 -20.69 -0.92
C SER C 182 38.92 -21.20 -1.53
N LEU C 183 39.71 -20.26 -2.05
CA LEU C 183 40.96 -20.56 -2.78
C LEU C 183 42.09 -19.59 -2.39
N GLN C 184 43.33 -20.09 -2.36
CA GLN C 184 44.50 -19.25 -2.14
C GLN C 184 45.38 -19.16 -3.39
N VAL C 185 45.68 -17.93 -3.82
CA VAL C 185 46.44 -17.66 -5.04
C VAL C 185 47.91 -18.00 -4.83
N LYS C 186 48.40 -18.93 -5.63
CA LYS C 186 49.75 -19.45 -5.45
C LYS C 186 50.78 -18.84 -6.39
N GLN C 187 50.41 -18.64 -7.65
CA GLN C 187 51.32 -17.99 -8.61
C GLN C 187 50.55 -17.17 -9.66
N LYS C 188 51.28 -16.37 -10.43
CA LYS C 188 50.71 -15.43 -11.40
C LYS C 188 50.65 -16.01 -12.80
N ASP C 191 48.05 -12.92 -17.18
CA ASP C 191 46.60 -12.98 -17.37
C ASP C 191 46.00 -14.32 -16.92
N PHE C 192 46.53 -14.85 -15.81
CA PHE C 192 45.99 -16.06 -15.18
C PHE C 192 46.39 -16.15 -13.69
N LEU C 193 45.65 -16.95 -12.94
CA LEU C 193 45.98 -17.25 -11.55
C LEU C 193 45.93 -18.76 -11.32
N VAL C 194 46.94 -19.31 -10.66
CA VAL C 194 46.91 -20.70 -10.24
C VAL C 194 46.69 -20.78 -8.73
N THR C 195 45.57 -21.38 -8.33
CA THR C 195 45.17 -21.46 -6.92
C THR C 195 45.12 -22.90 -6.40
N GLU C 196 45.05 -23.01 -5.07
CA GLU C 196 44.87 -24.26 -4.37
C GLU C 196 43.56 -24.16 -3.60
N VAL C 197 42.77 -25.24 -3.59
CA VAL C 197 41.50 -25.25 -2.86
C VAL C 197 41.74 -25.32 -1.35
N GLU C 198 41.19 -24.35 -0.63
CA GLU C 198 41.28 -24.30 0.83
C GLU C 198 40.03 -24.88 1.44
N ASN C 199 38.88 -24.36 1.02
CA ASN C 199 37.57 -24.87 1.39
C ASN C 199 36.84 -25.35 0.13
N GLY C 200 36.48 -26.64 0.12
CA GLY C 200 35.89 -27.27 -1.05
C GLY C 200 34.38 -27.15 -1.16
N GLY C 201 33.82 -27.83 -2.15
CA GLY C 201 32.37 -27.84 -2.39
C GLY C 201 32.04 -28.21 -3.82
N PHE C 202 30.76 -28.14 -4.17
CA PHE C 202 30.31 -28.35 -5.54
C PHE C 202 30.15 -27.02 -6.27
N LEU C 203 30.70 -26.93 -7.47
CA LEU C 203 30.76 -25.70 -8.23
C LEU C 203 29.69 -25.63 -9.31
N GLY C 204 28.79 -24.66 -9.17
CA GLY C 204 27.74 -24.42 -10.16
C GLY C 204 28.10 -23.36 -11.19
N SER C 205 27.17 -23.12 -12.10
CA SER C 205 27.30 -22.12 -13.17
C SER C 205 26.99 -20.71 -12.66
N LYS C 206 27.71 -19.73 -13.19
CA LYS C 206 27.51 -18.29 -12.87
C LYS C 206 27.33 -18.03 -11.36
N LYS C 207 28.31 -18.50 -10.59
CA LYS C 207 28.36 -18.28 -9.16
C LYS C 207 29.24 -17.06 -8.85
N GLY C 208 28.88 -16.31 -7.81
CA GLY C 208 29.58 -15.09 -7.45
C GLY C 208 30.95 -15.32 -6.84
N VAL C 209 31.85 -14.35 -7.04
CA VAL C 209 33.22 -14.43 -6.57
C VAL C 209 33.50 -13.18 -5.72
N ASN C 210 34.13 -13.37 -4.55
CA ASN C 210 34.58 -12.24 -3.75
C ASN C 210 36.09 -12.20 -3.55
N LEU C 211 36.63 -10.99 -3.47
CA LEU C 211 38.04 -10.78 -3.28
C LEU C 211 38.30 -9.85 -2.09
N PRO C 212 38.03 -10.33 -0.84
CA PRO C 212 38.28 -9.45 0.31
C PRO C 212 39.74 -8.95 0.35
N GLY C 213 39.94 -7.76 0.90
CA GLY C 213 41.28 -7.18 0.97
C GLY C 213 41.80 -6.66 -0.35
N ALA C 214 41.27 -7.18 -1.46
CA ALA C 214 41.64 -6.65 -2.77
C ALA C 214 40.75 -5.45 -3.07
N ALA C 215 41.33 -4.45 -3.72
CA ALA C 215 40.60 -3.23 -4.03
C ALA C 215 40.13 -3.29 -5.49
N VAL C 216 38.94 -3.86 -5.67
CA VAL C 216 38.36 -4.13 -6.97
C VAL C 216 38.13 -2.83 -7.74
N ASP C 217 38.45 -2.83 -9.04
CA ASP C 217 38.41 -1.61 -9.83
C ASP C 217 37.38 -1.61 -10.98
N LEU C 218 36.34 -2.44 -10.84
CA LEU C 218 35.21 -2.40 -11.76
C LEU C 218 34.43 -1.09 -11.55
N PRO C 219 33.69 -0.63 -12.57
CA PRO C 219 32.93 0.60 -12.37
C PRO C 219 31.82 0.44 -11.33
N ALA C 220 31.60 1.48 -10.52
CA ALA C 220 30.45 1.50 -9.63
C ALA C 220 29.21 1.33 -10.49
N VAL C 221 29.25 1.97 -11.66
CA VAL C 221 28.17 1.87 -12.61
C VAL C 221 28.70 1.45 -13.98
N SER C 222 28.39 0.22 -14.37
CA SER C 222 28.71 -0.34 -15.69
C SER C 222 27.65 0.01 -16.74
N GLU C 223 27.93 -0.31 -18.00
CA GLU C 223 26.96 -0.08 -19.09
C GLU C 223 25.64 -0.75 -18.79
N LYS C 224 25.70 -2.01 -18.38
CA LYS C 224 24.52 -2.77 -18.00
C LYS C 224 23.76 -1.99 -16.93
N ASP C 225 24.45 -1.62 -15.86
CA ASP C 225 23.83 -0.82 -14.81
C ASP C 225 23.15 0.43 -15.36
N ILE C 226 23.85 1.18 -16.21
CA ILE C 226 23.30 2.39 -16.81
C ILE C 226 22.02 2.09 -17.58
N GLN C 227 21.97 0.96 -18.28
CA GLN C 227 20.78 0.58 -19.04
C GLN C 227 19.67 0.10 -18.11
N ASP C 228 20.07 -0.58 -17.02
CA ASP C 228 19.14 -1.03 -15.98
C ASP C 228 18.53 0.16 -15.22
N LEU C 229 19.36 1.15 -14.89
CA LEU C 229 18.88 2.36 -14.20
C LEU C 229 17.91 3.17 -15.06
N LYS C 230 18.32 3.48 -16.29
CA LYS C 230 17.44 4.14 -17.27
C LYS C 230 16.10 3.41 -17.40
N PHE C 231 16.17 2.10 -17.58
CA PHE C 231 14.99 1.23 -17.61
C PHE C 231 14.10 1.45 -16.35
N GLY C 232 14.71 1.53 -15.17
CA GLY C 232 13.95 1.81 -13.94
C GLY C 232 13.14 3.09 -14.00
N VAL C 233 13.76 4.12 -14.58
CA VAL C 233 13.10 5.39 -14.88
C VAL C 233 11.84 5.19 -15.74
N GLU C 234 12.03 4.58 -16.92
N GLU C 234 12.00 4.57 -16.91
CA GLU C 234 10.93 4.24 -17.84
CA GLU C 234 10.86 4.33 -17.81
C GLU C 234 9.82 3.45 -17.14
C GLU C 234 9.81 3.39 -17.20
N GLN C 235 10.23 2.55 -16.25
CA GLN C 235 9.31 1.68 -15.51
C GLN C 235 8.71 2.35 -14.24
N ASP C 236 9.11 3.60 -14.01
CA ASP C 236 8.63 4.40 -12.89
C ASP C 236 8.80 3.70 -11.55
N VAL C 237 9.98 3.13 -11.32
CA VAL C 237 10.27 2.49 -10.03
C VAL C 237 10.30 3.57 -8.96
N ASP C 238 10.09 3.16 -7.70
CA ASP C 238 10.00 4.11 -6.59
C ASP C 238 11.34 4.29 -5.88
N MET C 239 12.25 3.32 -6.07
CA MET C 239 13.53 3.31 -5.37
C MET C 239 14.54 2.35 -6.01
N VAL C 240 15.80 2.70 -5.91
CA VAL C 240 16.90 1.85 -6.42
C VAL C 240 17.71 1.32 -5.24
N PHE C 241 17.93 0.00 -5.22
CA PHE C 241 18.88 -0.59 -4.30
C PHE C 241 20.23 -0.73 -5.04
N ALA C 242 21.16 0.17 -4.73
CA ALA C 242 22.46 0.26 -5.41
C ALA C 242 23.54 -0.63 -4.80
N SER C 243 23.91 -1.67 -5.54
CA SER C 243 24.86 -2.67 -5.08
C SER C 243 26.30 -2.16 -4.97
N PHE C 244 26.98 -2.57 -3.90
CA PHE C 244 28.43 -2.37 -3.71
C PHE C 244 28.87 -0.92 -3.72
N ILE C 245 28.06 -0.05 -3.14
CA ILE C 245 28.44 1.35 -2.98
C ILE C 245 29.63 1.45 -2.01
N ARG C 246 30.66 2.19 -2.41
CA ARG C 246 31.92 2.28 -1.66
C ARG C 246 32.21 3.68 -1.14
N LYS C 247 31.51 4.66 -1.70
CA LYS C 247 31.82 6.07 -1.51
C LYS C 247 30.68 6.94 -2.01
N ALA C 248 30.64 8.20 -1.56
CA ALA C 248 29.69 9.20 -2.06
C ALA C 248 29.65 9.35 -3.58
N ALA C 249 30.80 9.22 -4.24
CA ALA C 249 30.91 9.40 -5.70
C ALA C 249 30.16 8.32 -6.50
N ASP C 250 30.13 7.11 -5.94
CA ASP C 250 29.29 6.02 -6.46
C ASP C 250 27.81 6.44 -6.43
N VAL C 251 27.35 6.91 -5.27
CA VAL C 251 25.96 7.37 -5.09
C VAL C 251 25.65 8.43 -6.13
N HIS C 252 26.54 9.40 -6.30
CA HIS C 252 26.31 10.50 -7.24
C HIS C 252 26.29 10.11 -8.70
N GLU C 253 27.01 9.04 -9.03
CA GLU C 253 26.96 8.49 -10.37
C GLU C 253 25.57 7.95 -10.63
N VAL C 254 25.07 7.12 -9.71
CA VAL C 254 23.72 6.56 -9.81
C VAL C 254 22.68 7.67 -9.90
N ARG C 255 22.87 8.72 -9.11
CA ARG C 255 22.00 9.91 -9.14
C ARG C 255 21.99 10.59 -10.52
N LYS C 256 23.16 10.64 -11.15
CA LYS C 256 23.29 11.28 -12.46
C LYS C 256 22.51 10.55 -13.56
N ILE C 257 22.57 9.21 -13.56
CA ILE C 257 21.86 8.41 -14.57
C ILE C 257 20.34 8.52 -14.43
N LEU C 258 19.87 8.42 -13.19
CA LEU C 258 18.45 8.61 -12.94
C LEU C 258 18.01 9.98 -13.46
N GLY C 259 18.88 10.98 -13.30
CA GLY C 259 18.73 12.28 -13.95
C GLY C 259 17.55 13.13 -13.52
N GLU C 260 17.13 14.03 -14.40
CA GLU C 260 16.02 14.92 -14.09
C GLU C 260 14.69 14.17 -13.98
N LYS C 261 14.36 13.38 -15.01
CA LYS C 261 13.09 12.66 -15.05
C LYS C 261 12.90 11.70 -13.85
N GLY C 262 14.01 11.29 -13.24
CA GLY C 262 13.98 10.36 -12.11
C GLY C 262 14.50 10.92 -10.80
N LYS C 263 14.48 12.24 -10.66
CA LYS C 263 14.99 12.95 -9.48
C LYS C 263 14.33 12.52 -8.16
N ASN C 264 13.08 12.06 -8.25
CA ASN C 264 12.27 11.70 -7.08
C ASN C 264 12.36 10.23 -6.63
N ILE C 265 13.08 9.41 -7.38
CA ILE C 265 13.33 8.04 -6.99
C ILE C 265 14.40 8.06 -5.89
N LYS C 266 14.18 7.31 -4.82
CA LYS C 266 15.12 7.30 -3.69
C LYS C 266 16.27 6.35 -3.97
N ILE C 267 17.50 6.77 -3.66
CA ILE C 267 18.64 5.89 -3.79
C ILE C 267 19.00 5.27 -2.44
N ILE C 268 18.73 3.98 -2.32
CA ILE C 268 19.12 3.24 -1.13
C ILE C 268 20.46 2.58 -1.45
N SER C 269 21.48 2.93 -0.69
CA SER C 269 22.82 2.41 -0.96
C SER C 269 23.00 1.11 -0.23
N LYS C 270 23.55 0.12 -0.94
CA LYS C 270 23.90 -1.16 -0.33
C LYS C 270 25.33 -1.18 0.24
N ILE C 271 25.43 -1.32 1.56
CA ILE C 271 26.70 -1.45 2.23
C ILE C 271 27.02 -2.94 2.33
N GLU C 272 27.99 -3.39 1.54
CA GLU C 272 28.32 -4.82 1.47
C GLU C 272 29.81 -5.05 1.16
N ASN C 273 30.66 -4.16 1.64
CA ASN C 273 32.11 -4.39 1.68
C ASN C 273 32.81 -3.46 2.67
N HIS C 274 34.10 -3.71 2.92
N HIS C 274 34.10 -3.71 2.93
CA HIS C 274 34.84 -2.97 3.95
CA HIS C 274 34.88 -2.98 3.93
C HIS C 274 34.82 -1.45 3.69
C HIS C 274 34.86 -1.47 3.70
N GLU C 275 35.04 -1.05 2.44
CA GLU C 275 35.12 0.37 2.08
C GLU C 275 33.80 1.09 2.30
N GLY C 276 32.71 0.38 2.01
CA GLY C 276 31.37 0.89 2.25
C GLY C 276 31.28 1.30 3.70
N VAL C 277 31.69 0.39 4.59
CA VAL C 277 31.67 0.64 6.03
C VAL C 277 32.58 1.79 6.43
N ARG C 278 33.82 1.78 5.94
CA ARG C 278 34.79 2.85 6.26
C ARG C 278 34.20 4.21 5.92
N ARG C 279 33.74 4.35 4.68
CA ARG C 279 33.26 5.63 4.18
C ARG C 279 31.76 5.81 4.46
N PHE C 280 31.26 5.17 5.52
CA PHE C 280 29.81 5.16 5.75
C PHE C 280 29.10 6.52 5.91
N ASP C 281 29.70 7.44 6.67
CA ASP C 281 29.06 8.74 6.87
C ASP C 281 28.74 9.46 5.57
N GLU C 282 29.64 9.36 4.59
CA GLU C 282 29.47 10.12 3.35
C GLU C 282 28.40 9.48 2.47
N ILE C 283 28.42 8.16 2.39
CA ILE C 283 27.39 7.45 1.63
C ILE C 283 26.01 7.79 2.18
N LEU C 284 25.89 7.75 3.51
CA LEU C 284 24.63 8.12 4.17
C LEU C 284 24.17 9.51 3.75
N GLU C 285 25.07 10.49 3.84
CA GLU C 285 24.75 11.87 3.50
C GLU C 285 24.25 11.98 2.06
N ALA C 286 24.90 11.25 1.17
CA ALA C 286 24.64 11.33 -0.26
C ALA C 286 23.41 10.54 -0.67
N SER C 287 23.08 9.52 0.12
CA SER C 287 22.00 8.62 -0.26
C SER C 287 20.68 9.00 0.39
N ASP C 288 19.62 8.27 0.04
CA ASP C 288 18.29 8.50 0.58
C ASP C 288 17.98 7.53 1.71
N GLY C 289 18.54 6.33 1.61
CA GLY C 289 18.51 5.37 2.69
C GLY C 289 19.62 4.36 2.45
N ILE C 290 19.72 3.40 3.35
CA ILE C 290 20.80 2.42 3.36
C ILE C 290 20.24 1.01 3.49
N MET C 291 20.93 0.04 2.88
CA MET C 291 20.67 -1.36 3.12
C MET C 291 21.94 -2.04 3.65
N VAL C 292 21.81 -2.65 4.84
CA VAL C 292 22.83 -3.54 5.36
C VAL C 292 22.71 -4.81 4.53
N ALA C 293 23.59 -4.96 3.55
CA ALA C 293 23.49 -6.10 2.66
C ALA C 293 24.45 -7.18 3.15
N ARG C 294 24.03 -7.88 4.20
CA ARG C 294 24.87 -8.79 4.97
C ARG C 294 25.45 -9.98 4.21
N GLY C 295 24.89 -10.30 3.05
CA GLY C 295 25.33 -11.44 2.27
C GLY C 295 26.80 -11.33 1.90
N ASP C 296 27.07 -10.44 0.94
CA ASP C 296 28.42 -10.11 0.54
C ASP C 296 29.22 -9.46 1.66
N LEU C 297 28.56 -8.69 2.52
CA LEU C 297 29.25 -8.06 3.65
C LEU C 297 29.97 -9.10 4.50
N GLY C 298 29.26 -10.16 4.87
CA GLY C 298 29.83 -11.29 5.61
C GLY C 298 30.89 -12.07 4.87
N ILE C 299 31.08 -11.77 3.58
CA ILE C 299 32.12 -12.41 2.79
C ILE C 299 33.30 -11.45 2.62
N GLU C 300 33.00 -10.15 2.47
CA GLU C 300 34.03 -9.12 2.29
C GLU C 300 34.82 -8.80 3.57
N ILE C 301 34.17 -8.95 4.72
CA ILE C 301 34.78 -8.81 6.04
C ILE C 301 34.49 -10.09 6.82
N PRO C 302 35.22 -10.38 7.92
CA PRO C 302 34.87 -11.58 8.71
C PRO C 302 33.39 -11.64 9.12
N ALA C 303 32.76 -12.79 8.95
CA ALA C 303 31.34 -12.95 9.30
C ALA C 303 31.01 -12.62 10.78
N GLU C 304 31.96 -12.92 11.67
CA GLU C 304 31.79 -12.59 13.08
C GLU C 304 31.74 -11.07 13.35
N LYS C 305 32.04 -10.25 12.33
CA LYS C 305 32.04 -8.80 12.50
C LYS C 305 30.79 -8.11 11.96
N VAL C 306 29.92 -8.88 11.31
CA VAL C 306 28.82 -8.29 10.56
C VAL C 306 27.84 -7.56 11.48
N PHE C 307 27.61 -8.14 12.65
CA PHE C 307 26.63 -7.59 13.58
C PHE C 307 27.04 -6.20 14.05
N LEU C 308 28.35 -5.99 14.10
CA LEU C 308 28.92 -4.71 14.47
C LEU C 308 28.48 -3.67 13.45
N ALA C 309 28.61 -3.99 12.17
CA ALA C 309 28.21 -3.12 11.07
C ALA C 309 26.69 -2.91 11.02
N GLN C 310 25.93 -3.99 11.14
CA GLN C 310 24.48 -3.89 11.22
C GLN C 310 24.11 -2.81 12.22
N LYS C 311 24.64 -2.96 13.43
CA LYS C 311 24.20 -2.13 14.56
C LYS C 311 24.71 -0.70 14.44
N MET C 312 25.93 -0.55 13.94
CA MET C 312 26.52 0.78 13.74
C MET C 312 25.70 1.51 12.68
N ILE C 313 25.41 0.83 11.57
CA ILE C 313 24.66 1.42 10.45
C ILE C 313 23.24 1.81 10.87
N ILE C 314 22.48 0.86 11.42
CA ILE C 314 21.12 1.15 11.85
C ILE C 314 21.12 2.33 12.83
N GLY C 315 22.00 2.28 13.83
CA GLY C 315 22.12 3.39 14.77
C GLY C 315 22.27 4.75 14.10
N ARG C 316 23.26 4.85 13.20
CA ARG C 316 23.60 6.09 12.52
C ARG C 316 22.51 6.56 11.55
N CYS C 317 21.78 5.62 10.96
CA CYS C 317 20.61 5.94 10.13
C CYS C 317 19.41 6.47 10.95
N ASN C 318 19.21 5.88 12.13
CA ASN C 318 18.16 6.32 13.04
C ASN C 318 18.46 7.77 13.40
N ARG C 319 19.72 8.01 13.75
CA ARG C 319 20.22 9.33 14.11
C ARG C 319 20.01 10.38 13.01
N ALA C 320 20.07 9.99 11.75
CA ALA C 320 19.91 10.95 10.66
C ALA C 320 18.50 10.96 10.12
N GLY C 321 17.68 10.04 10.61
CA GLY C 321 16.27 9.92 10.19
C GLY C 321 16.11 9.46 8.75
N LYS C 322 16.96 8.53 8.34
CA LYS C 322 16.95 7.99 6.98
C LYS C 322 16.73 6.48 7.01
N PRO C 323 15.83 5.98 6.17
CA PRO C 323 15.45 4.57 6.20
C PRO C 323 16.66 3.67 6.11
N VAL C 324 16.68 2.62 6.92
CA VAL C 324 17.71 1.60 6.88
C VAL C 324 17.05 0.22 6.87
N ILE C 325 17.54 -0.66 5.99
CA ILE C 325 16.98 -1.98 5.73
C ILE C 325 17.95 -3.06 6.14
N CYS C 326 17.52 -3.94 7.05
CA CYS C 326 18.29 -5.13 7.35
C CYS C 326 17.88 -6.24 6.38
N ALA C 327 18.86 -6.79 5.64
CA ALA C 327 18.57 -7.82 4.64
C ALA C 327 19.41 -9.09 4.71
N THR C 328 18.89 -10.13 4.07
CA THR C 328 19.63 -11.32 3.64
C THR C 328 19.79 -12.40 4.70
N GLN C 329 19.37 -13.60 4.33
CA GLN C 329 19.49 -14.79 5.16
CA GLN C 329 19.46 -14.80 5.16
C GLN C 329 18.76 -14.70 6.51
N MET C 330 17.82 -13.76 6.62
CA MET C 330 17.06 -13.56 7.85
C MET C 330 16.17 -14.74 8.25
N LEU C 331 15.62 -15.43 7.24
CA LEU C 331 14.81 -16.62 7.47
C LEU C 331 15.21 -17.72 6.49
N GLU C 332 16.50 -17.84 6.26
CA GLU C 332 17.03 -18.71 5.20
C GLU C 332 16.38 -20.11 5.16
N SER C 333 16.47 -20.87 6.25
CA SER C 333 15.94 -22.25 6.25
C SER C 333 14.53 -22.37 5.66
N MET C 334 13.77 -21.26 5.69
CA MET C 334 12.40 -21.25 5.20
C MET C 334 12.26 -21.38 3.67
N ILE C 335 13.39 -21.51 2.98
CA ILE C 335 13.39 -21.84 1.56
C ILE C 335 12.90 -23.29 1.40
N LYS C 336 13.18 -24.13 2.40
CA LYS C 336 12.87 -25.56 2.35
C LYS C 336 11.83 -26.02 3.39
N LYS C 337 11.83 -25.36 4.55
CA LYS C 337 10.97 -25.77 5.65
C LYS C 337 9.84 -24.75 5.93
N PRO C 338 8.69 -25.21 6.46
CA PRO C 338 7.60 -24.27 6.77
C PRO C 338 7.81 -23.41 8.02
N ARG C 339 8.74 -23.79 8.89
CA ARG C 339 8.97 -23.03 10.13
C ARG C 339 10.44 -22.67 10.19
N PRO C 340 10.77 -21.43 10.63
CA PRO C 340 12.17 -20.99 10.71
C PRO C 340 12.88 -21.60 11.91
N THR C 341 14.17 -21.26 12.04
CA THR C 341 14.98 -21.75 13.14
C THR C 341 14.93 -20.72 14.25
N ARG C 342 15.42 -21.11 15.43
CA ARG C 342 15.51 -20.23 16.57
C ARG C 342 16.42 -19.03 16.32
N ALA C 343 17.57 -19.26 15.66
CA ALA C 343 18.47 -18.16 15.25
C ALA C 343 17.80 -17.14 14.32
N GLU C 344 17.05 -17.64 13.34
CA GLU C 344 16.29 -16.80 12.40
C GLU C 344 15.22 -15.96 13.10
N GLY C 345 14.56 -16.53 14.10
CA GLY C 345 13.55 -15.81 14.87
C GLY C 345 14.19 -14.63 15.56
N SER C 346 15.19 -14.95 16.38
CA SER C 346 16.00 -13.99 17.09
C SER C 346 16.61 -12.89 16.20
N ASP C 347 17.03 -13.27 15.01
CA ASP C 347 17.65 -12.34 14.05
C ASP C 347 16.69 -11.25 13.56
N VAL C 348 15.45 -11.63 13.30
CA VAL C 348 14.42 -10.69 12.89
C VAL C 348 14.09 -9.73 14.02
N ALA C 349 13.82 -10.29 15.22
CA ALA C 349 13.50 -9.51 16.42
C ALA C 349 14.59 -8.49 16.75
N ASN C 350 15.84 -8.93 16.71
CA ASN C 350 16.96 -8.07 17.05
C ASN C 350 17.18 -6.97 16.00
N ALA C 351 17.05 -7.33 14.74
CA ALA C 351 17.02 -6.34 13.65
C ALA C 351 15.97 -5.26 13.91
N VAL C 352 14.79 -5.67 14.39
CA VAL C 352 13.73 -4.71 14.76
C VAL C 352 14.09 -3.95 16.06
N LEU C 353 14.67 -4.65 17.04
CA LEU C 353 15.15 -3.98 18.26
C LEU C 353 16.32 -3.03 17.96
N ASP C 354 17.16 -3.40 16.98
CA ASP C 354 18.27 -2.54 16.56
C ASP C 354 17.77 -1.23 15.97
N GLY C 355 16.59 -1.28 15.33
CA GLY C 355 15.92 -0.09 14.80
C GLY C 355 15.84 -0.02 13.28
N ALA C 356 15.92 -1.17 12.63
CA ALA C 356 15.75 -1.18 11.18
C ALA C 356 14.34 -0.74 10.83
N ASP C 357 14.24 0.17 9.87
CA ASP C 357 12.94 0.56 9.34
C ASP C 357 12.28 -0.59 8.58
N CYS C 358 13.08 -1.25 7.74
CA CYS C 358 12.59 -2.36 6.94
C CYS C 358 13.44 -3.61 7.15
N ILE C 359 12.77 -4.75 7.03
CA ILE C 359 13.42 -6.04 6.94
C ILE C 359 13.06 -6.70 5.62
N MET C 360 13.93 -7.59 5.15
CA MET C 360 13.86 -8.07 3.77
C MET C 360 13.87 -9.59 3.65
N LEU C 361 13.22 -10.08 2.59
CA LEU C 361 13.30 -11.48 2.19
C LEU C 361 13.88 -11.60 0.77
N SER C 362 14.79 -12.56 0.58
CA SER C 362 15.39 -12.76 -0.72
C SER C 362 15.00 -14.09 -1.34
N GLY C 363 15.84 -15.11 -1.16
CA GLY C 363 15.55 -16.47 -1.62
C GLY C 363 14.22 -16.97 -1.08
N GLU C 364 13.98 -16.66 0.20
CA GLU C 364 12.76 -17.09 0.89
C GLU C 364 11.49 -16.80 0.12
N THR C 365 11.48 -15.73 -0.67
CA THR C 365 10.28 -15.40 -1.46
C THR C 365 10.49 -15.48 -2.96
N ALA C 366 11.73 -15.29 -3.40
CA ALA C 366 12.04 -15.32 -4.84
C ALA C 366 11.88 -16.73 -5.38
N LYS C 367 12.39 -17.72 -4.65
CA LYS C 367 12.45 -19.10 -5.15
C LYS C 367 12.04 -20.21 -4.18
N GLY C 368 11.76 -19.88 -2.91
CA GLY C 368 11.52 -20.88 -1.88
C GLY C 368 10.21 -21.65 -1.98
N ASP C 369 10.08 -22.68 -1.15
CA ASP C 369 8.85 -23.49 -1.09
C ASP C 369 7.76 -22.92 -0.17
N TYR C 370 8.08 -21.86 0.57
CA TYR C 370 7.13 -21.25 1.53
C TYR C 370 7.13 -19.71 1.56
N PRO C 371 6.98 -19.07 0.37
CA PRO C 371 7.09 -17.61 0.28
C PRO C 371 6.11 -16.84 1.17
N LEU C 372 4.84 -17.24 1.16
CA LEU C 372 3.82 -16.58 1.97
C LEU C 372 4.16 -16.73 3.44
N GLU C 373 4.57 -17.95 3.81
CA GLU C 373 4.89 -18.24 5.20
C GLU C 373 5.98 -17.33 5.71
N ALA C 374 7.05 -17.15 4.92
CA ALA C 374 8.18 -16.29 5.30
C ALA C 374 7.72 -14.84 5.56
N VAL C 375 6.94 -14.30 4.63
CA VAL C 375 6.29 -13.01 4.82
C VAL C 375 5.49 -12.95 6.13
N ARG C 376 4.59 -13.93 6.33
CA ARG C 376 3.78 -14.03 7.56
C ARG C 376 4.64 -14.07 8.83
N MET C 377 5.72 -14.87 8.81
CA MET C 377 6.63 -14.95 9.96
C MET C 377 7.30 -13.61 10.29
N GLN C 378 7.68 -12.85 9.27
CA GLN C 378 8.28 -11.54 9.48
C GLN C 378 7.28 -10.60 10.11
N HIS C 379 6.06 -10.60 9.56
CA HIS C 379 4.95 -9.81 10.09
C HIS C 379 4.75 -10.07 11.57
N LEU C 380 4.81 -11.34 11.96
CA LEU C 380 4.49 -11.75 13.33
C LEU C 380 5.61 -11.39 14.27
N ILE C 381 6.85 -11.57 13.83
CA ILE C 381 8.00 -11.27 14.70
C ILE C 381 8.15 -9.77 14.86
N ALA C 382 7.88 -9.02 13.80
CA ALA C 382 7.98 -7.56 13.82
C ALA C 382 7.17 -6.96 14.97
N ARG C 383 5.92 -7.42 15.12
CA ARG C 383 5.02 -6.88 16.14
C ARG C 383 5.50 -7.13 17.57
N GLU C 384 6.03 -8.33 17.82
CA GLU C 384 6.52 -8.68 19.17
C GLU C 384 7.71 -7.81 19.59
N ALA C 385 8.65 -7.64 18.66
CA ALA C 385 9.85 -6.83 18.88
C ALA C 385 9.55 -5.32 18.90
N GLU C 386 8.52 -4.91 18.17
CA GLU C 386 8.11 -3.51 18.16
C GLU C 386 7.65 -3.08 19.55
N ALA C 387 6.83 -3.91 20.18
CA ALA C 387 6.38 -3.69 21.53
C ALA C 387 7.52 -3.78 22.56
N ALA C 388 8.62 -4.45 22.20
CA ALA C 388 9.68 -4.75 23.17
C ALA C 388 10.74 -3.67 23.28
N MET C 389 10.78 -2.78 22.30
CA MET C 389 11.68 -1.61 22.32
C MET C 389 11.53 -0.84 23.63
N PHE C 390 12.58 -0.11 23.98
CA PHE C 390 12.58 0.76 25.15
C PHE C 390 12.31 2.18 24.69
N HIS C 391 11.06 2.43 24.29
CA HIS C 391 10.69 3.69 23.62
C HIS C 391 11.13 4.94 24.36
N ARG C 392 11.01 4.95 25.68
CA ARG C 392 11.33 6.17 26.41
C ARG C 392 12.81 6.53 26.32
N LYS C 393 13.70 5.55 26.41
CA LYS C 393 15.13 5.80 26.37
C LYS C 393 15.56 6.10 24.94
N LEU C 394 15.04 5.31 24.02
CA LEU C 394 15.27 5.51 22.60
C LEU C 394 14.87 6.92 22.19
N PHE C 395 13.69 7.38 22.63
CA PHE C 395 13.26 8.75 22.33
C PHE C 395 14.23 9.77 22.87
N GLU C 396 14.59 9.60 24.15
CA GLU C 396 15.54 10.49 24.83
C GLU C 396 16.90 10.56 24.12
N GLU C 397 17.38 9.40 23.63
CA GLU C 397 18.68 9.31 22.98
C GLU C 397 18.71 9.95 21.58
N LEU C 398 17.64 9.73 20.80
CA LEU C 398 17.46 10.36 19.50
C LEU C 398 17.29 11.87 19.62
N ALA C 399 16.64 12.32 20.69
CA ALA C 399 16.49 13.75 20.99
C ALA C 399 17.86 14.37 21.28
N ARG C 400 18.61 13.76 22.19
CA ARG C 400 19.99 14.15 22.45
C ARG C 400 20.82 14.25 21.15
N ALA C 401 20.75 13.21 20.31
CA ALA C 401 21.52 13.18 19.07
C ALA C 401 21.13 14.27 18.05
N SER C 402 19.87 14.72 18.07
CA SER C 402 19.39 15.70 17.10
C SER C 402 19.32 17.11 17.68
N SER C 403 19.88 17.29 18.87
CA SER C 403 19.67 18.50 19.68
C SER C 403 20.32 19.79 19.15
N GLN C 404 21.29 19.65 18.25
CA GLN C 404 21.88 20.79 17.56
C GLN C 404 20.93 21.41 16.52
N SER C 405 19.86 20.68 16.16
CA SER C 405 18.86 21.17 15.20
C SER C 405 17.69 21.80 15.95
N THR C 406 17.16 22.89 15.40
CA THR C 406 16.04 23.58 16.02
C THR C 406 14.80 23.54 15.11
N ASP C 407 14.83 22.60 14.15
CA ASP C 407 13.86 22.52 13.06
C ASP C 407 12.41 22.49 13.54
N LEU C 408 11.60 23.34 12.93
CA LEU C 408 10.22 23.49 13.34
C LEU C 408 9.43 22.17 13.23
N MET C 409 9.60 21.43 12.14
CA MET C 409 8.88 20.17 11.95
C MET C 409 9.34 19.07 12.93
N GLU C 410 10.64 19.05 13.21
CA GLU C 410 11.18 18.17 14.24
C GLU C 410 10.53 18.44 15.60
N ALA C 411 10.31 19.73 15.89
CA ALA C 411 9.68 20.16 17.14
C ALA C 411 8.26 19.66 17.24
N MET C 412 7.54 19.74 16.12
CA MET C 412 6.19 19.23 16.02
C MET C 412 6.21 17.72 16.22
N ALA C 413 7.14 17.05 15.55
CA ALA C 413 7.22 15.60 15.59
C ALA C 413 7.53 15.08 17.00
N MET C 414 8.47 15.72 17.68
CA MET C 414 8.84 15.35 19.04
C MET C 414 7.71 15.60 20.01
N GLY C 415 7.08 16.77 19.91
CA GLY C 415 5.91 17.09 20.75
C GLY C 415 4.80 16.07 20.57
N SER C 416 4.50 15.76 19.30
CA SER C 416 3.48 14.79 18.94
C SER C 416 3.77 13.40 19.46
N VAL C 417 5.03 12.96 19.34
CA VAL C 417 5.45 11.63 19.78
C VAL C 417 5.40 11.57 21.30
N GLU C 418 5.97 12.57 21.96
CA GLU C 418 5.91 12.67 23.41
C GLU C 418 4.43 12.70 23.86
N ALA C 419 3.58 13.37 23.07
CA ALA C 419 2.16 13.43 23.38
C ALA C 419 1.53 12.03 23.24
N SER C 420 2.00 11.27 22.26
CA SER C 420 1.49 9.93 21.97
C SER C 420 1.88 8.93 23.06
N TYR C 421 3.08 9.11 23.64
CA TYR C 421 3.55 8.27 24.76
C TYR C 421 2.72 8.51 26.02
N LYS C 422 2.55 9.78 26.39
CA LYS C 422 1.86 10.15 27.60
C LYS C 422 0.44 9.60 27.66
N CYS C 423 -0.38 9.88 26.65
CA CYS C 423 -1.79 9.48 26.66
C CYS C 423 -2.04 8.09 26.05
N LEU C 424 -0.94 7.38 25.77
CA LEU C 424 -0.99 6.06 25.09
C LEU C 424 -1.96 6.07 23.91
N ALA C 425 -1.72 7.01 22.98
CA ALA C 425 -2.54 7.20 21.79
C ALA C 425 -2.50 5.98 20.91
N ALA C 426 -3.59 5.73 20.22
CA ALA C 426 -3.76 4.53 19.40
C ALA C 426 -3.11 4.69 18.03
N ALA C 427 -3.05 5.93 17.54
CA ALA C 427 -2.32 6.24 16.32
C ALA C 427 -1.92 7.71 16.24
N LEU C 428 -1.12 8.03 15.23
CA LEU C 428 -0.80 9.41 14.87
C LEU C 428 -1.26 9.60 13.45
N ILE C 429 -1.94 10.70 13.18
CA ILE C 429 -2.46 10.90 11.86
C ILE C 429 -1.74 12.09 11.25
N VAL C 430 -1.14 11.85 10.09
CA VAL C 430 -0.32 12.85 9.45
C VAL C 430 -0.81 13.09 8.04
N LEU C 431 -1.08 14.36 7.72
CA LEU C 431 -1.43 14.74 6.36
C LEU C 431 -0.17 15.22 5.72
N THR C 432 0.15 14.69 4.55
CA THR C 432 1.46 14.96 3.97
C THR C 432 1.45 14.81 2.46
N GLU C 433 2.12 15.71 1.74
CA GLU C 433 2.20 15.61 0.29
CA GLU C 433 2.21 15.66 0.27
C GLU C 433 3.59 15.15 -0.17
N SER C 434 4.63 15.78 0.38
CA SER C 434 6.01 15.41 0.10
C SER C 434 6.39 14.17 0.88
N GLY C 435 5.67 13.95 1.99
CA GLY C 435 5.96 12.87 2.94
C GLY C 435 6.76 13.34 4.15
N ARG C 436 7.27 14.55 4.07
CA ARG C 436 8.28 15.03 5.01
C ARG C 436 7.79 15.04 6.44
N SER C 437 6.59 15.56 6.66
CA SER C 437 5.99 15.58 8.00
C SER C 437 5.94 14.17 8.58
N ALA C 438 5.53 13.21 7.75
CA ALA C 438 5.43 11.83 8.20
C ALA C 438 6.79 11.27 8.60
N HIS C 439 7.81 11.52 7.78
CA HIS C 439 9.15 10.97 8.00
C HIS C 439 9.77 11.44 9.31
N GLN C 440 9.60 12.72 9.62
N GLN C 440 9.60 12.73 9.61
CA GLN C 440 10.11 13.30 10.86
CA GLN C 440 10.09 13.32 10.85
C GLN C 440 9.36 12.76 12.08
C GLN C 440 9.37 12.75 12.07
N VAL C 441 8.11 12.36 11.90
CA VAL C 441 7.36 11.73 12.98
C VAL C 441 7.91 10.33 13.21
N ALA C 442 8.15 9.60 12.12
CA ALA C 442 8.67 8.25 12.17
C ALA C 442 10.03 8.17 12.84
N ARG C 443 10.94 9.07 12.47
CA ARG C 443 12.30 9.04 13.02
C ARG C 443 12.37 9.10 14.55
N TYR C 444 11.32 9.65 15.19
CA TYR C 444 11.26 9.79 16.63
C TYR C 444 10.51 8.65 17.33
N ARG C 445 10.21 7.62 16.54
CA ARG C 445 9.90 6.27 17.06
C ARG C 445 8.77 6.24 18.11
N PRO C 446 7.53 6.62 17.71
CA PRO C 446 6.41 6.38 18.60
C PRO C 446 6.09 4.89 18.56
N ARG C 447 5.38 4.38 19.55
CA ARG C 447 4.95 2.99 19.49
C ARG C 447 3.74 2.82 18.57
N ALA C 448 2.88 3.83 18.57
CA ALA C 448 1.61 3.81 17.84
C ALA C 448 1.86 4.04 16.35
N PRO C 449 1.08 3.38 15.47
CA PRO C 449 1.28 3.47 14.01
C PRO C 449 1.07 4.87 13.49
N ILE C 450 1.72 5.21 12.37
CA ILE C 450 1.56 6.53 11.79
C ILE C 450 0.76 6.40 10.51
N ILE C 451 -0.49 6.87 10.54
CA ILE C 451 -1.33 6.79 9.37
C ILE C 451 -1.16 8.09 8.62
N ALA C 452 -0.50 7.98 7.47
CA ALA C 452 -0.07 9.14 6.68
C ALA C 452 -0.89 9.24 5.41
N VAL C 453 -1.77 10.23 5.38
CA VAL C 453 -2.70 10.41 4.27
C VAL C 453 -2.10 11.39 3.30
N THR C 454 -2.17 11.05 2.01
CA THR C 454 -1.47 11.78 0.98
C THR C 454 -2.24 11.66 -0.32
N ARG C 455 -2.23 12.72 -1.14
CA ARG C 455 -2.84 12.65 -2.48
C ARG C 455 -1.80 12.30 -3.52
N ASN C 456 -0.55 12.20 -3.07
CA ASN C 456 0.57 11.81 -3.92
C ASN C 456 0.85 10.30 -3.78
N HIS C 457 0.63 9.57 -4.87
CA HIS C 457 0.72 8.11 -4.88
C HIS C 457 2.14 7.63 -4.63
N GLN C 458 3.11 8.32 -5.25
CA GLN C 458 4.53 7.99 -5.06
C GLN C 458 4.99 8.16 -3.61
N THR C 459 4.61 9.27 -3.00
CA THR C 459 4.88 9.50 -1.59
C THR C 459 4.35 8.33 -0.76
N ALA C 460 3.11 7.94 -1.05
CA ALA C 460 2.47 6.83 -0.36
C ALA C 460 3.32 5.58 -0.51
N ARG C 461 3.76 5.29 -1.74
CA ARG C 461 4.61 4.12 -1.97
C ARG C 461 5.96 4.21 -1.26
N GLN C 462 6.58 5.39 -1.29
CA GLN C 462 7.91 5.59 -0.74
C GLN C 462 7.93 5.64 0.78
N ALA C 463 6.77 5.95 1.35
CA ALA C 463 6.59 6.07 2.79
C ALA C 463 6.87 4.75 3.48
N HIS C 464 6.80 3.65 2.72
CA HIS C 464 7.00 2.28 3.22
C HIS C 464 8.42 2.06 3.74
N LEU C 465 9.31 2.99 3.42
CA LEU C 465 10.69 2.91 3.83
C LEU C 465 10.89 3.30 5.30
N TYR C 466 9.86 3.87 5.91
CA TYR C 466 9.98 4.47 7.22
C TYR C 466 9.21 3.70 8.29
N ARG C 467 9.89 3.37 9.38
CA ARG C 467 9.25 2.65 10.48
C ARG C 467 7.94 3.30 10.93
N GLY C 468 6.86 2.54 10.83
CA GLY C 468 5.61 2.92 11.49
C GLY C 468 4.61 3.67 10.63
N ILE C 469 5.06 4.13 9.46
CA ILE C 469 4.14 4.79 8.54
C ILE C 469 3.26 3.77 7.83
N PHE C 470 1.96 3.94 8.02
CA PHE C 470 0.96 3.21 7.28
C PHE C 470 0.38 4.19 6.26
N PRO C 471 0.88 4.16 5.00
CA PRO C 471 0.40 5.11 3.99
C PRO C 471 -1.01 4.80 3.51
N VAL C 472 -1.79 5.86 3.30
CA VAL C 472 -3.15 5.78 2.76
C VAL C 472 -3.26 6.75 1.59
N VAL C 473 -3.64 6.24 0.42
CA VAL C 473 -3.90 7.12 -0.71
C VAL C 473 -5.32 7.69 -0.62
N CYS C 474 -5.42 9.02 -0.72
CA CYS C 474 -6.68 9.72 -0.81
C CYS C 474 -6.91 10.13 -2.26
N LYS C 475 -8.03 9.65 -2.82
CA LYS C 475 -8.37 9.86 -4.24
C LYS C 475 -9.39 10.98 -4.43
N ASP C 476 -10.04 11.36 -3.33
CA ASP C 476 -11.01 12.46 -3.31
C ASP C 476 -10.47 13.73 -3.94
N PRO C 477 -11.34 14.49 -4.64
CA PRO C 477 -10.99 15.83 -5.11
C PRO C 477 -10.76 16.75 -3.92
N VAL C 478 -10.06 17.86 -4.13
CA VAL C 478 -9.86 18.82 -3.05
C VAL C 478 -11.14 19.65 -2.86
N GLN C 479 -11.57 19.78 -1.60
CA GLN C 479 -12.71 20.62 -1.26
C GLN C 479 -12.27 22.08 -1.26
N GLU C 480 -13.18 22.97 -1.65
CA GLU C 480 -12.92 24.41 -1.71
C GLU C 480 -12.52 24.96 -0.33
N ALA C 481 -13.15 24.46 0.73
CA ALA C 481 -12.81 24.87 2.09
C ALA C 481 -11.70 23.99 2.67
N TRP C 482 -10.62 24.61 3.11
CA TRP C 482 -9.46 23.92 3.68
C TRP C 482 -9.83 22.99 4.82
N ALA C 483 -10.52 23.53 5.84
CA ALA C 483 -10.94 22.77 7.01
C ALA C 483 -11.67 21.49 6.60
N GLU C 484 -12.59 21.61 5.65
CA GLU C 484 -13.37 20.47 5.15
C GLU C 484 -12.53 19.45 4.41
N ASP C 485 -11.54 19.93 3.66
CA ASP C 485 -10.62 19.05 2.96
C ASP C 485 -9.74 18.33 3.97
N VAL C 486 -9.36 19.05 5.03
CA VAL C 486 -8.55 18.48 6.10
C VAL C 486 -9.33 17.40 6.82
N ASP C 487 -10.56 17.75 7.24
CA ASP C 487 -11.47 16.80 7.92
C ASP C 487 -11.78 15.58 7.06
N LEU C 488 -11.91 15.79 5.75
CA LEU C 488 -12.06 14.67 4.82
C LEU C 488 -10.93 13.64 5.00
N ARG C 489 -9.69 14.14 5.01
CA ARG C 489 -8.51 13.28 5.05
C ARG C 489 -8.27 12.60 6.41
N VAL C 490 -8.57 13.31 7.49
CA VAL C 490 -8.48 12.72 8.84
C VAL C 490 -9.52 11.59 9.00
N ASN C 491 -10.75 11.84 8.58
N ASN C 491 -10.75 11.86 8.58
CA ASN C 491 -11.80 10.83 8.66
CA ASN C 491 -11.82 10.86 8.62
C ASN C 491 -11.47 9.58 7.84
C ASN C 491 -11.48 9.59 7.83
N LEU C 492 -10.77 9.76 6.72
CA LEU C 492 -10.27 8.63 5.94
C LEU C 492 -9.34 7.76 6.81
N ALA C 493 -8.43 8.40 7.55
CA ALA C 493 -7.51 7.70 8.43
C ALA C 493 -8.26 7.08 9.60
N MET C 494 -9.29 7.78 10.08
CA MET C 494 -10.14 7.27 11.14
C MET C 494 -10.77 5.96 10.68
N ASN C 495 -11.36 5.99 9.47
CA ASN C 495 -11.90 4.79 8.84
C ASN C 495 -10.86 3.70 8.53
N VAL C 496 -9.66 4.12 8.11
CA VAL C 496 -8.60 3.15 7.86
C VAL C 496 -8.20 2.48 9.17
N GLY C 497 -7.85 3.30 10.16
CA GLY C 497 -7.45 2.83 11.49
C GLY C 497 -8.40 1.85 12.16
N LYS C 498 -9.70 2.02 11.93
CA LYS C 498 -10.75 1.15 12.52
C LYS C 498 -10.97 -0.20 11.79
N ALA C 499 -11.00 -0.17 10.46
CA ALA C 499 -11.07 -1.41 9.69
C ALA C 499 -9.82 -2.28 9.93
N ARG C 500 -8.68 -1.64 10.13
CA ARG C 500 -7.42 -2.33 10.40
C ARG C 500 -7.26 -2.82 11.86
N GLY C 501 -8.25 -2.52 12.72
CA GLY C 501 -8.19 -2.88 14.12
C GLY C 501 -7.13 -2.11 14.91
N PHE C 502 -6.77 -0.92 14.44
CA PHE C 502 -5.86 -0.09 15.21
C PHE C 502 -6.60 0.58 16.37
N PHE C 503 -7.80 1.10 16.08
CA PHE C 503 -8.61 1.72 17.13
C PHE C 503 -10.12 1.51 16.96
N LYS C 504 -10.88 2.01 17.92
CA LYS C 504 -12.33 1.97 17.86
C LYS C 504 -12.84 3.30 18.42
N LYS C 505 -14.11 3.61 18.16
CA LYS C 505 -14.74 4.84 18.65
C LYS C 505 -14.48 5.06 20.14
N GLY C 506 -13.88 6.21 20.46
CA GLY C 506 -13.64 6.59 21.86
C GLY C 506 -12.19 6.51 22.29
N ASP C 507 -11.33 5.95 21.44
CA ASP C 507 -9.89 5.95 21.67
C ASP C 507 -9.35 7.33 21.31
N VAL C 508 -8.10 7.60 21.66
CA VAL C 508 -7.46 8.88 21.34
CA VAL C 508 -7.48 8.87 21.30
C VAL C 508 -6.37 8.64 20.29
N VAL C 509 -6.21 9.60 19.37
CA VAL C 509 -5.14 9.58 18.38
C VAL C 509 -4.54 10.98 18.28
N ILE C 510 -3.27 11.05 17.94
CA ILE C 510 -2.64 12.35 17.68
C ILE C 510 -2.85 12.67 16.21
N VAL C 511 -3.26 13.90 15.91
CA VAL C 511 -3.51 14.33 14.54
C VAL C 511 -2.60 15.50 14.16
N LEU C 512 -2.01 15.44 12.96
CA LEU C 512 -1.02 16.44 12.51
C LEU C 512 -1.34 17.05 11.16
N THR C 513 -1.65 18.34 11.15
CA THR C 513 -2.10 19.01 9.93
C THR C 513 -1.50 20.39 9.77
N GLY C 514 -1.62 20.96 8.58
CA GLY C 514 -1.34 22.38 8.35
C GLY C 514 -2.55 23.23 8.70
N TRP C 515 -2.30 24.34 9.39
CA TRP C 515 -3.35 25.28 9.79
C TRP C 515 -4.03 25.89 8.55
N ARG C 516 -3.22 26.35 7.60
CA ARG C 516 -3.70 26.90 6.33
C ARG C 516 -3.14 26.05 5.18
N PRO C 517 -3.67 26.24 3.95
CA PRO C 517 -3.15 25.48 2.78
C PRO C 517 -1.69 25.77 2.45
N GLY C 518 -1.18 26.92 2.89
CA GLY C 518 0.18 27.35 2.59
C GLY C 518 1.22 26.86 3.58
N SER C 519 0.77 26.18 4.63
CA SER C 519 1.68 25.72 5.68
C SER C 519 2.61 24.63 5.14
N GLY C 520 3.92 24.90 5.22
CA GLY C 520 4.93 24.04 4.61
C GLY C 520 5.24 22.78 5.39
N PHE C 521 4.47 22.54 6.47
CA PHE C 521 4.62 21.35 7.28
C PHE C 521 3.38 21.20 8.16
N THR C 522 3.30 20.07 8.87
CA THR C 522 2.20 19.87 9.79
C THR C 522 2.50 20.67 11.05
N ASN C 523 1.95 21.89 11.10
CA ASN C 523 2.24 22.82 12.20
C ASN C 523 1.16 22.80 13.29
N THR C 524 0.20 21.90 13.15
CA THR C 524 -0.94 21.85 14.05
C THR C 524 -1.12 20.43 14.58
N MET C 525 -1.00 20.29 15.90
CA MET C 525 -1.18 19.02 16.61
CA MET C 525 -1.22 19.00 16.56
C MET C 525 -2.52 19.03 17.34
N ARG C 526 -3.20 17.88 17.38
CA ARG C 526 -4.42 17.74 18.15
C ARG C 526 -4.54 16.35 18.78
N VAL C 527 -5.13 16.31 19.97
CA VAL C 527 -5.62 15.06 20.55
CA VAL C 527 -5.61 15.05 20.56
C VAL C 527 -7.11 14.99 20.24
N VAL C 528 -7.49 13.98 19.48
CA VAL C 528 -8.89 13.84 19.03
C VAL C 528 -9.43 12.49 19.50
N PRO C 529 -10.68 12.45 19.99
CA PRO C 529 -11.26 11.11 20.12
C PRO C 529 -11.67 10.56 18.76
N VAL C 530 -11.49 9.26 18.59
CA VAL C 530 -11.87 8.56 17.38
C VAL C 530 -13.39 8.47 17.38
N PRO C 531 -14.04 8.95 16.29
CA PRO C 531 -15.48 8.98 16.17
C PRO C 531 -16.12 7.63 15.81
N ALA D 11 33.90 32.00 19.00
CA ALA D 11 32.58 31.32 19.11
C ALA D 11 31.45 32.31 19.36
N PHE D 12 30.25 31.77 19.59
CA PHE D 12 29.10 32.53 20.06
C PHE D 12 28.72 31.97 21.43
N ILE D 13 28.61 32.85 22.43
CA ILE D 13 28.16 32.45 23.76
C ILE D 13 26.64 32.51 23.77
N GLN D 14 26.02 31.36 24.02
CA GLN D 14 24.57 31.22 23.95
C GLN D 14 23.89 31.84 25.16
N THR D 15 22.74 32.45 24.93
CA THR D 15 21.94 33.02 25.99
C THR D 15 21.37 31.93 26.89
N GLN D 16 20.79 32.32 28.00
CA GLN D 16 19.97 31.40 28.77
C GLN D 16 20.70 30.10 29.15
N GLN D 17 22.02 30.19 29.38
CA GLN D 17 22.84 29.02 29.69
C GLN D 17 22.56 27.82 28.77
N LEU D 18 22.35 28.07 27.48
CA LEU D 18 21.98 27.01 26.57
C LEU D 18 23.09 25.99 26.30
N HIS D 19 24.35 26.36 26.54
CA HIS D 19 25.43 25.37 26.39
C HIS D 19 25.41 24.39 27.57
N ALA D 20 25.09 24.89 28.76
CA ALA D 20 24.93 24.07 29.94
C ALA D 20 23.68 23.16 29.83
N ALA D 21 22.70 23.62 29.03
CA ALA D 21 21.45 22.88 28.78
C ALA D 21 21.68 21.57 28.04
N MET D 22 22.82 21.47 27.36
CA MET D 22 23.11 20.32 26.51
C MET D 22 24.05 19.31 27.17
N ALA D 23 24.33 19.51 28.46
CA ALA D 23 25.14 18.57 29.21
C ALA D 23 24.40 17.25 29.35
N ASP D 24 25.15 16.17 29.47
CA ASP D 24 24.56 14.85 29.69
C ASP D 24 24.51 14.51 31.18
N THR D 25 25.39 15.11 31.97
CA THR D 25 25.43 14.89 33.43
C THR D 25 25.13 16.17 34.18
N PHE D 26 24.67 16.04 35.43
CA PHE D 26 24.46 17.18 36.30
C PHE D 26 25.78 17.90 36.56
N LEU D 27 26.85 17.13 36.75
CA LEU D 27 28.18 17.69 36.98
C LEU D 27 28.65 18.57 35.81
N GLU D 28 28.48 18.07 34.58
N GLU D 28 28.47 18.05 34.59
CA GLU D 28 28.90 18.85 33.41
CA GLU D 28 28.82 18.76 33.36
C GLU D 28 28.04 20.10 33.26
C GLU D 28 28.05 20.07 33.27
N HIS D 29 26.77 20.00 33.63
CA HIS D 29 25.88 21.16 33.63
C HIS D 29 26.42 22.24 34.57
N LYS D 30 26.77 21.85 35.79
CA LYS D 30 27.45 22.75 36.72
C LYS D 30 28.69 23.35 36.05
N CYS D 31 29.55 22.49 35.49
CA CYS D 31 30.83 22.89 34.89
C CYS D 31 30.69 23.79 33.64
N ARG D 32 29.50 23.80 33.03
CA ARG D 32 29.27 24.61 31.83
C ARG D 32 28.62 25.98 32.11
N LEU D 33 28.28 26.22 33.39
CA LEU D 33 27.62 27.46 33.77
C LEU D 33 28.51 28.65 33.50
N ASP D 34 27.96 29.63 32.79
CA ASP D 34 28.74 30.70 32.20
C ASP D 34 28.18 32.06 32.59
N ILE D 35 29.01 32.86 33.27
CA ILE D 35 28.57 34.18 33.76
C ILE D 35 28.34 35.13 32.59
N ASP D 36 28.94 34.81 31.45
CA ASP D 36 28.77 35.63 30.26
C ASP D 36 27.62 35.15 29.37
N SER D 37 26.88 34.17 29.85
CA SER D 37 25.66 33.75 29.19
C SER D 37 24.50 34.61 29.70
N ALA D 38 24.17 35.63 28.92
CA ALA D 38 23.14 36.60 29.26
C ALA D 38 21.78 35.91 29.36
N PRO D 39 21.04 36.19 30.44
CA PRO D 39 19.71 35.60 30.61
C PRO D 39 18.68 36.27 29.71
N ILE D 40 17.52 35.64 29.55
CA ILE D 40 16.43 36.23 28.77
C ILE D 40 15.70 37.32 29.59
N THR D 41 14.82 38.08 28.94
CA THR D 41 14.11 39.20 29.60
C THR D 41 12.94 38.77 30.49
N ALA D 42 12.30 37.66 30.15
CA ALA D 42 11.23 37.10 30.97
C ALA D 42 11.79 36.67 32.31
N ARG D 43 11.04 36.94 33.37
CA ARG D 43 11.33 36.43 34.70
C ARG D 43 10.18 35.50 35.07
N ASN D 44 10.50 34.24 35.33
CA ASN D 44 9.47 33.22 35.52
C ASN D 44 9.04 32.99 36.96
N THR D 45 9.88 33.37 37.91
CA THR D 45 9.60 33.11 39.32
C THR D 45 8.70 34.20 39.88
N GLY D 46 7.56 33.79 40.42
CA GLY D 46 6.58 34.72 40.98
C GLY D 46 7.14 35.41 42.21
N ILE D 47 6.87 36.70 42.34
CA ILE D 47 7.47 37.48 43.40
C ILE D 47 6.41 38.03 44.33
N ILE D 48 6.48 37.58 45.58
CA ILE D 48 5.50 37.92 46.59
C ILE D 48 6.10 38.89 47.58
N CYS D 49 5.41 40.01 47.80
CA CYS D 49 5.93 41.03 48.71
C CYS D 49 4.97 41.33 49.87
N THR D 50 5.48 41.24 51.08
CA THR D 50 4.74 41.64 52.26
C THR D 50 4.65 43.15 52.28
N ILE D 51 3.42 43.67 52.33
CA ILE D 51 3.20 45.12 52.35
C ILE D 51 3.13 45.62 53.79
N GLY D 52 3.79 46.75 54.06
CA GLY D 52 3.83 47.32 55.42
C GLY D 52 4.08 48.81 55.37
N PRO D 53 4.56 49.42 56.47
CA PRO D 53 4.83 50.86 56.48
C PRO D 53 5.80 51.30 55.38
N ALA D 54 6.70 50.40 54.99
CA ALA D 54 7.70 50.70 53.98
C ALA D 54 7.12 50.75 52.56
N SER D 55 5.97 50.11 52.36
CA SER D 55 5.45 49.89 51.01
C SER D 55 3.97 50.16 50.82
N ARG D 56 3.35 50.82 51.79
CA ARG D 56 1.92 51.05 51.80
C ARG D 56 1.42 52.18 50.88
N SER D 57 2.24 53.19 50.64
CA SER D 57 1.75 54.33 49.88
C SER D 57 1.46 53.94 48.43
N VAL D 58 0.46 54.60 47.85
CA VAL D 58 0.06 54.37 46.46
C VAL D 58 1.23 54.60 45.50
N GLU D 59 1.99 55.67 45.72
CA GLU D 59 3.10 55.99 44.84
C GLU D 59 4.23 54.96 44.92
N THR D 60 4.37 54.31 46.08
CA THR D 60 5.42 53.31 46.28
C THR D 60 5.00 51.95 45.71
N LEU D 61 3.71 51.66 45.80
CA LEU D 61 3.17 50.41 45.28
C LEU D 61 3.32 50.35 43.77
N LYS D 62 3.16 51.49 43.09
CA LYS D 62 3.38 51.59 41.65
C LYS D 62 4.80 51.22 41.26
N GLU D 63 5.76 51.68 42.06
CA GLU D 63 7.16 51.36 41.85
C GLU D 63 7.49 49.92 42.24
N MET D 64 6.72 49.34 43.16
CA MET D 64 6.90 47.94 43.48
CA MET D 64 6.84 47.93 43.53
C MET D 64 6.37 47.05 42.37
N ILE D 65 5.32 47.49 41.69
CA ILE D 65 4.78 46.77 40.54
C ILE D 65 5.77 46.84 39.37
N LYS D 66 6.34 48.01 39.17
CA LYS D 66 7.27 48.21 38.07
C LYS D 66 8.57 47.44 38.31
N SER D 67 8.82 47.12 39.58
CA SER D 67 10.03 46.40 39.94
C SER D 67 9.84 44.90 39.82
N GLY D 68 8.58 44.46 39.88
CA GLY D 68 8.25 43.07 39.67
C GLY D 68 7.28 42.40 40.62
N MET D 69 6.73 43.13 41.59
CA MET D 69 5.73 42.57 42.51
C MET D 69 4.59 41.97 41.74
N ASN D 70 4.26 40.71 42.06
CA ASN D 70 3.11 40.02 41.45
C ASN D 70 2.00 39.79 42.47
N VAL D 71 2.41 39.65 43.72
CA VAL D 71 1.53 39.37 44.86
C VAL D 71 1.87 40.24 46.07
N ALA D 72 0.91 41.07 46.47
CA ALA D 72 1.00 41.80 47.72
C ALA D 72 0.44 40.94 48.84
N ARG D 73 1.21 40.77 49.92
CA ARG D 73 0.84 39.97 51.10
C ARG D 73 0.47 40.82 52.32
N MET D 74 -0.74 40.60 52.86
CA MET D 74 -1.19 41.24 54.10
C MET D 74 -1.08 40.26 55.28
N ASN D 75 -0.20 40.60 56.21
CA ASN D 75 0.12 39.77 57.35
C ASN D 75 -0.85 40.13 58.47
N PHE D 76 -1.78 39.22 58.77
CA PHE D 76 -2.83 39.50 59.75
C PHE D 76 -2.46 39.26 61.22
N SER D 77 -1.23 38.82 61.48
CA SER D 77 -0.70 38.78 62.84
C SER D 77 -0.59 40.19 63.43
N HIS D 78 -0.49 41.18 62.55
CA HIS D 78 -0.50 42.58 62.98
C HIS D 78 -1.50 43.36 62.15
N GLY D 79 -2.12 44.35 62.78
CA GLY D 79 -3.01 45.30 62.11
C GLY D 79 -4.48 45.02 62.33
N THR D 80 -5.26 46.10 62.38
CA THR D 80 -6.71 45.99 62.36
C THR D 80 -7.20 45.77 60.92
N HIS D 81 -8.49 45.49 60.79
CA HIS D 81 -9.14 45.36 59.48
C HIS D 81 -9.16 46.69 58.73
N GLU D 82 -9.26 47.79 59.46
CA GLU D 82 -9.28 49.11 58.86
C GLU D 82 -7.94 49.43 58.19
N TYR D 83 -6.87 48.94 58.81
CA TYR D 83 -5.52 49.12 58.30
C TYR D 83 -5.35 48.34 56.99
N HIS D 84 -5.67 47.05 57.02
CA HIS D 84 -5.52 46.16 55.87
C HIS D 84 -6.42 46.50 54.68
N ALA D 85 -7.64 46.95 54.96
CA ALA D 85 -8.54 47.43 53.91
C ALA D 85 -7.95 48.63 53.17
N GLU D 86 -7.31 49.53 53.92
CA GLU D 86 -6.66 50.68 53.31
C GLU D 86 -5.47 50.24 52.44
N THR D 87 -4.69 49.29 52.95
CA THR D 87 -3.56 48.73 52.22
C THR D 87 -4.02 48.05 50.91
N ILE D 88 -5.06 47.22 51.01
CA ILE D 88 -5.64 46.51 49.86
C ILE D 88 -6.18 47.49 48.80
N LYS D 89 -6.84 48.54 49.27
CA LYS D 89 -7.26 49.65 48.42
C LYS D 89 -6.05 50.25 47.69
N ASN D 90 -5.05 50.67 48.46
CA ASN D 90 -3.82 51.22 47.91
C ASN D 90 -3.18 50.32 46.83
N VAL D 91 -3.13 49.02 47.10
CA VAL D 91 -2.63 48.04 46.13
C VAL D 91 -3.42 48.09 44.83
N ARG D 92 -4.75 48.11 44.94
CA ARG D 92 -5.62 48.13 43.78
C ARG D 92 -5.58 49.47 43.04
N THR D 93 -5.44 50.56 43.80
CA THR D 93 -5.28 51.89 43.18
C THR D 93 -3.99 51.92 42.37
N ALA D 94 -2.91 51.45 42.98
CA ALA D 94 -1.63 51.34 42.28
C ALA D 94 -1.73 50.43 41.06
N THR D 95 -2.32 49.23 41.25
CA THR D 95 -2.50 48.27 40.16
C THR D 95 -3.32 48.81 39.00
N GLU D 96 -4.42 49.52 39.30
CA GLU D 96 -5.33 50.01 38.25
C GLU D 96 -4.83 51.29 37.58
N SER D 97 -3.89 52.00 38.20
CA SER D 97 -3.28 53.17 37.55
C SER D 97 -2.67 52.80 36.18
N PHE D 98 -2.41 51.51 35.98
CA PHE D 98 -1.77 51.00 34.77
C PHE D 98 -2.74 50.39 33.76
N ALA D 99 -4.03 50.39 34.11
CA ALA D 99 -5.02 49.64 33.35
C ALA D 99 -5.34 50.24 31.99
N SER D 100 -4.96 51.51 31.81
CA SER D 100 -5.20 52.26 30.57
C SER D 100 -4.48 51.68 29.36
N ASP D 101 -3.41 50.92 29.62
CA ASP D 101 -2.70 50.19 28.57
C ASP D 101 -2.88 48.68 28.76
N PRO D 102 -3.91 48.10 28.11
CA PRO D 102 -4.20 46.66 28.18
C PRO D 102 -3.00 45.78 27.82
N ILE D 103 -2.16 46.25 26.89
CA ILE D 103 -0.95 45.55 26.45
C ILE D 103 0.14 45.49 27.53
N LEU D 104 0.18 46.50 28.39
CA LEU D 104 1.24 46.62 29.40
C LEU D 104 0.80 46.26 30.82
N TYR D 105 -0.50 46.35 31.08
CA TYR D 105 -1.06 46.13 32.42
C TYR D 105 -0.66 44.79 33.03
N ARG D 106 -0.25 44.82 34.28
CA ARG D 106 0.11 43.61 35.02
C ARG D 106 -0.90 43.36 36.12
N PRO D 107 -1.59 42.21 36.08
CA PRO D 107 -2.42 41.81 37.22
C PRO D 107 -1.59 41.70 38.50
N VAL D 108 -2.24 41.94 39.63
CA VAL D 108 -1.60 41.84 40.93
C VAL D 108 -2.52 41.08 41.89
N ALA D 109 -2.01 40.00 42.47
CA ALA D 109 -2.79 39.15 43.36
C ALA D 109 -2.73 39.66 44.80
N VAL D 110 -3.83 39.47 45.53
CA VAL D 110 -3.91 39.86 46.93
C VAL D 110 -4.01 38.59 47.78
N ALA D 111 -3.17 38.51 48.80
CA ALA D 111 -3.11 37.33 49.67
C ALA D 111 -3.26 37.71 51.13
N LEU D 112 -3.97 36.87 51.88
CA LEU D 112 -4.18 37.13 53.30
C LEU D 112 -3.45 36.08 54.14
N ASP D 113 -2.41 36.53 54.85
CA ASP D 113 -1.63 35.64 55.70
C ASP D 113 -2.21 35.77 57.10
N THR D 114 -2.78 34.67 57.58
CA THR D 114 -3.50 34.63 58.87
C THR D 114 -2.57 34.61 60.08
N LYS D 115 -3.06 35.12 61.21
CA LYS D 115 -2.30 35.06 62.45
C LYS D 115 -2.09 33.61 62.87
N GLY D 116 -3.17 32.84 62.98
CA GLY D 116 -3.08 31.44 63.38
C GLY D 116 -2.69 31.31 64.84
N PRO D 117 -2.33 30.08 65.27
CA PRO D 117 -2.09 29.88 66.71
C PRO D 117 -0.73 30.41 67.14
N GLU D 118 -0.63 31.75 67.21
CA GLU D 118 0.62 32.42 67.58
C GLU D 118 0.75 32.60 69.09
N ILE D 119 1.97 32.52 69.59
CA ILE D 119 2.25 32.81 70.99
C ILE D 119 3.11 34.05 71.05
N ARG D 120 2.57 35.10 71.69
CA ARG D 120 3.31 36.34 71.82
C ARG D 120 3.40 36.82 73.24
N THR D 121 4.48 37.57 73.51
CA THR D 121 4.71 38.20 74.78
C THR D 121 3.93 39.52 74.85
N GLY D 122 4.03 40.20 75.99
CA GLY D 122 3.36 41.47 76.18
C GLY D 122 4.23 42.67 75.93
N LEU D 123 3.83 43.80 76.50
CA LEU D 123 4.57 45.04 76.41
C LEU D 123 5.56 45.17 77.54
N ILE D 124 6.74 45.71 77.21
CA ILE D 124 7.75 46.03 78.20
C ILE D 124 7.26 47.23 79.01
N LYS D 125 7.51 47.22 80.31
CA LYS D 125 7.10 48.32 81.19
C LYS D 125 7.77 49.62 80.77
N GLY D 126 7.19 50.74 81.20
CA GLY D 126 7.76 52.07 80.93
C GLY D 126 9.04 52.36 81.69
N SER D 127 9.11 51.90 82.94
CA SER D 127 10.28 52.12 83.79
C SER D 127 11.50 51.37 83.29
N GLY D 128 12.62 52.08 83.20
CA GLY D 128 13.91 51.48 82.81
C GLY D 128 14.27 51.72 81.35
N THR D 129 15.08 50.81 80.79
CA THR D 129 15.49 50.89 79.39
C THR D 129 14.39 50.41 78.44
N ALA D 130 14.48 50.84 77.18
CA ALA D 130 13.49 50.50 76.15
C ALA D 130 13.26 49.00 76.00
N GLU D 131 14.36 48.25 76.06
CA GLU D 131 14.31 46.79 76.07
C GLU D 131 14.98 46.31 77.33
N VAL D 132 14.75 45.05 77.69
CA VAL D 132 15.40 44.50 78.87
C VAL D 132 16.53 43.58 78.48
N GLU D 133 17.44 43.34 79.42
CA GLU D 133 18.50 42.38 79.19
C GLU D 133 18.19 41.11 79.96
N LEU D 134 17.92 40.04 79.22
CA LEU D 134 17.84 38.70 79.80
C LEU D 134 19.25 38.13 79.76
N LYS D 135 19.77 37.81 80.93
CA LYS D 135 21.18 37.45 81.07
C LYS D 135 21.37 35.96 81.28
N LYS D 136 22.36 35.42 80.58
CA LYS D 136 22.71 34.01 80.66
C LYS D 136 22.89 33.58 82.13
N GLY D 137 22.00 32.69 82.56
CA GLY D 137 22.03 32.15 83.92
C GLY D 137 21.06 32.79 84.90
N ALA D 138 20.37 33.84 84.47
CA ALA D 138 19.45 34.59 85.33
C ALA D 138 18.06 34.00 85.33
N THR D 139 17.36 34.17 86.45
CA THR D 139 16.00 33.65 86.58
C THR D 139 15.01 34.61 85.95
N LEU D 140 14.14 34.07 85.10
CA LEU D 140 13.04 34.81 84.50
C LEU D 140 11.76 34.02 84.78
N LYS D 141 10.76 34.65 85.38
CA LYS D 141 9.47 34.00 85.62
C LYS D 141 8.48 34.38 84.50
N ILE D 142 7.76 33.38 83.98
CA ILE D 142 6.69 33.60 83.00
C ILE D 142 5.31 33.58 83.66
N THR D 143 4.54 34.65 83.45
CA THR D 143 3.22 34.79 84.07
C THR D 143 2.07 34.84 83.06
N LEU D 144 0.86 34.53 83.54
CA LEU D 144 -0.35 34.65 82.74
C LEU D 144 -1.23 35.74 83.34
N ASP D 145 -0.82 36.23 84.51
CA ASP D 145 -1.46 37.35 85.19
C ASP D 145 -1.52 38.58 84.27
N ASN D 146 -2.75 38.95 83.89
CA ASN D 146 -2.99 40.03 82.92
C ASN D 146 -2.56 41.41 83.40
N ALA D 147 -2.18 41.50 84.68
CA ALA D 147 -1.72 42.77 85.28
C ALA D 147 -0.31 43.13 84.82
N TYR D 148 0.41 42.14 84.29
CA TYR D 148 1.77 42.32 83.78
C TYR D 148 1.83 42.39 82.25
N MET D 149 0.68 42.26 81.59
CA MET D 149 0.68 42.22 80.11
C MET D 149 1.30 43.45 79.44
N GLU D 150 1.42 44.54 80.20
CA GLU D 150 2.11 45.74 79.73
C GLU D 150 3.21 46.15 80.71
N LYS D 151 3.69 45.17 81.48
CA LYS D 151 4.69 45.41 82.51
C LYS D 151 5.78 44.32 82.52
N CYS D 152 6.18 43.87 81.34
CA CYS D 152 7.22 42.84 81.20
C CYS D 152 8.60 43.44 81.44
N ASP D 153 9.45 42.68 82.15
CA ASP D 153 10.86 43.05 82.34
C ASP D 153 11.79 41.84 82.52
N GLU D 154 12.96 42.05 83.10
CA GLU D 154 13.95 40.96 83.25
C GLU D 154 13.52 39.87 84.25
N ASN D 155 12.73 40.25 85.25
CA ASN D 155 12.26 39.34 86.28
C ASN D 155 10.97 38.60 85.93
N ILE D 156 10.06 39.29 85.24
CA ILE D 156 8.73 38.75 84.95
C ILE D 156 8.30 39.01 83.50
N LEU D 157 7.97 37.93 82.78
CA LEU D 157 7.51 38.00 81.39
C LEU D 157 6.10 37.42 81.20
N TRP D 158 5.20 38.26 80.67
CA TRP D 158 3.84 37.85 80.36
C TRP D 158 3.76 37.34 78.93
N LEU D 159 2.92 36.33 78.70
CA LEU D 159 2.58 35.90 77.33
C LEU D 159 1.10 35.51 77.24
N ASP D 160 0.59 35.33 76.01
CA ASP D 160 -0.86 35.22 75.77
C ASP D 160 -1.43 33.80 75.66
N TYR D 161 -0.58 32.79 75.64
CA TYR D 161 -1.03 31.39 75.63
C TYR D 161 -1.45 30.96 77.04
N LYS D 162 -2.73 31.15 77.35
CA LYS D 162 -3.28 30.92 78.68
C LYS D 162 -3.08 29.50 79.20
N ASN D 163 -3.00 28.54 78.27
CA ASN D 163 -2.90 27.13 78.58
CA ASN D 163 -2.88 27.13 78.64
C ASN D 163 -1.46 26.59 78.50
N ILE D 164 -0.48 27.49 78.50
CA ILE D 164 0.95 27.09 78.39
C ILE D 164 1.41 26.05 79.43
N CYS D 165 0.93 26.17 80.67
CA CYS D 165 1.35 25.28 81.76
C CYS D 165 0.96 23.82 81.58
N LYS D 166 -0.04 23.57 80.74
CA LYS D 166 -0.47 22.20 80.49
C LYS D 166 0.33 21.45 79.41
N VAL D 167 1.22 22.13 78.68
CA VAL D 167 1.99 21.51 77.58
C VAL D 167 3.54 21.48 77.72
N VAL D 168 4.09 22.26 78.64
CA VAL D 168 5.54 22.22 78.93
C VAL D 168 5.86 21.45 80.23
N ASP D 169 7.11 21.01 80.35
CA ASP D 169 7.60 20.29 81.52
C ASP D 169 8.81 21.02 82.11
N VAL D 170 9.27 20.56 83.27
CA VAL D 170 10.58 20.96 83.81
C VAL D 170 11.66 20.55 82.80
N GLY D 171 12.56 21.47 82.48
CA GLY D 171 13.60 21.23 81.48
C GLY D 171 13.15 21.43 80.04
N SER D 172 11.91 21.88 79.87
CA SER D 172 11.40 22.29 78.56
C SER D 172 12.07 23.58 78.13
N LYS D 173 12.19 23.75 76.82
CA LYS D 173 12.79 24.96 76.25
C LYS D 173 11.70 25.84 75.66
N VAL D 174 11.67 27.10 76.11
CA VAL D 174 10.79 28.13 75.55
C VAL D 174 11.67 29.11 74.76
N TYR D 175 11.36 29.28 73.47
CA TYR D 175 12.12 30.21 72.61
C TYR D 175 11.39 31.54 72.43
N VAL D 176 12.16 32.62 72.41
CA VAL D 176 11.62 33.98 72.38
C VAL D 176 12.37 34.79 71.33
N ASP D 177 11.61 35.59 70.58
CA ASP D 177 12.12 36.52 69.55
C ASP D 177 12.91 35.82 68.44
N ASP D 178 12.20 35.38 67.41
CA ASP D 178 12.80 34.63 66.28
C ASP D 178 13.83 33.61 66.73
N GLY D 179 13.54 32.99 67.88
CA GLY D 179 14.41 31.97 68.47
C GLY D 179 15.81 32.44 68.85
N LEU D 180 15.98 33.75 69.04
CA LEU D 180 17.27 34.33 69.40
C LEU D 180 17.58 34.13 70.87
N ILE D 181 16.52 34.05 71.67
CA ILE D 181 16.59 33.92 73.12
C ILE D 181 15.90 32.63 73.57
N SER D 182 16.60 31.84 74.39
CA SER D 182 16.05 30.57 74.87
CA SER D 182 16.06 30.57 74.87
C SER D 182 15.96 30.51 76.40
N LEU D 183 14.87 29.94 76.89
CA LEU D 183 14.71 29.73 78.33
C LEU D 183 14.55 28.23 78.58
N GLN D 184 14.99 27.78 79.74
CA GLN D 184 14.75 26.41 80.17
C GLN D 184 13.84 26.47 81.39
N VAL D 185 12.76 25.70 81.37
CA VAL D 185 11.81 25.66 82.49
C VAL D 185 12.41 24.91 83.67
N LYS D 186 12.63 25.60 84.79
CA LYS D 186 13.26 25.00 85.98
C LYS D 186 12.26 24.57 87.04
N GLN D 187 11.13 25.28 87.10
CA GLN D 187 10.04 24.98 88.03
C GLN D 187 8.69 25.20 87.36
N LYS D 188 7.72 24.37 87.71
CA LYS D 188 6.36 24.50 87.21
C LYS D 188 5.41 24.88 88.32
N GLY D 189 4.70 25.98 88.10
CA GLY D 189 3.57 26.35 88.93
C GLY D 189 2.30 26.11 88.12
N PRO D 190 1.14 26.00 88.80
CA PRO D 190 -0.15 25.90 88.11
C PRO D 190 -0.40 27.05 87.11
N ASP D 191 -0.10 28.28 87.51
CA ASP D 191 -0.37 29.46 86.69
C ASP D 191 0.90 30.19 86.24
N PHE D 192 2.07 29.59 86.47
CA PHE D 192 3.36 30.24 86.18
C PHE D 192 4.47 29.25 85.87
N LEU D 193 5.58 29.77 85.36
CA LEU D 193 6.77 28.98 85.08
C LEU D 193 8.00 29.72 85.60
N VAL D 194 8.90 29.02 86.29
CA VAL D 194 10.18 29.62 86.64
C VAL D 194 11.25 29.13 85.67
N THR D 195 11.86 30.05 84.94
CA THR D 195 12.83 29.70 83.88
C THR D 195 14.26 30.15 84.19
N GLU D 196 15.22 29.53 83.51
CA GLU D 196 16.61 29.96 83.50
C GLU D 196 16.99 30.28 82.06
N VAL D 197 17.69 31.40 81.88
CA VAL D 197 18.10 31.85 80.55
C VAL D 197 19.33 31.05 80.11
N GLU D 198 19.20 30.37 78.98
CA GLU D 198 20.33 29.68 78.35
C GLU D 198 21.00 30.57 77.29
N ASN D 199 20.19 31.17 76.43
CA ASN D 199 20.67 32.14 75.44
C ASN D 199 20.16 33.53 75.80
N GLY D 200 21.08 34.42 76.15
CA GLY D 200 20.73 35.79 76.50
C GLY D 200 20.49 36.70 75.30
N GLY D 201 19.96 37.89 75.58
CA GLY D 201 19.62 38.85 74.53
C GLY D 201 18.65 39.91 75.01
N PHE D 202 18.45 40.91 74.16
CA PHE D 202 17.59 42.05 74.47
C PHE D 202 16.15 41.80 74.01
N LEU D 203 15.22 41.89 74.96
CA LEU D 203 13.82 41.59 74.71
C LEU D 203 12.99 42.85 74.51
N GLY D 204 12.36 42.96 73.34
CA GLY D 204 11.39 44.03 73.06
C GLY D 204 9.98 43.59 73.44
N SER D 205 8.99 44.21 72.80
CA SER D 205 7.60 43.91 73.10
C SER D 205 6.92 43.07 72.03
N LYS D 206 5.92 42.29 72.45
CA LYS D 206 5.13 41.45 71.54
C LYS D 206 6.04 40.64 70.60
N LYS D 207 7.00 39.93 71.19
CA LYS D 207 7.95 39.10 70.46
C LYS D 207 7.45 37.67 70.34
N GLY D 208 7.84 36.99 69.27
CA GLY D 208 7.39 35.65 68.99
C GLY D 208 7.91 34.64 70.02
N VAL D 209 7.03 33.76 70.46
CA VAL D 209 7.38 32.65 71.36
C VAL D 209 7.14 31.31 70.64
N ASN D 210 8.13 30.40 70.73
CA ASN D 210 8.00 29.03 70.24
C ASN D 210 8.23 27.98 71.34
N LEU D 211 7.46 26.90 71.30
CA LEU D 211 7.67 25.74 72.20
C LEU D 211 7.81 24.47 71.34
N PRO D 212 9.04 24.20 70.87
CA PRO D 212 9.24 23.14 69.88
C PRO D 212 8.91 21.74 70.37
N GLY D 213 9.29 21.41 71.60
CA GLY D 213 9.05 20.06 72.14
C GLY D 213 7.69 19.87 72.79
N ALA D 214 6.72 20.69 72.41
CA ALA D 214 5.39 20.67 73.04
C ALA D 214 4.23 20.60 72.05
N ALA D 215 3.19 19.83 72.40
CA ALA D 215 1.97 19.75 71.59
C ALA D 215 1.00 20.88 71.96
N VAL D 216 1.13 22.01 71.26
CA VAL D 216 0.34 23.22 71.51
C VAL D 216 -1.13 23.01 71.14
N ASP D 217 -2.03 23.27 72.08
CA ASP D 217 -3.45 22.98 71.89
C ASP D 217 -4.29 24.20 71.42
N LEU D 218 -3.60 25.27 71.04
CA LEU D 218 -4.24 26.42 70.43
C LEU D 218 -4.96 26.03 69.15
N PRO D 219 -6.07 26.73 68.83
CA PRO D 219 -6.84 26.41 67.63
C PRO D 219 -6.09 26.73 66.34
N ALA D 220 -6.14 25.79 65.41
CA ALA D 220 -5.62 25.97 64.06
C ALA D 220 -6.21 27.25 63.45
N VAL D 221 -7.52 27.39 63.58
CA VAL D 221 -8.26 28.56 63.16
C VAL D 221 -9.02 29.15 64.36
N SER D 222 -8.53 30.28 64.86
CA SER D 222 -9.09 30.93 66.04
C SER D 222 -10.29 31.81 65.65
N GLU D 223 -10.97 32.36 66.66
CA GLU D 223 -12.03 33.34 66.42
C GLU D 223 -11.53 34.56 65.64
N LYS D 224 -10.34 35.02 65.97
CA LYS D 224 -9.71 36.09 65.23
C LYS D 224 -9.50 35.69 63.76
N ASP D 225 -8.92 34.50 63.53
CA ASP D 225 -8.69 34.00 62.16
C ASP D 225 -9.99 33.90 61.36
N ILE D 226 -11.04 33.37 61.99
CA ILE D 226 -12.37 33.24 61.39
C ILE D 226 -12.87 34.58 60.85
N GLN D 227 -12.93 35.58 61.72
CA GLN D 227 -13.32 36.94 61.35
C GLN D 227 -12.40 37.46 60.25
N ASP D 228 -11.09 37.21 60.42
CA ASP D 228 -10.07 37.57 59.44
C ASP D 228 -10.30 36.89 58.09
N LEU D 229 -10.71 35.62 58.11
CA LEU D 229 -11.01 34.90 56.89
C LEU D 229 -12.26 35.46 56.20
N LYS D 230 -13.35 35.62 56.96
CA LYS D 230 -14.59 36.19 56.44
C LYS D 230 -14.35 37.57 55.81
N PHE D 231 -13.54 38.39 56.50
CA PHE D 231 -13.12 39.70 55.99
C PHE D 231 -12.33 39.55 54.69
N GLY D 232 -11.46 38.53 54.62
CA GLY D 232 -10.81 38.15 53.37
C GLY D 232 -11.80 37.93 52.24
N VAL D 233 -12.88 37.21 52.54
CA VAL D 233 -13.92 36.87 51.55
C VAL D 233 -14.64 38.14 51.05
N GLU D 234 -14.94 39.04 51.96
CA GLU D 234 -15.62 40.29 51.61
C GLU D 234 -14.72 41.26 50.83
N GLN D 235 -13.41 41.09 50.95
CA GLN D 235 -12.44 41.97 50.32
C GLN D 235 -11.90 41.41 49.00
N ASP D 236 -12.39 40.24 48.62
CA ASP D 236 -12.08 39.60 47.32
C ASP D 236 -10.58 39.35 47.11
N VAL D 237 -9.96 38.82 48.15
CA VAL D 237 -8.57 38.38 48.09
C VAL D 237 -8.47 37.11 47.24
N ASP D 238 -7.35 36.92 46.55
CA ASP D 238 -7.22 35.80 45.63
C ASP D 238 -6.80 34.51 46.35
N MET D 239 -6.09 34.65 47.46
CA MET D 239 -5.51 33.49 48.14
C MET D 239 -5.35 33.69 49.65
N VAL D 240 -5.26 32.59 50.39
CA VAL D 240 -4.97 32.64 51.82
C VAL D 240 -3.70 31.84 52.13
N PHE D 241 -2.77 32.48 52.84
CA PHE D 241 -1.61 31.77 53.38
C PHE D 241 -1.97 31.42 54.82
N ALA D 242 -2.22 30.14 55.06
CA ALA D 242 -2.71 29.71 56.37
C ALA D 242 -1.55 29.31 57.28
N SER D 243 -1.41 30.01 58.38
CA SER D 243 -0.29 29.79 59.29
C SER D 243 -0.43 28.52 60.13
N PHE D 244 0.70 27.86 60.36
CA PHE D 244 0.85 26.70 61.27
C PHE D 244 0.00 25.48 60.98
N ILE D 245 -0.22 25.20 59.70
CA ILE D 245 -0.96 24.02 59.28
C ILE D 245 -0.18 22.77 59.70
N ARG D 246 -0.82 21.95 60.52
CA ARG D 246 -0.20 20.74 61.09
C ARG D 246 -0.71 19.46 60.42
N LYS D 247 -1.95 19.52 59.92
CA LYS D 247 -2.65 18.35 59.39
CA LYS D 247 -2.63 18.34 59.36
C LYS D 247 -3.67 18.72 58.32
N ALA D 248 -4.25 17.72 57.67
CA ALA D 248 -5.23 17.95 56.62
C ALA D 248 -6.48 18.64 57.15
N ALA D 249 -6.93 18.22 58.34
CA ALA D 249 -8.13 18.77 58.99
C ALA D 249 -8.06 20.27 59.25
N ASP D 250 -6.83 20.78 59.37
CA ASP D 250 -6.55 22.21 59.50
C ASP D 250 -6.88 22.94 58.21
N VAL D 251 -6.60 22.28 57.09
CA VAL D 251 -6.92 22.80 55.77
C VAL D 251 -8.43 22.77 55.57
N HIS D 252 -9.06 21.65 55.94
CA HIS D 252 -10.51 21.49 55.78
C HIS D 252 -11.30 22.55 56.55
N GLU D 253 -10.74 22.99 57.68
CA GLU D 253 -11.38 23.99 58.52
C GLU D 253 -11.33 25.37 57.87
N VAL D 254 -10.16 25.76 57.36
CA VAL D 254 -10.01 27.00 56.61
C VAL D 254 -10.98 26.97 55.43
N ARG D 255 -11.06 25.81 54.78
CA ARG D 255 -11.98 25.62 53.65
C ARG D 255 -13.43 25.87 54.05
N LYS D 256 -13.86 25.22 55.14
CA LYS D 256 -15.20 25.36 55.68
C LYS D 256 -15.55 26.83 55.91
N ILE D 257 -14.60 27.59 56.43
CA ILE D 257 -14.81 28.99 56.79
C ILE D 257 -14.89 29.88 55.54
N LEU D 258 -13.99 29.66 54.58
CA LEU D 258 -14.06 30.37 53.31
C LEU D 258 -15.40 30.08 52.64
N GLY D 259 -15.87 28.83 52.80
CA GLY D 259 -17.22 28.43 52.44
C GLY D 259 -17.53 28.41 50.95
N GLU D 260 -18.81 28.61 50.62
CA GLU D 260 -19.26 28.63 49.24
C GLU D 260 -18.85 29.94 48.56
N LYS D 261 -18.92 31.05 49.27
CA LYS D 261 -18.54 32.34 48.72
C LYS D 261 -17.05 32.41 48.39
N GLY D 262 -16.21 31.73 49.17
CA GLY D 262 -14.77 31.79 48.95
C GLY D 262 -14.16 30.52 48.38
N LYS D 263 -14.95 29.79 47.59
CA LYS D 263 -14.54 28.46 47.11
C LYS D 263 -13.45 28.50 46.05
N ASN D 264 -13.39 29.59 45.30
CA ASN D 264 -12.33 29.79 44.32
C ASN D 264 -11.11 30.49 44.91
N ILE D 265 -11.13 30.74 46.21
CA ILE D 265 -10.00 31.34 46.90
C ILE D 265 -9.00 30.22 47.20
N LYS D 266 -7.74 30.42 46.81
CA LYS D 266 -6.72 29.39 46.94
C LYS D 266 -6.19 29.33 48.36
N ILE D 267 -6.09 28.12 48.90
CA ILE D 267 -5.54 27.90 50.23
C ILE D 267 -4.10 27.40 50.14
N ILE D 268 -3.18 28.27 50.53
CA ILE D 268 -1.75 27.94 50.63
C ILE D 268 -1.47 27.61 52.11
N SER D 269 -1.10 26.35 52.35
CA SER D 269 -0.78 25.91 53.71
C SER D 269 0.68 26.26 54.06
N LYS D 270 0.86 26.92 55.20
CA LYS D 270 2.19 27.30 55.65
C LYS D 270 2.81 26.22 56.52
N ILE D 271 3.91 25.63 56.05
CA ILE D 271 4.60 24.58 56.80
C ILE D 271 5.71 25.18 57.65
N GLU D 272 5.56 25.07 58.96
CA GLU D 272 6.44 25.75 59.90
C GLU D 272 6.63 25.03 61.22
N ASN D 273 6.10 23.82 61.31
CA ASN D 273 6.42 22.97 62.44
C ASN D 273 6.79 21.56 62.00
N HIS D 274 7.25 20.73 62.95
CA HIS D 274 7.69 19.37 62.68
CA HIS D 274 7.69 19.37 62.67
C HIS D 274 6.53 18.55 62.15
N GLU D 275 5.37 18.78 62.75
N GLU D 275 5.36 18.75 62.75
CA GLU D 275 4.12 18.07 62.49
CA GLU D 275 4.15 17.98 62.42
C GLU D 275 3.64 18.30 61.07
C GLU D 275 3.65 18.28 61.02
N GLY D 276 3.87 19.50 60.55
CA GLY D 276 3.51 19.88 59.18
C GLY D 276 4.42 19.23 58.15
N VAL D 277 5.63 18.91 58.56
CA VAL D 277 6.57 18.19 57.70
C VAL D 277 6.25 16.68 57.73
N ARG D 278 6.01 16.14 58.93
CA ARG D 278 5.58 14.74 59.10
C ARG D 278 4.31 14.40 58.34
N ARG D 279 3.33 15.29 58.38
CA ARG D 279 2.03 15.07 57.74
C ARG D 279 1.90 15.83 56.41
N PHE D 280 3.01 16.09 55.73
CA PHE D 280 2.99 16.98 54.55
C PHE D 280 2.06 16.52 53.41
N ASP D 281 2.10 15.23 53.10
CA ASP D 281 1.31 14.61 52.03
C ASP D 281 -0.21 14.85 52.12
N GLU D 282 -0.79 14.60 53.30
CA GLU D 282 -2.22 14.86 53.52
C GLU D 282 -2.51 16.37 53.50
N ILE D 283 -1.54 17.18 53.88
CA ILE D 283 -1.70 18.62 53.77
C ILE D 283 -1.68 19.06 52.31
N LEU D 284 -0.74 18.52 51.53
CA LEU D 284 -0.61 18.82 50.11
C LEU D 284 -1.86 18.45 49.33
N GLU D 285 -2.33 17.21 49.53
CA GLU D 285 -3.54 16.75 48.84
C GLU D 285 -4.69 17.72 49.10
N ALA D 286 -4.82 18.15 50.34
CA ALA D 286 -5.93 19.00 50.77
C ALA D 286 -5.76 20.46 50.37
N SER D 287 -4.54 20.87 50.03
CA SER D 287 -4.23 22.26 49.76
C SER D 287 -4.25 22.59 48.26
N ASP D 288 -4.25 23.89 47.94
CA ASP D 288 -4.13 24.37 46.57
C ASP D 288 -2.67 24.73 46.28
N GLY D 289 -1.88 24.80 47.35
CA GLY D 289 -0.46 25.10 47.29
C GLY D 289 0.12 25.14 48.70
N ILE D 290 1.43 25.34 48.78
CA ILE D 290 2.18 25.27 50.04
C ILE D 290 3.16 26.45 50.14
N MET D 291 3.48 26.86 51.38
CA MET D 291 4.58 27.80 51.65
C MET D 291 5.57 27.14 52.63
N VAL D 292 6.84 27.06 52.22
CA VAL D 292 7.89 26.69 53.19
C VAL D 292 8.13 27.94 54.02
N ALA D 293 7.48 27.99 55.18
CA ALA D 293 7.47 29.17 56.03
C ALA D 293 8.63 29.04 57.00
N ARG D 294 9.81 29.40 56.50
CA ARG D 294 11.09 28.97 57.08
C ARG D 294 11.40 29.62 58.43
N GLY D 295 10.93 30.85 58.62
CA GLY D 295 11.15 31.59 59.86
C GLY D 295 10.84 30.75 61.07
N ASP D 296 9.59 30.34 61.23
CA ASP D 296 9.20 29.47 62.36
C ASP D 296 9.76 28.06 62.26
N LEU D 297 9.77 27.51 61.05
CA LEU D 297 10.34 26.17 60.80
C LEU D 297 11.74 26.02 61.36
N GLY D 298 12.57 27.06 61.19
CA GLY D 298 13.96 27.07 61.67
C GLY D 298 14.12 27.19 63.18
N ILE D 299 13.00 27.39 63.86
CA ILE D 299 12.96 27.45 65.32
C ILE D 299 12.36 26.15 65.86
N GLU D 300 11.29 25.70 65.20
CA GLU D 300 10.58 24.46 65.57
C GLU D 300 11.43 23.22 65.36
N ILE D 301 12.04 23.11 64.19
CA ILE D 301 13.02 22.06 63.94
C ILE D 301 14.39 22.74 63.92
N PRO D 302 15.48 21.95 64.13
CA PRO D 302 16.80 22.56 64.06
C PRO D 302 17.02 23.32 62.75
N ALA D 303 17.64 24.48 62.85
CA ALA D 303 17.89 25.37 61.72
C ALA D 303 18.72 24.70 60.64
N GLU D 304 19.60 23.79 61.04
CA GLU D 304 20.49 23.14 60.08
C GLU D 304 19.75 22.07 59.28
N LYS D 305 18.48 21.88 59.59
CA LYS D 305 17.66 20.88 58.93
C LYS D 305 16.64 21.49 57.97
N VAL D 306 16.51 22.82 57.97
CA VAL D 306 15.49 23.49 57.15
C VAL D 306 15.62 23.25 55.64
N PHE D 307 16.85 23.20 55.16
CA PHE D 307 17.10 23.01 53.72
C PHE D 307 16.59 21.64 53.21
N LEU D 308 16.67 20.63 54.07
CA LEU D 308 16.18 19.29 53.75
C LEU D 308 14.68 19.34 53.52
N ALA D 309 13.97 19.95 54.47
CA ALA D 309 12.53 20.11 54.42
C ALA D 309 12.14 21.02 53.25
N GLN D 310 12.89 22.10 53.05
CA GLN D 310 12.62 23.01 51.93
C GLN D 310 12.68 22.25 50.61
N LYS D 311 13.76 21.50 50.42
CA LYS D 311 13.99 20.74 49.19
C LYS D 311 13.02 19.59 48.99
N MET D 312 12.63 18.92 50.08
CA MET D 312 11.63 17.85 50.03
C MET D 312 10.27 18.40 49.55
N ILE D 313 9.91 19.58 50.05
CA ILE D 313 8.61 20.18 49.82
C ILE D 313 8.52 20.70 48.40
N ILE D 314 9.51 21.48 47.99
CA ILE D 314 9.55 22.02 46.64
C ILE D 314 9.53 20.85 45.66
N GLY D 315 10.24 19.79 46.01
CA GLY D 315 10.22 18.56 45.23
C GLY D 315 8.82 18.01 45.06
N ARG D 316 8.15 17.78 46.20
CA ARG D 316 6.85 17.10 46.19
C ARG D 316 5.70 17.93 45.59
N CYS D 317 5.81 19.27 45.63
CA CYS D 317 4.81 20.14 45.00
C CYS D 317 5.04 20.22 43.49
N ASN D 318 6.29 20.15 43.07
CA ASN D 318 6.63 20.04 41.64
C ASN D 318 6.06 18.75 41.08
N ARG D 319 6.21 17.68 41.86
CA ARG D 319 5.75 16.36 41.47
C ARG D 319 4.24 16.36 41.28
N ALA D 320 3.55 17.12 42.14
CA ALA D 320 2.07 17.15 42.15
C ALA D 320 1.44 18.25 41.30
N GLY D 321 2.25 19.07 40.65
CA GLY D 321 1.73 20.21 39.91
C GLY D 321 1.05 21.27 40.79
N LYS D 322 1.46 21.40 42.04
CA LYS D 322 0.91 22.41 42.93
C LYS D 322 1.93 23.51 43.25
N PRO D 323 1.47 24.77 43.37
CA PRO D 323 2.38 25.89 43.61
C PRO D 323 3.09 25.78 44.96
N VAL D 324 4.36 26.15 44.98
CA VAL D 324 5.13 26.22 46.22
C VAL D 324 5.90 27.55 46.28
N ILE D 325 6.00 28.07 47.49
CA ILE D 325 6.63 29.37 47.79
C ILE D 325 7.76 29.15 48.77
N CYS D 326 8.95 29.63 48.42
CA CYS D 326 10.01 29.71 49.39
C CYS D 326 9.86 31.06 50.08
N ALA D 327 9.91 31.06 51.41
CA ALA D 327 9.71 32.26 52.19
C ALA D 327 10.78 32.46 53.26
N THR D 328 11.03 33.73 53.58
CA THR D 328 11.60 34.17 54.87
C THR D 328 13.12 34.34 54.97
N GLN D 329 13.51 35.60 55.12
CA GLN D 329 14.90 36.05 55.34
C GLN D 329 15.81 35.85 54.13
N MET D 330 15.20 35.82 52.95
CA MET D 330 15.94 35.56 51.72
C MET D 330 16.91 36.68 51.37
N LEU D 331 16.47 37.93 51.55
CA LEU D 331 17.34 39.09 51.36
C LEU D 331 17.36 39.96 52.63
N GLU D 332 17.28 39.29 53.77
CA GLU D 332 17.14 39.90 55.09
C GLU D 332 18.00 41.13 55.31
N SER D 333 19.29 41.03 55.02
CA SER D 333 20.22 42.15 55.24
C SER D 333 19.80 43.43 54.49
N MET D 334 18.94 43.29 53.48
CA MET D 334 18.54 44.47 52.68
C MET D 334 17.45 45.33 53.35
N ILE D 335 17.20 45.03 54.63
CA ILE D 335 16.35 45.86 55.46
C ILE D 335 17.08 47.17 55.79
N LYS D 336 18.41 47.08 55.91
CA LYS D 336 19.25 48.25 56.23
C LYS D 336 20.38 48.50 55.21
N LYS D 337 20.66 47.52 54.37
CA LYS D 337 21.72 47.66 53.37
C LYS D 337 21.19 47.66 51.92
N PRO D 338 21.77 48.51 51.05
CA PRO D 338 21.34 48.61 49.64
C PRO D 338 21.54 47.33 48.83
N ARG D 339 22.43 46.45 49.31
CA ARG D 339 22.82 45.22 48.60
C ARG D 339 22.74 43.99 49.51
N PRO D 340 22.48 42.79 48.94
CA PRO D 340 22.40 41.60 49.78
C PRO D 340 23.78 41.01 50.09
N THR D 341 23.84 40.08 51.04
CA THR D 341 25.07 39.33 51.28
C THR D 341 25.21 38.28 50.18
N ARG D 342 26.31 37.53 50.21
CA ARG D 342 26.60 36.54 49.18
C ARG D 342 25.77 35.28 49.42
N ALA D 343 25.53 34.97 50.69
CA ALA D 343 24.63 33.87 51.06
C ALA D 343 23.19 34.11 50.60
N GLU D 344 22.71 35.33 50.80
CA GLU D 344 21.37 35.74 50.41
C GLU D 344 21.19 35.61 48.89
N GLY D 345 22.17 36.08 48.12
CA GLY D 345 22.18 35.90 46.69
C GLY D 345 22.04 34.44 46.28
N SER D 346 22.78 33.57 46.99
CA SER D 346 22.77 32.13 46.81
C SER D 346 21.45 31.52 47.21
N ASP D 347 20.84 32.04 48.27
CA ASP D 347 19.59 31.50 48.78
C ASP D 347 18.46 31.67 47.78
N VAL D 348 18.43 32.82 47.12
CA VAL D 348 17.41 33.08 46.14
C VAL D 348 17.61 32.15 44.95
N ALA D 349 18.85 32.06 44.48
CA ALA D 349 19.14 31.27 43.29
C ALA D 349 18.90 29.77 43.51
N ASN D 350 19.29 29.27 44.68
CA ASN D 350 19.13 27.86 44.94
C ASN D 350 17.68 27.46 45.07
N ALA D 351 16.86 28.43 45.51
CA ALA D 351 15.43 28.19 45.69
C ALA D 351 14.79 28.07 44.32
N VAL D 352 15.18 28.97 43.41
CA VAL D 352 14.74 28.90 42.03
C VAL D 352 15.23 27.58 41.41
N LEU D 353 16.50 27.24 41.63
CA LEU D 353 16.99 25.95 41.17
C LEU D 353 16.26 24.77 41.80
N ASP D 354 15.85 24.92 43.08
CA ASP D 354 15.12 23.84 43.77
C ASP D 354 13.85 23.52 43.01
N GLY D 355 13.24 24.55 42.43
CA GLY D 355 11.97 24.45 41.72
C GLY D 355 10.86 25.33 42.30
N ALA D 356 11.18 26.20 43.25
CA ALA D 356 10.18 27.10 43.81
C ALA D 356 9.46 27.86 42.69
N ASP D 357 8.13 27.94 42.77
CA ASP D 357 7.33 28.66 41.79
C ASP D 357 7.39 30.14 42.10
N CYS D 358 7.34 30.43 43.39
CA CYS D 358 7.41 31.79 43.90
C CYS D 358 8.47 31.89 44.98
N ILE D 359 9.02 33.10 45.11
CA ILE D 359 9.89 33.47 46.23
C ILE D 359 9.34 34.75 46.86
N MET D 360 9.63 34.95 48.15
CA MET D 360 8.95 35.97 48.93
C MET D 360 9.89 36.92 49.68
N LEU D 361 9.39 38.11 49.98
CA LEU D 361 10.10 39.08 50.78
C LEU D 361 9.21 39.51 51.93
N SER D 362 9.77 39.53 53.15
CA SER D 362 8.99 39.88 54.35
C SER D 362 9.34 41.26 54.90
N GLY D 363 10.21 41.32 55.90
CA GLY D 363 10.69 42.60 56.42
C GLY D 363 11.26 43.49 55.32
N GLU D 364 11.83 42.86 54.30
CA GLU D 364 12.51 43.54 53.21
C GLU D 364 11.60 44.48 52.44
N THR D 365 10.31 44.16 52.38
CA THR D 365 9.35 45.07 51.78
C THR D 365 8.38 45.71 52.77
N ALA D 366 8.17 45.05 53.91
CA ALA D 366 7.21 45.52 54.90
C ALA D 366 7.72 46.74 55.65
N LYS D 367 8.89 46.61 56.29
CA LYS D 367 9.44 47.68 57.12
C LYS D 367 10.78 48.22 56.64
N GLY D 368 11.38 47.54 55.67
CA GLY D 368 12.76 47.81 55.26
C GLY D 368 13.07 49.19 54.68
N ASP D 369 14.36 49.51 54.67
CA ASP D 369 14.86 50.77 54.09
C ASP D 369 14.91 50.76 52.55
N TYR D 370 15.03 49.55 51.98
CA TYR D 370 15.17 49.39 50.54
C TYR D 370 14.16 48.41 49.92
N PRO D 371 12.86 48.70 50.03
CA PRO D 371 11.86 47.79 49.48
C PRO D 371 11.92 47.63 47.95
N LEU D 372 12.19 48.71 47.21
CA LEU D 372 12.33 48.63 45.75
C LEU D 372 13.57 47.87 45.30
N GLU D 373 14.67 48.07 46.02
CA GLU D 373 15.94 47.42 45.71
C GLU D 373 15.91 45.92 46.01
N ALA D 374 15.17 45.54 47.05
CA ALA D 374 14.93 44.15 47.39
C ALA D 374 14.11 43.46 46.29
N VAL D 375 13.06 44.13 45.85
CA VAL D 375 12.19 43.55 44.82
C VAL D 375 12.98 43.33 43.54
N ARG D 376 13.82 44.31 43.20
CA ARG D 376 14.61 44.31 41.96
C ARG D 376 15.64 43.21 41.92
N MET D 377 16.23 42.93 43.08
CA MET D 377 17.29 41.93 43.25
C MET D 377 16.79 40.48 43.06
N GLN D 378 15.69 40.12 43.72
CA GLN D 378 15.00 38.86 43.43
C GLN D 378 14.73 38.72 41.93
N HIS D 379 14.26 39.78 41.29
CA HIS D 379 13.98 39.74 39.86
C HIS D 379 15.21 39.33 39.05
N LEU D 380 16.34 39.98 39.33
CA LEU D 380 17.60 39.72 38.61
C LEU D 380 18.22 38.32 38.88
N ILE D 381 18.15 37.85 40.13
CA ILE D 381 18.61 36.50 40.49
C ILE D 381 17.75 35.42 39.84
N ALA D 382 16.43 35.62 39.89
CA ALA D 382 15.48 34.63 39.39
C ALA D 382 15.76 34.28 37.93
N ARG D 383 16.07 35.28 37.09
CA ARG D 383 16.36 35.02 35.67
C ARG D 383 17.67 34.29 35.49
N GLU D 384 18.65 34.59 36.33
CA GLU D 384 19.93 33.89 36.23
C GLU D 384 19.77 32.39 36.51
N ALA D 385 19.10 32.07 37.62
CA ALA D 385 18.87 30.68 38.04
C ALA D 385 17.89 29.92 37.16
N GLU D 386 16.90 30.64 36.62
CA GLU D 386 15.93 30.05 35.70
C GLU D 386 16.65 29.46 34.48
N ALA D 387 17.58 30.24 33.91
CA ALA D 387 18.43 29.75 32.82
C ALA D 387 19.39 28.64 33.29
N ALA D 388 19.85 28.76 34.55
CA ALA D 388 20.81 27.80 35.09
C ALA D 388 20.23 26.44 35.50
N MET D 389 18.91 26.27 35.38
CA MET D 389 18.25 24.97 35.63
C MET D 389 18.60 23.92 34.59
N PHE D 390 18.50 22.65 34.98
CA PHE D 390 18.81 21.55 34.08
C PHE D 390 17.49 21.00 33.50
N HIS D 391 16.96 21.74 32.54
CA HIS D 391 15.61 21.52 32.02
C HIS D 391 15.38 20.13 31.45
N ARG D 392 16.22 19.72 30.50
CA ARG D 392 16.13 18.38 29.90
C ARG D 392 16.02 17.27 30.96
N LYS D 393 16.75 17.38 32.07
CA LYS D 393 16.69 16.35 33.10
C LYS D 393 15.50 16.60 34.03
N LEU D 394 15.20 17.86 34.29
CA LEU D 394 14.01 18.20 35.07
C LEU D 394 12.75 17.66 34.37
N PHE D 395 12.60 17.98 33.09
CA PHE D 395 11.51 17.47 32.28
C PHE D 395 11.39 15.94 32.28
N GLU D 396 12.48 15.22 32.06
CA GLU D 396 12.47 13.75 32.04
C GLU D 396 12.00 13.15 33.37
N GLU D 397 12.46 13.76 34.46
CA GLU D 397 12.16 13.25 35.80
C GLU D 397 10.75 13.57 36.25
N LEU D 398 10.19 14.69 35.80
CA LEU D 398 8.80 15.05 36.10
C LEU D 398 7.85 14.11 35.35
N ALA D 399 8.23 13.80 34.11
CA ALA D 399 7.52 12.83 33.29
C ALA D 399 7.46 11.43 33.94
N ARG D 400 8.61 10.95 34.40
CA ARG D 400 8.69 9.63 35.03
C ARG D 400 7.78 9.55 36.27
N ALA D 401 7.75 10.62 37.06
CA ALA D 401 6.96 10.62 38.29
C ALA D 401 5.46 10.67 38.00
N SER D 402 5.09 11.30 36.88
CA SER D 402 3.69 11.40 36.47
C SER D 402 3.25 10.30 35.49
N SER D 403 4.19 9.48 35.05
CA SER D 403 3.95 8.54 33.96
C SER D 403 2.81 7.53 34.19
N GLN D 404 2.34 7.40 35.42
CA GLN D 404 1.12 6.64 35.71
C GLN D 404 -0.14 7.38 35.27
N SER D 405 -0.01 8.68 35.02
CA SER D 405 -1.11 9.48 34.48
C SER D 405 -1.10 9.44 32.95
N THR D 406 -2.27 9.23 32.35
CA THR D 406 -2.41 9.30 30.88
C THR D 406 -3.30 10.47 30.47
N ASP D 407 -3.53 11.39 31.43
CA ASP D 407 -4.39 12.55 31.24
C ASP D 407 -4.10 13.36 29.95
N LEU D 408 -5.16 13.77 29.25
CA LEU D 408 -5.03 14.43 27.95
C LEU D 408 -4.36 15.82 27.98
N MET D 409 -4.72 16.66 28.96
CA MET D 409 -4.07 17.98 29.09
C MET D 409 -2.57 17.88 29.45
N GLU D 410 -2.20 16.91 30.29
CA GLU D 410 -0.78 16.66 30.56
C GLU D 410 -0.04 16.28 29.27
N ALA D 411 -0.66 15.42 28.46
CA ALA D 411 -0.15 15.04 27.16
C ALA D 411 0.10 16.25 26.27
N MET D 412 -0.91 17.11 26.16
CA MET D 412 -0.77 18.36 25.42
C MET D 412 0.33 19.20 26.06
N ALA D 413 0.32 19.29 27.40
CA ALA D 413 1.33 20.06 28.12
C ALA D 413 2.75 19.53 27.84
N MET D 414 2.96 18.23 28.04
CA MET D 414 4.25 17.61 27.74
C MET D 414 4.68 17.79 26.28
N GLY D 415 3.74 17.70 25.35
CA GLY D 415 4.02 17.88 23.93
C GLY D 415 4.43 19.29 23.57
N SER D 416 3.80 20.26 24.21
CA SER D 416 4.11 21.66 23.98
C SER D 416 5.46 22.09 24.56
N VAL D 417 5.76 21.64 25.78
CA VAL D 417 7.02 21.96 26.45
C VAL D 417 8.18 21.32 25.68
N GLU D 418 8.01 20.03 25.34
CA GLU D 418 8.99 19.34 24.52
C GLU D 418 9.28 20.10 23.24
N ALA D 419 8.22 20.46 22.50
CA ALA D 419 8.35 21.24 21.27
C ALA D 419 9.01 22.61 21.47
N SER D 420 8.73 23.25 22.60
CA SER D 420 9.44 24.49 22.96
C SER D 420 10.94 24.28 23.24
N TYR D 421 11.33 23.10 23.73
CA TYR D 421 12.75 22.84 23.95
C TYR D 421 13.46 22.71 22.62
N LYS D 422 12.84 21.97 21.72
CA LYS D 422 13.41 21.64 20.43
C LYS D 422 13.65 22.86 19.53
N CYS D 423 12.63 23.69 19.31
CA CYS D 423 12.80 24.88 18.45
C CYS D 423 13.19 26.15 19.23
N LEU D 424 13.44 25.97 20.53
CA LEU D 424 13.77 27.08 21.44
C LEU D 424 12.78 28.22 21.21
N ALA D 425 11.51 27.91 21.47
CA ALA D 425 10.42 28.87 21.34
C ALA D 425 10.64 30.02 22.30
N ALA D 426 10.25 31.21 21.85
CA ALA D 426 10.36 32.44 22.67
C ALA D 426 9.26 32.52 23.73
N ALA D 427 8.17 31.77 23.52
CA ALA D 427 7.06 31.75 24.45
C ALA D 427 6.08 30.61 24.14
N LEU D 428 5.32 30.22 25.17
CA LEU D 428 4.09 29.46 24.97
C LEU D 428 2.88 30.34 25.24
N ILE D 429 2.05 30.55 24.22
CA ILE D 429 0.74 31.19 24.41
C ILE D 429 -0.33 30.16 24.78
N VAL D 430 -1.12 30.46 25.82
CA VAL D 430 -2.16 29.56 26.31
C VAL D 430 -3.47 30.33 26.54
N LEU D 431 -4.53 29.88 25.89
CA LEU D 431 -5.86 30.44 26.07
C LEU D 431 -6.56 29.59 27.11
N THR D 432 -7.04 30.22 28.18
CA THR D 432 -7.57 29.46 29.32
C THR D 432 -8.57 30.27 30.17
N GLU D 433 -9.58 29.61 30.71
CA GLU D 433 -10.56 30.29 31.58
C GLU D 433 -10.43 29.97 33.05
N SER D 434 -10.31 28.69 33.37
CA SER D 434 -10.12 28.25 34.76
C SER D 434 -8.65 28.34 35.16
N GLY D 435 -7.77 28.24 34.15
CA GLY D 435 -6.32 28.29 34.38
C GLY D 435 -5.65 26.93 34.24
N ARG D 436 -6.46 25.87 34.33
CA ARG D 436 -5.95 24.49 34.36
C ARG D 436 -4.98 24.21 33.23
N SER D 437 -5.31 24.63 32.02
CA SER D 437 -4.47 24.35 30.85
C SER D 437 -3.10 24.98 31.00
N ALA D 438 -3.07 26.27 31.36
CA ALA D 438 -1.82 26.97 31.69
C ALA D 438 -1.10 26.26 32.84
N HIS D 439 -1.79 26.03 33.96
CA HIS D 439 -1.18 25.38 35.13
C HIS D 439 -0.40 24.12 34.75
N GLN D 440 -0.98 23.31 33.86
CA GLN D 440 -0.41 22.01 33.55
C GLN D 440 0.82 22.15 32.66
N VAL D 441 0.85 23.23 31.87
CA VAL D 441 2.03 23.54 31.07
C VAL D 441 3.14 23.99 32.02
N ALA D 442 2.83 24.91 32.92
CA ALA D 442 3.79 25.43 33.89
C ALA D 442 4.50 24.30 34.63
N ARG D 443 3.71 23.39 35.17
CA ARG D 443 4.14 22.13 35.78
C ARG D 443 5.34 21.44 35.09
N TYR D 444 5.40 21.51 33.76
CA TYR D 444 6.42 20.75 33.04
C TYR D 444 7.64 21.57 32.65
N ARG D 445 7.68 22.79 33.19
CA ARG D 445 8.88 23.59 33.29
C ARG D 445 9.60 23.87 31.96
N PRO D 446 8.91 24.57 31.05
CA PRO D 446 9.64 25.06 29.88
C PRO D 446 10.51 26.22 30.35
N ARG D 447 11.51 26.61 29.54
CA ARG D 447 12.36 27.74 29.88
C ARG D 447 11.80 29.04 29.31
N ALA D 448 11.05 28.92 28.23
CA ALA D 448 10.30 30.03 27.63
C ALA D 448 9.16 30.45 28.57
N PRO D 449 8.72 31.72 28.50
CA PRO D 449 7.57 32.17 29.28
C PRO D 449 6.23 31.63 28.75
N ILE D 450 5.30 31.45 29.69
CA ILE D 450 3.96 31.03 29.38
C ILE D 450 3.01 32.22 29.47
N ILE D 451 2.72 32.82 28.31
CA ILE D 451 1.76 33.92 28.26
C ILE D 451 0.34 33.35 28.23
N ALA D 452 -0.34 33.41 29.38
CA ALA D 452 -1.71 32.93 29.50
C ALA D 452 -2.70 34.07 29.29
N VAL D 453 -3.61 33.87 28.34
CA VAL D 453 -4.67 34.84 28.05
C VAL D 453 -5.99 34.29 28.58
N THR D 454 -6.68 35.13 29.38
CA THR D 454 -7.90 34.74 30.08
C THR D 454 -8.87 35.92 30.15
N ARG D 455 -10.16 35.63 30.16
CA ARG D 455 -11.16 36.68 30.45
C ARG D 455 -11.53 36.68 31.94
N ASN D 456 -11.20 35.61 32.64
CA ASN D 456 -11.44 35.48 34.08
C ASN D 456 -10.34 36.20 34.86
N HIS D 457 -10.70 37.36 35.42
CA HIS D 457 -9.78 38.26 36.12
C HIS D 457 -9.07 37.63 37.32
N GLN D 458 -9.79 36.75 38.04
CA GLN D 458 -9.25 36.10 39.23
C GLN D 458 -8.22 35.04 38.84
N THR D 459 -8.52 34.31 37.76
CA THR D 459 -7.64 33.32 37.16
C THR D 459 -6.31 33.94 36.78
N ALA D 460 -6.36 35.16 36.24
CA ALA D 460 -5.15 35.92 35.96
C ALA D 460 -4.33 36.19 37.22
N ARG D 461 -5.00 36.62 38.29
CA ARG D 461 -4.30 37.02 39.49
C ARG D 461 -3.72 35.80 40.18
N GLN D 462 -4.44 34.67 40.13
CA GLN D 462 -3.99 33.44 40.79
C GLN D 462 -2.82 32.79 40.06
N ALA D 463 -2.69 33.07 38.76
CA ALA D 463 -1.66 32.50 37.88
C ALA D 463 -0.21 32.81 38.30
N HIS D 464 -0.05 33.89 39.06
CA HIS D 464 1.24 34.27 39.59
C HIS D 464 1.82 33.19 40.54
N LEU D 465 0.96 32.33 41.09
CA LEU D 465 1.42 31.23 41.94
C LEU D 465 2.22 30.16 41.19
N TYR D 466 2.21 30.22 39.87
CA TYR D 466 2.78 29.16 39.04
C TYR D 466 3.97 29.64 38.24
N ARG D 467 5.14 29.04 38.50
CA ARG D 467 6.34 29.35 37.70
C ARG D 467 6.10 29.54 36.19
N GLY D 468 6.49 30.70 35.68
CA GLY D 468 6.52 30.94 34.24
C GLY D 468 5.28 31.55 33.61
N ILE D 469 4.13 31.43 34.29
CA ILE D 469 2.88 31.99 33.76
C ILE D 469 2.85 33.50 33.87
N PHE D 470 2.73 34.12 32.70
CA PHE D 470 2.66 35.57 32.56
C PHE D 470 1.21 35.93 32.17
N PRO D 471 0.32 36.08 33.16
CA PRO D 471 -1.10 36.31 32.91
C PRO D 471 -1.38 37.58 32.12
N VAL D 472 -2.42 37.53 31.27
CA VAL D 472 -2.87 38.70 30.51
C VAL D 472 -4.40 38.71 30.47
N VAL D 473 -4.98 39.77 31.06
CA VAL D 473 -6.42 39.96 31.06
C VAL D 473 -6.92 40.37 29.67
N CYS D 474 -7.88 39.61 29.15
CA CYS D 474 -8.57 39.94 27.92
C CYS D 474 -9.88 40.66 28.23
N LYS D 475 -9.95 41.93 27.85
CA LYS D 475 -11.12 42.77 28.14
C LYS D 475 -12.14 42.77 26.99
N ASP D 476 -11.74 42.25 25.83
CA ASP D 476 -12.60 42.26 24.62
C ASP D 476 -13.82 41.35 24.75
N PRO D 477 -14.96 41.75 24.14
CA PRO D 477 -16.14 40.87 24.16
C PRO D 477 -15.90 39.57 23.39
N VAL D 478 -16.72 38.56 23.65
CA VAL D 478 -16.62 37.28 22.96
C VAL D 478 -17.04 37.42 21.49
N GLN D 479 -16.09 37.25 20.57
CA GLN D 479 -16.41 37.32 19.13
C GLN D 479 -17.35 36.16 18.78
N GLU D 480 -18.25 36.40 17.81
CA GLU D 480 -19.28 35.41 17.46
C GLU D 480 -18.73 34.11 16.85
N ALA D 481 -17.80 34.23 15.91
CA ALA D 481 -17.15 33.04 15.34
C ALA D 481 -15.99 32.61 16.22
N TRP D 482 -16.05 31.37 16.71
CA TRP D 482 -15.01 30.80 17.57
C TRP D 482 -13.59 31.03 17.04
N ALA D 483 -13.45 30.96 15.72
CA ALA D 483 -12.16 31.19 15.04
C ALA D 483 -11.56 32.58 15.30
N GLU D 484 -12.37 33.61 15.14
CA GLU D 484 -11.94 35.00 15.31
C GLU D 484 -11.67 35.31 16.78
N ASP D 485 -12.42 34.65 17.66
CA ASP D 485 -12.27 34.85 19.10
C ASP D 485 -10.95 34.27 19.64
N VAL D 486 -10.53 33.16 19.06
CA VAL D 486 -9.24 32.56 19.36
C VAL D 486 -8.12 33.45 18.85
N ASP D 487 -8.24 33.88 17.59
CA ASP D 487 -7.20 34.66 16.91
C ASP D 487 -6.95 35.98 17.64
N LEU D 488 -8.03 36.60 18.09
CA LEU D 488 -7.98 37.86 18.81
C LEU D 488 -7.09 37.73 20.03
N ARG D 489 -7.31 36.65 20.80
CA ARG D 489 -6.56 36.37 22.03
C ARG D 489 -5.13 35.93 21.78
N VAL D 490 -4.82 35.49 20.57
CA VAL D 490 -3.43 35.14 20.24
C VAL D 490 -2.66 36.43 19.98
N ASN D 491 -3.18 37.28 19.09
CA ASN D 491 -2.55 38.54 18.75
CA ASN D 491 -2.57 38.57 18.74
C ASN D 491 -2.31 39.41 19.98
N LEU D 492 -3.23 39.37 20.94
CA LEU D 492 -3.08 40.10 22.21
C LEU D 492 -1.81 39.62 22.88
N ALA D 493 -1.68 38.30 23.03
CA ALA D 493 -0.48 37.69 23.58
C ALA D 493 0.75 38.02 22.73
N MET D 494 0.56 38.20 21.42
CA MET D 494 1.64 38.55 20.52
C MET D 494 2.08 39.98 20.80
N ASN D 495 1.11 40.86 21.00
CA ASN D 495 1.36 42.28 21.26
C ASN D 495 1.98 42.51 22.62
N VAL D 496 1.39 41.85 23.63
CA VAL D 496 1.97 41.81 24.97
C VAL D 496 3.42 41.36 24.91
N GLY D 497 3.66 40.19 24.33
CA GLY D 497 5.01 39.63 24.19
C GLY D 497 6.02 40.59 23.59
N LYS D 498 5.64 41.25 22.49
CA LYS D 498 6.53 42.18 21.80
C LYS D 498 6.85 43.40 22.66
N ALA D 499 5.81 44.03 23.19
CA ALA D 499 5.96 45.22 24.03
C ALA D 499 6.84 44.91 25.24
N ARG D 500 6.59 43.77 25.86
CA ARG D 500 7.39 43.29 27.00
C ARG D 500 8.79 42.79 26.62
N GLY D 501 9.14 42.85 25.33
CA GLY D 501 10.46 42.41 24.86
C GLY D 501 10.80 40.92 24.94
N PHE D 502 9.77 40.09 25.09
CA PHE D 502 9.95 38.64 25.11
C PHE D 502 10.29 38.08 23.72
N PHE D 503 9.71 38.69 22.69
CA PHE D 503 10.01 38.30 21.32
C PHE D 503 9.71 39.41 20.31
N LYS D 504 10.07 39.13 19.06
CA LYS D 504 9.86 40.05 17.95
C LYS D 504 9.50 39.24 16.70
N LYS D 505 9.18 39.93 15.62
CA LYS D 505 8.82 39.33 14.33
C LYS D 505 9.89 38.32 13.88
N GLY D 506 9.45 37.16 13.40
CA GLY D 506 10.38 36.12 12.93
C GLY D 506 10.78 35.08 13.97
N ASP D 507 10.56 35.40 15.24
CA ASP D 507 10.71 34.43 16.34
C ASP D 507 9.54 33.46 16.34
N VAL D 508 9.68 32.36 17.09
CA VAL D 508 8.64 31.34 17.14
C VAL D 508 8.04 31.15 18.52
N VAL D 509 6.74 30.92 18.55
CA VAL D 509 6.05 30.65 19.79
C VAL D 509 5.24 29.36 19.62
N ILE D 510 4.88 28.76 20.75
CA ILE D 510 4.00 27.60 20.75
C ILE D 510 2.62 28.09 21.19
N VAL D 511 1.61 27.92 20.35
CA VAL D 511 0.28 28.39 20.67
C VAL D 511 -0.63 27.22 21.07
N LEU D 512 -1.24 27.32 22.25
CA LEU D 512 -2.16 26.29 22.76
C LEU D 512 -3.59 26.81 22.83
N THR D 513 -4.47 26.21 22.03
CA THR D 513 -5.85 26.69 21.98
C THR D 513 -6.87 25.54 22.08
N GLY D 514 -8.14 25.91 22.20
CA GLY D 514 -9.25 24.97 22.02
C GLY D 514 -9.68 24.95 20.56
N TRP D 515 -9.91 23.74 20.04
CA TRP D 515 -10.34 23.57 18.65
C TRP D 515 -11.76 24.10 18.41
N ARG D 516 -12.64 23.83 19.37
CA ARG D 516 -14.05 24.29 19.36
C ARG D 516 -14.42 24.85 20.74
N PRO D 517 -15.53 25.61 20.84
CA PRO D 517 -15.91 26.21 22.12
C PRO D 517 -16.11 25.19 23.25
N GLY D 518 -16.64 24.01 22.91
CA GLY D 518 -16.95 22.97 23.88
C GLY D 518 -15.82 22.37 24.70
N SER D 519 -14.62 22.29 24.12
CA SER D 519 -13.46 21.68 24.79
C SER D 519 -13.26 22.19 26.22
N GLY D 520 -12.93 21.26 27.12
CA GLY D 520 -12.59 21.61 28.50
C GLY D 520 -11.09 21.70 28.75
N PHE D 521 -10.31 21.78 27.67
CA PHE D 521 -8.85 21.91 27.76
C PHE D 521 -8.26 22.24 26.38
N THR D 522 -7.02 22.73 26.34
CA THR D 522 -6.35 23.03 25.07
C THR D 522 -5.93 21.76 24.37
N ASN D 523 -6.67 21.42 23.31
CA ASN D 523 -6.40 20.22 22.54
C ASN D 523 -5.78 20.52 21.17
N THR D 524 -5.35 21.78 20.99
CA THR D 524 -4.69 22.22 19.76
C THR D 524 -3.37 22.91 20.08
N MET D 525 -2.30 22.38 19.51
N MET D 525 -2.28 22.38 19.53
CA MET D 525 -0.96 22.96 19.64
CA MET D 525 -0.95 22.98 19.66
C MET D 525 -0.48 23.38 18.27
C MET D 525 -0.40 23.34 18.29
N ARG D 526 0.09 24.57 18.16
CA ARG D 526 0.74 25.03 16.95
C ARG D 526 2.11 25.66 17.22
N VAL D 527 3.02 25.48 16.27
CA VAL D 527 4.20 26.33 16.17
C VAL D 527 3.77 27.46 15.21
N VAL D 528 4.03 28.70 15.61
CA VAL D 528 3.56 29.87 14.87
C VAL D 528 4.64 30.96 14.92
N PRO D 529 4.91 31.62 13.78
CA PRO D 529 5.88 32.72 13.84
C PRO D 529 5.21 33.97 14.39
N VAL D 530 5.96 34.77 15.14
CA VAL D 530 5.46 36.07 15.60
C VAL D 530 5.30 36.98 14.38
N PRO D 531 4.14 37.64 14.25
CA PRO D 531 3.97 38.61 13.16
C PRO D 531 4.43 40.00 13.58
N ALA E 11 4.21 0.19 -21.02
CA ALA E 11 4.75 -0.23 -19.69
C ALA E 11 5.19 -1.70 -19.73
N PHE E 12 4.52 -2.48 -20.58
CA PHE E 12 4.94 -3.83 -20.97
C PHE E 12 4.29 -4.11 -22.31
N ILE E 13 5.08 -4.67 -23.24
CA ILE E 13 4.57 -5.04 -24.56
C ILE E 13 4.31 -6.53 -24.54
N GLN E 14 3.03 -6.89 -24.52
N GLN E 14 3.03 -6.89 -24.55
CA GLN E 14 2.62 -8.29 -24.48
CA GLN E 14 2.58 -8.28 -24.50
C GLN E 14 3.08 -9.05 -25.72
C GLN E 14 3.07 -9.05 -25.73
N THR E 15 3.63 -10.23 -25.48
CA THR E 15 4.07 -11.14 -26.55
C THR E 15 2.88 -11.64 -27.37
N GLN E 16 3.12 -12.27 -28.51
CA GLN E 16 2.06 -12.99 -29.21
C GLN E 16 0.86 -12.11 -29.60
N GLN E 17 1.13 -10.82 -29.85
CA GLN E 17 0.10 -9.84 -30.21
C GLN E 17 -1.12 -9.85 -29.28
N LEU E 18 -0.92 -10.11 -28.00
CA LEU E 18 -2.05 -10.28 -27.06
C LEU E 18 -2.85 -9.01 -26.77
N HIS E 19 -2.23 -7.84 -26.99
CA HIS E 19 -2.94 -6.56 -26.87
C HIS E 19 -3.93 -6.39 -28.02
N ALA E 20 -3.49 -6.78 -29.21
CA ALA E 20 -4.31 -6.79 -30.41
C ALA E 20 -5.44 -7.82 -30.32
N ALA E 21 -5.21 -8.87 -29.53
CA ALA E 21 -6.20 -9.93 -29.27
C ALA E 21 -7.39 -9.41 -28.48
N MET E 22 -7.17 -8.29 -27.76
CA MET E 22 -8.18 -7.73 -26.83
C MET E 22 -9.04 -6.65 -27.48
N ALA E 23 -8.76 -6.37 -28.74
CA ALA E 23 -9.57 -5.46 -29.55
C ALA E 23 -11.01 -5.96 -29.66
N ASP E 24 -11.93 -5.03 -29.86
CA ASP E 24 -13.34 -5.37 -30.07
C ASP E 24 -13.70 -5.42 -31.56
N THR E 25 -12.96 -4.69 -32.38
CA THR E 25 -13.19 -4.66 -33.83
C THR E 25 -12.02 -5.16 -34.63
N PHE E 26 -12.32 -5.59 -35.86
CA PHE E 26 -11.31 -6.09 -36.75
C PHE E 26 -10.35 -4.95 -37.12
N LEU E 27 -10.91 -3.78 -37.39
CA LEU E 27 -10.14 -2.52 -37.53
C LEU E 27 -9.15 -2.26 -36.38
N GLU E 28 -9.65 -2.24 -35.15
CA GLU E 28 -8.82 -2.01 -33.96
CA GLU E 28 -8.79 -1.97 -33.99
C GLU E 28 -7.74 -3.06 -33.86
N HIS E 29 -8.13 -4.31 -34.10
CA HIS E 29 -7.21 -5.42 -34.02
C HIS E 29 -6.02 -5.13 -34.92
N LYS E 30 -6.30 -4.86 -36.21
CA LYS E 30 -5.27 -4.45 -37.17
C LYS E 30 -4.43 -3.27 -36.68
N CYS E 31 -5.07 -2.19 -36.23
CA CYS E 31 -4.35 -0.97 -35.77
C CYS E 31 -3.40 -1.25 -34.62
N ARG E 32 -3.62 -2.34 -33.89
CA ARG E 32 -2.84 -2.70 -32.70
C ARG E 32 -1.64 -3.64 -32.96
N LEU E 33 -1.44 -4.04 -34.22
CA LEU E 33 -0.36 -4.98 -34.50
C LEU E 33 0.99 -4.30 -34.26
N ASP E 34 1.89 -5.03 -33.58
CA ASP E 34 3.11 -4.45 -33.04
C ASP E 34 4.35 -5.27 -33.42
N ILE E 35 5.21 -4.69 -34.27
CA ILE E 35 6.42 -5.37 -34.72
C ILE E 35 7.33 -5.75 -33.54
N ASP E 36 7.15 -5.04 -32.43
CA ASP E 36 7.93 -5.30 -31.23
C ASP E 36 7.28 -6.32 -30.29
N SER E 37 6.19 -6.93 -30.73
CA SER E 37 5.56 -7.99 -29.96
C SER E 37 6.06 -9.37 -30.39
N ALA E 38 6.96 -9.93 -29.59
CA ALA E 38 7.68 -11.14 -29.94
C ALA E 38 6.74 -12.34 -30.02
N PRO E 39 6.76 -13.05 -31.18
CA PRO E 39 5.93 -14.23 -31.31
C PRO E 39 6.39 -15.30 -30.33
N ILE E 40 5.62 -16.37 -30.17
CA ILE E 40 6.05 -17.51 -29.35
C ILE E 40 6.97 -18.46 -30.15
N THR E 41 7.52 -19.46 -29.46
CA THR E 41 8.46 -20.38 -30.08
C THR E 41 7.76 -21.42 -30.96
N ALA E 42 6.62 -21.93 -30.50
CA ALA E 42 5.85 -22.90 -31.29
C ALA E 42 5.44 -22.29 -32.60
N ARG E 43 5.47 -23.12 -33.64
CA ARG E 43 4.99 -22.73 -34.95
C ARG E 43 3.93 -23.71 -35.37
N ASN E 44 2.74 -23.18 -35.63
CA ASN E 44 1.54 -23.99 -35.79
C ASN E 44 1.20 -24.40 -37.22
N THR E 45 1.67 -23.64 -38.20
CA THR E 45 1.37 -23.92 -39.60
C THR E 45 2.33 -24.98 -40.15
N GLY E 46 1.79 -26.11 -40.56
CA GLY E 46 2.61 -27.16 -41.19
C GLY E 46 3.40 -26.66 -42.37
N ILE E 47 4.65 -27.11 -42.51
CA ILE E 47 5.47 -26.80 -43.69
C ILE E 47 5.72 -28.04 -44.53
N ILE E 48 5.17 -27.99 -45.74
CA ILE E 48 5.27 -29.07 -46.72
C ILE E 48 6.31 -28.73 -47.79
N CYS E 49 7.27 -29.63 -47.95
CA CYS E 49 8.33 -29.39 -48.90
C CYS E 49 8.31 -30.40 -50.03
N THR E 50 8.34 -29.87 -51.26
CA THR E 50 8.52 -30.67 -52.45
C THR E 50 10.01 -30.98 -52.57
N ILE E 51 10.35 -32.27 -52.53
CA ILE E 51 11.74 -32.70 -52.64
C ILE E 51 12.13 -32.81 -54.11
N GLY E 52 13.42 -32.68 -54.41
CA GLY E 52 13.93 -32.79 -55.78
C GLY E 52 15.43 -32.93 -55.78
N PRO E 53 16.11 -32.51 -56.87
CA PRO E 53 17.57 -32.55 -56.91
C PRO E 53 18.23 -31.72 -55.79
N ALA E 54 17.64 -30.56 -55.49
CA ALA E 54 18.19 -29.63 -54.49
C ALA E 54 18.09 -30.08 -53.04
N SER E 55 17.30 -31.12 -52.76
CA SER E 55 16.96 -31.48 -51.39
C SER E 55 16.85 -32.98 -51.13
N ARG E 56 17.26 -33.75 -52.12
CA ARG E 56 17.16 -35.20 -52.11
C ARG E 56 18.20 -35.89 -51.21
N SER E 57 19.33 -35.23 -50.98
CA SER E 57 20.42 -35.86 -50.23
C SER E 57 20.03 -36.02 -48.77
N VAL E 58 20.57 -37.06 -48.12
CA VAL E 58 20.23 -37.38 -46.73
C VAL E 58 20.68 -36.25 -45.82
N GLU E 59 21.86 -35.70 -46.08
CA GLU E 59 22.39 -34.60 -45.28
C GLU E 59 21.53 -33.36 -45.41
N THR E 60 21.07 -33.07 -46.62
CA THR E 60 20.21 -31.91 -46.87
C THR E 60 18.85 -32.10 -46.21
N LEU E 61 18.28 -33.29 -46.35
CA LEU E 61 17.04 -33.65 -45.71
C LEU E 61 17.09 -33.54 -44.20
N LYS E 62 18.18 -34.03 -43.59
CA LYS E 62 18.42 -33.82 -42.16
C LYS E 62 18.21 -32.37 -41.75
N GLU E 63 18.89 -31.46 -42.45
CA GLU E 63 18.84 -30.03 -42.16
C GLU E 63 17.46 -29.40 -42.44
N MET E 64 16.83 -29.84 -43.53
N MET E 64 16.79 -29.83 -43.50
CA MET E 64 15.45 -29.49 -43.89
CA MET E 64 15.44 -29.35 -43.78
C MET E 64 14.49 -29.73 -42.72
C MET E 64 14.44 -29.73 -42.70
N ILE E 65 14.67 -30.86 -42.04
CA ILE E 65 13.86 -31.24 -40.88
C ILE E 65 14.15 -30.30 -39.73
N LYS E 66 15.42 -29.98 -39.53
CA LYS E 66 15.85 -29.07 -38.47
C LYS E 66 15.32 -27.66 -38.70
N SER E 67 15.18 -27.30 -39.98
CA SER E 67 14.67 -26.00 -40.37
C SER E 67 13.14 -25.96 -40.26
N GLY E 68 12.50 -27.13 -40.24
CA GLY E 68 11.08 -27.18 -39.97
C GLY E 68 10.18 -27.99 -40.88
N MET E 69 10.75 -28.69 -41.86
CA MET E 69 9.95 -29.53 -42.74
C MET E 69 9.07 -30.50 -41.93
N ASN E 70 7.80 -30.57 -42.31
CA ASN E 70 6.83 -31.45 -41.65
C ASN E 70 6.39 -32.59 -42.57
N VAL E 71 6.28 -32.26 -43.85
CA VAL E 71 5.83 -33.18 -44.89
C VAL E 71 6.77 -33.07 -46.10
N ALA E 72 7.27 -34.21 -46.55
CA ALA E 72 8.02 -34.26 -47.78
C ALA E 72 7.08 -34.66 -48.92
N ARG E 73 6.99 -33.81 -49.94
CA ARG E 73 6.14 -34.01 -51.13
C ARG E 73 6.94 -34.59 -52.29
N MET E 74 6.49 -35.74 -52.79
CA MET E 74 7.05 -36.35 -53.97
C MET E 74 6.08 -36.04 -55.10
N ASN E 75 6.56 -35.27 -56.07
CA ASN E 75 5.80 -34.92 -57.24
C ASN E 75 6.00 -35.97 -58.32
N PHE E 76 4.96 -36.77 -58.57
CA PHE E 76 5.07 -37.88 -59.55
C PHE E 76 4.85 -37.49 -61.02
N SER E 77 4.72 -36.19 -61.28
CA SER E 77 4.69 -35.68 -62.64
C SER E 77 6.01 -35.90 -63.34
N HIS E 78 7.03 -36.24 -62.56
CA HIS E 78 8.38 -36.49 -63.07
C HIS E 78 8.98 -37.64 -62.29
N GLY E 79 10.06 -38.21 -62.82
CA GLY E 79 10.77 -39.29 -62.15
C GLY E 79 10.15 -40.66 -62.27
N THR E 80 10.98 -41.69 -62.17
CA THR E 80 10.54 -43.08 -62.14
C THR E 80 10.22 -43.54 -60.72
N HIS E 81 9.66 -44.74 -60.61
CA HIS E 81 9.41 -45.35 -59.28
C HIS E 81 10.71 -45.55 -58.55
N GLU E 82 11.74 -45.96 -59.29
CA GLU E 82 13.11 -46.07 -58.76
C GLU E 82 13.54 -44.76 -58.09
N TYR E 83 13.48 -43.66 -58.83
CA TYR E 83 13.88 -42.36 -58.34
C TYR E 83 13.13 -41.96 -57.05
N HIS E 84 11.80 -42.03 -57.11
CA HIS E 84 10.97 -41.70 -55.96
C HIS E 84 11.15 -42.68 -54.81
N ALA E 85 11.53 -43.92 -55.09
CA ALA E 85 11.78 -44.88 -54.01
C ALA E 85 13.03 -44.50 -53.23
N GLU E 86 14.07 -44.05 -53.94
CA GLU E 86 15.30 -43.60 -53.24
C GLU E 86 15.09 -42.30 -52.48
N THR E 87 14.32 -41.38 -53.03
CA THR E 87 14.02 -40.14 -52.34
C THR E 87 13.28 -40.41 -51.02
N ILE E 88 12.31 -41.32 -51.08
CA ILE E 88 11.50 -41.70 -49.92
C ILE E 88 12.33 -42.38 -48.85
N LYS E 89 13.25 -43.24 -49.27
CA LYS E 89 14.22 -43.88 -48.38
C LYS E 89 15.11 -42.84 -47.67
N ASN E 90 15.72 -41.96 -48.45
CA ASN E 90 16.51 -40.83 -47.94
C ASN E 90 15.78 -39.99 -46.88
N VAL E 91 14.52 -39.66 -47.15
CA VAL E 91 13.69 -38.92 -46.20
C VAL E 91 13.53 -39.71 -44.89
N ARG E 92 13.31 -41.01 -45.01
CA ARG E 92 13.23 -41.89 -43.83
C ARG E 92 14.56 -42.02 -43.08
N THR E 93 15.66 -42.16 -43.82
CA THR E 93 16.99 -42.18 -43.23
C THR E 93 17.27 -40.87 -42.49
N ALA E 94 16.87 -39.76 -43.12
CA ALA E 94 17.01 -38.43 -42.52
C ALA E 94 16.22 -38.37 -41.21
N THR E 95 14.94 -38.70 -41.30
CA THR E 95 14.06 -38.70 -40.13
C THR E 95 14.55 -39.59 -38.97
N GLU E 96 15.09 -40.77 -39.28
CA GLU E 96 15.46 -41.71 -38.22
C GLU E 96 16.82 -41.44 -37.58
N SER E 97 17.60 -40.54 -38.17
CA SER E 97 18.87 -40.12 -37.58
C SER E 97 18.69 -39.34 -36.27
N PHE E 98 17.44 -38.98 -35.98
CA PHE E 98 17.11 -38.23 -34.76
C PHE E 98 16.36 -39.07 -33.74
N ALA E 99 16.02 -40.30 -34.14
CA ALA E 99 15.20 -41.20 -33.31
C ALA E 99 15.85 -41.61 -31.97
N SER E 100 17.18 -41.50 -31.89
CA SER E 100 17.91 -41.90 -30.68
C SER E 100 17.42 -41.17 -29.43
N ASP E 101 17.15 -39.87 -29.57
CA ASP E 101 16.50 -39.08 -28.53
C ASP E 101 15.02 -38.90 -28.90
N PRO E 102 14.13 -39.65 -28.23
CA PRO E 102 12.68 -39.64 -28.50
C PRO E 102 12.00 -38.39 -27.95
N ILE E 103 12.72 -37.61 -27.15
CA ILE E 103 12.19 -36.36 -26.63
C ILE E 103 12.20 -35.31 -27.75
N LEU E 104 13.32 -35.20 -28.47
CA LEU E 104 13.46 -34.20 -29.51
C LEU E 104 12.89 -34.63 -30.86
N TYR E 105 13.01 -35.93 -31.17
CA TYR E 105 12.56 -36.52 -32.45
C TYR E 105 11.26 -35.94 -33.04
N ARG E 106 11.29 -35.71 -34.36
CA ARG E 106 10.14 -35.21 -35.09
C ARG E 106 9.66 -36.21 -36.15
N PRO E 107 8.37 -36.58 -36.12
CA PRO E 107 7.86 -37.39 -37.21
C PRO E 107 7.82 -36.57 -38.50
N VAL E 108 8.08 -37.23 -39.63
CA VAL E 108 8.04 -36.57 -40.92
C VAL E 108 7.16 -37.34 -41.90
N ALA E 109 6.15 -36.66 -42.43
CA ALA E 109 5.18 -37.24 -43.34
C ALA E 109 5.68 -37.32 -44.79
N VAL E 110 5.20 -38.36 -45.48
CA VAL E 110 5.55 -38.59 -46.88
C VAL E 110 4.25 -38.52 -47.70
N ALA E 111 4.25 -37.63 -48.69
CA ALA E 111 3.07 -37.33 -49.51
C ALA E 111 3.31 -37.63 -50.97
N LEU E 112 2.36 -38.32 -51.59
CA LEU E 112 2.40 -38.62 -53.02
C LEU E 112 1.50 -37.69 -53.84
N ASP E 113 2.10 -36.90 -54.73
CA ASP E 113 1.38 -35.93 -55.56
C ASP E 113 1.27 -36.54 -56.94
N THR E 114 0.04 -36.83 -57.36
CA THR E 114 -0.21 -37.55 -58.61
C THR E 114 -0.01 -36.68 -59.86
N LYS E 115 0.45 -37.29 -60.94
CA LYS E 115 0.47 -36.59 -62.22
C LYS E 115 -0.93 -36.13 -62.60
N GLY E 116 -1.88 -37.07 -62.71
CA GLY E 116 -3.24 -36.71 -63.07
C GLY E 116 -3.33 -36.42 -64.56
N PRO E 117 -4.45 -35.82 -65.02
CA PRO E 117 -4.61 -35.62 -66.46
C PRO E 117 -3.82 -34.41 -66.96
N GLU E 118 -2.50 -34.55 -67.00
CA GLU E 118 -1.60 -33.50 -67.46
C GLU E 118 -1.48 -33.52 -68.96
N ILE E 119 -1.32 -32.35 -69.54
CA ILE E 119 -0.99 -32.21 -70.94
C ILE E 119 0.37 -31.52 -70.96
N ARG E 120 1.32 -32.11 -71.68
CA ARG E 120 2.65 -31.53 -71.81
C ARG E 120 3.15 -31.56 -73.24
N THR E 121 4.12 -30.71 -73.53
CA THR E 121 4.73 -30.60 -74.85
C THR E 121 5.94 -31.53 -74.98
N GLY E 122 6.41 -31.73 -76.19
CA GLY E 122 7.56 -32.57 -76.43
C GLY E 122 8.88 -31.90 -76.12
N LEU E 123 9.94 -32.40 -76.76
CA LEU E 123 11.29 -31.89 -76.54
C LEU E 123 11.74 -30.99 -77.68
N ILE E 124 12.40 -29.89 -77.32
CA ILE E 124 12.98 -29.00 -78.31
C ILE E 124 14.07 -29.73 -79.08
N LYS E 125 14.21 -29.41 -80.37
CA LYS E 125 15.20 -30.02 -81.25
C LYS E 125 16.63 -29.69 -80.82
N GLY E 126 17.59 -30.47 -81.33
CA GLY E 126 18.99 -30.36 -80.90
C GLY E 126 19.73 -29.18 -81.49
N SER E 127 19.42 -28.85 -82.74
CA SER E 127 20.10 -27.81 -83.50
C SER E 127 19.85 -26.40 -82.98
N GLY E 128 20.91 -25.59 -82.93
CA GLY E 128 20.82 -24.19 -82.48
C GLY E 128 20.81 -23.98 -80.97
N THR E 129 20.20 -22.87 -80.56
CA THR E 129 20.13 -22.47 -79.15
C THR E 129 18.99 -23.21 -78.44
N ALA E 130 19.24 -23.59 -77.18
CA ALA E 130 18.37 -24.52 -76.43
C ALA E 130 16.87 -24.20 -76.37
N GLU E 131 16.53 -22.91 -76.44
CA GLU E 131 15.14 -22.45 -76.41
C GLU E 131 14.75 -21.75 -77.70
N VAL E 132 13.50 -21.95 -78.12
CA VAL E 132 12.99 -21.28 -79.31
C VAL E 132 12.12 -20.10 -78.92
N GLU E 133 12.08 -19.08 -79.78
CA GLU E 133 11.28 -17.90 -79.50
C GLU E 133 9.97 -17.96 -80.27
N LEU E 134 8.86 -17.95 -79.53
CA LEU E 134 7.54 -17.76 -80.11
C LEU E 134 7.23 -16.27 -80.10
N LYS E 135 7.03 -15.69 -81.28
CA LYS E 135 6.83 -14.24 -81.40
C LYS E 135 5.39 -13.87 -81.70
N LYS E 136 4.91 -12.82 -81.06
CA LYS E 136 3.55 -12.31 -81.23
C LYS E 136 3.22 -12.16 -82.71
N GLY E 137 2.13 -12.79 -83.13
CA GLY E 137 1.64 -12.69 -84.50
C GLY E 137 2.06 -13.82 -85.44
N ALA E 138 3.13 -14.53 -85.08
CA ALA E 138 3.59 -15.68 -85.87
C ALA E 138 2.66 -16.88 -85.71
N THR E 139 2.63 -17.77 -86.70
CA THR E 139 1.81 -18.98 -86.60
C THR E 139 2.58 -20.17 -86.01
N LEU E 140 1.87 -21.04 -85.28
CA LEU E 140 2.45 -22.26 -84.76
C LEU E 140 1.53 -23.46 -85.01
N LYS E 141 2.09 -24.50 -85.62
CA LYS E 141 1.37 -25.77 -85.83
C LYS E 141 1.57 -26.70 -84.63
N ILE E 142 0.48 -26.98 -83.91
CA ILE E 142 0.51 -28.02 -82.87
C ILE E 142 0.24 -29.38 -83.52
N THR E 143 1.13 -30.35 -83.26
CA THR E 143 1.09 -31.66 -83.93
C THR E 143 0.92 -32.80 -82.92
N LEU E 144 0.38 -33.93 -83.41
CA LEU E 144 0.21 -35.13 -82.57
C LEU E 144 1.07 -36.28 -83.09
N ASP E 145 1.63 -36.09 -84.28
CA ASP E 145 2.50 -37.07 -84.92
C ASP E 145 3.81 -37.22 -84.14
N ASN E 146 4.06 -38.45 -83.67
CA ASN E 146 5.22 -38.75 -82.83
C ASN E 146 6.59 -38.50 -83.47
N ALA E 147 6.63 -38.30 -84.79
CA ALA E 147 7.87 -37.94 -85.47
C ALA E 147 8.54 -36.70 -84.88
N TYR E 148 7.71 -35.80 -84.35
CA TYR E 148 8.15 -34.51 -83.85
C TYR E 148 8.12 -34.44 -82.32
N MET E 149 7.93 -35.59 -81.67
CA MET E 149 7.81 -35.61 -80.20
CA MET E 149 7.84 -35.68 -80.19
C MET E 149 9.07 -35.05 -79.54
N GLU E 150 10.21 -35.16 -80.24
CA GLU E 150 11.47 -34.61 -79.78
C GLU E 150 12.07 -33.66 -80.82
N LYS E 151 11.21 -33.06 -81.64
CA LYS E 151 11.65 -32.09 -82.65
C LYS E 151 10.81 -30.82 -82.63
N CYS E 152 10.52 -30.34 -81.42
CA CYS E 152 9.72 -29.14 -81.21
C CYS E 152 10.53 -27.89 -81.48
N ASP E 153 9.91 -26.92 -82.13
CA ASP E 153 10.55 -25.62 -82.39
C ASP E 153 9.46 -24.57 -82.57
N GLU E 154 9.85 -23.36 -82.97
CA GLU E 154 8.90 -22.25 -83.09
C GLU E 154 7.82 -22.47 -84.16
N ASN E 155 8.07 -23.44 -85.05
CA ASN E 155 7.18 -23.71 -86.17
C ASN E 155 6.19 -24.85 -85.94
N ILE E 156 6.62 -25.84 -85.17
CA ILE E 156 5.83 -27.05 -84.97
C ILE E 156 5.98 -27.56 -83.54
N LEU E 157 4.85 -27.61 -82.83
CA LEU E 157 4.86 -28.04 -81.43
C LEU E 157 4.05 -29.32 -81.20
N TRP E 158 4.75 -30.37 -80.81
CA TRP E 158 4.13 -31.62 -80.39
C TRP E 158 3.73 -31.55 -78.93
N LEU E 159 2.50 -31.96 -78.63
CA LEU E 159 2.08 -32.14 -77.25
C LEU E 159 1.50 -33.55 -77.11
N ASP E 160 1.32 -34.02 -75.88
CA ASP E 160 1.00 -35.44 -75.65
C ASP E 160 -0.49 -35.81 -75.48
N TYR E 161 -1.38 -34.84 -75.69
CA TYR E 161 -2.80 -35.10 -75.56
C TYR E 161 -3.41 -35.54 -76.91
N LYS E 162 -3.57 -36.85 -77.07
CA LYS E 162 -3.97 -37.49 -78.34
C LYS E 162 -5.40 -37.17 -78.81
N ASN E 163 -6.23 -36.69 -77.89
CA ASN E 163 -7.60 -36.32 -78.23
C ASN E 163 -7.87 -34.82 -78.27
N ILE E 164 -6.81 -34.02 -78.30
CA ILE E 164 -6.96 -32.56 -78.22
C ILE E 164 -7.91 -31.97 -79.27
N CYS E 165 -7.89 -32.52 -80.48
CA CYS E 165 -8.68 -31.98 -81.60
C CYS E 165 -10.18 -32.18 -81.40
N LYS E 166 -10.55 -33.14 -80.57
CA LYS E 166 -11.95 -33.40 -80.26
C LYS E 166 -12.59 -32.39 -79.27
N VAL E 167 -11.78 -31.62 -78.56
CA VAL E 167 -12.30 -30.76 -77.47
C VAL E 167 -12.06 -29.26 -77.64
N VAL E 168 -11.06 -28.90 -78.44
CA VAL E 168 -10.78 -27.50 -78.75
C VAL E 168 -11.47 -27.10 -80.04
N ASP E 169 -11.69 -25.80 -80.20
CA ASP E 169 -12.39 -25.30 -81.35
C ASP E 169 -11.61 -24.13 -81.93
N VAL E 170 -11.82 -23.86 -83.20
CA VAL E 170 -11.34 -22.62 -83.79
C VAL E 170 -11.78 -21.51 -82.85
N GLY E 171 -10.82 -20.72 -82.39
CA GLY E 171 -11.11 -19.65 -81.44
C GLY E 171 -10.75 -20.02 -80.01
N SER E 172 -10.36 -21.28 -79.80
CA SER E 172 -9.95 -21.76 -78.48
C SER E 172 -8.54 -21.29 -78.16
N LYS E 173 -8.34 -20.94 -76.90
CA LYS E 173 -7.06 -20.48 -76.39
C LYS E 173 -6.28 -21.68 -75.88
N VAL E 174 -4.95 -21.65 -76.08
CA VAL E 174 -4.05 -22.69 -75.62
C VAL E 174 -2.90 -22.05 -74.85
N TYR E 175 -2.78 -22.38 -73.56
CA TYR E 175 -1.73 -21.82 -72.70
C TYR E 175 -0.56 -22.79 -72.52
N VAL E 176 0.67 -22.29 -72.68
CA VAL E 176 1.87 -23.11 -72.56
C VAL E 176 2.81 -22.51 -71.52
N ASP E 177 3.32 -23.37 -70.62
CA ASP E 177 4.36 -23.03 -69.63
C ASP E 177 3.89 -22.01 -68.56
N ASP E 178 3.50 -22.49 -67.39
CA ASP E 178 2.93 -21.64 -66.32
C ASP E 178 2.15 -20.44 -66.88
N GLY E 179 1.43 -20.65 -67.97
CA GLY E 179 0.50 -19.67 -68.53
C GLY E 179 1.13 -18.46 -69.17
N LEU E 180 2.48 -18.43 -69.22
CA LEU E 180 3.27 -17.33 -69.79
C LEU E 180 3.11 -17.18 -71.32
N ILE E 181 2.77 -18.29 -71.98
CA ILE E 181 2.64 -18.33 -73.43
C ILE E 181 1.21 -18.65 -73.87
N SER E 182 0.62 -17.82 -74.71
CA SER E 182 -0.73 -18.12 -75.22
C SER E 182 -0.83 -18.22 -76.73
N LEU E 183 -1.65 -19.17 -77.16
CA LEU E 183 -1.90 -19.45 -78.56
C LEU E 183 -3.39 -19.38 -78.80
N GLN E 184 -3.80 -19.00 -80.01
CA GLN E 184 -5.22 -19.04 -80.36
C GLN E 184 -5.43 -19.90 -81.60
N VAL E 185 -6.35 -20.86 -81.49
CA VAL E 185 -6.59 -21.84 -82.55
C VAL E 185 -7.26 -21.21 -83.78
N LYS E 186 -6.55 -21.27 -84.92
CA LYS E 186 -7.00 -20.66 -86.18
C LYS E 186 -7.66 -21.65 -87.15
N GLN E 187 -7.17 -22.89 -87.16
CA GLN E 187 -7.70 -23.93 -88.05
C GLN E 187 -7.60 -25.30 -87.35
N LYS E 188 -8.56 -26.18 -87.65
CA LYS E 188 -8.57 -27.53 -87.10
C LYS E 188 -8.31 -28.56 -88.18
N GLY E 189 -7.77 -29.70 -87.75
CA GLY E 189 -7.45 -30.81 -88.64
C GLY E 189 -7.52 -32.12 -87.87
N PRO E 190 -7.37 -33.25 -88.59
CA PRO E 190 -7.45 -34.58 -87.96
C PRO E 190 -6.53 -34.75 -86.75
N ASP E 191 -5.24 -34.51 -86.95
CA ASP E 191 -4.25 -34.68 -85.88
C ASP E 191 -3.39 -33.43 -85.68
N PHE E 192 -3.94 -32.26 -86.01
CA PHE E 192 -3.19 -31.02 -85.87
C PHE E 192 -4.08 -29.79 -85.66
N LEU E 193 -3.45 -28.72 -85.18
CA LEU E 193 -4.04 -27.38 -85.09
C LEU E 193 -3.05 -26.32 -85.62
N VAL E 194 -3.53 -25.38 -86.43
CA VAL E 194 -2.75 -24.18 -86.78
C VAL E 194 -3.12 -23.06 -85.80
N THR E 195 -2.11 -22.50 -85.13
CA THR E 195 -2.37 -21.44 -84.13
C THR E 195 -1.63 -20.15 -84.45
N GLU E 196 -2.12 -19.04 -83.88
CA GLU E 196 -1.44 -17.76 -83.92
C GLU E 196 -0.91 -17.51 -82.50
N VAL E 197 0.29 -16.96 -82.42
CA VAL E 197 0.92 -16.67 -81.13
C VAL E 197 0.32 -15.36 -80.65
N GLU E 198 -0.39 -15.45 -79.53
CA GLU E 198 -1.09 -14.33 -78.93
C GLU E 198 -0.16 -13.57 -77.98
N ASN E 199 0.40 -14.29 -77.00
CA ASN E 199 1.44 -13.78 -76.11
C ASN E 199 2.72 -14.59 -76.30
N GLY E 200 3.80 -13.91 -76.67
CA GLY E 200 5.09 -14.56 -76.96
C GLY E 200 5.87 -14.99 -75.74
N GLY E 201 7.05 -15.55 -75.99
CA GLY E 201 7.93 -16.06 -74.95
C GLY E 201 8.91 -17.07 -75.52
N PHE E 202 9.92 -17.41 -74.73
CA PHE E 202 10.87 -18.47 -75.09
C PHE E 202 10.34 -19.82 -74.63
N LEU E 203 10.39 -20.81 -75.52
CA LEU E 203 9.83 -22.13 -75.21
C LEU E 203 10.91 -23.16 -74.91
N GLY E 204 10.76 -23.80 -73.76
CA GLY E 204 11.60 -24.91 -73.34
C GLY E 204 10.92 -26.23 -73.64
N SER E 205 11.33 -27.29 -72.94
CA SER E 205 10.86 -28.65 -73.18
C SER E 205 9.90 -29.16 -72.10
N LYS E 206 9.04 -30.10 -72.48
CA LYS E 206 8.10 -30.76 -71.55
C LYS E 206 7.39 -29.79 -70.61
N LYS E 207 6.81 -28.75 -71.20
CA LYS E 207 6.14 -27.71 -70.44
C LYS E 207 4.66 -28.05 -70.30
N GLY E 208 4.03 -27.52 -69.26
CA GLY E 208 2.59 -27.69 -69.05
C GLY E 208 1.75 -26.97 -70.09
N VAL E 209 0.69 -27.63 -70.56
CA VAL E 209 -0.29 -27.02 -71.44
C VAL E 209 -1.62 -26.96 -70.69
N ASN E 210 -2.30 -25.82 -70.79
CA ASN E 210 -3.65 -25.65 -70.24
C ASN E 210 -4.67 -25.30 -71.32
N LEU E 211 -5.80 -26.00 -71.30
CA LEU E 211 -6.95 -25.66 -72.16
C LEU E 211 -8.13 -25.23 -71.28
N PRO E 212 -8.16 -23.93 -70.88
CA PRO E 212 -9.13 -23.43 -69.90
C PRO E 212 -10.60 -23.47 -70.34
N GLY E 213 -10.87 -23.20 -71.62
CA GLY E 213 -12.25 -23.19 -72.13
C GLY E 213 -12.67 -24.47 -72.83
N ALA E 214 -12.20 -25.62 -72.31
CA ALA E 214 -12.45 -26.91 -72.94
C ALA E 214 -12.76 -27.98 -71.90
N ALA E 215 -13.52 -29.00 -72.30
CA ALA E 215 -13.82 -30.12 -71.43
C ALA E 215 -12.87 -31.28 -71.72
N VAL E 216 -11.65 -31.17 -71.20
CA VAL E 216 -10.59 -32.16 -71.34
C VAL E 216 -11.07 -33.54 -70.85
N ASP E 217 -11.07 -34.50 -71.76
CA ASP E 217 -11.73 -35.78 -71.50
C ASP E 217 -10.79 -36.88 -71.01
N LEU E 218 -9.53 -36.53 -70.76
CA LEU E 218 -8.56 -37.45 -70.17
C LEU E 218 -9.07 -38.02 -68.85
N PRO E 219 -8.68 -39.26 -68.51
CA PRO E 219 -9.11 -39.89 -67.26
C PRO E 219 -8.64 -39.10 -66.05
N ALA E 220 -9.53 -38.94 -65.06
CA ALA E 220 -9.18 -38.30 -63.78
C ALA E 220 -8.11 -39.13 -63.06
N VAL E 221 -8.24 -40.45 -63.21
CA VAL E 221 -7.24 -41.39 -62.73
C VAL E 221 -6.77 -42.27 -63.90
N SER E 222 -5.57 -42.01 -64.39
CA SER E 222 -5.02 -42.73 -65.53
C SER E 222 -4.46 -44.07 -65.11
N GLU E 223 -4.02 -44.84 -66.11
CA GLU E 223 -3.33 -46.10 -65.86
C GLU E 223 -2.02 -45.82 -65.13
N LYS E 224 -1.30 -44.80 -65.57
CA LYS E 224 -0.08 -44.36 -64.90
C LYS E 224 -0.36 -43.92 -63.45
N ASP E 225 -1.46 -43.17 -63.25
CA ASP E 225 -1.87 -42.75 -61.91
C ASP E 225 -2.17 -43.96 -61.02
N ILE E 226 -2.84 -44.97 -61.57
CA ILE E 226 -3.17 -46.21 -60.82
C ILE E 226 -1.90 -46.87 -60.27
N GLN E 227 -0.94 -47.13 -61.16
CA GLN E 227 0.37 -47.69 -60.77
C GLN E 227 0.99 -46.87 -59.64
N ASP E 228 1.13 -45.57 -59.86
CA ASP E 228 1.72 -44.66 -58.86
C ASP E 228 1.03 -44.77 -57.50
N LEU E 229 -0.29 -44.90 -57.52
CA LEU E 229 -1.06 -44.99 -56.28
C LEU E 229 -0.80 -46.32 -55.57
N LYS E 230 -0.93 -47.42 -56.32
CA LYS E 230 -0.56 -48.77 -55.84
C LYS E 230 0.85 -48.77 -55.24
N PHE E 231 1.77 -48.10 -55.92
CA PHE E 231 3.15 -47.93 -55.45
C PHE E 231 3.17 -47.11 -54.16
N GLY E 232 2.31 -46.08 -54.09
CA GLY E 232 2.13 -45.30 -52.88
C GLY E 232 1.77 -46.15 -51.69
N VAL E 233 0.83 -47.07 -51.90
CA VAL E 233 0.35 -47.95 -50.85
C VAL E 233 1.51 -48.81 -50.38
N GLU E 234 2.18 -49.42 -51.35
CA GLU E 234 3.31 -50.29 -51.07
C GLU E 234 4.47 -49.55 -50.38
N GLN E 235 4.70 -48.30 -50.73
CA GLN E 235 5.74 -47.50 -50.07
C GLN E 235 5.25 -46.86 -48.75
N ASP E 236 4.03 -47.18 -48.36
CA ASP E 236 3.44 -46.74 -47.10
C ASP E 236 3.36 -45.22 -46.98
N VAL E 237 2.96 -44.56 -48.08
CA VAL E 237 2.74 -43.12 -48.06
C VAL E 237 1.66 -42.77 -47.05
N ASP E 238 1.79 -41.58 -46.44
CA ASP E 238 0.85 -41.13 -45.44
C ASP E 238 -0.37 -40.41 -46.06
N MET E 239 -0.19 -39.80 -47.24
CA MET E 239 -1.27 -39.04 -47.87
C MET E 239 -1.09 -38.93 -49.39
N VAL E 240 -2.17 -38.65 -50.10
CA VAL E 240 -2.06 -38.48 -51.53
C VAL E 240 -2.64 -37.12 -51.88
N PHE E 241 -1.83 -36.28 -52.53
CA PHE E 241 -2.33 -35.07 -53.17
C PHE E 241 -2.77 -35.43 -54.59
N ALA E 242 -4.08 -35.48 -54.78
CA ALA E 242 -4.64 -35.94 -56.04
C ALA E 242 -4.96 -34.77 -56.97
N SER E 243 -4.25 -34.72 -58.10
CA SER E 243 -4.28 -33.57 -59.03
C SER E 243 -5.52 -33.51 -59.90
N PHE E 244 -5.93 -32.29 -60.23
CA PHE E 244 -7.07 -31.99 -61.13
C PHE E 244 -8.44 -32.59 -60.77
N ILE E 245 -8.71 -32.71 -59.48
CA ILE E 245 -10.00 -33.20 -58.98
C ILE E 245 -11.10 -32.24 -59.37
N ARG E 246 -12.10 -32.75 -60.09
CA ARG E 246 -13.22 -31.93 -60.59
C ARG E 246 -14.50 -32.12 -59.79
N LYS E 247 -14.66 -33.31 -59.21
CA LYS E 247 -15.95 -33.77 -58.70
C LYS E 247 -15.74 -34.92 -57.73
N ALA E 248 -16.73 -35.18 -56.91
CA ALA E 248 -16.64 -36.25 -55.90
C ALA E 248 -16.31 -37.60 -56.53
N ALA E 249 -16.93 -37.90 -57.67
CA ALA E 249 -16.66 -39.14 -58.40
C ALA E 249 -15.17 -39.33 -58.69
N ASP E 250 -14.47 -38.23 -58.95
CA ASP E 250 -13.01 -38.24 -59.08
C ASP E 250 -12.34 -38.70 -57.80
N VAL E 251 -12.84 -38.20 -56.66
CA VAL E 251 -12.31 -38.51 -55.35
C VAL E 251 -12.48 -40.00 -55.06
N HIS E 252 -13.63 -40.55 -55.48
CA HIS E 252 -14.00 -41.92 -55.14
C HIS E 252 -13.18 -42.98 -55.86
N GLU E 253 -12.73 -42.69 -57.10
CA GLU E 253 -11.90 -43.66 -57.81
CA GLU E 253 -11.89 -43.62 -57.85
C GLU E 253 -10.53 -43.75 -57.15
N VAL E 254 -9.94 -42.60 -56.82
CA VAL E 254 -8.69 -42.53 -56.06
C VAL E 254 -8.80 -43.36 -54.78
N ARG E 255 -9.91 -43.17 -54.06
CA ARG E 255 -10.23 -43.97 -52.88
C ARG E 255 -10.37 -45.46 -53.20
N LYS E 256 -11.06 -45.78 -54.29
CA LYS E 256 -11.28 -47.16 -54.71
C LYS E 256 -9.95 -47.80 -55.11
N ILE E 257 -9.07 -47.01 -55.72
CA ILE E 257 -7.79 -47.51 -56.18
C ILE E 257 -6.89 -47.81 -54.99
N LEU E 258 -6.88 -46.90 -54.02
CA LEU E 258 -6.13 -47.08 -52.78
C LEU E 258 -6.64 -48.32 -52.03
N GLY E 259 -7.92 -48.62 -52.21
CA GLY E 259 -8.51 -49.87 -51.77
C GLY E 259 -8.50 -50.10 -50.27
N GLU E 260 -8.66 -51.37 -49.88
CA GLU E 260 -8.64 -51.75 -48.46
C GLU E 260 -7.28 -51.51 -47.80
N LYS E 261 -6.20 -51.83 -48.50
CA LYS E 261 -4.86 -51.71 -47.92
C LYS E 261 -4.44 -50.25 -47.69
N GLY E 262 -4.96 -49.34 -48.51
CA GLY E 262 -4.65 -47.92 -48.35
C GLY E 262 -5.80 -47.10 -47.78
N LYS E 263 -6.64 -47.75 -46.96
CA LYS E 263 -7.86 -47.11 -46.45
C LYS E 263 -7.62 -46.01 -45.42
N ASN E 264 -6.50 -46.12 -44.70
CA ASN E 264 -6.07 -45.09 -43.75
C ASN E 264 -5.22 -43.99 -44.37
N ILE E 265 -4.94 -44.11 -45.67
CA ILE E 265 -4.17 -43.09 -46.37
C ILE E 265 -5.11 -41.92 -46.65
N LYS E 266 -4.71 -40.72 -46.21
CA LYS E 266 -5.54 -39.54 -46.38
C LYS E 266 -5.50 -39.04 -47.81
N ILE E 267 -6.63 -38.56 -48.31
CA ILE E 267 -6.72 -38.06 -49.66
C ILE E 267 -6.98 -36.57 -49.68
N ILE E 268 -6.04 -35.83 -50.25
CA ILE E 268 -6.11 -34.40 -50.33
C ILE E 268 -6.37 -33.99 -51.79
N SER E 269 -7.57 -33.49 -52.06
CA SER E 269 -7.94 -33.11 -53.41
C SER E 269 -7.35 -31.76 -53.75
N LYS E 270 -6.82 -31.67 -54.96
CA LYS E 270 -6.16 -30.46 -55.43
C LYS E 270 -7.15 -29.73 -56.31
N ILE E 271 -7.60 -28.58 -55.82
CA ILE E 271 -8.51 -27.76 -56.59
C ILE E 271 -7.64 -26.82 -57.42
N GLU E 272 -7.80 -26.89 -58.74
CA GLU E 272 -6.94 -26.16 -59.66
C GLU E 272 -7.58 -25.95 -61.05
N ASN E 273 -8.90 -26.11 -61.10
CA ASN E 273 -9.65 -25.72 -62.29
C ASN E 273 -11.01 -25.19 -61.87
N HIS E 274 -11.70 -24.56 -62.82
CA HIS E 274 -13.03 -24.01 -62.57
C HIS E 274 -13.97 -25.08 -62.01
N GLU E 275 -14.03 -26.24 -62.66
CA GLU E 275 -14.99 -27.26 -62.26
C GLU E 275 -14.77 -27.72 -60.83
N GLY E 276 -13.51 -27.78 -60.42
CA GLY E 276 -13.16 -28.08 -59.03
C GLY E 276 -13.67 -27.05 -58.06
N VAL E 277 -13.64 -25.77 -58.45
CA VAL E 277 -14.16 -24.72 -57.58
C VAL E 277 -15.69 -24.79 -57.52
N ARG E 278 -16.32 -24.88 -58.70
CA ARG E 278 -17.78 -24.90 -58.77
CA ARG E 278 -17.79 -24.95 -58.85
C ARG E 278 -18.40 -26.03 -57.95
N ARG E 279 -17.78 -27.20 -57.95
CA ARG E 279 -18.31 -28.34 -57.22
C ARG E 279 -17.50 -28.57 -55.95
N PHE E 280 -16.96 -27.50 -55.36
CA PHE E 280 -16.11 -27.64 -54.17
C PHE E 280 -16.71 -28.46 -53.03
N ASP E 281 -17.98 -28.19 -52.72
CA ASP E 281 -18.68 -28.78 -51.59
C ASP E 281 -18.67 -30.31 -51.62
N GLU E 282 -18.98 -30.91 -52.77
CA GLU E 282 -19.09 -32.37 -52.90
C GLU E 282 -17.71 -33.05 -52.80
N ILE E 283 -16.68 -32.35 -53.27
CA ILE E 283 -15.31 -32.80 -53.17
C ILE E 283 -14.85 -32.77 -51.72
N LEU E 284 -15.15 -31.68 -51.02
CA LEU E 284 -14.76 -31.52 -49.63
C LEU E 284 -15.39 -32.64 -48.81
N GLU E 285 -16.70 -32.88 -49.01
CA GLU E 285 -17.39 -33.99 -48.35
C GLU E 285 -16.65 -35.31 -48.58
N ALA E 286 -16.29 -35.57 -49.83
CA ALA E 286 -15.66 -36.84 -50.21
C ALA E 286 -14.18 -36.98 -49.81
N SER E 287 -13.52 -35.86 -49.51
CA SER E 287 -12.07 -35.82 -49.25
C SER E 287 -11.68 -35.71 -47.77
N ASP E 288 -10.42 -36.06 -47.47
CA ASP E 288 -9.88 -35.92 -46.12
C ASP E 288 -9.26 -34.54 -45.93
N GLY E 289 -9.22 -33.76 -47.02
CA GLY E 289 -8.51 -32.47 -47.03
C GLY E 289 -8.32 -31.91 -48.43
N ILE E 290 -7.87 -30.67 -48.51
CA ILE E 290 -7.79 -29.94 -49.78
C ILE E 290 -6.46 -29.21 -49.97
N MET E 291 -6.01 -29.09 -51.21
CA MET E 291 -4.92 -28.19 -51.55
C MET E 291 -5.38 -27.11 -52.50
N VAL E 292 -5.17 -25.84 -52.12
CA VAL E 292 -5.39 -24.73 -53.04
C VAL E 292 -4.17 -24.72 -53.96
N ALA E 293 -4.31 -25.35 -55.12
CA ALA E 293 -3.21 -25.49 -56.08
C ALA E 293 -3.20 -24.36 -57.12
N ARG E 294 -2.58 -23.25 -56.74
CA ARG E 294 -2.74 -21.96 -57.41
C ARG E 294 -2.05 -21.85 -58.77
N GLY E 295 -1.00 -22.64 -58.97
CA GLY E 295 -0.29 -22.69 -60.24
C GLY E 295 -1.26 -22.87 -61.38
N ASP E 296 -1.85 -24.06 -61.47
CA ASP E 296 -2.83 -24.32 -62.53
C ASP E 296 -4.14 -23.57 -62.30
N LEU E 297 -4.51 -23.34 -61.04
CA LEU E 297 -5.72 -22.56 -60.75
C LEU E 297 -5.65 -21.20 -61.42
N GLY E 298 -4.49 -20.55 -61.33
CA GLY E 298 -4.29 -19.22 -61.89
C GLY E 298 -4.21 -19.14 -63.40
N ILE E 299 -4.32 -20.30 -64.03
CA ILE E 299 -4.28 -20.40 -65.49
C ILE E 299 -5.66 -20.80 -66.02
N GLU E 300 -6.24 -21.81 -65.38
CA GLU E 300 -7.59 -22.30 -65.69
C GLU E 300 -8.64 -21.20 -65.52
N ILE E 301 -8.49 -20.40 -64.46
CA ILE E 301 -9.31 -19.21 -64.22
C ILE E 301 -8.41 -17.95 -64.19
N PRO E 302 -9.00 -16.76 -64.44
CA PRO E 302 -8.29 -15.46 -64.36
C PRO E 302 -7.45 -15.30 -63.07
N ALA E 303 -6.21 -14.82 -63.21
CA ALA E 303 -5.25 -14.79 -62.10
C ALA E 303 -5.69 -13.87 -60.98
N GLU E 304 -6.41 -12.82 -61.35
CA GLU E 304 -6.93 -11.84 -60.39
C GLU E 304 -8.09 -12.41 -59.59
N LYS E 305 -8.44 -13.67 -59.84
CA LYS E 305 -9.54 -14.30 -59.15
C LYS E 305 -9.09 -15.35 -58.13
N VAL E 306 -7.80 -15.66 -58.08
CA VAL E 306 -7.30 -16.77 -57.25
C VAL E 306 -7.45 -16.58 -55.73
N PHE E 307 -7.27 -15.36 -55.24
CA PHE E 307 -7.48 -15.07 -53.82
C PHE E 307 -8.93 -15.35 -53.39
N LEU E 308 -9.87 -15.14 -54.30
CA LEU E 308 -11.29 -15.35 -54.01
C LEU E 308 -11.52 -16.83 -53.72
N ALA E 309 -10.99 -17.68 -54.61
CA ALA E 309 -11.07 -19.12 -54.47
C ALA E 309 -10.30 -19.57 -53.24
N GLN E 310 -9.06 -19.11 -53.09
CA GLN E 310 -8.20 -19.49 -51.95
C GLN E 310 -8.90 -19.20 -50.63
N LYS E 311 -9.43 -17.99 -50.48
CA LYS E 311 -10.08 -17.57 -49.26
C LYS E 311 -11.36 -18.35 -49.01
N MET E 312 -12.17 -18.51 -50.06
CA MET E 312 -13.38 -19.30 -49.97
C MET E 312 -13.05 -20.70 -49.47
N ILE E 313 -12.07 -21.33 -50.12
CA ILE E 313 -11.71 -22.73 -49.89
C ILE E 313 -11.20 -22.96 -48.47
N ILE E 314 -10.34 -22.05 -48.02
CA ILE E 314 -9.74 -22.14 -46.71
C ILE E 314 -10.81 -21.95 -45.66
N GLY E 315 -11.72 -21.01 -45.92
CA GLY E 315 -12.80 -20.72 -44.99
C GLY E 315 -13.68 -21.94 -44.77
N ARG E 316 -14.07 -22.58 -45.87
CA ARG E 316 -14.98 -23.72 -45.85
C ARG E 316 -14.33 -25.00 -45.36
N CYS E 317 -13.01 -25.11 -45.51
CA CYS E 317 -12.30 -26.23 -44.91
C CYS E 317 -12.22 -26.01 -43.42
N ASN E 318 -11.76 -24.81 -43.02
CA ASN E 318 -11.73 -24.40 -41.61
C ASN E 318 -13.03 -24.70 -40.90
N ARG E 319 -14.12 -24.35 -41.58
CA ARG E 319 -15.50 -24.51 -41.06
C ARG E 319 -15.88 -25.98 -40.93
N ALA E 320 -15.31 -26.84 -41.77
CA ALA E 320 -15.65 -28.26 -41.76
C ALA E 320 -14.73 -29.12 -40.92
N GLY E 321 -13.64 -28.55 -40.40
CA GLY E 321 -12.64 -29.29 -39.66
C GLY E 321 -11.70 -30.13 -40.51
N LYS E 322 -11.65 -29.86 -41.81
CA LYS E 322 -10.80 -30.62 -42.71
C LYS E 322 -9.57 -29.83 -43.12
N PRO E 323 -8.41 -30.49 -43.23
CA PRO E 323 -7.16 -29.76 -43.56
C PRO E 323 -7.19 -29.08 -44.93
N VAL E 324 -6.49 -27.94 -45.03
CA VAL E 324 -6.34 -27.21 -46.28
C VAL E 324 -4.91 -26.69 -46.42
N ILE E 325 -4.39 -26.72 -47.65
CA ILE E 325 -3.01 -26.35 -47.94
C ILE E 325 -3.05 -25.19 -48.89
N CYS E 326 -2.32 -24.12 -48.58
CA CYS E 326 -2.02 -23.09 -49.60
C CYS E 326 -0.75 -23.55 -50.28
N ALA E 327 -0.75 -23.49 -51.61
CA ALA E 327 0.40 -23.94 -52.40
C ALA E 327 0.80 -23.02 -53.53
N THR E 328 2.04 -23.20 -53.98
CA THR E 328 2.56 -22.68 -55.25
C THR E 328 2.94 -21.21 -55.29
N GLN E 329 4.26 -20.99 -55.43
CA GLN E 329 4.90 -19.68 -55.69
C GLN E 329 4.93 -18.72 -54.49
N MET E 330 4.82 -19.27 -53.28
CA MET E 330 4.73 -18.46 -52.06
C MET E 330 6.03 -17.68 -51.80
N LEU E 331 7.16 -18.33 -52.06
CA LEU E 331 8.47 -17.69 -52.02
C LEU E 331 9.24 -17.98 -53.31
N GLU E 332 8.51 -17.98 -54.43
CA GLU E 332 9.06 -18.29 -55.75
C GLU E 332 10.38 -17.62 -56.06
N SER E 333 10.53 -16.35 -55.67
CA SER E 333 11.78 -15.64 -55.95
C SER E 333 13.00 -16.33 -55.29
N MET E 334 12.79 -17.01 -54.17
CA MET E 334 13.89 -17.63 -53.41
C MET E 334 14.54 -18.85 -54.08
N ILE E 335 14.07 -19.18 -55.28
CA ILE E 335 14.72 -20.18 -56.12
C ILE E 335 16.13 -19.67 -56.47
N LYS E 336 16.25 -18.36 -56.66
CA LYS E 336 17.49 -17.73 -57.12
C LYS E 336 18.12 -16.77 -56.10
N LYS E 337 17.32 -16.21 -55.19
CA LYS E 337 17.85 -15.23 -54.24
C LYS E 337 17.71 -15.67 -52.78
N PRO E 338 18.62 -15.23 -51.90
CA PRO E 338 18.63 -15.66 -50.49
C PRO E 338 17.44 -15.19 -49.66
N ARG E 339 16.77 -14.12 -50.13
CA ARG E 339 15.67 -13.50 -49.37
C ARG E 339 14.46 -13.28 -50.28
N PRO E 340 13.24 -13.45 -49.73
CA PRO E 340 12.05 -13.31 -50.57
C PRO E 340 11.70 -11.86 -50.85
N THR E 341 10.80 -11.63 -51.80
CA THR E 341 10.28 -10.29 -52.06
C THR E 341 9.30 -9.92 -50.96
N ARG E 342 8.82 -8.68 -50.97
CA ARG E 342 7.87 -8.22 -49.94
C ARG E 342 6.48 -8.80 -50.19
N ALA E 343 6.15 -9.00 -51.47
CA ALA E 343 4.87 -9.57 -51.85
C ALA E 343 4.76 -11.00 -51.32
N GLU E 344 5.88 -11.71 -51.42
CA GLU E 344 6.01 -13.08 -50.97
C GLU E 344 5.89 -13.23 -49.45
N GLY E 345 6.58 -12.38 -48.69
CA GLY E 345 6.42 -12.35 -47.23
C GLY E 345 4.96 -12.17 -46.88
N SER E 346 4.30 -11.30 -47.64
CA SER E 346 2.90 -10.96 -47.45
C SER E 346 1.97 -12.14 -47.74
N ASP E 347 2.25 -12.84 -48.84
CA ASP E 347 1.42 -13.95 -49.28
C ASP E 347 1.37 -15.10 -48.25
N VAL E 348 2.54 -15.42 -47.70
CA VAL E 348 2.66 -16.43 -46.64
C VAL E 348 1.89 -15.98 -45.40
N ALA E 349 2.03 -14.72 -45.03
CA ALA E 349 1.34 -14.21 -43.84
C ALA E 349 -0.20 -14.23 -43.99
N ASN E 350 -0.68 -13.85 -45.16
CA ASN E 350 -2.11 -13.79 -45.41
C ASN E 350 -2.79 -15.15 -45.54
N ALA E 351 -2.02 -16.16 -45.93
CA ALA E 351 -2.56 -17.52 -46.01
C ALA E 351 -2.72 -18.13 -44.60
N VAL E 352 -1.78 -17.82 -43.70
CA VAL E 352 -1.88 -18.26 -42.31
C VAL E 352 -3.02 -17.48 -41.65
N LEU E 353 -3.04 -16.17 -41.88
CA LEU E 353 -4.19 -15.36 -41.50
C LEU E 353 -5.49 -15.88 -42.14
N ASP E 354 -5.42 -16.38 -43.39
CA ASP E 354 -6.63 -16.93 -44.04
C ASP E 354 -7.16 -18.10 -43.22
N GLY E 355 -6.25 -18.86 -42.65
CA GLY E 355 -6.57 -20.04 -41.85
C GLY E 355 -6.00 -21.34 -42.39
N ALA E 356 -5.08 -21.24 -43.35
CA ALA E 356 -4.50 -22.44 -43.94
C ALA E 356 -3.88 -23.29 -42.83
N ASP E 357 -4.17 -24.57 -42.87
CA ASP E 357 -3.52 -25.47 -41.94
C ASP E 357 -2.05 -25.57 -42.26
N CYS E 358 -1.75 -25.80 -43.54
CA CYS E 358 -0.39 -25.97 -44.04
C CYS E 358 -0.04 -24.96 -45.16
N ILE E 359 1.23 -24.59 -45.22
CA ILE E 359 1.78 -23.88 -46.37
C ILE E 359 2.79 -24.79 -47.05
N MET E 360 2.96 -24.60 -48.36
CA MET E 360 3.80 -25.48 -49.15
C MET E 360 4.87 -24.73 -49.91
N LEU E 361 5.98 -25.42 -50.17
CA LEU E 361 6.98 -24.92 -51.09
C LEU E 361 7.16 -25.96 -52.19
N SER E 362 7.48 -25.50 -53.39
CA SER E 362 7.66 -26.38 -54.55
C SER E 362 9.06 -26.32 -55.14
N GLY E 363 9.27 -25.42 -56.11
CA GLY E 363 10.58 -25.22 -56.72
C GLY E 363 11.62 -24.69 -55.75
N GLU E 364 11.15 -24.02 -54.69
CA GLU E 364 12.02 -23.40 -53.70
C GLU E 364 12.79 -24.45 -52.94
N THR E 365 12.24 -25.66 -52.90
CA THR E 365 12.88 -26.78 -52.21
C THR E 365 13.31 -27.89 -53.16
N ALA E 366 12.53 -28.12 -54.21
CA ALA E 366 12.84 -29.18 -55.18
C ALA E 366 14.12 -28.91 -55.97
N LYS E 367 14.21 -27.73 -56.59
CA LYS E 367 15.27 -27.45 -57.54
C LYS E 367 16.04 -26.15 -57.29
N GLY E 368 15.59 -25.36 -56.32
CA GLY E 368 16.17 -24.03 -56.08
C GLY E 368 17.57 -24.01 -55.44
N ASP E 369 18.15 -22.82 -55.36
CA ASP E 369 19.48 -22.62 -54.80
C ASP E 369 19.48 -22.53 -53.27
N TYR E 370 18.38 -22.07 -52.70
CA TYR E 370 18.28 -21.81 -51.26
C TYR E 370 17.15 -22.55 -50.54
N PRO E 371 17.17 -23.90 -50.56
CA PRO E 371 16.06 -24.64 -49.92
C PRO E 371 15.88 -24.41 -48.41
N LEU E 372 16.96 -24.52 -47.64
CA LEU E 372 16.90 -24.33 -46.19
C LEU E 372 16.38 -22.94 -45.81
N GLU E 373 16.87 -21.92 -46.52
CA GLU E 373 16.49 -20.52 -46.28
C GLU E 373 15.01 -20.23 -46.55
N ALA E 374 14.43 -20.90 -47.56
CA ALA E 374 12.99 -20.79 -47.83
C ALA E 374 12.17 -21.37 -46.70
N VAL E 375 12.52 -22.59 -46.32
CA VAL E 375 11.89 -23.27 -45.21
C VAL E 375 12.00 -22.41 -43.95
N ARG E 376 13.21 -21.91 -43.66
CA ARG E 376 13.40 -21.06 -42.48
C ARG E 376 12.46 -19.86 -42.54
N MET E 377 12.39 -19.22 -43.72
CA MET E 377 11.54 -18.05 -43.95
C MET E 377 10.05 -18.30 -43.70
N GLN E 378 9.53 -19.43 -44.21
CA GLN E 378 8.12 -19.81 -43.98
C GLN E 378 7.84 -19.99 -42.49
N HIS E 379 8.76 -20.66 -41.80
CA HIS E 379 8.74 -20.85 -40.35
C HIS E 379 8.67 -19.51 -39.61
N LEU E 380 9.60 -18.60 -39.93
CA LEU E 380 9.59 -17.28 -39.30
C LEU E 380 8.29 -16.48 -39.54
N ILE E 381 7.80 -16.44 -40.80
CA ILE E 381 6.53 -15.75 -41.12
C ILE E 381 5.31 -16.39 -40.45
N ALA E 382 5.32 -17.71 -40.36
CA ALA E 382 4.18 -18.42 -39.78
C ALA E 382 3.96 -18.01 -38.34
N ARG E 383 5.04 -17.92 -37.57
CA ARG E 383 4.90 -17.61 -36.13
C ARG E 383 4.32 -16.22 -35.93
N GLU E 384 4.75 -15.27 -36.75
CA GLU E 384 4.24 -13.90 -36.71
C GLU E 384 2.76 -13.81 -37.06
N ALA E 385 2.38 -14.38 -38.21
CA ALA E 385 0.97 -14.43 -38.66
C ALA E 385 0.07 -15.26 -37.75
N GLU E 386 0.65 -16.26 -37.05
CA GLU E 386 -0.12 -17.05 -36.06
C GLU E 386 -0.46 -16.19 -34.85
N ALA E 387 0.46 -15.31 -34.46
CA ALA E 387 0.20 -14.34 -33.40
C ALA E 387 -0.86 -13.30 -33.81
N ALA E 388 -0.81 -12.84 -35.05
CA ALA E 388 -1.69 -11.76 -35.51
C ALA E 388 -3.11 -12.20 -35.88
N MET E 389 -3.43 -13.48 -35.66
CA MET E 389 -4.80 -13.94 -35.83
C MET E 389 -5.70 -13.26 -34.81
N PHE E 390 -6.98 -13.13 -35.14
CA PHE E 390 -7.96 -12.56 -34.25
C PHE E 390 -8.74 -13.72 -33.65
N HIS E 391 -8.08 -14.45 -32.74
CA HIS E 391 -8.60 -15.71 -32.20
C HIS E 391 -10.01 -15.59 -31.62
N ARG E 392 -10.19 -14.72 -30.64
CA ARG E 392 -11.51 -14.50 -30.02
C ARG E 392 -12.66 -14.39 -31.04
N LYS E 393 -12.45 -13.65 -32.12
CA LYS E 393 -13.46 -13.52 -33.16
C LYS E 393 -13.51 -14.81 -33.98
N LEU E 394 -12.35 -15.27 -34.44
CA LEU E 394 -12.29 -16.51 -35.20
C LEU E 394 -12.98 -17.66 -34.44
N PHE E 395 -12.73 -17.76 -33.13
CA PHE E 395 -13.37 -18.79 -32.30
C PHE E 395 -14.90 -18.63 -32.27
N GLU E 396 -15.37 -17.41 -32.04
CA GLU E 396 -16.81 -17.11 -32.07
C GLU E 396 -17.48 -17.53 -33.37
N GLU E 397 -16.82 -17.26 -34.49
CA GLU E 397 -17.40 -17.50 -35.79
C GLU E 397 -17.36 -18.97 -36.19
N LEU E 398 -16.41 -19.72 -35.64
CA LEU E 398 -16.35 -21.17 -35.90
C LEU E 398 -17.42 -21.91 -35.10
N ALA E 399 -17.65 -21.44 -33.87
CA ALA E 399 -18.71 -21.96 -32.99
C ALA E 399 -20.09 -21.77 -33.59
N ARG E 400 -20.35 -20.55 -34.08
CA ARG E 400 -21.62 -20.25 -34.73
C ARG E 400 -21.84 -21.17 -35.92
N ALA E 401 -20.83 -21.34 -36.77
CA ALA E 401 -21.01 -22.17 -37.95
C ALA E 401 -21.15 -23.67 -37.62
N SER E 402 -20.67 -24.07 -36.44
CA SER E 402 -20.82 -25.43 -35.96
C SER E 402 -22.02 -25.63 -34.99
N SER E 403 -22.68 -24.55 -34.59
CA SER E 403 -23.72 -24.60 -33.55
C SER E 403 -24.80 -25.68 -33.70
N GLN E 404 -24.94 -26.26 -34.88
CA GLN E 404 -25.97 -27.31 -35.08
C GLN E 404 -25.46 -28.66 -34.60
N SER E 405 -24.14 -28.83 -34.58
CA SER E 405 -23.53 -29.99 -33.96
C SER E 405 -23.50 -29.86 -32.43
N THR E 406 -23.90 -30.94 -31.74
CA THR E 406 -23.83 -31.00 -30.28
C THR E 406 -22.81 -32.06 -29.84
N ASP E 407 -21.91 -32.40 -30.77
CA ASP E 407 -20.93 -33.46 -30.57
C ASP E 407 -20.08 -33.28 -29.30
N LEU E 408 -19.98 -34.35 -28.49
CA LEU E 408 -19.32 -34.25 -27.20
C LEU E 408 -17.85 -33.87 -27.31
N MET E 409 -17.15 -34.43 -28.29
CA MET E 409 -15.75 -34.12 -28.51
C MET E 409 -15.58 -32.66 -29.00
N GLU E 410 -16.41 -32.22 -29.94
CA GLU E 410 -16.41 -30.81 -30.30
C GLU E 410 -16.52 -29.97 -29.02
N ALA E 411 -17.40 -30.40 -28.10
CA ALA E 411 -17.66 -29.73 -26.82
C ALA E 411 -16.45 -29.71 -25.90
N MET E 412 -15.79 -30.84 -25.76
CA MET E 412 -14.54 -30.91 -25.01
C MET E 412 -13.49 -29.99 -25.64
N ALA E 413 -13.49 -29.93 -26.97
CA ALA E 413 -12.55 -29.11 -27.74
C ALA E 413 -12.78 -27.61 -27.54
N MET E 414 -13.99 -27.15 -27.82
CA MET E 414 -14.36 -25.77 -27.55
C MET E 414 -14.08 -25.43 -26.08
N GLY E 415 -14.40 -26.37 -25.19
CA GLY E 415 -14.14 -26.19 -23.76
C GLY E 415 -12.69 -25.90 -23.47
N SER E 416 -11.82 -26.76 -23.99
CA SER E 416 -10.40 -26.69 -23.72
C SER E 416 -9.76 -25.48 -24.38
N VAL E 417 -10.21 -25.16 -25.57
CA VAL E 417 -9.65 -24.02 -26.30
C VAL E 417 -10.02 -22.72 -25.62
N GLU E 418 -11.29 -22.58 -25.27
CA GLU E 418 -11.75 -21.43 -24.53
C GLU E 418 -10.93 -21.31 -23.23
N ALA E 419 -10.82 -22.40 -22.47
CA ALA E 419 -10.01 -22.44 -21.26
C ALA E 419 -8.53 -22.07 -21.48
N SER E 420 -7.97 -22.43 -22.63
CA SER E 420 -6.59 -22.07 -22.96
C SER E 420 -6.45 -20.58 -23.33
N TYR E 421 -7.52 -19.96 -23.83
CA TYR E 421 -7.55 -18.53 -24.06
C TYR E 421 -7.53 -17.80 -22.72
N LYS E 422 -8.43 -18.22 -21.83
CA LYS E 422 -8.66 -17.60 -20.55
C LYS E 422 -7.41 -17.54 -19.65
N CYS E 423 -6.70 -18.64 -19.52
CA CYS E 423 -5.50 -18.68 -18.65
C CYS E 423 -4.18 -18.59 -19.43
N LEU E 424 -4.28 -18.20 -20.70
CA LEU E 424 -3.13 -18.08 -21.62
C LEU E 424 -2.18 -19.26 -21.45
N ALA E 425 -2.70 -20.45 -21.74
CA ALA E 425 -1.95 -21.68 -21.53
C ALA E 425 -0.82 -21.81 -22.55
N ALA E 426 0.30 -22.40 -22.11
CA ALA E 426 1.49 -22.57 -22.95
C ALA E 426 1.32 -23.67 -23.97
N ALA E 427 0.34 -24.56 -23.74
CA ALA E 427 0.09 -25.67 -24.64
C ALA E 427 -1.17 -26.44 -24.29
N LEU E 428 -1.73 -27.14 -25.28
CA LEU E 428 -2.70 -28.17 -25.00
C LEU E 428 -2.06 -29.52 -25.25
N ILE E 429 -2.17 -30.40 -24.26
CA ILE E 429 -1.69 -31.77 -24.35
C ILE E 429 -2.88 -32.71 -24.61
N VAL E 430 -2.74 -33.55 -25.62
CA VAL E 430 -3.82 -34.43 -26.06
C VAL E 430 -3.30 -35.86 -26.29
N LEU E 431 -3.96 -36.81 -25.63
CA LEU E 431 -3.76 -38.22 -25.87
C LEU E 431 -4.79 -38.67 -26.87
N THR E 432 -4.33 -39.34 -27.92
CA THR E 432 -5.18 -39.80 -29.00
C THR E 432 -4.53 -40.95 -29.76
N GLU E 433 -5.33 -41.82 -30.38
CA GLU E 433 -4.80 -42.93 -31.18
C GLU E 433 -5.15 -42.79 -32.66
N SER E 434 -6.42 -42.51 -32.95
CA SER E 434 -6.87 -42.19 -34.31
C SER E 434 -6.51 -40.75 -34.71
N GLY E 435 -6.09 -39.96 -33.72
CA GLY E 435 -5.87 -38.53 -33.90
C GLY E 435 -7.13 -37.68 -33.78
N ARG E 436 -8.30 -38.31 -33.78
CA ARG E 436 -9.57 -37.58 -33.85
C ARG E 436 -9.79 -36.51 -32.78
N SER E 437 -9.32 -36.74 -31.56
CA SER E 437 -9.52 -35.77 -30.48
C SER E 437 -8.69 -34.50 -30.70
N ALA E 438 -7.48 -34.68 -31.21
CA ALA E 438 -6.59 -33.57 -31.45
C ALA E 438 -7.05 -32.76 -32.66
N HIS E 439 -7.48 -33.44 -33.73
CA HIS E 439 -8.01 -32.71 -34.91
C HIS E 439 -9.15 -31.76 -34.53
N GLN E 440 -9.99 -32.22 -33.60
CA GLN E 440 -11.10 -31.39 -33.11
C GLN E 440 -10.62 -30.21 -32.25
N VAL E 441 -9.48 -30.35 -31.59
CA VAL E 441 -8.92 -29.20 -30.86
C VAL E 441 -8.36 -28.18 -31.85
N ALA E 442 -7.60 -28.67 -32.83
CA ALA E 442 -7.04 -27.88 -33.92
C ALA E 442 -8.10 -27.09 -34.67
N ARG E 443 -9.17 -27.77 -35.06
CA ARG E 443 -10.35 -27.15 -35.67
C ARG E 443 -10.74 -25.79 -35.06
N TYR E 444 -10.62 -25.68 -33.74
CA TYR E 444 -11.13 -24.52 -33.00
C TYR E 444 -10.07 -23.50 -32.62
N ARG E 445 -8.86 -23.71 -33.15
CA ARG E 445 -7.88 -22.64 -33.33
C ARG E 445 -7.34 -22.02 -32.05
N PRO E 446 -6.72 -22.84 -31.19
CA PRO E 446 -6.12 -22.19 -30.04
C PRO E 446 -4.85 -21.49 -30.49
N ARG E 447 -4.35 -20.55 -29.70
CA ARG E 447 -3.09 -19.90 -30.06
C ARG E 447 -1.89 -20.69 -29.56
N ALA E 448 -2.14 -21.54 -28.56
CA ALA E 448 -1.11 -22.40 -28.00
C ALA E 448 -0.90 -23.65 -28.87
N PRO E 449 0.31 -24.21 -28.86
CA PRO E 449 0.58 -25.48 -29.53
C PRO E 449 -0.21 -26.66 -28.93
N ILE E 450 -0.57 -27.59 -29.79
CA ILE E 450 -1.32 -28.78 -29.40
C ILE E 450 -0.36 -29.95 -29.46
N ILE E 451 0.15 -30.34 -28.29
CA ILE E 451 1.03 -31.48 -28.22
C ILE E 451 0.16 -32.72 -28.17
N ALA E 452 0.11 -33.44 -29.28
CA ALA E 452 -0.65 -34.67 -29.37
C ALA E 452 0.27 -35.86 -29.18
N VAL E 453 -0.03 -36.65 -28.15
CA VAL E 453 0.70 -37.89 -27.86
C VAL E 453 -0.10 -39.10 -28.39
N THR E 454 0.60 -40.00 -29.08
CA THR E 454 -0.02 -41.09 -29.81
C THR E 454 0.98 -42.25 -29.91
N ARG E 455 0.45 -43.46 -29.83
CA ARG E 455 1.24 -44.67 -30.06
C ARG E 455 1.12 -45.08 -31.51
N ASN E 456 0.19 -44.45 -32.22
CA ASN E 456 -0.01 -44.73 -33.62
C ASN E 456 0.93 -43.86 -34.45
N HIS E 457 1.94 -44.49 -35.03
CA HIS E 457 3.02 -43.84 -35.81
C HIS E 457 2.50 -43.04 -37.02
N GLN E 458 1.52 -43.62 -37.73
CA GLN E 458 0.94 -43.01 -38.91
C GLN E 458 0.04 -41.84 -38.51
N THR E 459 -0.63 -41.98 -37.37
CA THR E 459 -1.45 -40.91 -36.83
C THR E 459 -0.57 -39.71 -36.50
N ALA E 460 0.60 -39.99 -35.93
CA ALA E 460 1.58 -38.94 -35.68
C ALA E 460 1.87 -38.18 -36.98
N ARG E 461 2.26 -38.89 -38.04
CA ARG E 461 2.76 -38.26 -39.25
C ARG E 461 1.66 -37.50 -39.97
N GLN E 462 0.42 -37.97 -39.80
CA GLN E 462 -0.71 -37.33 -40.43
C GLN E 462 -1.14 -36.07 -39.68
N ALA E 463 -0.74 -35.96 -38.41
CA ALA E 463 -1.12 -34.84 -37.55
C ALA E 463 -0.65 -33.51 -38.11
N HIS E 464 0.41 -33.56 -38.92
CA HIS E 464 1.00 -32.38 -39.58
C HIS E 464 0.02 -31.61 -40.49
N LEU E 465 -0.94 -32.31 -41.05
CA LEU E 465 -1.95 -31.67 -41.89
C LEU E 465 -2.88 -30.71 -41.14
N TYR E 466 -2.78 -30.67 -39.83
CA TYR E 466 -3.67 -29.84 -39.03
C TYR E 466 -2.91 -28.75 -38.29
N ARG E 467 -3.41 -27.52 -38.39
CA ARG E 467 -2.83 -26.38 -37.71
C ARG E 467 -2.56 -26.62 -36.21
N GLY E 468 -1.29 -26.55 -35.85
CA GLY E 468 -0.88 -26.47 -34.45
C GLY E 468 -0.67 -27.77 -33.74
N ILE E 469 -0.93 -28.89 -34.41
CA ILE E 469 -0.71 -30.18 -33.76
C ILE E 469 0.75 -30.59 -33.93
N PHE E 470 1.45 -30.62 -32.81
CA PHE E 470 2.84 -31.06 -32.70
C PHE E 470 2.79 -32.52 -32.23
N PRO E 471 2.86 -33.50 -33.18
CA PRO E 471 2.74 -34.91 -32.82
C PRO E 471 3.94 -35.45 -32.07
N VAL E 472 3.67 -36.37 -31.13
CA VAL E 472 4.74 -36.95 -30.30
C VAL E 472 4.54 -38.46 -30.22
N VAL E 473 5.44 -39.21 -30.86
CA VAL E 473 5.34 -40.67 -30.84
C VAL E 473 5.70 -41.21 -29.47
N CYS E 474 4.77 -41.95 -28.86
CA CYS E 474 5.04 -42.69 -27.65
C CYS E 474 5.50 -44.09 -28.03
N LYS E 475 6.67 -44.49 -27.53
CA LYS E 475 7.21 -45.82 -27.83
C LYS E 475 7.08 -46.80 -26.68
N ASP E 476 6.85 -46.28 -25.48
CA ASP E 476 6.71 -47.10 -24.25
C ASP E 476 5.66 -48.19 -24.37
N PRO E 477 5.86 -49.34 -23.67
CA PRO E 477 4.76 -50.31 -23.60
C PRO E 477 3.63 -49.80 -22.70
N VAL E 478 2.41 -50.34 -22.88
CA VAL E 478 1.24 -49.94 -22.10
C VAL E 478 1.34 -50.40 -20.64
N GLN E 479 1.10 -49.48 -19.71
CA GLN E 479 1.11 -49.82 -18.29
C GLN E 479 -0.18 -50.54 -17.93
N GLU E 480 -0.13 -51.37 -16.90
CA GLU E 480 -1.31 -52.06 -16.38
C GLU E 480 -2.35 -51.07 -15.84
N ALA E 481 -1.92 -50.21 -14.91
CA ALA E 481 -2.78 -49.16 -14.40
C ALA E 481 -3.06 -48.11 -15.48
N TRP E 482 -4.33 -47.96 -15.83
CA TRP E 482 -4.74 -47.00 -16.87
C TRP E 482 -4.31 -45.57 -16.52
N ALA E 483 -4.31 -45.26 -15.22
CA ALA E 483 -3.89 -43.95 -14.74
C ALA E 483 -2.39 -43.70 -14.91
N GLU E 484 -1.59 -44.71 -14.65
CA GLU E 484 -0.14 -44.62 -14.83
C GLU E 484 0.28 -44.53 -16.30
N ASP E 485 -0.51 -45.15 -17.18
CA ASP E 485 -0.29 -45.12 -18.63
C ASP E 485 -0.60 -43.75 -19.21
N VAL E 486 -1.58 -43.09 -18.59
CA VAL E 486 -1.96 -41.73 -18.96
C VAL E 486 -0.87 -40.79 -18.47
N ASP E 487 -0.48 -40.95 -17.21
CA ASP E 487 0.56 -40.15 -16.58
C ASP E 487 1.85 -40.21 -17.37
N LEU E 488 2.23 -41.43 -17.77
CA LEU E 488 3.43 -41.66 -18.56
C LEU E 488 3.45 -40.78 -19.80
N ARG E 489 2.30 -40.71 -20.49
CA ARG E 489 2.17 -40.03 -21.77
C ARG E 489 2.02 -38.51 -21.63
N VAL E 490 1.47 -38.09 -20.50
CA VAL E 490 1.41 -36.65 -20.17
C VAL E 490 2.82 -36.13 -19.90
N ASN E 491 3.58 -36.87 -19.09
CA ASN E 491 4.97 -36.48 -18.78
CA ASN E 491 4.96 -36.50 -18.78
C ASN E 491 5.85 -36.44 -20.02
N LEU E 492 5.65 -37.38 -20.95
CA LEU E 492 6.38 -37.35 -22.22
C LEU E 492 6.16 -36.00 -22.89
N ALA E 493 4.90 -35.59 -22.99
CA ALA E 493 4.53 -34.29 -23.55
C ALA E 493 5.15 -33.12 -22.79
N MET E 494 5.10 -33.19 -21.45
CA MET E 494 5.74 -32.20 -20.59
C MET E 494 7.20 -32.07 -20.99
N ASN E 495 7.90 -33.20 -21.09
CA ASN E 495 9.31 -33.22 -21.42
C ASN E 495 9.62 -32.70 -22.81
N VAL E 496 8.85 -33.14 -23.81
CA VAL E 496 8.92 -32.57 -25.17
C VAL E 496 8.82 -31.05 -25.12
N GLY E 497 7.73 -30.55 -24.54
CA GLY E 497 7.47 -29.10 -24.43
C GLY E 497 8.59 -28.27 -23.80
N LYS E 498 9.19 -28.78 -22.72
CA LYS E 498 10.32 -28.08 -22.08
C LYS E 498 11.55 -28.10 -22.98
N ALA E 499 11.85 -29.25 -23.56
CA ALA E 499 13.02 -29.40 -24.41
C ALA E 499 12.99 -28.48 -25.62
N ARG E 500 11.78 -28.24 -26.14
CA ARG E 500 11.58 -27.40 -27.32
C ARG E 500 11.44 -25.91 -26.96
N GLY E 501 11.28 -25.62 -25.68
CA GLY E 501 11.11 -24.24 -25.22
C GLY E 501 9.69 -23.70 -25.26
N PHE E 502 8.71 -24.60 -25.37
CA PHE E 502 7.30 -24.21 -25.37
C PHE E 502 6.84 -23.76 -23.98
N PHE E 503 7.11 -24.57 -22.97
CA PHE E 503 6.82 -24.20 -21.58
C PHE E 503 7.94 -24.59 -20.60
N LYS E 504 7.85 -24.07 -19.38
CA LYS E 504 8.85 -24.29 -18.33
C LYS E 504 8.14 -24.63 -17.01
N LYS E 505 8.89 -25.15 -16.04
CA LYS E 505 8.32 -25.43 -14.73
C LYS E 505 7.54 -24.22 -14.28
N GLY E 506 6.27 -24.45 -13.89
CA GLY E 506 5.43 -23.39 -13.35
C GLY E 506 4.49 -22.72 -14.33
N ASP E 507 4.64 -23.01 -15.62
CA ASP E 507 3.67 -22.60 -16.63
C ASP E 507 2.43 -23.45 -16.51
N VAL E 508 1.36 -23.07 -17.20
CA VAL E 508 0.16 -23.91 -17.20
C VAL E 508 -0.21 -24.39 -18.60
N VAL E 509 -0.66 -25.65 -18.66
CA VAL E 509 -1.16 -26.25 -19.89
C VAL E 509 -2.51 -26.89 -19.62
N ILE E 510 -3.21 -27.19 -20.71
CA ILE E 510 -4.52 -27.84 -20.68
C ILE E 510 -4.33 -29.29 -21.15
N VAL E 511 -4.73 -30.23 -20.30
CA VAL E 511 -4.49 -31.65 -20.58
C VAL E 511 -5.82 -32.38 -20.88
N LEU E 512 -5.92 -32.92 -22.09
CA LEU E 512 -7.07 -33.71 -22.53
C LEU E 512 -6.72 -35.20 -22.56
N THR E 513 -7.50 -36.00 -21.84
CA THR E 513 -7.23 -37.43 -21.73
C THR E 513 -8.54 -38.22 -21.72
N GLY E 514 -8.41 -39.54 -21.79
CA GLY E 514 -9.55 -40.45 -21.59
C GLY E 514 -9.64 -40.87 -20.14
N TRP E 515 -10.84 -40.76 -19.57
CA TRP E 515 -11.07 -41.11 -18.16
C TRP E 515 -10.87 -42.59 -17.91
N ARG E 516 -11.13 -43.38 -18.94
CA ARG E 516 -11.06 -44.84 -18.86
C ARG E 516 -10.52 -45.32 -20.20
N PRO E 517 -9.98 -46.57 -20.27
CA PRO E 517 -9.43 -47.01 -21.55
C PRO E 517 -10.52 -47.21 -22.61
N GLY E 518 -11.77 -47.32 -22.17
CA GLY E 518 -12.93 -47.52 -23.07
C GLY E 518 -13.48 -46.26 -23.73
N SER E 519 -13.28 -45.11 -23.08
CA SER E 519 -13.70 -43.83 -23.62
C SER E 519 -13.27 -43.68 -25.09
N GLY E 520 -14.21 -43.40 -25.98
CA GLY E 520 -13.92 -43.25 -27.41
C GLY E 520 -13.45 -41.88 -27.86
N PHE E 521 -13.16 -41.01 -26.89
CA PHE E 521 -12.61 -39.65 -27.13
C PHE E 521 -12.06 -39.12 -25.80
N THR E 522 -11.41 -37.96 -25.81
CA THR E 522 -10.97 -37.30 -24.59
C THR E 522 -12.13 -36.58 -23.93
N ASN E 523 -12.69 -37.22 -22.92
CA ASN E 523 -13.81 -36.68 -22.17
C ASN E 523 -13.35 -36.06 -20.84
N THR E 524 -12.04 -36.00 -20.63
CA THR E 524 -11.45 -35.38 -19.42
C THR E 524 -10.54 -34.20 -19.76
N MET E 525 -10.81 -33.04 -19.15
N MET E 525 -10.80 -33.05 -19.15
CA MET E 525 -10.01 -31.83 -19.32
CA MET E 525 -9.97 -31.86 -19.33
C MET E 525 -9.47 -31.32 -17.99
C MET E 525 -9.47 -31.29 -18.01
N ARG E 526 -8.16 -31.06 -17.93
CA ARG E 526 -7.54 -30.46 -16.75
C ARG E 526 -6.69 -29.24 -17.06
N VAL E 527 -6.64 -28.31 -16.10
CA VAL E 527 -5.59 -27.30 -16.03
C VAL E 527 -4.52 -27.89 -15.11
N VAL E 528 -3.32 -28.03 -15.64
CA VAL E 528 -2.22 -28.63 -14.90
C VAL E 528 -0.97 -27.76 -15.01
N PRO E 529 -0.31 -27.48 -13.87
CA PRO E 529 0.98 -26.79 -13.90
C PRO E 529 2.10 -27.70 -14.43
N VAL E 530 2.93 -27.15 -15.31
CA VAL E 530 4.11 -27.84 -15.82
C VAL E 530 5.06 -28.05 -14.66
N PRO E 531 5.45 -29.31 -14.40
CA PRO E 531 6.37 -29.61 -13.31
C PRO E 531 7.82 -29.37 -13.75
N PHE F 12 -41.49 -29.68 -35.28
CA PHE F 12 -41.05 -29.70 -33.86
C PHE F 12 -40.72 -28.28 -33.36
N ILE F 13 -41.33 -27.90 -32.24
CA ILE F 13 -41.00 -26.64 -31.57
C ILE F 13 -40.00 -26.91 -30.44
N GLN F 14 -38.83 -26.29 -30.52
CA GLN F 14 -37.77 -26.50 -29.52
C GLN F 14 -38.19 -26.00 -28.14
N THR F 15 -37.66 -26.64 -27.11
CA THR F 15 -37.92 -26.22 -25.74
C THR F 15 -36.96 -25.11 -25.37
N GLN F 16 -37.25 -24.43 -24.25
CA GLN F 16 -36.27 -23.59 -23.57
C GLN F 16 -35.77 -22.44 -24.44
N GLN F 17 -36.65 -21.89 -25.27
CA GLN F 17 -36.33 -20.78 -26.17
C GLN F 17 -35.02 -20.99 -26.96
N LEU F 18 -34.78 -22.23 -27.37
CA LEU F 18 -33.55 -22.58 -28.07
C LEU F 18 -33.44 -22.02 -29.47
N HIS F 19 -34.60 -21.79 -30.09
CA HIS F 19 -34.62 -21.15 -31.40
C HIS F 19 -34.14 -19.70 -31.30
N ALA F 20 -34.67 -18.97 -30.32
CA ALA F 20 -34.22 -17.61 -30.01
C ALA F 20 -32.73 -17.55 -29.65
N ALA F 21 -32.25 -18.59 -28.97
CA ALA F 21 -30.85 -18.71 -28.58
C ALA F 21 -29.88 -18.69 -29.78
N MET F 22 -30.39 -19.10 -30.94
CA MET F 22 -29.61 -19.21 -32.17
C MET F 22 -29.55 -17.91 -32.98
N ALA F 23 -30.26 -16.88 -32.52
CA ALA F 23 -30.31 -15.59 -33.21
C ALA F 23 -28.95 -14.90 -33.26
N ASP F 24 -28.75 -14.12 -34.31
CA ASP F 24 -27.52 -13.35 -34.52
C ASP F 24 -27.53 -12.03 -33.77
N THR F 25 -28.73 -11.49 -33.59
CA THR F 25 -28.92 -10.16 -33.03
C THR F 25 -29.92 -10.20 -31.88
N PHE F 26 -29.82 -9.20 -31.00
CA PHE F 26 -30.78 -9.00 -29.92
C PHE F 26 -32.20 -8.86 -30.45
N LEU F 27 -32.37 -8.06 -31.51
CA LEU F 27 -33.68 -7.93 -32.14
C LEU F 27 -34.25 -9.27 -32.59
N GLU F 28 -33.45 -10.01 -33.37
N GLU F 28 -33.49 -10.03 -33.40
CA GLU F 28 -33.82 -11.34 -33.87
CA GLU F 28 -33.98 -11.33 -33.85
C GLU F 28 -34.12 -12.32 -32.74
C GLU F 28 -34.23 -12.28 -32.67
N HIS F 29 -33.40 -12.18 -31.64
CA HIS F 29 -33.58 -12.99 -30.42
C HIS F 29 -34.94 -12.75 -29.76
N LYS F 30 -35.32 -11.48 -29.69
CA LYS F 30 -36.63 -11.06 -29.22
C LYS F 30 -37.77 -11.55 -30.11
N CYS F 31 -37.62 -11.38 -31.43
CA CYS F 31 -38.65 -11.79 -32.38
C CYS F 31 -38.90 -13.28 -32.33
N ARG F 32 -37.95 -14.01 -31.75
CA ARG F 32 -38.04 -15.47 -31.73
C ARG F 32 -38.62 -16.02 -30.43
N LEU F 33 -38.84 -15.16 -29.44
CA LEU F 33 -39.40 -15.59 -28.17
C LEU F 33 -40.77 -16.22 -28.39
N ASP F 34 -40.93 -17.45 -27.90
CA ASP F 34 -42.06 -18.29 -28.26
C ASP F 34 -42.80 -18.78 -27.01
N ILE F 35 -44.08 -18.43 -26.92
CA ILE F 35 -44.87 -18.76 -25.75
C ILE F 35 -45.21 -20.25 -25.70
N ASP F 36 -44.85 -20.99 -26.75
CA ASP F 36 -45.07 -22.44 -26.82
C ASP F 36 -43.79 -23.27 -26.66
N SER F 37 -42.70 -22.58 -26.38
CA SER F 37 -41.44 -23.21 -26.08
C SER F 37 -41.39 -23.39 -24.56
N ALA F 38 -41.42 -24.63 -24.11
CA ALA F 38 -41.52 -24.91 -22.69
C ALA F 38 -40.21 -24.61 -21.97
N PRO F 39 -40.27 -23.88 -20.86
CA PRO F 39 -39.10 -23.73 -20.00
C PRO F 39 -38.61 -25.11 -19.54
N ILE F 40 -37.40 -25.17 -18.98
CA ILE F 40 -36.94 -26.40 -18.32
C ILE F 40 -37.42 -26.45 -16.88
N THR F 41 -37.29 -27.60 -16.24
CA THR F 41 -37.74 -27.77 -14.85
C THR F 41 -36.92 -26.97 -13.84
N ALA F 42 -35.61 -26.91 -14.04
CA ALA F 42 -34.75 -26.19 -13.13
C ALA F 42 -35.08 -24.69 -13.12
N ARG F 43 -34.80 -24.05 -11.98
CA ARG F 43 -35.01 -22.62 -11.83
C ARG F 43 -33.73 -22.06 -11.21
N ASN F 44 -33.08 -21.17 -11.95
CA ASN F 44 -31.75 -20.70 -11.55
C ASN F 44 -31.75 -19.50 -10.61
N THR F 45 -32.89 -18.82 -10.50
CA THR F 45 -32.96 -17.55 -9.80
C THR F 45 -33.35 -17.74 -8.34
N GLY F 46 -32.50 -17.27 -7.44
CA GLY F 46 -32.77 -17.44 -6.02
C GLY F 46 -33.97 -16.65 -5.59
N ILE F 47 -34.72 -17.20 -4.64
CA ILE F 47 -35.95 -16.54 -4.20
C ILE F 47 -35.85 -16.28 -2.71
N ILE F 48 -35.93 -14.99 -2.36
CA ILE F 48 -35.76 -14.55 -1.00
C ILE F 48 -37.09 -14.08 -0.43
N CYS F 49 -37.40 -14.53 0.78
CA CYS F 49 -38.70 -14.28 1.35
C CYS F 49 -38.64 -13.68 2.73
N THR F 50 -39.30 -12.53 2.87
CA THR F 50 -39.42 -11.87 4.16
C THR F 50 -40.47 -12.53 4.98
N ILE F 51 -40.04 -13.04 6.12
CA ILE F 51 -40.93 -13.79 6.97
C ILE F 51 -41.53 -12.85 8.01
N GLY F 52 -42.84 -13.00 8.24
CA GLY F 52 -43.59 -12.19 9.19
C GLY F 52 -44.86 -12.89 9.64
N PRO F 53 -45.87 -12.13 10.09
CA PRO F 53 -47.07 -12.76 10.69
C PRO F 53 -47.79 -13.73 9.75
N ALA F 54 -47.79 -13.44 8.44
CA ALA F 54 -48.48 -14.32 7.50
C ALA F 54 -47.67 -15.55 7.11
N SER F 55 -46.43 -15.64 7.59
CA SER F 55 -45.54 -16.71 7.12
C SER F 55 -44.65 -17.38 8.17
N ARG F 56 -44.66 -16.88 9.41
CA ARG F 56 -43.75 -17.44 10.43
C ARG F 56 -44.11 -18.80 11.09
N SER F 57 -45.32 -19.31 10.87
CA SER F 57 -45.68 -20.64 11.36
C SER F 57 -44.86 -21.71 10.65
N VAL F 58 -44.48 -22.74 11.40
CA VAL F 58 -43.78 -23.91 10.86
C VAL F 58 -44.53 -24.53 9.67
N GLU F 59 -45.84 -24.66 9.80
CA GLU F 59 -46.69 -25.23 8.75
C GLU F 59 -46.61 -24.46 7.44
N THR F 60 -46.71 -23.13 7.52
CA THR F 60 -46.61 -22.29 6.33
C THR F 60 -45.20 -22.34 5.77
N LEU F 61 -44.22 -22.46 6.67
CA LEU F 61 -42.83 -22.39 6.24
C LEU F 61 -42.45 -23.60 5.42
N LYS F 62 -42.88 -24.78 5.85
CA LYS F 62 -42.69 -25.99 5.05
C LYS F 62 -43.21 -25.73 3.64
N GLU F 63 -44.41 -25.16 3.55
CA GLU F 63 -45.07 -24.90 2.27
C GLU F 63 -44.32 -23.88 1.45
N MET F 64 -43.77 -22.87 2.13
N MET F 64 -43.75 -22.87 2.11
CA MET F 64 -42.89 -21.85 1.51
CA MET F 64 -42.91 -21.88 1.43
C MET F 64 -41.64 -22.47 0.90
C MET F 64 -41.63 -22.49 0.88
N ILE F 65 -41.15 -23.55 1.50
CA ILE F 65 -39.95 -24.24 1.02
C ILE F 65 -40.34 -25.04 -0.20
N LYS F 66 -41.43 -25.79 -0.11
CA LYS F 66 -41.90 -26.57 -1.25
C LYS F 66 -42.22 -25.68 -2.45
N SER F 67 -42.66 -24.45 -2.16
CA SER F 67 -43.03 -23.50 -3.20
C SER F 67 -41.83 -22.90 -3.92
N GLY F 68 -40.73 -22.69 -3.21
CA GLY F 68 -39.50 -22.21 -3.82
C GLY F 68 -38.56 -21.34 -2.99
N MET F 69 -38.91 -21.10 -1.73
CA MET F 69 -38.10 -20.22 -0.85
C MET F 69 -36.72 -20.81 -0.64
N ASN F 70 -35.70 -19.98 -0.83
CA ASN F 70 -34.31 -20.38 -0.64
C ASN F 70 -33.66 -19.65 0.53
N VAL F 71 -34.06 -18.39 0.70
CA VAL F 71 -33.54 -17.54 1.74
C VAL F 71 -34.71 -16.90 2.49
N ALA F 72 -34.67 -17.00 3.82
CA ALA F 72 -35.62 -16.34 4.70
C ALA F 72 -35.03 -15.04 5.29
N ARG F 73 -35.71 -13.92 5.03
CA ARG F 73 -35.31 -12.58 5.49
C ARG F 73 -36.06 -12.09 6.73
N MET F 74 -35.32 -11.76 7.78
CA MET F 74 -35.88 -11.18 9.01
C MET F 74 -35.58 -9.69 9.05
N ASN F 75 -36.62 -8.86 8.88
CA ASN F 75 -36.50 -7.41 8.84
C ASN F 75 -36.44 -6.82 10.24
N PHE F 76 -35.26 -6.38 10.63
CA PHE F 76 -35.06 -5.88 11.98
C PHE F 76 -35.50 -4.42 12.19
N SER F 77 -36.28 -3.90 11.25
CA SER F 77 -36.89 -2.59 11.45
C SER F 77 -38.01 -2.67 12.49
N HIS F 78 -38.55 -3.87 12.71
CA HIS F 78 -39.55 -4.11 13.74
C HIS F 78 -39.26 -5.46 14.38
N GLY F 79 -39.87 -5.70 15.53
CA GLY F 79 -39.74 -6.97 16.21
C GLY F 79 -38.59 -6.95 17.19
N THR F 80 -38.79 -7.66 18.31
CA THR F 80 -37.75 -7.80 19.32
C THR F 80 -36.80 -8.93 18.92
N HIS F 81 -35.67 -9.02 19.62
CA HIS F 81 -34.73 -10.13 19.50
C HIS F 81 -35.38 -11.48 19.83
N GLU F 82 -36.27 -11.48 20.82
CA GLU F 82 -37.05 -12.66 21.20
C GLU F 82 -37.90 -13.14 20.00
N TYR F 83 -38.62 -12.20 19.39
CA TYR F 83 -39.49 -12.49 18.24
C TYR F 83 -38.75 -13.09 17.05
N HIS F 84 -37.61 -12.50 16.68
CA HIS F 84 -36.85 -12.94 15.51
C HIS F 84 -36.13 -14.26 15.78
N ALA F 85 -35.81 -14.52 17.04
CA ALA F 85 -35.15 -15.75 17.40
C ALA F 85 -36.13 -16.88 17.17
N GLU F 86 -37.38 -16.60 17.46
CA GLU F 86 -38.42 -17.60 17.34
C GLU F 86 -38.74 -17.90 15.88
N THR F 87 -38.80 -16.84 15.07
CA THR F 87 -38.93 -16.96 13.62
C THR F 87 -37.81 -17.82 13.07
N ILE F 88 -36.57 -17.46 13.39
CA ILE F 88 -35.43 -18.26 12.95
C ILE F 88 -35.64 -19.73 13.35
N LYS F 89 -36.00 -19.97 14.62
CA LYS F 89 -36.29 -21.33 15.14
C LYS F 89 -37.32 -22.10 14.31
N ASN F 90 -38.42 -21.42 14.00
CA ASN F 90 -39.47 -21.95 13.11
C ASN F 90 -38.98 -22.19 11.69
N VAL F 91 -38.10 -21.32 11.21
CA VAL F 91 -37.58 -21.50 9.85
C VAL F 91 -36.84 -22.82 9.83
N ARG F 92 -35.99 -23.00 10.83
CA ARG F 92 -35.13 -24.16 10.94
C ARG F 92 -35.91 -25.44 11.26
N THR F 93 -36.92 -25.36 12.12
CA THR F 93 -37.82 -26.48 12.36
C THR F 93 -38.42 -27.01 11.05
N ALA F 94 -39.01 -26.10 10.27
CA ALA F 94 -39.59 -26.46 8.98
C ALA F 94 -38.56 -26.94 7.95
N THR F 95 -37.40 -26.29 7.91
CA THR F 95 -36.34 -26.69 7.01
C THR F 95 -35.90 -28.10 7.36
N GLU F 96 -35.55 -28.30 8.62
CA GLU F 96 -35.01 -29.58 9.07
C GLU F 96 -36.02 -30.73 9.04
N SER F 97 -37.31 -30.40 8.94
CA SER F 97 -38.38 -31.41 8.77
C SER F 97 -38.17 -32.28 7.53
N PHE F 98 -37.30 -31.82 6.62
CA PHE F 98 -36.97 -32.53 5.37
C PHE F 98 -35.57 -33.16 5.37
N ALA F 99 -34.87 -33.09 6.49
CA ALA F 99 -33.46 -33.46 6.55
C ALA F 99 -33.14 -34.92 6.29
N SER F 100 -34.03 -35.83 6.68
CA SER F 100 -33.76 -37.27 6.60
CA SER F 100 -33.72 -37.26 6.60
C SER F 100 -33.68 -37.83 5.18
N ASP F 101 -34.11 -37.05 4.19
CA ASP F 101 -34.00 -37.49 2.79
C ASP F 101 -33.00 -36.62 2.02
N PRO F 102 -31.80 -37.15 1.77
CA PRO F 102 -30.75 -36.35 1.11
C PRO F 102 -30.98 -36.11 -0.40
N ILE F 103 -31.76 -36.94 -1.06
CA ILE F 103 -32.08 -36.68 -2.48
C ILE F 103 -32.98 -35.45 -2.64
N LEU F 104 -33.68 -35.05 -1.57
CA LEU F 104 -34.68 -33.99 -1.70
C LEU F 104 -34.48 -32.79 -0.78
N TYR F 105 -33.72 -32.97 0.29
CA TYR F 105 -33.56 -31.91 1.28
C TYR F 105 -33.07 -30.63 0.62
N ARG F 106 -33.75 -29.53 0.88
CA ARG F 106 -33.27 -28.21 0.43
C ARG F 106 -32.74 -27.40 1.61
N PRO F 107 -31.48 -26.97 1.53
CA PRO F 107 -31.00 -26.02 2.52
C PRO F 107 -31.76 -24.70 2.39
N VAL F 108 -32.06 -24.07 3.52
CA VAL F 108 -32.68 -22.75 3.54
C VAL F 108 -31.80 -21.80 4.37
N ALA F 109 -31.35 -20.73 3.73
CA ALA F 109 -30.54 -19.71 4.38
C ALA F 109 -31.37 -18.76 5.26
N VAL F 110 -30.67 -18.11 6.18
CA VAL F 110 -31.25 -17.19 7.14
C VAL F 110 -30.54 -15.89 6.90
N ALA F 111 -31.33 -14.83 6.69
CA ALA F 111 -30.79 -13.50 6.38
C ALA F 111 -31.31 -12.48 7.36
N LEU F 112 -30.41 -11.61 7.82
CA LEU F 112 -30.74 -10.52 8.72
C LEU F 112 -30.66 -9.18 7.98
N ASP F 113 -31.80 -8.55 7.81
CA ASP F 113 -31.91 -7.21 7.23
C ASP F 113 -31.84 -6.22 8.39
N THR F 114 -30.87 -5.32 8.36
CA THR F 114 -30.66 -4.39 9.48
C THR F 114 -31.64 -3.23 9.38
N LYS F 115 -31.82 -2.51 10.48
CA LYS F 115 -32.64 -1.29 10.48
C LYS F 115 -31.82 -0.16 9.89
N GLY F 116 -30.63 0.06 10.43
CA GLY F 116 -29.75 1.13 9.98
C GLY F 116 -30.28 2.49 10.36
N PRO F 117 -29.83 3.53 9.64
CA PRO F 117 -30.14 4.91 9.95
C PRO F 117 -31.51 5.34 9.42
N GLU F 118 -32.56 4.70 9.93
CA GLU F 118 -33.93 5.03 9.59
C GLU F 118 -34.41 6.26 10.33
N ILE F 119 -35.30 7.01 9.69
CA ILE F 119 -36.05 8.08 10.36
C ILE F 119 -37.51 7.63 10.40
N ARG F 120 -38.05 7.54 11.61
CA ARG F 120 -39.46 7.17 11.78
C ARG F 120 -40.24 8.19 12.59
N THR F 121 -41.51 8.39 12.22
CA THR F 121 -42.44 9.25 12.99
C THR F 121 -42.80 8.65 14.36
N GLY F 122 -43.63 9.35 15.13
CA GLY F 122 -44.03 8.89 16.45
C GLY F 122 -45.28 8.04 16.46
N LEU F 123 -46.07 8.14 17.53
CA LEU F 123 -47.35 7.43 17.64
C LEU F 123 -48.52 8.40 17.52
N ILE F 124 -49.62 7.95 16.92
CA ILE F 124 -50.81 8.79 16.71
C ILE F 124 -51.79 8.64 17.88
N LYS F 125 -52.14 9.77 18.50
CA LYS F 125 -53.00 9.84 19.70
C LYS F 125 -53.44 8.49 20.27
N THR F 129 -52.97 3.08 18.19
CA THR F 129 -52.45 3.59 16.92
C THR F 129 -53.58 3.84 15.92
N ALA F 130 -54.05 5.08 15.89
CA ALA F 130 -55.09 5.50 14.94
C ALA F 130 -54.47 6.07 13.67
N GLU F 131 -55.16 7.02 13.04
CA GLU F 131 -54.66 7.74 11.88
C GLU F 131 -55.12 9.20 11.94
N VAL F 132 -54.41 10.07 11.23
CA VAL F 132 -54.81 11.46 11.06
C VAL F 132 -54.71 11.89 9.59
N GLU F 133 -55.73 12.61 9.11
CA GLU F 133 -55.74 13.07 7.72
C GLU F 133 -54.96 14.37 7.55
N LEU F 134 -54.09 14.40 6.55
CA LEU F 134 -53.27 15.57 6.26
C LEU F 134 -53.66 16.18 4.92
N LYS F 135 -54.49 17.21 4.97
CA LYS F 135 -55.01 17.87 3.78
C LYS F 135 -53.94 18.68 3.03
N LYS F 136 -54.08 18.74 1.71
CA LYS F 136 -53.14 19.46 0.84
C LYS F 136 -53.12 20.95 1.14
N GLY F 137 -51.92 21.50 1.29
CA GLY F 137 -51.73 22.94 1.51
C GLY F 137 -51.62 23.33 2.97
N ALA F 138 -52.18 22.51 3.85
CA ALA F 138 -52.24 22.79 5.28
C ALA F 138 -50.87 22.81 5.95
N THR F 139 -50.78 23.55 7.06
CA THR F 139 -49.57 23.59 7.87
C THR F 139 -49.40 22.28 8.64
N LEU F 140 -48.16 21.82 8.73
CA LEU F 140 -47.79 20.74 9.65
C LEU F 140 -46.47 21.07 10.34
N LYS F 141 -46.47 21.04 11.67
CA LYS F 141 -45.25 21.30 12.42
C LYS F 141 -44.51 19.99 12.73
N ILE F 142 -43.21 20.00 12.44
CA ILE F 142 -42.33 18.90 12.80
C ILE F 142 -41.57 19.28 14.07
N THR F 143 -41.70 18.46 15.10
CA THR F 143 -41.03 18.70 16.37
C THR F 143 -40.09 17.56 16.72
N LEU F 144 -39.10 17.87 17.55
CA LEU F 144 -38.15 16.89 18.05
C LEU F 144 -38.25 16.75 19.55
N ASP F 145 -39.15 17.54 20.15
CA ASP F 145 -39.37 17.55 21.59
C ASP F 145 -39.95 16.20 21.99
N ASN F 146 -39.08 15.33 22.50
CA ASN F 146 -39.45 13.95 22.87
C ASN F 146 -40.73 13.78 23.72
N ALA F 147 -41.19 14.87 24.34
CA ALA F 147 -42.45 14.83 25.08
C ALA F 147 -43.67 14.71 24.16
N TYR F 148 -43.47 15.00 22.87
CA TYR F 148 -44.55 14.96 21.90
C TYR F 148 -44.46 13.75 20.98
N MET F 149 -43.64 12.76 21.36
CA MET F 149 -43.37 11.59 20.52
C MET F 149 -44.56 10.64 20.36
N GLU F 150 -45.44 10.62 21.36
CA GLU F 150 -46.58 9.72 21.38
C GLU F 150 -47.91 10.47 21.30
N LYS F 151 -47.83 11.78 21.13
CA LYS F 151 -49.02 12.62 20.93
C LYS F 151 -48.94 13.31 19.56
N CYS F 152 -48.86 12.49 18.50
CA CYS F 152 -48.83 12.99 17.14
C CYS F 152 -50.24 13.09 16.58
N ASP F 153 -50.60 14.25 16.05
CA ASP F 153 -51.87 14.43 15.37
C ASP F 153 -51.69 15.24 14.08
N GLU F 154 -52.78 15.88 13.62
CA GLU F 154 -52.78 16.62 12.35
C GLU F 154 -51.88 17.86 12.37
N ASN F 155 -51.74 18.47 13.54
CA ASN F 155 -50.90 19.66 13.69
C ASN F 155 -49.46 19.36 14.09
N ILE F 156 -49.28 18.41 14.99
CA ILE F 156 -47.96 18.09 15.56
C ILE F 156 -47.44 16.75 15.05
N LEU F 157 -46.22 16.76 14.52
CA LEU F 157 -45.55 15.54 14.07
C LEU F 157 -44.15 15.41 14.66
N TRP F 158 -43.97 14.44 15.54
CA TRP F 158 -42.65 14.12 16.08
C TRP F 158 -41.97 13.04 15.27
N LEU F 159 -40.68 13.23 15.01
CA LEU F 159 -39.84 12.19 14.43
C LEU F 159 -38.56 12.02 15.28
N ASP F 160 -37.85 10.92 15.08
CA ASP F 160 -36.74 10.52 15.96
C ASP F 160 -35.37 11.12 15.61
N TYR F 161 -35.25 11.70 14.42
CA TYR F 161 -33.98 12.22 13.91
C TYR F 161 -33.59 13.56 14.54
N LYS F 162 -33.00 13.48 15.72
CA LYS F 162 -32.67 14.64 16.57
C LYS F 162 -31.94 15.80 15.87
N ASN F 163 -31.27 15.51 14.74
CA ASN F 163 -30.49 16.51 14.01
C ASN F 163 -31.11 17.07 12.73
N ILE F 164 -32.34 16.63 12.43
CA ILE F 164 -32.99 16.99 11.19
C ILE F 164 -32.76 18.47 10.80
N CYS F 165 -32.83 19.35 11.79
CA CYS F 165 -32.74 20.80 11.58
C CYS F 165 -31.39 21.25 11.05
N LYS F 166 -30.34 20.51 11.39
CA LYS F 166 -28.99 20.83 10.93
C LYS F 166 -28.79 20.54 9.43
N VAL F 167 -29.46 19.51 8.91
CA VAL F 167 -29.22 19.05 7.52
C VAL F 167 -30.32 19.37 6.50
N VAL F 168 -31.26 20.22 6.87
CA VAL F 168 -32.39 20.52 5.99
C VAL F 168 -32.63 22.03 5.86
N ASP F 169 -33.06 22.47 4.67
CA ASP F 169 -33.22 23.89 4.34
C ASP F 169 -34.68 24.30 4.17
N VAL F 170 -34.91 25.61 4.04
CA VAL F 170 -36.20 26.13 3.60
C VAL F 170 -36.34 25.81 2.10
N GLY F 171 -37.39 25.08 1.76
CA GLY F 171 -37.63 24.65 0.39
C GLY F 171 -37.42 23.16 0.24
N SER F 172 -36.64 22.58 1.15
CA SER F 172 -36.40 21.14 1.20
C SER F 172 -37.69 20.36 1.33
N LYS F 173 -37.67 19.12 0.87
CA LYS F 173 -38.86 18.27 0.94
C LYS F 173 -38.70 17.05 1.85
N VAL F 174 -39.69 16.87 2.72
CA VAL F 174 -39.74 15.75 3.62
C VAL F 174 -40.82 14.80 3.11
N TYR F 175 -40.47 13.52 2.97
CA TYR F 175 -41.40 12.50 2.54
C TYR F 175 -41.78 11.57 3.71
N VAL F 176 -43.07 11.27 3.84
CA VAL F 176 -43.56 10.46 4.95
C VAL F 176 -44.36 9.27 4.47
N ASP F 177 -44.14 8.12 5.13
CA ASP F 177 -44.87 6.87 4.84
C ASP F 177 -44.69 6.39 3.39
N ASP F 178 -43.58 5.69 3.16
CA ASP F 178 -43.21 5.16 1.84
C ASP F 178 -43.30 6.20 0.72
N GLY F 179 -43.02 7.45 1.07
CA GLY F 179 -43.00 8.55 0.12
C GLY F 179 -44.34 8.92 -0.47
N LEU F 180 -45.41 8.52 0.22
CA LEU F 180 -46.77 8.81 -0.24
C LEU F 180 -47.19 10.22 0.13
N ILE F 181 -46.70 10.69 1.27
CA ILE F 181 -47.00 12.03 1.78
C ILE F 181 -45.76 12.90 1.61
N SER F 182 -45.96 14.12 1.08
CA SER F 182 -44.84 15.03 0.85
C SER F 182 -45.07 16.41 1.48
N LEU F 183 -44.05 16.93 2.15
CA LEU F 183 -44.11 18.21 2.84
C LEU F 183 -42.98 19.14 2.35
N GLN F 184 -43.25 20.45 2.38
CA GLN F 184 -42.23 21.46 2.06
C GLN F 184 -41.92 22.33 3.28
N VAL F 185 -40.64 22.37 3.66
CA VAL F 185 -40.17 23.17 4.79
C VAL F 185 -40.16 24.65 4.44
N LYS F 186 -40.90 25.45 5.22
CA LYS F 186 -41.09 26.86 4.92
C LYS F 186 -40.44 27.80 5.94
N GLN F 187 -40.14 27.29 7.14
CA GLN F 187 -39.38 28.02 8.16
C GLN F 187 -38.74 27.06 9.16
N LYS F 188 -37.75 27.55 9.90
CA LYS F 188 -36.97 26.73 10.83
C LYS F 188 -37.06 27.25 12.26
N ASP F 191 -34.93 23.78 16.81
CA ASP F 191 -35.33 22.42 17.16
C ASP F 191 -36.70 22.08 16.58
N PHE F 192 -37.21 22.95 15.72
CA PHE F 192 -38.48 22.69 15.04
C PHE F 192 -38.43 23.00 13.54
N LEU F 193 -39.37 22.41 12.80
CA LEU F 193 -39.57 22.71 11.39
C LEU F 193 -41.06 22.91 11.13
N VAL F 194 -41.40 24.01 10.46
CA VAL F 194 -42.79 24.22 10.05
C VAL F 194 -42.92 23.96 8.55
N THR F 195 -43.84 23.05 8.19
CA THR F 195 -43.98 22.60 6.80
C THR F 195 -45.38 22.79 6.22
N GLU F 196 -45.42 23.04 4.91
CA GLU F 196 -46.65 22.99 4.14
C GLU F 196 -46.85 21.54 3.72
N VAL F 197 -48.08 21.17 3.34
CA VAL F 197 -48.34 19.81 2.86
C VAL F 197 -48.54 19.82 1.36
N GLU F 198 -47.66 19.14 0.64
CA GLU F 198 -47.72 19.10 -0.81
C GLU F 198 -48.64 17.99 -1.32
N ASN F 199 -48.33 16.74 -0.98
CA ASN F 199 -49.20 15.59 -1.27
C ASN F 199 -49.81 15.07 0.03
N GLY F 200 -51.14 15.08 0.11
CA GLY F 200 -51.85 14.72 1.34
C GLY F 200 -52.05 13.24 1.59
N GLY F 201 -52.72 12.90 2.69
CA GLY F 201 -53.07 11.51 2.96
C GLY F 201 -53.17 11.14 4.42
N PHE F 202 -53.76 9.96 4.66
CA PHE F 202 -53.87 9.39 6.00
C PHE F 202 -52.50 8.91 6.53
N LEU F 203 -52.14 9.38 7.72
CA LEU F 203 -50.85 9.06 8.32
C LEU F 203 -50.99 8.26 9.62
N GLY F 204 -50.45 7.05 9.63
CA GLY F 204 -50.44 6.19 10.80
C GLY F 204 -49.23 6.41 11.68
N SER F 205 -48.97 5.44 12.57
CA SER F 205 -47.90 5.52 13.56
C SER F 205 -46.57 4.98 13.02
N LYS F 206 -45.47 5.61 13.45
CA LYS F 206 -44.12 5.09 13.19
C LYS F 206 -43.84 4.74 11.73
N LYS F 207 -44.28 5.61 10.82
CA LYS F 207 -44.06 5.42 9.39
C LYS F 207 -42.76 6.11 9.00
N GLY F 208 -42.08 5.57 8.00
CA GLY F 208 -40.75 6.05 7.61
C GLY F 208 -40.71 7.45 7.03
N VAL F 209 -39.58 8.14 7.27
CA VAL F 209 -39.38 9.49 6.78
C VAL F 209 -38.12 9.56 5.90
N ASN F 210 -38.27 10.15 4.72
CA ASN F 210 -37.14 10.31 3.80
C ASN F 210 -36.79 11.77 3.54
N LEU F 211 -35.48 12.05 3.51
CA LEU F 211 -34.98 13.41 3.21
C LEU F 211 -34.06 13.43 1.98
N PRO F 212 -34.65 13.30 0.76
CA PRO F 212 -33.83 13.32 -0.44
C PRO F 212 -33.10 14.65 -0.60
N GLY F 213 -31.86 14.61 -1.08
CA GLY F 213 -31.07 15.83 -1.25
C GLY F 213 -30.39 16.30 0.03
N ALA F 214 -30.84 15.77 1.17
CA ALA F 214 -30.21 16.09 2.45
C ALA F 214 -29.14 15.07 2.81
N ALA F 215 -28.04 15.56 3.39
CA ALA F 215 -26.96 14.69 3.83
C ALA F 215 -27.24 14.25 5.27
N VAL F 216 -28.07 13.21 5.39
CA VAL F 216 -28.46 12.68 6.69
C VAL F 216 -27.23 12.14 7.43
N ASP F 217 -27.06 12.56 8.68
CA ASP F 217 -25.80 12.26 9.38
C ASP F 217 -25.91 11.23 10.51
N LEU F 218 -26.94 10.39 10.44
CA LEU F 218 -27.10 9.27 11.37
C LEU F 218 -26.00 8.22 11.15
N PRO F 219 -25.51 7.57 12.22
CA PRO F 219 -24.46 6.55 12.07
C PRO F 219 -24.83 5.46 11.07
N ALA F 220 -23.84 4.96 10.32
CA ALA F 220 -24.03 3.79 9.47
C ALA F 220 -24.47 2.60 10.30
N VAL F 221 -23.95 2.56 11.52
CA VAL F 221 -24.20 1.46 12.45
C VAL F 221 -24.52 2.03 13.84
N SER F 222 -25.81 2.06 14.18
CA SER F 222 -26.28 2.56 15.47
C SER F 222 -26.10 1.53 16.58
N GLU F 223 -26.25 1.96 17.83
CA GLU F 223 -26.10 1.02 18.94
C GLU F 223 -27.07 -0.16 18.76
N LYS F 224 -28.31 0.11 18.34
CA LYS F 224 -29.29 -0.96 18.08
C LYS F 224 -28.78 -1.95 17.01
N ASP F 225 -28.25 -1.41 15.92
CA ASP F 225 -27.66 -2.22 14.88
C ASP F 225 -26.55 -3.13 15.43
N ILE F 226 -25.69 -2.58 16.29
CA ILE F 226 -24.59 -3.36 16.87
C ILE F 226 -25.15 -4.56 17.64
N GLN F 227 -26.20 -4.32 18.44
CA GLN F 227 -26.89 -5.37 19.19
CA GLN F 227 -26.86 -5.39 19.18
C GLN F 227 -27.48 -6.42 18.25
N ASP F 228 -27.95 -5.96 17.07
CA ASP F 228 -28.59 -6.84 16.09
C ASP F 228 -27.59 -7.70 15.35
N LEU F 229 -26.42 -7.12 15.07
CA LEU F 229 -25.38 -7.84 14.37
C LEU F 229 -24.76 -8.92 15.26
N LYS F 230 -24.51 -8.56 16.52
CA LYS F 230 -24.00 -9.50 17.50
C LYS F 230 -25.02 -10.62 17.70
N PHE F 231 -26.28 -10.22 17.80
CA PHE F 231 -27.39 -11.18 17.80
C PHE F 231 -27.30 -12.13 16.59
N GLY F 232 -27.13 -11.57 15.40
CA GLY F 232 -27.00 -12.36 14.18
C GLY F 232 -25.96 -13.47 14.25
N VAL F 233 -24.80 -13.11 14.80
CA VAL F 233 -23.72 -14.06 15.05
C VAL F 233 -24.19 -15.20 15.98
N GLU F 234 -24.76 -14.84 17.13
CA GLU F 234 -25.25 -15.80 18.12
C GLU F 234 -26.18 -16.82 17.46
N GLN F 235 -27.03 -16.31 16.58
CA GLN F 235 -28.05 -17.08 15.87
C GLN F 235 -27.53 -17.80 14.63
N ASP F 236 -26.25 -17.60 14.31
CA ASP F 236 -25.59 -18.30 13.20
C ASP F 236 -26.22 -17.98 11.85
N VAL F 237 -26.72 -16.76 11.70
CA VAL F 237 -27.27 -16.33 10.40
C VAL F 237 -26.21 -16.44 9.32
N ASP F 238 -26.68 -16.64 8.10
CA ASP F 238 -25.83 -16.89 6.96
C ASP F 238 -25.39 -15.59 6.29
N MET F 239 -26.25 -14.57 6.32
CA MET F 239 -26.00 -13.27 5.67
C MET F 239 -26.68 -12.08 6.36
N VAL F 240 -26.12 -10.90 6.15
CA VAL F 240 -26.69 -9.65 6.64
C VAL F 240 -27.03 -8.74 5.45
N PHE F 241 -28.23 -8.17 5.46
CA PHE F 241 -28.60 -7.18 4.48
C PHE F 241 -28.47 -5.83 5.18
N ALA F 242 -27.37 -5.12 4.89
CA ALA F 242 -27.01 -3.90 5.63
C ALA F 242 -27.66 -2.69 5.01
N SER F 243 -28.69 -2.17 5.69
CA SER F 243 -29.48 -1.06 5.17
C SER F 243 -28.68 0.23 4.98
N PHE F 244 -29.02 0.96 3.91
CA PHE F 244 -28.50 2.33 3.63
C PHE F 244 -26.98 2.47 3.50
N ILE F 245 -26.29 1.46 2.99
CA ILE F 245 -24.85 1.57 2.80
C ILE F 245 -24.54 2.72 1.84
N ARG F 246 -23.71 3.66 2.30
CA ARG F 246 -23.38 4.87 1.53
C ARG F 246 -21.96 4.84 0.98
N LYS F 247 -21.07 4.20 1.75
CA LYS F 247 -19.67 4.07 1.42
C LYS F 247 -19.11 2.75 1.97
N ALA F 248 -17.90 2.39 1.52
CA ALA F 248 -17.23 1.16 1.93
C ALA F 248 -16.97 1.15 3.41
N ALA F 249 -16.71 2.33 3.99
CA ALA F 249 -16.49 2.47 5.42
C ALA F 249 -17.61 1.80 6.23
N ASP F 250 -18.85 2.06 5.79
CA ASP F 250 -20.05 1.52 6.41
C ASP F 250 -20.04 0.01 6.36
N VAL F 251 -19.66 -0.53 5.20
CA VAL F 251 -19.53 -1.98 5.04
C VAL F 251 -18.53 -2.45 6.10
N HIS F 252 -17.42 -1.73 6.20
CA HIS F 252 -16.35 -2.12 7.15
C HIS F 252 -16.77 -2.05 8.60
N GLU F 253 -17.54 -1.03 8.97
CA GLU F 253 -18.17 -0.99 10.29
C GLU F 253 -19.06 -2.20 10.55
N VAL F 254 -19.84 -2.62 9.55
CA VAL F 254 -20.66 -3.84 9.69
C VAL F 254 -19.76 -5.08 9.83
N ARG F 255 -18.71 -5.17 9.01
CA ARG F 255 -17.72 -6.25 9.11
C ARG F 255 -17.08 -6.32 10.50
N LYS F 256 -16.58 -5.18 10.98
CA LYS F 256 -15.86 -5.16 12.26
C LYS F 256 -16.68 -5.76 13.40
N ILE F 257 -18.00 -5.51 13.40
CA ILE F 257 -18.87 -6.00 14.48
C ILE F 257 -19.09 -7.50 14.39
N LEU F 258 -19.34 -8.00 13.18
CA LEU F 258 -19.43 -9.44 12.96
C LEU F 258 -18.13 -10.11 13.40
N GLY F 259 -17.03 -9.39 13.22
CA GLY F 259 -15.74 -9.73 13.80
C GLY F 259 -15.14 -11.03 13.32
N GLU F 260 -14.26 -11.60 14.14
CA GLU F 260 -13.60 -12.87 13.84
C GLU F 260 -14.63 -14.00 13.82
N LYS F 261 -15.47 -14.05 14.85
CA LYS F 261 -16.54 -15.05 14.97
C LYS F 261 -17.53 -15.06 13.79
N GLY F 262 -17.71 -13.90 13.15
CA GLY F 262 -18.67 -13.78 12.06
C GLY F 262 -18.05 -13.54 10.69
N LYS F 263 -16.76 -13.86 10.58
CA LYS F 263 -15.98 -13.58 9.36
C LYS F 263 -16.58 -14.25 8.13
N ASN F 264 -17.23 -15.39 8.33
CA ASN F 264 -17.86 -16.13 7.24
C ASN F 264 -19.28 -15.66 6.86
N ILE F 265 -19.86 -14.77 7.69
CA ILE F 265 -21.19 -14.20 7.35
C ILE F 265 -21.04 -13.27 6.15
N LYS F 266 -21.87 -13.47 5.13
CA LYS F 266 -21.82 -12.63 3.94
C LYS F 266 -22.45 -11.28 4.23
N ILE F 267 -21.80 -10.21 3.79
CA ILE F 267 -22.41 -8.89 3.87
C ILE F 267 -22.94 -8.48 2.51
N ILE F 268 -24.26 -8.40 2.42
CA ILE F 268 -24.93 -7.87 1.24
C ILE F 268 -25.33 -6.43 1.54
N SER F 269 -24.71 -5.48 0.85
CA SER F 269 -24.99 -4.07 1.05
C SER F 269 -26.23 -3.68 0.28
N LYS F 270 -27.17 -3.01 0.93
CA LYS F 270 -28.35 -2.49 0.25
C LYS F 270 -28.09 -1.09 -0.26
N ILE F 271 -28.35 -0.88 -1.54
CA ILE F 271 -28.17 0.42 -2.17
C ILE F 271 -29.54 1.07 -2.22
N GLU F 272 -29.72 2.15 -1.45
CA GLU F 272 -31.03 2.79 -1.35
C GLU F 272 -30.97 4.30 -1.13
N ASN F 273 -29.95 4.97 -1.67
CA ASN F 273 -29.91 6.43 -1.72
C ASN F 273 -28.99 6.94 -2.81
N HIS F 274 -28.92 8.25 -2.99
CA HIS F 274 -28.07 8.79 -4.03
C HIS F 274 -26.60 8.42 -3.83
N GLU F 275 -26.11 8.59 -2.60
CA GLU F 275 -24.68 8.37 -2.29
C GLU F 275 -24.28 6.92 -2.55
N GLY F 276 -25.20 6.00 -2.24
CA GLY F 276 -25.06 4.59 -2.56
C GLY F 276 -24.71 4.35 -4.03
N VAL F 277 -25.35 5.09 -4.92
CA VAL F 277 -25.12 4.93 -6.34
C VAL F 277 -23.79 5.55 -6.79
N ARG F 278 -23.51 6.78 -6.36
CA ARG F 278 -22.25 7.44 -6.73
C ARG F 278 -21.03 6.58 -6.35
N ARG F 279 -21.09 6.01 -5.16
CA ARG F 279 -19.92 5.34 -4.62
C ARG F 279 -20.04 3.82 -4.78
N PHE F 280 -20.84 3.39 -5.76
CA PHE F 280 -21.13 1.96 -5.91
C PHE F 280 -19.90 1.07 -5.95
N ASP F 281 -18.92 1.41 -6.79
CA ASP F 281 -17.77 0.53 -6.99
C ASP F 281 -17.10 0.15 -5.67
N GLU F 282 -16.82 1.14 -4.82
CA GLU F 282 -16.16 0.87 -3.54
C GLU F 282 -17.03 -0.02 -2.64
N ILE F 283 -18.34 0.24 -2.63
CA ILE F 283 -19.29 -0.60 -1.92
C ILE F 283 -19.28 -2.05 -2.45
N LEU F 284 -19.25 -2.19 -3.76
CA LEU F 284 -19.12 -3.51 -4.38
C LEU F 284 -17.83 -4.20 -3.92
N GLU F 285 -16.71 -3.50 -4.03
CA GLU F 285 -15.43 -4.05 -3.58
C GLU F 285 -15.42 -4.50 -2.10
N ALA F 286 -16.04 -3.73 -1.20
CA ALA F 286 -16.05 -4.11 0.22
C ALA F 286 -17.03 -5.23 0.59
N SER F 287 -18.10 -5.38 -0.19
CA SER F 287 -19.20 -6.27 0.15
C SER F 287 -19.11 -7.66 -0.51
N ASP F 288 -19.96 -8.58 -0.05
CA ASP F 288 -20.04 -9.92 -0.62
C ASP F 288 -21.15 -10.02 -1.68
N GLY F 289 -22.03 -9.03 -1.71
CA GLY F 289 -23.02 -8.88 -2.76
C GLY F 289 -23.82 -7.61 -2.56
N ILE F 290 -24.86 -7.43 -3.35
CA ILE F 290 -25.62 -6.17 -3.36
C ILE F 290 -27.13 -6.46 -3.37
N MET F 291 -27.89 -5.59 -2.70
CA MET F 291 -29.32 -5.54 -2.90
C MET F 291 -29.68 -4.18 -3.53
N VAL F 292 -30.52 -4.22 -4.56
CA VAL F 292 -31.10 -3.01 -5.14
C VAL F 292 -32.39 -2.79 -4.34
N ALA F 293 -32.28 -2.05 -3.23
CA ALA F 293 -33.44 -1.82 -2.37
C ALA F 293 -34.26 -0.70 -2.96
N ARG F 294 -35.11 -1.07 -3.93
CA ARG F 294 -35.78 -0.09 -4.79
C ARG F 294 -36.82 0.75 -4.07
N GLY F 295 -37.25 0.30 -2.89
CA GLY F 295 -38.28 0.99 -2.10
C GLY F 295 -37.84 2.40 -1.70
N ASP F 296 -36.85 2.46 -0.82
CA ASP F 296 -36.21 3.71 -0.44
C ASP F 296 -35.49 4.37 -1.63
N LEU F 297 -34.91 3.57 -2.52
CA LEU F 297 -34.18 4.13 -3.67
C LEU F 297 -35.08 5.02 -4.52
N GLY F 298 -36.27 4.55 -4.83
CA GLY F 298 -37.25 5.31 -5.60
C GLY F 298 -37.89 6.49 -4.88
N ILE F 299 -37.48 6.71 -3.63
CA ILE F 299 -37.90 7.88 -2.86
C ILE F 299 -36.70 8.83 -2.74
N GLU F 300 -35.50 8.27 -2.58
CA GLU F 300 -34.25 9.05 -2.48
C GLU F 300 -33.79 9.68 -3.80
N ILE F 301 -34.04 8.97 -4.90
CA ILE F 301 -33.84 9.53 -6.24
C ILE F 301 -35.20 9.49 -6.93
N PRO F 302 -35.41 10.32 -7.97
CA PRO F 302 -36.69 10.26 -8.68
C PRO F 302 -37.09 8.81 -9.03
N ALA F 303 -38.36 8.47 -8.94
CA ALA F 303 -38.77 7.09 -9.20
C ALA F 303 -38.54 6.68 -10.66
N GLU F 304 -38.57 7.65 -11.57
CA GLU F 304 -38.37 7.41 -13.00
C GLU F 304 -36.95 6.92 -13.34
N LYS F 305 -36.03 7.04 -12.38
CA LYS F 305 -34.62 6.78 -12.63
C LYS F 305 -34.17 5.45 -12.07
N VAL F 306 -35.02 4.82 -11.25
CA VAL F 306 -34.64 3.62 -10.50
C VAL F 306 -34.15 2.52 -11.40
N PHE F 307 -34.75 2.38 -12.58
CA PHE F 307 -34.40 1.30 -13.50
C PHE F 307 -32.97 1.42 -14.00
N LEU F 308 -32.49 2.66 -14.10
CA LEU F 308 -31.12 2.97 -14.48
C LEU F 308 -30.19 2.38 -13.44
N ALA F 309 -30.42 2.74 -12.18
CA ALA F 309 -29.64 2.18 -11.07
C ALA F 309 -29.74 0.63 -11.03
N GLN F 310 -30.96 0.11 -11.11
CA GLN F 310 -31.20 -1.34 -11.11
C GLN F 310 -30.32 -2.04 -12.13
N LYS F 311 -30.41 -1.57 -13.38
CA LYS F 311 -29.69 -2.17 -14.51
C LYS F 311 -28.19 -1.97 -14.40
N MET F 312 -27.77 -0.77 -13.97
CA MET F 312 -26.35 -0.44 -13.77
C MET F 312 -25.72 -1.38 -12.75
N ILE F 313 -26.33 -1.47 -11.56
CA ILE F 313 -25.82 -2.30 -10.48
C ILE F 313 -25.82 -3.79 -10.84
N ILE F 314 -26.92 -4.28 -11.38
CA ILE F 314 -26.99 -5.70 -11.75
C ILE F 314 -25.87 -6.03 -12.70
N GLY F 315 -25.67 -5.17 -13.70
CA GLY F 315 -24.63 -5.36 -14.70
C GLY F 315 -23.24 -5.40 -14.07
N ARG F 316 -22.98 -4.49 -13.14
CA ARG F 316 -21.63 -4.38 -12.55
C ARG F 316 -21.32 -5.55 -11.63
N CYS F 317 -22.34 -6.03 -10.93
CA CYS F 317 -22.21 -7.23 -10.08
C CYS F 317 -21.93 -8.48 -10.93
N ASN F 318 -22.62 -8.57 -12.07
CA ASN F 318 -22.45 -9.67 -13.02
C ASN F 318 -21.01 -9.76 -13.49
N ARG F 319 -20.43 -8.59 -13.81
CA ARG F 319 -19.01 -8.45 -14.15
C ARG F 319 -18.06 -8.90 -13.06
N ALA F 320 -18.40 -8.56 -11.83
CA ALA F 320 -17.52 -8.79 -10.68
C ALA F 320 -17.73 -10.16 -10.08
N GLY F 321 -18.78 -10.84 -10.57
CA GLY F 321 -19.12 -12.18 -10.10
C GLY F 321 -19.59 -12.18 -8.65
N LYS F 322 -20.18 -11.06 -8.23
CA LYS F 322 -20.79 -10.95 -6.91
C LYS F 322 -22.33 -11.00 -6.98
N PRO F 323 -22.95 -11.70 -6.01
CA PRO F 323 -24.42 -11.85 -5.92
C PRO F 323 -25.12 -10.52 -5.88
N VAL F 324 -26.12 -10.33 -6.74
CA VAL F 324 -26.98 -9.13 -6.71
C VAL F 324 -28.46 -9.53 -6.64
N ILE F 325 -29.21 -8.78 -5.83
CA ILE F 325 -30.60 -9.04 -5.49
C ILE F 325 -31.51 -7.90 -5.97
N CYS F 326 -32.52 -8.22 -6.75
CA CYS F 326 -33.54 -7.24 -7.06
C CYS F 326 -34.63 -7.41 -6.03
N ALA F 327 -35.06 -6.30 -5.42
CA ALA F 327 -36.09 -6.37 -4.36
C ALA F 327 -37.20 -5.31 -4.48
N THR F 328 -38.25 -5.55 -3.70
CA THR F 328 -39.27 -4.55 -3.30
C THR F 328 -40.35 -4.24 -4.30
N GLN F 329 -41.60 -4.54 -3.93
CA GLN F 329 -42.78 -4.23 -4.74
C GLN F 329 -42.85 -5.00 -6.05
N MET F 330 -42.05 -6.06 -6.17
CA MET F 330 -42.04 -6.86 -7.40
C MET F 330 -43.42 -7.44 -7.73
N LEU F 331 -44.14 -7.87 -6.70
CA LEU F 331 -45.48 -8.45 -6.84
C LEU F 331 -46.43 -7.87 -5.77
N GLU F 332 -46.27 -6.57 -5.50
CA GLU F 332 -46.99 -5.83 -4.45
C GLU F 332 -48.50 -6.07 -4.37
N SER F 333 -49.20 -6.03 -5.50
CA SER F 333 -50.65 -6.20 -5.50
C SER F 333 -51.09 -7.56 -4.93
N MET F 334 -50.17 -8.51 -4.88
CA MET F 334 -50.47 -9.86 -4.42
C MET F 334 -50.59 -9.95 -2.91
N ILE F 335 -50.40 -8.82 -2.24
CA ILE F 335 -50.67 -8.73 -0.81
C ILE F 335 -52.17 -8.94 -0.54
N LYS F 336 -52.99 -8.52 -1.51
CA LYS F 336 -54.44 -8.51 -1.37
C LYS F 336 -55.14 -9.32 -2.48
N LYS F 337 -54.38 -9.75 -3.49
CA LYS F 337 -54.96 -10.48 -4.63
C LYS F 337 -54.16 -11.76 -4.94
N PRO F 338 -54.85 -12.84 -5.36
CA PRO F 338 -54.19 -14.11 -5.68
C PRO F 338 -53.47 -14.13 -7.04
N ARG F 339 -53.62 -13.07 -7.84
CA ARG F 339 -52.97 -12.97 -9.15
CA ARG F 339 -52.95 -12.98 -9.13
C ARG F 339 -52.25 -11.63 -9.29
N PRO F 340 -51.04 -11.61 -9.90
CA PRO F 340 -50.30 -10.38 -10.11
C PRO F 340 -50.84 -9.46 -11.22
N THR F 341 -50.33 -8.23 -11.25
CA THR F 341 -50.60 -7.33 -12.36
C THR F 341 -49.62 -7.67 -13.47
N ARG F 342 -49.87 -7.12 -14.66
CA ARG F 342 -49.04 -7.35 -15.82
C ARG F 342 -47.72 -6.63 -15.71
N ALA F 343 -47.71 -5.46 -15.08
CA ALA F 343 -46.45 -4.74 -14.76
C ALA F 343 -45.52 -5.52 -13.82
N GLU F 344 -46.11 -6.04 -12.73
CA GLU F 344 -45.42 -6.90 -11.77
C GLU F 344 -44.84 -8.17 -12.38
N GLY F 345 -45.59 -8.79 -13.29
CA GLY F 345 -45.12 -9.98 -13.98
C GLY F 345 -43.96 -9.65 -14.91
N SER F 346 -44.10 -8.52 -15.61
CA SER F 346 -43.03 -7.95 -16.42
C SER F 346 -41.78 -7.61 -15.61
N ASP F 347 -41.99 -7.09 -14.41
CA ASP F 347 -40.90 -6.66 -13.55
C ASP F 347 -40.02 -7.82 -13.06
N VAL F 348 -40.63 -8.98 -12.76
CA VAL F 348 -39.89 -10.15 -12.33
C VAL F 348 -39.07 -10.71 -13.49
N ALA F 349 -39.66 -10.67 -14.69
CA ALA F 349 -39.02 -11.21 -15.89
C ALA F 349 -37.83 -10.37 -16.32
N ASN F 350 -38.00 -9.04 -16.30
CA ASN F 350 -36.90 -8.16 -16.65
C ASN F 350 -35.78 -8.15 -15.63
N ALA F 351 -36.11 -8.39 -14.36
CA ALA F 351 -35.10 -8.47 -13.29
C ALA F 351 -34.17 -9.63 -13.54
N VAL F 352 -34.77 -10.75 -13.94
CA VAL F 352 -34.05 -11.95 -14.34
C VAL F 352 -33.23 -11.71 -15.61
N LEU F 353 -33.88 -11.16 -16.64
CA LEU F 353 -33.18 -10.78 -17.88
C LEU F 353 -32.03 -9.80 -17.61
N ASP F 354 -32.24 -8.88 -16.66
CA ASP F 354 -31.19 -7.92 -16.28
C ASP F 354 -29.94 -8.66 -15.81
N GLY F 355 -30.15 -9.74 -15.06
CA GLY F 355 -29.09 -10.59 -14.57
C GLY F 355 -29.08 -10.83 -13.05
N ALA F 356 -30.17 -10.50 -12.36
CA ALA F 356 -30.19 -10.67 -10.90
C ALA F 356 -30.08 -12.13 -10.50
N ASP F 357 -29.19 -12.39 -9.55
CA ASP F 357 -29.01 -13.70 -8.98
C ASP F 357 -30.22 -14.15 -8.18
N CYS F 358 -30.69 -13.28 -7.29
CA CYS F 358 -31.95 -13.53 -6.56
C CYS F 358 -32.96 -12.41 -6.79
N ILE F 359 -34.24 -12.78 -6.70
CA ILE F 359 -35.35 -11.81 -6.59
C ILE F 359 -35.93 -11.92 -5.19
N MET F 360 -36.73 -10.93 -4.79
CA MET F 360 -37.20 -10.84 -3.41
C MET F 360 -38.70 -10.57 -3.26
N LEU F 361 -39.27 -11.07 -2.17
CA LEU F 361 -40.60 -10.68 -1.74
C LEU F 361 -40.50 -10.07 -0.34
N SER F 362 -41.33 -9.06 -0.08
CA SER F 362 -41.38 -8.51 1.27
C SER F 362 -42.78 -8.65 1.82
N GLY F 363 -43.58 -7.58 1.74
CA GLY F 363 -44.96 -7.62 2.22
C GLY F 363 -45.76 -8.78 1.63
N GLU F 364 -45.41 -9.17 0.41
CA GLU F 364 -46.09 -10.27 -0.26
C GLU F 364 -46.01 -11.52 0.59
N THR F 365 -44.86 -11.80 1.19
CA THR F 365 -44.74 -13.01 2.03
C THR F 365 -44.84 -12.73 3.52
N ALA F 366 -44.42 -11.55 3.95
CA ALA F 366 -44.39 -11.19 5.37
C ALA F 366 -45.77 -11.01 5.96
N LYS F 367 -46.67 -10.32 5.26
CA LYS F 367 -48.00 -10.00 5.81
C LYS F 367 -49.19 -10.20 4.84
N GLY F 368 -48.92 -10.38 3.55
CA GLY F 368 -50.01 -10.50 2.57
C GLY F 368 -50.94 -11.67 2.77
N ASP F 369 -52.06 -11.68 2.06
CA ASP F 369 -53.01 -12.78 2.14
C ASP F 369 -52.64 -13.97 1.23
N TYR F 370 -51.60 -13.81 0.41
CA TYR F 370 -51.24 -14.83 -0.57
C TYR F 370 -49.75 -15.16 -0.64
N PRO F 371 -49.11 -15.44 0.51
CA PRO F 371 -47.65 -15.61 0.52
C PRO F 371 -47.17 -16.82 -0.29
N LEU F 372 -47.93 -17.92 -0.27
CA LEU F 372 -47.57 -19.06 -1.11
C LEU F 372 -47.63 -18.72 -2.60
N GLU F 373 -48.76 -18.17 -3.04
CA GLU F 373 -49.01 -17.86 -4.45
C GLU F 373 -47.91 -16.98 -5.02
N ALA F 374 -47.55 -15.92 -4.29
CA ALA F 374 -46.45 -15.03 -4.69
C ALA F 374 -45.13 -15.79 -4.89
N VAL F 375 -44.74 -16.62 -3.93
CA VAL F 375 -43.54 -17.44 -4.10
C VAL F 375 -43.64 -18.31 -5.36
N ARG F 376 -44.73 -19.06 -5.49
CA ARG F 376 -44.98 -19.90 -6.65
C ARG F 376 -44.98 -19.10 -7.96
N MET F 377 -45.33 -17.82 -7.87
CA MET F 377 -45.48 -16.99 -9.06
C MET F 377 -44.10 -16.50 -9.54
N GLN F 378 -43.20 -16.22 -8.59
CA GLN F 378 -41.82 -15.82 -8.93
C GLN F 378 -41.03 -16.96 -9.54
N HIS F 379 -41.28 -18.16 -9.03
CA HIS F 379 -40.66 -19.39 -9.52
C HIS F 379 -41.03 -19.65 -10.99
N LEU F 380 -42.30 -19.43 -11.32
CA LEU F 380 -42.79 -19.65 -12.65
C LEU F 380 -42.22 -18.65 -13.64
N ILE F 381 -42.21 -17.38 -13.25
CA ILE F 381 -41.68 -16.31 -14.12
C ILE F 381 -40.18 -16.51 -14.33
N ALA F 382 -39.48 -16.85 -13.25
CA ALA F 382 -38.02 -17.03 -13.29
C ALA F 382 -37.67 -18.00 -14.40
N ARG F 383 -38.27 -19.19 -14.38
CA ARG F 383 -37.94 -20.20 -15.37
C ARG F 383 -38.09 -19.72 -16.81
N GLU F 384 -39.12 -18.90 -17.06
CA GLU F 384 -39.43 -18.39 -18.40
C GLU F 384 -38.42 -17.34 -18.86
N ALA F 385 -38.06 -16.42 -17.96
CA ALA F 385 -37.11 -15.37 -18.29
C ALA F 385 -35.70 -15.94 -18.42
N GLU F 386 -35.41 -16.98 -17.64
CA GLU F 386 -34.14 -17.68 -17.69
C GLU F 386 -33.87 -18.23 -19.09
N ALA F 387 -34.88 -18.88 -19.66
CA ALA F 387 -34.76 -19.47 -20.99
C ALA F 387 -34.65 -18.39 -22.07
N ALA F 388 -35.26 -17.23 -21.80
CA ALA F 388 -35.37 -16.12 -22.74
C ALA F 388 -34.13 -15.22 -22.81
N MET F 389 -33.21 -15.44 -21.88
CA MET F 389 -31.91 -14.77 -21.92
C MET F 389 -31.17 -15.08 -23.22
N PHE F 390 -30.23 -14.20 -23.55
CA PHE F 390 -29.41 -14.34 -24.75
C PHE F 390 -28.06 -14.88 -24.31
N HIS F 391 -28.06 -16.13 -23.83
CA HIS F 391 -26.87 -16.78 -23.27
C HIS F 391 -25.57 -16.59 -24.08
N ARG F 392 -25.63 -16.85 -25.38
CA ARG F 392 -24.41 -16.77 -26.21
C ARG F 392 -23.76 -15.39 -26.10
N LYS F 393 -24.55 -14.33 -26.18
CA LYS F 393 -24.03 -12.96 -26.16
C LYS F 393 -23.51 -12.57 -24.78
N LEU F 394 -24.31 -12.86 -23.76
CA LEU F 394 -23.98 -12.60 -22.37
C LEU F 394 -22.64 -13.24 -22.02
N PHE F 395 -22.43 -14.49 -22.43
CA PHE F 395 -21.16 -15.17 -22.18
C PHE F 395 -20.02 -14.38 -22.79
N GLU F 396 -20.19 -14.03 -24.06
CA GLU F 396 -19.17 -13.33 -24.83
C GLU F 396 -18.79 -12.01 -24.16
N GLU F 397 -19.78 -11.32 -23.62
CA GLU F 397 -19.58 -10.03 -22.96
C GLU F 397 -18.98 -10.15 -21.56
N LEU F 398 -19.48 -11.09 -20.76
CA LEU F 398 -18.84 -11.41 -19.48
C LEU F 398 -17.36 -11.77 -19.69
N ALA F 399 -17.08 -12.60 -20.71
CA ALA F 399 -15.71 -12.96 -21.04
C ALA F 399 -14.85 -11.73 -21.36
N ARG F 400 -15.27 -10.91 -22.31
CA ARG F 400 -14.58 -9.64 -22.60
C ARG F 400 -14.29 -8.83 -21.33
N ALA F 401 -15.32 -8.60 -20.53
CA ALA F 401 -15.18 -7.81 -19.33
C ALA F 401 -14.16 -8.37 -18.33
N SER F 402 -14.07 -9.71 -18.26
CA SER F 402 -13.18 -10.37 -17.29
CA SER F 402 -13.18 -10.37 -17.29
C SER F 402 -11.80 -10.69 -17.85
N SER F 403 -11.59 -10.36 -19.12
CA SER F 403 -10.41 -10.81 -19.89
C SER F 403 -9.01 -10.46 -19.35
N GLN F 404 -8.92 -9.42 -18.55
CA GLN F 404 -7.64 -9.01 -17.98
C GLN F 404 -7.25 -9.90 -16.80
N SER F 405 -8.16 -10.78 -16.37
CA SER F 405 -7.85 -11.82 -15.39
C SER F 405 -7.60 -13.17 -16.07
N THR F 406 -6.62 -13.91 -15.56
CA THR F 406 -6.27 -15.20 -16.12
C THR F 406 -6.51 -16.35 -15.12
N ASP F 407 -7.24 -16.05 -14.04
CA ASP F 407 -7.49 -17.01 -12.96
C ASP F 407 -7.84 -18.41 -13.48
N LEU F 408 -7.26 -19.44 -12.85
CA LEU F 408 -7.36 -20.78 -13.39
C LEU F 408 -8.76 -21.41 -13.21
N MET F 409 -9.44 -21.04 -12.14
CA MET F 409 -10.79 -21.50 -11.89
C MET F 409 -11.78 -20.85 -12.87
N GLU F 410 -11.64 -19.54 -13.07
CA GLU F 410 -12.39 -18.84 -14.14
C GLU F 410 -12.26 -19.62 -15.45
N ALA F 411 -11.03 -19.96 -15.82
CA ALA F 411 -10.76 -20.78 -17.01
C ALA F 411 -11.51 -22.10 -17.03
N MET F 412 -11.44 -22.87 -15.93
CA MET F 412 -12.24 -24.09 -15.77
C MET F 412 -13.72 -23.81 -15.96
N ALA F 413 -14.20 -22.75 -15.31
CA ALA F 413 -15.60 -22.33 -15.38
C ALA F 413 -16.02 -21.95 -16.80
N MET F 414 -15.17 -21.21 -17.50
CA MET F 414 -15.48 -20.78 -18.85
C MET F 414 -15.51 -21.92 -19.84
N GLY F 415 -14.59 -22.88 -19.67
CA GLY F 415 -14.59 -24.08 -20.51
C GLY F 415 -15.84 -24.94 -20.30
N SER F 416 -16.17 -25.17 -19.03
CA SER F 416 -17.33 -25.97 -18.67
C SER F 416 -18.62 -25.36 -19.22
N VAL F 417 -18.83 -24.07 -18.97
CA VAL F 417 -19.99 -23.37 -19.50
C VAL F 417 -20.03 -23.43 -21.03
N GLU F 418 -18.92 -23.07 -21.68
CA GLU F 418 -18.81 -23.24 -23.13
CA GLU F 418 -18.79 -23.23 -23.13
C GLU F 418 -19.18 -24.67 -23.53
N ALA F 419 -18.64 -25.64 -22.79
CA ALA F 419 -18.92 -27.04 -23.06
C ALA F 419 -20.39 -27.40 -22.85
N SER F 420 -21.03 -26.78 -21.85
CA SER F 420 -22.46 -27.02 -21.57
C SER F 420 -23.35 -26.52 -22.69
N TYR F 421 -23.02 -25.32 -23.20
CA TYR F 421 -23.70 -24.73 -24.34
C TYR F 421 -23.64 -25.66 -25.53
N LYS F 422 -22.42 -26.02 -25.93
CA LYS F 422 -22.16 -26.79 -27.12
C LYS F 422 -22.90 -28.15 -27.19
N CYS F 423 -22.82 -28.94 -26.12
CA CYS F 423 -23.54 -30.22 -26.05
C CYS F 423 -24.94 -30.13 -25.38
N LEU F 424 -25.41 -28.91 -25.11
CA LEU F 424 -26.70 -28.71 -24.43
C LEU F 424 -26.87 -29.69 -23.27
N ALA F 425 -25.87 -29.68 -22.39
CA ALA F 425 -25.82 -30.52 -21.22
C ALA F 425 -26.97 -30.22 -20.26
N ALA F 426 -27.45 -31.25 -19.58
CA ALA F 426 -28.59 -31.09 -18.70
C ALA F 426 -28.25 -30.38 -17.38
N ALA F 427 -26.98 -30.43 -16.98
CA ALA F 427 -26.55 -29.83 -15.74
C ALA F 427 -25.03 -29.69 -15.69
N LEU F 428 -24.54 -28.83 -14.79
CA LEU F 428 -23.13 -28.82 -14.43
C LEU F 428 -23.05 -29.32 -12.99
N ILE F 429 -22.24 -30.34 -12.76
CA ILE F 429 -22.10 -30.85 -11.41
C ILE F 429 -20.78 -30.38 -10.83
N VAL F 430 -20.85 -29.70 -9.68
CA VAL F 430 -19.65 -29.11 -9.08
C VAL F 430 -19.43 -29.57 -7.64
N LEU F 431 -18.22 -30.06 -7.34
CA LEU F 431 -17.86 -30.42 -5.96
C LEU F 431 -17.04 -29.29 -5.38
N THR F 432 -17.46 -28.83 -4.20
CA THR F 432 -16.92 -27.60 -3.64
C THR F 432 -17.11 -27.58 -2.13
N GLU F 433 -16.11 -27.09 -1.39
CA GLU F 433 -16.30 -26.99 0.07
C GLU F 433 -16.47 -25.54 0.51
N SER F 434 -15.66 -24.66 -0.07
CA SER F 434 -15.76 -23.23 0.18
C SER F 434 -16.87 -22.59 -0.66
N GLY F 435 -17.26 -23.28 -1.74
CA GLY F 435 -18.23 -22.73 -2.68
C GLY F 435 -17.63 -21.98 -3.86
N ARG F 436 -16.34 -21.68 -3.79
CA ARG F 436 -15.69 -20.86 -4.82
C ARG F 436 -15.87 -21.43 -6.24
N SER F 437 -15.41 -22.66 -6.47
CA SER F 437 -15.53 -23.30 -7.78
C SER F 437 -16.94 -23.20 -8.36
N ALA F 438 -17.93 -23.33 -7.50
CA ALA F 438 -19.32 -23.17 -7.94
C ALA F 438 -19.63 -21.74 -8.35
N HIS F 439 -19.13 -20.77 -7.57
CA HIS F 439 -19.46 -19.36 -7.76
C HIS F 439 -18.91 -18.88 -9.10
N GLN F 440 -17.70 -19.32 -9.40
CA GLN F 440 -17.02 -19.03 -10.65
C GLN F 440 -17.75 -19.60 -11.87
N VAL F 441 -18.38 -20.77 -11.72
CA VAL F 441 -19.20 -21.35 -12.77
C VAL F 441 -20.47 -20.50 -12.94
N ALA F 442 -21.11 -20.16 -11.81
CA ALA F 442 -22.36 -19.42 -11.83
C ALA F 442 -22.23 -18.11 -12.55
N ARG F 443 -21.14 -17.39 -12.29
CA ARG F 443 -20.97 -16.05 -12.83
C ARG F 443 -20.93 -16.05 -14.35
N TYR F 444 -20.62 -17.21 -14.93
CA TYR F 444 -20.51 -17.31 -16.39
C TYR F 444 -21.77 -17.81 -17.07
N ARG F 445 -22.80 -18.06 -16.26
CA ARG F 445 -24.19 -18.06 -16.72
C ARG F 445 -24.54 -19.16 -17.74
N PRO F 446 -24.31 -20.43 -17.38
CA PRO F 446 -24.88 -21.52 -18.17
C PRO F 446 -26.39 -21.45 -18.10
N ARG F 447 -27.09 -22.08 -19.04
CA ARG F 447 -28.54 -22.20 -18.91
C ARG F 447 -28.87 -23.40 -18.02
N ALA F 448 -28.01 -24.41 -18.04
CA ALA F 448 -28.20 -25.62 -17.29
C ALA F 448 -27.92 -25.39 -15.80
N PRO F 449 -28.75 -26.02 -14.94
CA PRO F 449 -28.59 -25.89 -13.50
C PRO F 449 -27.20 -26.32 -13.05
N ILE F 450 -26.70 -25.69 -11.99
CA ILE F 450 -25.42 -26.06 -11.41
C ILE F 450 -25.69 -26.75 -10.09
N ILE F 451 -25.52 -28.07 -10.06
CA ILE F 451 -25.69 -28.80 -8.83
C ILE F 451 -24.35 -28.87 -8.11
N ALA F 452 -24.28 -28.19 -6.97
CA ALA F 452 -23.04 -28.09 -6.20
C ALA F 452 -23.13 -28.94 -4.93
N VAL F 453 -22.35 -30.02 -4.91
CA VAL F 453 -22.28 -30.94 -3.77
C VAL F 453 -21.19 -30.49 -2.81
N THR F 454 -21.56 -30.39 -1.54
CA THR F 454 -20.67 -29.85 -0.51
C THR F 454 -20.92 -30.56 0.80
N ARG F 455 -19.89 -30.66 1.65
CA ARG F 455 -20.06 -31.19 3.01
C ARG F 455 -20.16 -30.04 4.01
N ASN F 456 -19.98 -28.82 3.50
CA ASN F 456 -20.14 -27.59 4.27
C ASN F 456 -21.58 -27.04 4.20
N HIS F 457 -22.29 -27.17 5.31
CA HIS F 457 -23.71 -26.77 5.40
C HIS F 457 -23.90 -25.27 5.17
N GLN F 458 -23.03 -24.46 5.76
CA GLN F 458 -23.06 -23.02 5.55
C GLN F 458 -22.88 -22.67 4.09
N THR F 459 -21.85 -23.26 3.47
CA THR F 459 -21.56 -23.08 2.03
C THR F 459 -22.81 -23.30 1.22
N ALA F 460 -23.48 -24.44 1.45
CA ALA F 460 -24.74 -24.77 0.80
C ALA F 460 -25.79 -23.68 1.04
N ARG F 461 -25.88 -23.17 2.26
CA ARG F 461 -26.87 -22.13 2.54
C ARG F 461 -26.56 -20.83 1.80
N GLN F 462 -25.27 -20.49 1.73
CA GLN F 462 -24.83 -19.28 1.04
C GLN F 462 -24.94 -19.39 -0.48
N ALA F 463 -24.83 -20.60 -1.00
CA ALA F 463 -24.84 -20.81 -2.45
C ALA F 463 -26.14 -20.31 -3.10
N HIS F 464 -27.18 -20.15 -2.29
CA HIS F 464 -28.46 -19.66 -2.78
C HIS F 464 -28.33 -18.24 -3.32
N LEU F 465 -27.25 -17.56 -2.97
CA LEU F 465 -27.04 -16.20 -3.42
C LEU F 465 -26.61 -16.09 -4.89
N TYR F 466 -26.24 -17.22 -5.49
CA TYR F 466 -25.68 -17.22 -6.85
C TYR F 466 -26.66 -17.86 -7.84
N ARG F 467 -26.86 -17.19 -8.97
CA ARG F 467 -27.75 -17.68 -10.02
C ARG F 467 -27.32 -19.08 -10.47
N GLY F 468 -28.27 -20.02 -10.47
CA GLY F 468 -28.05 -21.34 -11.07
C GLY F 468 -27.48 -22.41 -10.15
N ILE F 469 -27.11 -22.03 -8.93
CA ILE F 469 -26.55 -23.01 -8.03
C ILE F 469 -27.67 -23.70 -7.27
N PHE F 470 -27.73 -25.00 -7.43
CA PHE F 470 -28.67 -25.81 -6.71
C PHE F 470 -27.80 -26.61 -5.74
N PRO F 471 -27.63 -26.09 -4.50
CA PRO F 471 -26.72 -26.72 -3.56
C PRO F 471 -27.27 -28.02 -2.98
N VAL F 472 -26.37 -28.99 -2.78
CA VAL F 472 -26.73 -30.26 -2.17
C VAL F 472 -25.75 -30.57 -1.04
N VAL F 473 -26.29 -30.78 0.15
CA VAL F 473 -25.52 -31.17 1.32
C VAL F 473 -25.26 -32.68 1.30
N CYS F 474 -23.98 -33.03 1.35
CA CYS F 474 -23.55 -34.41 1.46
C CYS F 474 -23.23 -34.71 2.92
N LYS F 475 -23.88 -35.73 3.49
CA LYS F 475 -23.73 -36.02 4.93
C LYS F 475 -22.88 -37.26 5.22
N ASP F 476 -22.46 -37.92 4.14
CA ASP F 476 -21.63 -39.10 4.18
C ASP F 476 -20.25 -38.86 4.81
N PRO F 477 -19.67 -39.93 5.39
CA PRO F 477 -18.26 -39.83 5.75
C PRO F 477 -17.38 -39.76 4.51
N VAL F 478 -16.22 -39.11 4.67
CA VAL F 478 -15.19 -39.07 3.65
C VAL F 478 -14.65 -40.48 3.43
N GLN F 479 -14.72 -40.95 2.18
CA GLN F 479 -14.19 -42.28 1.85
C GLN F 479 -12.67 -42.26 1.86
N GLU F 480 -12.07 -43.37 2.30
CA GLU F 480 -10.62 -43.47 2.31
C GLU F 480 -10.03 -43.10 0.94
N ALA F 481 -10.53 -43.73 -0.12
CA ALA F 481 -10.01 -43.47 -1.46
C ALA F 481 -10.70 -42.28 -2.14
N TRP F 482 -9.88 -41.33 -2.59
CA TRP F 482 -10.35 -40.09 -3.17
C TRP F 482 -11.28 -40.30 -4.37
N ALA F 483 -10.91 -41.22 -5.26
CA ALA F 483 -11.72 -41.50 -6.45
C ALA F 483 -13.11 -41.99 -6.07
N GLU F 484 -13.18 -42.84 -5.03
CA GLU F 484 -14.44 -43.34 -4.47
C GLU F 484 -15.25 -42.22 -3.78
N ASP F 485 -14.58 -41.31 -3.11
CA ASP F 485 -15.25 -40.18 -2.49
C ASP F 485 -15.81 -39.21 -3.52
N VAL F 486 -15.12 -39.07 -4.65
CA VAL F 486 -15.61 -38.25 -5.77
C VAL F 486 -16.85 -38.89 -6.41
N ASP F 487 -16.74 -40.17 -6.76
CA ASP F 487 -17.87 -40.93 -7.29
C ASP F 487 -19.13 -40.81 -6.42
N LEU F 488 -18.99 -40.94 -5.10
CA LEU F 488 -20.14 -40.90 -4.21
C LEU F 488 -20.87 -39.56 -4.30
N ARG F 489 -20.09 -38.48 -4.35
CA ARG F 489 -20.65 -37.14 -4.36
C ARG F 489 -21.23 -36.80 -5.71
N VAL F 490 -20.64 -37.36 -6.78
CA VAL F 490 -21.13 -37.11 -8.13
C VAL F 490 -22.43 -37.90 -8.34
N ASN F 491 -22.42 -39.16 -7.91
CA ASN F 491 -23.63 -39.99 -7.94
C ASN F 491 -24.80 -39.33 -7.19
N LEU F 492 -24.55 -38.86 -5.97
CA LEU F 492 -25.50 -38.03 -5.20
C LEU F 492 -26.17 -36.97 -6.08
N ALA F 493 -25.38 -36.23 -6.84
CA ALA F 493 -25.87 -35.17 -7.71
C ALA F 493 -26.65 -35.73 -8.88
N MET F 494 -26.21 -36.89 -9.38
CA MET F 494 -26.95 -37.62 -10.42
C MET F 494 -28.35 -38.00 -9.93
N ASN F 495 -28.45 -38.52 -8.71
CA ASN F 495 -29.73 -38.93 -8.15
C ASN F 495 -30.61 -37.75 -7.82
N VAL F 496 -30.00 -36.70 -7.26
CA VAL F 496 -30.67 -35.44 -6.99
C VAL F 496 -31.28 -34.90 -8.27
N GLY F 497 -30.45 -34.81 -9.32
CA GLY F 497 -30.85 -34.26 -10.60
C GLY F 497 -31.95 -35.02 -11.31
N LYS F 498 -31.97 -36.34 -11.09
CA LYS F 498 -33.03 -37.19 -11.63
C LYS F 498 -34.36 -37.05 -10.89
N ALA F 499 -34.32 -37.04 -9.55
CA ALA F 499 -35.54 -36.92 -8.75
C ALA F 499 -36.18 -35.54 -8.94
N ARG F 500 -35.32 -34.54 -9.14
CA ARG F 500 -35.76 -33.15 -9.29
C ARG F 500 -36.30 -32.87 -10.68
N GLY F 501 -36.00 -33.76 -11.63
CA GLY F 501 -36.52 -33.64 -12.98
C GLY F 501 -35.60 -32.84 -13.88
N PHE F 502 -34.35 -32.71 -13.47
CA PHE F 502 -33.37 -32.01 -14.31
C PHE F 502 -32.95 -32.88 -15.48
N PHE F 503 -32.73 -34.17 -15.21
CA PHE F 503 -32.32 -35.11 -16.27
C PHE F 503 -32.78 -36.55 -16.05
N LYS F 504 -32.56 -37.38 -17.06
CA LYS F 504 -32.84 -38.82 -17.02
C LYS F 504 -31.58 -39.53 -17.50
N LYS F 505 -31.59 -40.85 -17.43
CA LYS F 505 -30.45 -41.67 -17.83
C LYS F 505 -30.14 -41.50 -19.32
N GLY F 506 -28.91 -41.12 -19.65
CA GLY F 506 -28.53 -41.01 -21.06
C GLY F 506 -28.43 -39.57 -21.52
N ASP F 507 -28.81 -38.64 -20.64
CA ASP F 507 -28.51 -37.23 -20.84
C ASP F 507 -27.03 -37.03 -20.59
N VAL F 508 -26.53 -35.85 -20.94
CA VAL F 508 -25.14 -35.56 -20.65
C VAL F 508 -25.08 -34.39 -19.68
N VAL F 509 -24.12 -34.46 -18.77
CA VAL F 509 -23.85 -33.39 -17.81
C VAL F 509 -22.35 -33.09 -17.77
N ILE F 510 -22.00 -31.85 -17.45
CA ILE F 510 -20.60 -31.47 -17.25
C ILE F 510 -20.34 -31.65 -15.77
N VAL F 511 -19.24 -32.33 -15.42
CA VAL F 511 -18.91 -32.60 -14.00
C VAL F 511 -17.53 -32.03 -13.67
N LEU F 512 -17.47 -31.21 -12.60
CA LEU F 512 -16.25 -30.51 -12.19
C LEU F 512 -15.74 -30.98 -10.82
N THR F 513 -14.49 -31.47 -10.81
CA THR F 513 -13.92 -32.09 -9.63
C THR F 513 -12.44 -31.75 -9.38
N GLY F 514 -11.94 -32.10 -8.21
CA GLY F 514 -10.51 -31.99 -7.92
C GLY F 514 -9.84 -33.26 -8.43
N TRP F 515 -8.64 -33.15 -8.97
CA TRP F 515 -7.94 -34.33 -9.50
C TRP F 515 -7.46 -35.18 -8.34
N ARG F 516 -7.12 -34.48 -7.26
CA ARG F 516 -6.57 -35.04 -6.05
C ARG F 516 -7.12 -34.25 -4.87
N PRO F 517 -7.10 -34.84 -3.65
CA PRO F 517 -7.68 -34.16 -2.48
C PRO F 517 -7.02 -32.81 -2.17
N GLY F 518 -5.79 -32.61 -2.63
CA GLY F 518 -5.04 -31.36 -2.43
C GLY F 518 -5.42 -30.20 -3.35
N SER F 519 -5.82 -30.50 -4.59
CA SER F 519 -6.20 -29.50 -5.60
C SER F 519 -7.19 -28.46 -5.07
N GLY F 520 -6.80 -27.18 -5.10
CA GLY F 520 -7.56 -26.11 -4.43
C GLY F 520 -8.66 -25.47 -5.26
N PHE F 521 -9.06 -26.14 -6.33
CA PHE F 521 -10.27 -25.79 -7.10
C PHE F 521 -10.65 -27.00 -7.94
N THR F 522 -11.69 -26.86 -8.75
CA THR F 522 -12.14 -27.94 -9.61
C THR F 522 -11.36 -27.90 -10.91
N ASN F 523 -10.16 -28.48 -10.88
CA ASN F 523 -9.26 -28.44 -12.02
C ASN F 523 -9.56 -29.50 -13.07
N THR F 524 -10.69 -30.20 -12.91
CA THR F 524 -10.99 -31.36 -13.74
C THR F 524 -12.44 -31.29 -14.24
N MET F 525 -12.60 -31.27 -15.56
N MET F 525 -12.60 -31.30 -15.56
CA MET F 525 -13.92 -31.24 -16.19
CA MET F 525 -13.90 -31.22 -16.23
C MET F 525 -14.15 -32.51 -16.99
C MET F 525 -14.16 -32.47 -17.05
N ARG F 526 -15.37 -33.03 -16.94
CA ARG F 526 -15.74 -34.20 -17.76
C ARG F 526 -17.10 -34.05 -18.43
N VAL F 527 -17.30 -34.76 -19.54
CA VAL F 527 -18.65 -35.06 -20.00
C VAL F 527 -18.97 -36.51 -19.64
N VAL F 528 -20.03 -36.68 -18.88
CA VAL F 528 -20.39 -37.98 -18.33
C VAL F 528 -21.85 -38.25 -18.69
N PRO F 529 -22.14 -39.43 -19.27
CA PRO F 529 -23.55 -39.80 -19.40
C PRO F 529 -24.18 -40.03 -18.03
N VAL F 530 -25.37 -39.47 -17.83
CA VAL F 530 -26.14 -39.67 -16.63
C VAL F 530 -26.50 -41.15 -16.58
N PRO F 531 -26.13 -41.85 -15.49
CA PRO F 531 -26.41 -43.27 -15.37
C PRO F 531 -27.89 -43.58 -15.11
N PHE G 12 -28.97 -17.74 -60.70
CA PHE G 12 -28.33 -16.40 -60.84
C PHE G 12 -27.24 -16.25 -59.79
N ILE G 13 -26.09 -15.72 -60.20
CA ILE G 13 -25.06 -15.32 -59.25
C ILE G 13 -25.07 -13.81 -59.15
N GLN G 14 -25.19 -13.32 -57.92
CA GLN G 14 -25.16 -11.88 -57.65
C GLN G 14 -23.82 -11.31 -58.01
N THR G 15 -23.84 -10.18 -58.69
CA THR G 15 -22.64 -9.43 -59.03
C THR G 15 -21.98 -8.82 -57.78
N GLN G 16 -20.70 -8.47 -57.88
CA GLN G 16 -20.04 -7.60 -56.90
C GLN G 16 -19.91 -8.23 -55.50
N GLN G 17 -19.79 -9.55 -55.46
CA GLN G 17 -19.75 -10.30 -54.21
C GLN G 17 -20.85 -9.84 -53.25
N LEU G 18 -22.04 -9.61 -53.79
CA LEU G 18 -23.14 -9.10 -52.98
C LEU G 18 -23.72 -10.16 -52.03
N HIS G 19 -23.67 -11.42 -52.43
CA HIS G 19 -24.12 -12.50 -51.57
C HIS G 19 -23.27 -12.56 -50.30
N ALA G 20 -21.95 -12.42 -50.48
CA ALA G 20 -20.99 -12.38 -49.38
C ALA G 20 -21.06 -11.09 -48.57
N ALA G 21 -21.45 -9.99 -49.23
CA ALA G 21 -21.65 -8.71 -48.54
C ALA G 21 -22.72 -8.79 -47.44
N MET G 22 -23.56 -9.81 -47.52
CA MET G 22 -24.70 -9.98 -46.61
C MET G 22 -24.45 -11.02 -45.52
N ALA G 23 -23.20 -11.48 -45.40
CA ALA G 23 -22.84 -12.46 -44.38
C ALA G 23 -22.86 -11.85 -42.99
N ASP G 24 -23.18 -12.67 -41.99
CA ASP G 24 -23.16 -12.24 -40.60
C ASP G 24 -21.74 -12.14 -40.05
N THR G 25 -20.90 -13.14 -40.35
CA THR G 25 -19.55 -13.21 -39.77
C THR G 25 -18.46 -13.03 -40.82
N PHE G 26 -17.24 -12.77 -40.36
CA PHE G 26 -16.09 -12.63 -41.25
CA PHE G 26 -16.12 -12.62 -41.29
C PHE G 26 -15.79 -13.93 -41.98
N LEU G 27 -15.89 -15.05 -41.26
CA LEU G 27 -15.68 -16.37 -41.85
C LEU G 27 -16.70 -16.71 -42.96
N GLU G 28 -17.98 -16.48 -42.69
CA GLU G 28 -19.03 -16.72 -43.68
C GLU G 28 -18.88 -15.74 -44.86
N HIS G 29 -18.27 -14.59 -44.63
CA HIS G 29 -18.02 -13.65 -45.72
C HIS G 29 -17.02 -14.23 -46.72
N LYS G 30 -15.97 -14.87 -46.19
CA LYS G 30 -14.99 -15.57 -47.01
C LYS G 30 -15.59 -16.75 -47.75
N CYS G 31 -16.25 -17.62 -47.00
CA CYS G 31 -16.92 -18.82 -47.52
C CYS G 31 -17.87 -18.51 -48.68
N ARG G 32 -18.35 -17.28 -48.76
CA ARG G 32 -19.30 -16.90 -49.81
C ARG G 32 -18.62 -16.21 -50.98
N LEU G 33 -17.31 -15.97 -50.89
CA LEU G 33 -16.59 -15.37 -52.02
C LEU G 33 -16.72 -16.27 -53.26
N ASP G 34 -16.95 -15.63 -54.40
CA ASP G 34 -17.36 -16.34 -55.62
C ASP G 34 -16.59 -15.81 -56.81
N ILE G 35 -15.86 -16.71 -57.48
CA ILE G 35 -15.10 -16.37 -58.68
C ILE G 35 -15.99 -16.08 -59.89
N ASP G 36 -17.25 -16.50 -59.80
CA ASP G 36 -18.16 -16.22 -60.90
C ASP G 36 -19.12 -15.07 -60.57
N SER G 37 -18.80 -14.37 -59.49
CA SER G 37 -19.45 -13.10 -59.21
C SER G 37 -18.61 -11.98 -59.81
N ALA G 38 -19.14 -11.38 -60.86
CA ALA G 38 -18.45 -10.34 -61.61
C ALA G 38 -18.42 -8.99 -60.89
N PRO G 39 -17.22 -8.39 -60.76
CA PRO G 39 -17.09 -7.06 -60.17
C PRO G 39 -17.70 -5.96 -61.05
N ILE G 40 -17.82 -4.75 -60.51
CA ILE G 40 -18.27 -3.58 -61.29
C ILE G 40 -17.17 -3.04 -62.20
N THR G 41 -17.58 -2.16 -63.11
CA THR G 41 -16.66 -1.49 -64.03
C THR G 41 -15.68 -0.57 -63.30
N ALA G 42 -16.20 0.26 -62.40
CA ALA G 42 -15.36 1.18 -61.63
C ALA G 42 -14.32 0.43 -60.82
N ARG G 43 -13.16 1.07 -60.65
CA ARG G 43 -12.03 0.55 -59.90
C ARG G 43 -11.60 1.67 -58.96
N ASN G 44 -11.64 1.38 -57.67
CA ASN G 44 -11.55 2.40 -56.62
C ASN G 44 -10.15 2.70 -56.12
N THR G 45 -9.21 1.78 -56.34
CA THR G 45 -7.88 1.89 -55.73
C THR G 45 -6.96 2.62 -56.69
N GLY G 46 -6.34 3.70 -56.20
CA GLY G 46 -5.44 4.49 -57.02
C GLY G 46 -4.19 3.72 -57.39
N ILE G 47 -3.78 3.86 -58.65
CA ILE G 47 -2.56 3.21 -59.15
C ILE G 47 -1.43 4.23 -59.38
N ILE G 48 -0.37 4.10 -58.59
CA ILE G 48 0.82 4.95 -58.72
C ILE G 48 1.92 4.24 -59.52
N CYS G 49 2.39 4.90 -60.60
CA CYS G 49 3.41 4.32 -61.48
C CYS G 49 4.72 5.10 -61.50
N THR G 50 5.81 4.42 -61.19
CA THR G 50 7.12 5.01 -61.22
C THR G 50 7.59 5.03 -62.66
N ILE G 51 7.72 6.23 -63.21
CA ILE G 51 8.11 6.40 -64.60
C ILE G 51 9.63 6.32 -64.69
N GLY G 52 10.12 5.65 -65.73
CA GLY G 52 11.56 5.52 -65.95
C GLY G 52 11.85 5.24 -67.42
N PRO G 53 13.08 4.79 -67.72
CA PRO G 53 13.51 4.55 -69.11
C PRO G 53 12.55 3.67 -69.92
N ALA G 54 11.82 2.78 -69.25
CA ALA G 54 10.87 1.88 -69.92
C ALA G 54 9.55 2.55 -70.31
N SER G 55 9.23 3.64 -69.62
CA SER G 55 7.91 4.28 -69.73
C SER G 55 7.98 5.81 -69.88
N ARG G 56 9.04 6.29 -70.52
CA ARG G 56 9.33 7.72 -70.53
C ARG G 56 8.86 8.41 -71.81
N SER G 57 8.71 7.63 -72.88
CA SER G 57 8.21 8.16 -74.13
C SER G 57 6.73 8.56 -73.98
N VAL G 58 6.35 9.57 -74.75
CA VAL G 58 4.99 10.11 -74.78
C VAL G 58 4.00 9.01 -75.17
N GLU G 59 4.34 8.23 -76.20
CA GLU G 59 3.46 7.20 -76.74
C GLU G 59 3.18 6.08 -75.72
N THR G 60 4.24 5.63 -75.03
CA THR G 60 4.09 4.66 -73.94
C THR G 60 3.20 5.22 -72.83
N LEU G 61 3.40 6.51 -72.51
CA LEU G 61 2.65 7.15 -71.42
C LEU G 61 1.14 7.24 -71.68
N LYS G 62 0.77 7.42 -72.95
CA LYS G 62 -0.64 7.44 -73.37
C LYS G 62 -1.34 6.14 -72.98
N GLU G 63 -0.64 5.03 -73.13
CA GLU G 63 -1.21 3.71 -72.84
C GLU G 63 -1.27 3.42 -71.32
N MET G 64 -0.37 4.03 -70.56
CA MET G 64 -0.33 3.93 -69.10
C MET G 64 -1.62 4.48 -68.48
N ILE G 65 -2.04 5.63 -68.99
CA ILE G 65 -3.30 6.29 -68.63
C ILE G 65 -4.50 5.49 -69.14
N LYS G 66 -4.38 4.92 -70.34
CA LYS G 66 -5.45 4.09 -70.90
C LYS G 66 -5.65 2.84 -70.05
N SER G 67 -4.54 2.27 -69.57
CA SER G 67 -4.56 1.06 -68.75
C SER G 67 -4.76 1.32 -67.24
N GLY G 68 -4.67 2.58 -66.82
CA GLY G 68 -5.06 2.95 -65.46
C GLY G 68 -4.16 3.82 -64.58
N MET G 69 -2.97 4.18 -65.06
CA MET G 69 -2.10 5.07 -64.25
C MET G 69 -2.83 6.35 -63.83
N ASN G 70 -2.88 6.57 -62.52
CA ASN G 70 -3.49 7.76 -61.96
C ASN G 70 -2.42 8.74 -61.46
N VAL G 71 -1.26 8.21 -61.07
CA VAL G 71 -0.17 9.01 -60.54
C VAL G 71 1.19 8.60 -61.14
N ALA G 72 1.92 9.57 -61.69
CA ALA G 72 3.29 9.33 -62.12
C ALA G 72 4.28 9.73 -61.02
N ARG G 73 5.07 8.75 -60.56
CA ARG G 73 6.10 8.99 -59.56
C ARG G 73 7.49 9.08 -60.20
N MET G 74 8.18 10.18 -59.95
CA MET G 74 9.60 10.31 -60.30
C MET G 74 10.43 9.99 -59.07
N ASN G 75 11.40 9.09 -59.23
CA ASN G 75 12.29 8.71 -58.14
C ASN G 75 13.55 9.57 -58.17
N PHE G 76 13.64 10.51 -57.24
CA PHE G 76 14.73 11.49 -57.26
C PHE G 76 16.02 10.98 -56.61
N SER G 77 16.11 9.66 -56.41
CA SER G 77 17.35 9.00 -56.01
C SER G 77 18.31 8.87 -57.20
N HIS G 78 17.77 9.05 -58.41
CA HIS G 78 18.57 8.97 -59.64
C HIS G 78 18.14 10.02 -60.65
N GLY G 79 19.09 10.42 -61.50
CA GLY G 79 18.81 11.36 -62.56
C GLY G 79 18.99 12.81 -62.15
N THR G 80 19.34 13.64 -63.12
CA THR G 80 19.49 15.07 -62.90
C THR G 80 18.15 15.79 -63.02
N HIS G 81 18.17 17.09 -62.75
CA HIS G 81 16.95 17.91 -62.78
C HIS G 81 16.32 18.07 -64.16
N GLU G 82 17.14 17.96 -65.21
CA GLU G 82 16.65 18.04 -66.58
C GLU G 82 16.05 16.73 -67.07
N TYR G 83 16.47 15.62 -66.45
CA TYR G 83 15.90 14.31 -66.76
C TYR G 83 14.42 14.25 -66.32
N HIS G 84 14.16 14.57 -65.07
CA HIS G 84 12.79 14.54 -64.53
C HIS G 84 11.90 15.62 -65.13
N ALA G 85 12.51 16.72 -65.57
CA ALA G 85 11.83 17.78 -66.30
C ALA G 85 11.24 17.28 -67.63
N GLU G 86 12.04 16.48 -68.34
CA GLU G 86 11.61 15.87 -69.61
C GLU G 86 10.55 14.82 -69.33
N THR G 87 10.79 14.00 -68.30
CA THR G 87 9.83 13.00 -67.87
C THR G 87 8.50 13.66 -67.55
N ILE G 88 8.52 14.72 -66.75
CA ILE G 88 7.28 15.38 -66.33
C ILE G 88 6.57 16.03 -67.51
N LYS G 89 7.35 16.63 -68.41
CA LYS G 89 6.86 17.21 -69.66
C LYS G 89 6.09 16.15 -70.46
N ASN G 90 6.68 14.97 -70.60
CA ASN G 90 6.07 13.88 -71.36
C ASN G 90 4.75 13.38 -70.76
N VAL G 91 4.68 13.28 -69.43
CA VAL G 91 3.46 12.85 -68.74
C VAL G 91 2.30 13.77 -69.14
N ARG G 92 2.50 15.06 -68.95
CA ARG G 92 1.51 16.08 -69.28
C ARG G 92 1.12 16.13 -70.76
N THR G 93 2.08 15.86 -71.64
CA THR G 93 1.81 15.83 -73.09
C THR G 93 0.88 14.64 -73.41
N ALA G 94 1.14 13.50 -72.77
CA ALA G 94 0.31 12.32 -72.95
C ALA G 94 -1.08 12.53 -72.35
N THR G 95 -1.12 13.13 -71.15
CA THR G 95 -2.37 13.41 -70.46
C THR G 95 -3.29 14.31 -71.26
N GLU G 96 -2.73 15.36 -71.87
CA GLU G 96 -3.54 16.34 -72.57
C GLU G 96 -4.01 15.93 -73.96
N SER G 97 -3.54 14.77 -74.44
CA SER G 97 -3.94 14.26 -75.75
C SER G 97 -5.40 13.78 -75.74
N PHE G 98 -5.87 13.39 -74.56
CA PHE G 98 -7.27 12.97 -74.33
C PHE G 98 -8.16 14.13 -73.87
N ALA G 99 -7.59 15.33 -73.81
CA ALA G 99 -8.28 16.50 -73.26
C ALA G 99 -9.37 17.07 -74.17
N SER G 100 -9.30 16.72 -75.47
CA SER G 100 -10.28 17.18 -76.45
C SER G 100 -11.63 16.49 -76.27
N ASP G 101 -11.78 15.79 -75.15
CA ASP G 101 -13.04 15.20 -74.73
C ASP G 101 -13.13 15.35 -73.21
N PRO G 102 -13.77 16.43 -72.74
CA PRO G 102 -14.00 16.71 -71.30
C PRO G 102 -14.72 15.60 -70.54
N ILE G 103 -15.47 14.76 -71.25
CA ILE G 103 -16.21 13.66 -70.64
C ILE G 103 -15.26 12.50 -70.28
N LEU G 104 -14.38 12.15 -71.22
CA LEU G 104 -13.51 10.99 -71.04
C LEU G 104 -12.13 11.31 -70.47
N TYR G 105 -11.78 12.59 -70.39
CA TYR G 105 -10.49 13.03 -69.86
C TYR G 105 -10.21 12.55 -68.42
N ARG G 106 -9.01 11.98 -68.19
CA ARG G 106 -8.60 11.60 -66.83
C ARG G 106 -7.42 12.46 -66.37
N PRO G 107 -7.57 13.15 -65.22
CA PRO G 107 -6.44 13.88 -64.64
C PRO G 107 -5.34 12.91 -64.20
N VAL G 108 -4.09 13.34 -64.31
CA VAL G 108 -2.96 12.51 -63.86
C VAL G 108 -2.06 13.34 -62.92
N ALA G 109 -1.81 12.81 -61.73
CA ALA G 109 -1.03 13.52 -60.72
C ALA G 109 0.48 13.28 -60.84
N VAL G 110 1.25 14.32 -60.54
CA VAL G 110 2.72 14.25 -60.56
C VAL G 110 3.23 14.15 -59.13
N ALA G 111 4.11 13.20 -58.88
CA ALA G 111 4.65 12.99 -57.54
C ALA G 111 6.18 13.01 -57.54
N LEU G 112 6.74 13.76 -56.60
CA LEU G 112 8.20 13.83 -56.42
C LEU G 112 8.62 13.04 -55.17
N ASP G 113 9.47 12.05 -55.40
CA ASP G 113 9.95 11.17 -54.35
C ASP G 113 11.41 11.51 -54.01
N THR G 114 11.60 12.09 -52.83
CA THR G 114 12.91 12.55 -52.32
C THR G 114 13.91 11.43 -52.17
N LYS G 115 15.18 11.73 -52.48
CA LYS G 115 16.29 10.82 -52.20
C LYS G 115 16.34 10.48 -50.71
N GLY G 116 16.23 11.51 -49.87
CA GLY G 116 16.30 11.35 -48.43
C GLY G 116 17.70 11.02 -47.96
N PRO G 117 17.83 10.48 -46.74
CA PRO G 117 19.13 10.09 -46.19
C PRO G 117 19.58 8.70 -46.64
N GLU G 118 20.14 8.63 -47.84
CA GLU G 118 20.61 7.38 -48.41
C GLU G 118 22.11 7.19 -48.27
N ILE G 119 22.50 6.03 -47.73
CA ILE G 119 23.86 5.56 -47.80
C ILE G 119 24.00 4.72 -49.06
N ARG G 120 25.04 4.97 -49.84
CA ARG G 120 25.32 4.20 -51.05
C ARG G 120 26.81 3.92 -51.20
N THR G 121 27.15 2.84 -51.91
CA THR G 121 28.54 2.58 -52.32
C THR G 121 28.89 3.34 -53.61
N GLY G 122 30.10 3.12 -54.11
CA GLY G 122 30.57 3.77 -55.33
C GLY G 122 30.80 2.79 -56.46
N LEU G 123 31.77 3.10 -57.32
CA LEU G 123 32.08 2.29 -58.51
C LEU G 123 32.81 1.00 -58.17
N GLU G 131 31.65 -5.04 -62.09
CA GLU G 131 31.04 -5.97 -61.15
C GLU G 131 32.05 -6.73 -60.27
N VAL G 132 31.55 -7.30 -59.18
CA VAL G 132 32.39 -8.00 -58.19
C VAL G 132 31.56 -8.95 -57.32
N GLU G 133 32.19 -10.02 -56.84
CA GLU G 133 31.52 -10.99 -55.97
C GLU G 133 32.15 -11.07 -54.58
N LEU G 134 31.30 -11.16 -53.56
CA LEU G 134 31.74 -11.25 -52.17
C LEU G 134 31.37 -12.59 -51.56
N LYS G 135 32.29 -13.55 -51.64
CA LYS G 135 32.06 -14.90 -51.12
C LYS G 135 31.93 -14.86 -49.60
N LYS G 136 31.11 -15.78 -49.06
CA LYS G 136 30.89 -15.88 -47.60
C LYS G 136 32.18 -16.16 -46.84
N GLY G 137 32.33 -15.51 -45.69
CA GLY G 137 33.47 -15.71 -44.80
C GLY G 137 34.66 -14.83 -45.11
N ALA G 138 34.70 -14.30 -46.34
CA ALA G 138 35.81 -13.47 -46.81
C ALA G 138 35.84 -12.14 -46.09
N THR G 139 37.05 -11.63 -45.87
CA THR G 139 37.25 -10.33 -45.23
C THR G 139 37.22 -9.18 -46.25
N LEU G 140 36.35 -8.21 -45.99
CA LEU G 140 36.27 -6.99 -46.80
C LEU G 140 36.19 -5.76 -45.90
N LYS G 141 37.16 -4.86 -46.08
CA LYS G 141 37.27 -3.64 -45.29
C LYS G 141 36.49 -2.52 -45.96
N ILE G 142 35.59 -1.91 -45.19
CA ILE G 142 34.89 -0.70 -45.62
C ILE G 142 35.68 0.53 -45.17
N THR G 143 35.94 1.43 -46.12
CA THR G 143 36.70 2.64 -45.86
C THR G 143 35.96 3.88 -46.32
N LEU G 144 36.22 5.00 -45.64
CA LEU G 144 35.61 6.28 -45.97
C LEU G 144 36.53 7.12 -46.84
N ASP G 145 37.71 6.59 -47.14
CA ASP G 145 38.73 7.31 -47.91
C ASP G 145 38.27 7.55 -49.35
N ASN G 146 38.16 8.82 -49.70
CA ASN G 146 37.53 9.26 -50.95
C ASN G 146 38.28 8.89 -52.23
N ALA G 147 39.54 8.48 -52.09
CA ALA G 147 40.36 8.11 -53.24
C ALA G 147 39.91 6.78 -53.85
N TYR G 148 39.28 5.94 -53.02
CA TYR G 148 38.75 4.65 -53.45
C TYR G 148 37.33 4.77 -54.02
N MET G 149 36.89 6.02 -54.23
CA MET G 149 35.54 6.37 -54.67
C MET G 149 35.06 5.70 -55.98
N GLU G 150 35.98 5.48 -56.91
CA GLU G 150 35.63 4.93 -58.21
C GLU G 150 36.34 3.60 -58.49
N LYS G 151 37.08 3.11 -57.50
CA LYS G 151 37.82 1.86 -57.63
C LYS G 151 37.45 0.87 -56.53
N CYS G 152 36.16 0.55 -56.40
CA CYS G 152 35.71 -0.41 -55.39
C CYS G 152 36.20 -1.82 -55.70
N ASP G 153 36.90 -2.41 -54.73
CA ASP G 153 37.64 -3.65 -54.90
C ASP G 153 37.00 -4.81 -54.13
N GLU G 154 37.50 -6.03 -54.37
CA GLU G 154 37.05 -7.23 -53.64
C GLU G 154 37.31 -7.11 -52.13
N ASN G 155 38.30 -6.31 -51.76
CA ASN G 155 38.72 -6.15 -50.36
C ASN G 155 38.41 -4.77 -49.77
N ILE G 156 38.37 -3.75 -50.62
CA ILE G 156 38.29 -2.35 -50.17
C ILE G 156 37.01 -1.66 -50.70
N LEU G 157 36.08 -1.37 -49.80
CA LEU G 157 34.76 -0.82 -50.19
C LEU G 157 34.44 0.55 -49.59
N TRP G 158 34.16 1.51 -50.47
CA TRP G 158 33.82 2.88 -50.08
C TRP G 158 32.32 3.12 -50.04
N LEU G 159 31.87 3.90 -49.05
CA LEU G 159 30.49 4.40 -48.98
C LEU G 159 30.43 5.86 -48.53
N ASP G 160 29.38 6.57 -48.93
CA ASP G 160 29.30 8.03 -48.79
C ASP G 160 28.80 8.55 -47.43
N TYR G 161 28.82 7.68 -46.43
CA TYR G 161 28.30 8.02 -45.10
C TYR G 161 29.45 8.31 -44.14
N LYS G 162 29.90 9.56 -44.17
CA LYS G 162 31.07 10.05 -43.43
C LYS G 162 31.12 9.59 -41.97
N ASN G 163 29.96 9.55 -41.33
CA ASN G 163 29.92 9.30 -39.89
C ASN G 163 29.55 7.86 -39.53
N ILE G 164 29.68 6.94 -40.48
CA ILE G 164 29.31 5.52 -40.24
C ILE G 164 29.95 4.96 -38.97
N CYS G 165 31.25 5.21 -38.79
CA CYS G 165 32.01 4.72 -37.65
C CYS G 165 31.61 5.36 -36.32
N LYS G 166 30.71 6.33 -36.36
CA LYS G 166 30.25 7.03 -35.15
C LYS G 166 29.00 6.38 -34.54
N VAL G 167 28.44 5.38 -35.23
CA VAL G 167 27.17 4.78 -34.80
C VAL G 167 27.04 3.26 -35.05
N VAL G 168 28.14 2.62 -35.44
CA VAL G 168 28.20 1.16 -35.53
C VAL G 168 29.18 0.57 -34.52
N ASP G 169 28.94 -0.68 -34.09
CA ASP G 169 29.78 -1.36 -33.10
C ASP G 169 30.09 -2.80 -33.53
N VAL G 170 31.14 -3.37 -32.93
CA VAL G 170 31.53 -4.76 -33.16
C VAL G 170 30.37 -5.73 -32.82
N GLY G 171 29.64 -6.15 -33.86
CA GLY G 171 28.46 -6.99 -33.69
C GLY G 171 27.34 -6.59 -34.65
N SER G 172 27.18 -5.28 -34.83
CA SER G 172 26.17 -4.72 -35.73
C SER G 172 26.41 -5.11 -37.19
N LYS G 173 25.32 -5.35 -37.93
CA LYS G 173 25.41 -5.74 -39.33
C LYS G 173 25.19 -4.57 -40.28
N VAL G 174 25.85 -4.65 -41.43
CA VAL G 174 25.71 -3.69 -42.51
C VAL G 174 25.17 -4.42 -43.74
N TYR G 175 24.02 -3.96 -44.24
CA TYR G 175 23.40 -4.56 -45.42
C TYR G 175 23.68 -3.74 -46.68
N VAL G 176 23.93 -4.45 -47.78
CA VAL G 176 24.33 -3.83 -49.05
C VAL G 176 23.56 -4.47 -50.21
N ASP G 177 23.10 -3.61 -51.13
CA ASP G 177 22.36 -4.02 -52.35
C ASP G 177 21.05 -4.72 -52.01
N ASP G 178 19.97 -3.94 -51.95
CA ASP G 178 18.63 -4.42 -51.58
C ASP G 178 18.67 -5.50 -50.49
N GLY G 179 19.54 -5.30 -49.50
CA GLY G 179 19.71 -6.23 -48.39
C GLY G 179 20.08 -7.65 -48.75
N LEU G 180 20.65 -7.83 -49.94
CA LEU G 180 21.02 -9.16 -50.44
C LEU G 180 22.33 -9.65 -49.82
N ILE G 181 23.25 -8.71 -49.60
CA ILE G 181 24.58 -9.00 -49.06
C ILE G 181 24.69 -8.52 -47.61
N SER G 182 25.01 -9.45 -46.71
CA SER G 182 25.19 -9.13 -45.29
CA SER G 182 25.19 -9.11 -45.31
C SER G 182 26.66 -9.11 -44.90
N LEU G 183 27.03 -8.08 -44.14
CA LEU G 183 28.36 -7.94 -43.56
C LEU G 183 28.21 -7.79 -42.05
N GLN G 184 29.32 -7.88 -41.32
CA GLN G 184 29.31 -7.69 -39.88
C GLN G 184 30.62 -7.06 -39.36
N VAL G 185 30.48 -6.10 -38.46
CA VAL G 185 31.60 -5.36 -37.88
C VAL G 185 32.46 -6.22 -36.93
N LYS G 186 33.72 -6.44 -37.30
CA LYS G 186 34.68 -7.14 -36.45
C LYS G 186 35.61 -6.18 -35.71
N GLN G 187 36.05 -5.12 -36.40
CA GLN G 187 37.10 -4.22 -35.87
C GLN G 187 36.87 -2.74 -36.17
N LYS G 188 37.37 -1.89 -35.27
CA LYS G 188 37.20 -0.44 -35.35
C LYS G 188 38.52 0.24 -35.72
N PHE G 192 37.71 3.43 -40.51
CA PHE G 192 37.93 2.15 -41.20
C PHE G 192 37.21 0.99 -40.48
N LEU G 193 36.44 0.22 -41.26
CA LEU G 193 35.61 -0.87 -40.74
C LEU G 193 35.92 -2.24 -41.34
N VAL G 194 36.72 -3.02 -40.62
CA VAL G 194 37.04 -4.39 -41.07
C VAL G 194 35.84 -5.30 -40.83
N THR G 195 35.32 -5.87 -41.91
CA THR G 195 34.12 -6.72 -41.84
C THR G 195 34.30 -8.05 -42.57
N GLU G 196 33.44 -9.01 -42.26
CA GLU G 196 33.36 -10.28 -42.99
C GLU G 196 31.98 -10.51 -43.59
N VAL G 197 31.94 -11.25 -44.70
CA VAL G 197 30.74 -11.43 -45.53
C VAL G 197 29.91 -12.65 -45.08
N GLU G 198 28.60 -12.47 -44.97
CA GLU G 198 27.68 -13.53 -44.53
C GLU G 198 26.77 -14.07 -45.64
N ASN G 199 26.10 -13.17 -46.35
CA ASN G 199 25.31 -13.54 -47.52
C ASN G 199 26.02 -13.02 -48.76
N GLY G 200 26.33 -13.90 -49.69
CA GLY G 200 27.22 -13.57 -50.83
C GLY G 200 26.56 -12.89 -52.02
N GLY G 201 27.16 -13.05 -53.19
CA GLY G 201 26.56 -12.58 -54.44
C GLY G 201 27.25 -11.43 -55.15
N PHE G 202 26.84 -11.19 -56.40
CA PHE G 202 27.32 -10.09 -57.23
C PHE G 202 27.12 -8.72 -56.56
N LEU G 203 27.96 -7.76 -56.89
CA LEU G 203 27.81 -6.38 -56.42
C LEU G 203 28.19 -5.37 -57.50
N GLY G 204 27.21 -4.58 -57.93
CA GLY G 204 27.40 -3.55 -58.95
C GLY G 204 27.64 -2.19 -58.33
N SER G 205 27.77 -1.17 -59.19
CA SER G 205 28.06 0.19 -58.72
C SER G 205 26.85 0.93 -58.12
N LYS G 206 27.13 1.71 -57.07
CA LYS G 206 26.16 2.63 -56.47
C LYS G 206 24.93 1.92 -55.88
N LYS G 207 25.14 0.79 -55.22
CA LYS G 207 24.05 0.06 -54.58
C LYS G 207 23.78 0.60 -53.18
N GLY G 208 22.56 0.34 -52.69
CA GLY G 208 22.11 0.91 -51.42
C GLY G 208 22.55 0.17 -50.16
N VAL G 209 22.83 0.94 -49.12
CA VAL G 209 23.36 0.41 -47.87
C VAL G 209 22.43 0.67 -46.68
N ASN G 210 22.10 -0.39 -45.95
CA ASN G 210 21.29 -0.27 -44.75
C ASN G 210 22.02 -0.58 -43.45
N LEU G 211 21.75 0.22 -42.43
CA LEU G 211 22.23 -0.05 -41.08
C LEU G 211 21.03 -0.23 -40.17
N PRO G 212 20.47 -1.45 -40.12
CA PRO G 212 19.33 -1.69 -39.25
C PRO G 212 19.74 -1.64 -37.78
N GLY G 213 18.88 -1.07 -36.94
CA GLY G 213 19.15 -0.92 -35.51
C GLY G 213 20.37 -0.07 -35.19
N ALA G 214 20.49 1.06 -35.91
CA ALA G 214 21.57 2.00 -35.69
C ALA G 214 21.05 3.42 -35.87
N ALA G 215 21.33 4.28 -34.89
CA ALA G 215 20.85 5.66 -34.91
C ALA G 215 21.57 6.51 -35.98
N VAL G 216 21.14 6.36 -37.21
CA VAL G 216 21.76 7.03 -38.36
C VAL G 216 21.55 8.55 -38.27
N ASP G 217 22.66 9.27 -38.20
CA ASP G 217 22.66 10.71 -37.91
C ASP G 217 22.32 11.63 -39.10
N LEU G 218 22.13 11.03 -40.28
CA LEU G 218 21.97 11.79 -41.52
C LEU G 218 20.73 12.69 -41.51
N PRO G 219 20.82 13.86 -42.17
CA PRO G 219 19.72 14.82 -42.09
C PRO G 219 18.47 14.29 -42.77
N ALA G 220 17.32 14.64 -42.20
CA ALA G 220 16.03 14.29 -42.79
C ALA G 220 15.95 14.86 -44.20
N VAL G 221 16.25 16.16 -44.31
CA VAL G 221 16.26 16.88 -45.57
C VAL G 221 17.67 17.45 -45.77
N SER G 222 18.37 16.99 -46.80
CA SER G 222 19.74 17.43 -47.07
C SER G 222 19.77 18.57 -48.08
N GLU G 223 20.97 19.06 -48.39
CA GLU G 223 21.18 20.12 -49.39
C GLU G 223 20.68 19.74 -50.79
N LYS G 224 20.69 18.45 -51.11
CA LYS G 224 20.11 17.95 -52.36
C LYS G 224 18.59 17.93 -52.31
N ASP G 225 18.05 17.34 -51.24
CA ASP G 225 16.60 17.24 -51.06
C ASP G 225 15.95 18.62 -51.09
N ILE G 226 16.58 19.59 -50.44
CA ILE G 226 16.13 20.98 -50.46
C ILE G 226 16.05 21.51 -51.91
N GLN G 227 17.10 21.27 -52.70
CA GLN G 227 17.12 21.67 -54.12
C GLN G 227 16.02 20.97 -54.91
N ASP G 228 15.83 19.68 -54.66
CA ASP G 228 14.83 18.88 -55.35
C ASP G 228 13.40 19.26 -54.98
N LEU G 229 13.19 19.61 -53.71
CA LEU G 229 11.89 20.09 -53.26
C LEU G 229 11.53 21.42 -53.92
N LYS G 230 12.46 22.37 -53.89
CA LYS G 230 12.29 23.67 -54.55
C LYS G 230 11.97 23.48 -56.04
N PHE G 231 12.63 22.51 -56.65
CA PHE G 231 12.39 22.12 -58.04
C PHE G 231 11.00 21.50 -58.21
N GLY G 232 10.50 20.84 -57.17
CA GLY G 232 9.13 20.31 -57.17
C GLY G 232 8.10 21.42 -57.19
N VAL G 233 8.36 22.48 -56.42
CA VAL G 233 7.51 23.67 -56.38
C VAL G 233 7.43 24.25 -57.79
N GLU G 234 8.59 24.45 -58.41
CA GLU G 234 8.67 24.98 -59.77
C GLU G 234 7.92 24.12 -60.80
N GLN G 235 7.94 22.81 -60.63
CA GLN G 235 7.36 21.90 -61.62
C GLN G 235 5.86 21.65 -61.42
N ASP G 236 5.25 22.37 -60.49
CA ASP G 236 3.83 22.20 -60.18
C ASP G 236 3.47 20.74 -59.83
N VAL G 237 4.34 20.09 -59.07
CA VAL G 237 4.06 18.72 -58.64
C VAL G 237 2.92 18.72 -57.62
N ASP G 238 2.20 17.60 -57.55
CA ASP G 238 1.02 17.49 -56.72
C ASP G 238 1.35 16.97 -55.32
N MET G 239 2.35 16.10 -55.22
CA MET G 239 2.66 15.45 -53.94
C MET G 239 4.14 15.20 -53.73
N VAL G 240 4.55 15.10 -52.47
CA VAL G 240 5.92 14.74 -52.14
C VAL G 240 5.93 13.45 -51.32
N PHE G 241 6.60 12.43 -51.85
CA PHE G 241 6.84 11.21 -51.10
C PHE G 241 8.22 11.35 -50.45
N ALA G 242 8.24 11.64 -49.15
CA ALA G 242 9.50 11.97 -48.47
C ALA G 242 10.14 10.75 -47.82
N SER G 243 11.36 10.43 -48.26
CA SER G 243 12.07 9.22 -47.85
C SER G 243 12.58 9.27 -46.40
N PHE G 244 12.47 8.12 -45.74
CA PHE G 244 13.05 7.86 -44.42
C PHE G 244 12.60 8.80 -43.30
N ILE G 245 11.31 9.17 -43.33
CA ILE G 245 10.69 9.94 -42.25
C ILE G 245 10.70 9.17 -40.93
N ARG G 246 11.35 9.76 -39.93
CA ARG G 246 11.50 9.13 -38.63
C ARG G 246 10.65 9.82 -37.55
N LYS G 247 10.51 11.13 -37.65
CA LYS G 247 9.75 11.91 -36.67
C LYS G 247 8.91 13.02 -37.29
N ALA G 248 7.89 13.45 -36.55
CA ALA G 248 6.99 14.52 -37.00
C ALA G 248 7.75 15.76 -37.44
N ALA G 249 8.89 16.01 -36.79
CA ALA G 249 9.74 17.16 -37.09
C ALA G 249 10.38 17.09 -38.48
N ASP G 250 10.65 15.87 -38.95
CA ASP G 250 11.10 15.64 -40.32
C ASP G 250 10.03 16.09 -41.30
N VAL G 251 8.77 15.81 -40.96
CA VAL G 251 7.63 16.22 -41.78
C VAL G 251 7.55 17.74 -41.77
N HIS G 252 7.66 18.32 -40.58
CA HIS G 252 7.62 19.78 -40.42
C HIS G 252 8.72 20.51 -41.20
N GLU G 253 9.81 19.81 -41.53
CA GLU G 253 10.89 20.38 -42.35
C GLU G 253 10.59 20.37 -43.84
N VAL G 254 10.09 19.23 -44.36
CA VAL G 254 9.62 19.12 -45.73
C VAL G 254 8.56 20.19 -46.02
N ARG G 255 7.64 20.39 -45.06
CA ARG G 255 6.58 21.39 -45.21
C ARG G 255 7.09 22.83 -45.08
N LYS G 256 8.27 22.97 -44.50
CA LYS G 256 8.94 24.28 -44.39
C LYS G 256 9.64 24.61 -45.70
N ILE G 257 10.33 23.63 -46.27
CA ILE G 257 11.04 23.82 -47.54
C ILE G 257 10.05 24.04 -48.67
N LEU G 258 8.91 23.36 -48.62
CA LEU G 258 7.81 23.61 -49.55
C LEU G 258 7.30 25.04 -49.44
N GLY G 259 7.24 25.53 -48.20
CA GLY G 259 6.92 26.94 -47.91
C GLY G 259 5.56 27.43 -48.35
N GLU G 260 5.46 28.75 -48.43
CA GLU G 260 4.24 29.45 -48.86
C GLU G 260 3.74 28.97 -50.22
N LYS G 261 4.62 29.03 -51.22
CA LYS G 261 4.25 28.80 -52.62
C LYS G 261 3.79 27.36 -52.90
N GLY G 262 4.22 26.42 -52.07
CA GLY G 262 3.84 25.02 -52.21
C GLY G 262 3.07 24.48 -51.02
N LYS G 263 2.19 25.30 -50.45
CA LYS G 263 1.43 24.93 -49.25
C LYS G 263 0.25 24.00 -49.56
N ASN G 264 -0.02 23.81 -50.86
CA ASN G 264 -1.11 22.93 -51.30
C ASN G 264 -0.55 21.64 -51.86
N ILE G 265 0.77 21.49 -51.80
CA ILE G 265 1.41 20.24 -52.20
C ILE G 265 1.33 19.27 -51.02
N LYS G 266 0.70 18.12 -51.25
CA LYS G 266 0.48 17.11 -50.21
C LYS G 266 1.77 16.39 -49.86
N ILE G 267 2.00 16.16 -48.56
CA ILE G 267 3.22 15.50 -48.13
C ILE G 267 2.91 14.11 -47.66
N ILE G 268 3.53 13.14 -48.32
CA ILE G 268 3.36 11.74 -48.00
C ILE G 268 4.63 11.28 -47.35
N SER G 269 4.56 11.01 -46.04
CA SER G 269 5.71 10.50 -45.32
C SER G 269 5.89 9.03 -45.64
N LYS G 270 7.13 8.65 -45.97
CA LYS G 270 7.40 7.27 -46.34
C LYS G 270 7.92 6.48 -45.13
N ILE G 271 7.09 5.56 -44.64
CA ILE G 271 7.49 4.71 -43.50
C ILE G 271 8.39 3.57 -43.99
N GLU G 272 9.65 3.59 -43.59
CA GLU G 272 10.61 2.59 -44.06
C GLU G 272 11.67 2.19 -43.03
N ASN G 273 11.52 2.62 -41.78
CA ASN G 273 12.41 2.12 -40.71
C ASN G 273 11.70 1.85 -39.39
N HIS G 274 12.44 1.31 -38.42
CA HIS G 274 11.85 0.94 -37.11
C HIS G 274 11.30 2.17 -36.38
N GLU G 275 12.03 3.29 -36.48
CA GLU G 275 11.61 4.55 -35.88
C GLU G 275 10.29 5.07 -36.44
N GLY G 276 10.15 5.07 -37.76
CA GLY G 276 8.93 5.51 -38.42
C GLY G 276 7.71 4.76 -37.93
N VAL G 277 7.89 3.47 -37.63
CA VAL G 277 6.85 2.61 -37.06
C VAL G 277 6.66 2.94 -35.58
N ARG G 278 7.77 3.08 -34.85
CA ARG G 278 7.75 3.45 -33.44
C ARG G 278 7.03 4.78 -33.18
N ARG G 279 7.22 5.74 -34.08
CA ARG G 279 6.73 7.10 -33.88
C ARG G 279 5.75 7.49 -34.97
N PHE G 280 5.02 6.49 -35.45
CA PHE G 280 4.11 6.64 -36.57
C PHE G 280 3.00 7.66 -36.34
N ASP G 281 2.42 7.62 -35.15
CA ASP G 281 1.24 8.41 -34.82
C ASP G 281 1.49 9.89 -35.03
N GLU G 282 2.57 10.40 -34.46
CA GLU G 282 2.94 11.81 -34.61
C GLU G 282 3.26 12.13 -36.08
N ILE G 283 3.84 11.16 -36.78
CA ILE G 283 4.17 11.33 -38.20
C ILE G 283 2.91 11.51 -39.05
N LEU G 284 1.87 10.77 -38.72
CA LEU G 284 0.61 10.84 -39.45
C LEU G 284 -0.17 12.13 -39.18
N GLU G 285 -0.15 12.57 -37.92
CA GLU G 285 -0.79 13.84 -37.52
C GLU G 285 -0.24 14.98 -38.38
N ALA G 286 1.05 14.93 -38.66
CA ALA G 286 1.77 16.01 -39.34
C ALA G 286 1.80 15.90 -40.87
N SER G 287 1.48 14.71 -41.38
CA SER G 287 1.49 14.42 -42.83
C SER G 287 0.07 14.41 -43.41
N ASP G 288 -0.02 14.59 -44.74
CA ASP G 288 -1.31 14.52 -45.44
C ASP G 288 -1.71 13.07 -45.79
N GLY G 289 -0.75 12.15 -45.68
CA GLY G 289 -0.90 10.75 -46.04
C GLY G 289 0.43 10.03 -45.86
N ILE G 290 0.39 8.69 -45.98
CA ILE G 290 1.54 7.82 -45.68
C ILE G 290 1.83 6.85 -46.83
N MET G 291 3.07 6.40 -46.92
CA MET G 291 3.43 5.30 -47.81
C MET G 291 4.16 4.23 -47.01
N VAL G 292 3.74 2.98 -47.19
CA VAL G 292 4.47 1.88 -46.59
C VAL G 292 5.58 1.51 -47.56
N ALA G 293 6.76 2.11 -47.37
CA ALA G 293 7.90 1.84 -48.24
C ALA G 293 8.51 0.51 -47.82
N ARG G 294 7.88 -0.57 -48.31
CA ARG G 294 8.16 -1.93 -47.85
C ARG G 294 9.54 -2.45 -48.24
N GLY G 295 10.10 -1.89 -49.31
CA GLY G 295 11.43 -2.30 -49.76
C GLY G 295 12.45 -2.11 -48.68
N ASP G 296 12.60 -0.87 -48.23
CA ASP G 296 13.56 -0.55 -47.18
C ASP G 296 13.12 -1.12 -45.84
N LEU G 297 11.85 -0.92 -45.49
CA LEU G 297 11.29 -1.42 -44.23
C LEU G 297 11.66 -2.88 -43.99
N GLY G 298 11.51 -3.70 -45.05
CA GLY G 298 11.89 -5.11 -45.02
C GLY G 298 13.36 -5.42 -44.73
N ILE G 299 14.23 -4.44 -44.93
CA ILE G 299 15.65 -4.58 -44.62
C ILE G 299 15.94 -4.07 -43.20
N GLU G 300 15.24 -3.00 -42.81
CA GLU G 300 15.44 -2.33 -41.52
C GLU G 300 14.93 -3.13 -40.34
N ILE G 301 13.76 -3.74 -40.52
CA ILE G 301 13.19 -4.66 -39.56
C ILE G 301 13.19 -6.05 -40.23
N PRO G 302 13.13 -7.13 -39.41
CA PRO G 302 13.03 -8.48 -39.99
C PRO G 302 11.91 -8.60 -41.03
N ALA G 303 12.20 -9.23 -42.18
CA ALA G 303 11.26 -9.30 -43.31
C ALA G 303 9.91 -9.93 -42.97
N GLU G 304 9.92 -10.88 -42.03
CA GLU G 304 8.69 -11.53 -41.62
C GLU G 304 7.69 -10.61 -40.93
N LYS G 305 8.14 -9.46 -40.43
CA LYS G 305 7.29 -8.57 -39.65
C LYS G 305 6.61 -7.47 -40.48
N VAL G 306 6.95 -7.36 -41.76
CA VAL G 306 6.52 -6.21 -42.54
C VAL G 306 4.99 -6.15 -42.73
N PHE G 307 4.36 -7.31 -42.87
CA PHE G 307 2.89 -7.37 -42.95
C PHE G 307 2.20 -6.84 -41.67
N LEU G 308 2.90 -6.87 -40.54
CA LEU G 308 2.36 -6.36 -39.29
C LEU G 308 2.28 -4.84 -39.34
N ALA G 309 3.39 -4.21 -39.74
CA ALA G 309 3.45 -2.76 -39.93
C ALA G 309 2.46 -2.29 -40.99
N GLN G 310 2.48 -2.91 -42.17
CA GLN G 310 1.53 -2.58 -43.24
C GLN G 310 0.10 -2.45 -42.71
N LYS G 311 -0.44 -3.56 -42.21
CA LYS G 311 -1.82 -3.63 -41.77
C LYS G 311 -2.11 -2.59 -40.70
N MET G 312 -1.24 -2.52 -39.69
CA MET G 312 -1.32 -1.50 -38.65
C MET G 312 -1.38 -0.08 -39.23
N ILE G 313 -0.43 0.27 -40.09
CA ILE G 313 -0.38 1.60 -40.68
C ILE G 313 -1.62 1.88 -41.52
N ILE G 314 -1.94 1.01 -42.47
CA ILE G 314 -3.15 1.15 -43.26
C ILE G 314 -4.34 1.33 -42.32
N GLY G 315 -4.34 0.59 -41.21
CA GLY G 315 -5.40 0.70 -40.24
C GLY G 315 -5.55 2.09 -39.64
N ARG G 316 -4.43 2.66 -39.18
CA ARG G 316 -4.49 3.95 -38.50
C ARG G 316 -4.75 5.13 -39.43
N CYS G 317 -4.21 5.08 -40.64
CA CYS G 317 -4.59 6.03 -41.70
C CYS G 317 -6.08 5.95 -42.01
N ASN G 318 -6.64 4.73 -42.02
CA ASN G 318 -8.06 4.54 -42.28
C ASN G 318 -8.92 5.27 -41.27
N ARG G 319 -8.56 5.13 -39.99
CA ARG G 319 -9.26 5.79 -38.88
C ARG G 319 -9.13 7.31 -38.97
N ALA G 320 -7.94 7.77 -39.35
CA ALA G 320 -7.65 9.21 -39.44
C ALA G 320 -8.15 9.81 -40.75
N GLY G 321 -8.54 8.96 -41.69
CA GLY G 321 -9.03 9.41 -42.98
C GLY G 321 -7.99 10.06 -43.87
N LYS G 322 -6.73 9.74 -43.64
CA LYS G 322 -5.64 10.20 -44.48
C LYS G 322 -5.18 9.10 -45.44
N PRO G 323 -4.76 9.48 -46.67
CA PRO G 323 -4.42 8.48 -47.68
C PRO G 323 -3.25 7.59 -47.30
N VAL G 324 -3.38 6.29 -47.58
CA VAL G 324 -2.27 5.34 -47.44
C VAL G 324 -1.94 4.61 -48.74
N ILE G 325 -0.65 4.52 -49.02
CA ILE G 325 -0.13 3.85 -50.20
C ILE G 325 0.61 2.58 -49.81
N CYS G 326 0.30 1.49 -50.50
CA CYS G 326 1.10 0.28 -50.34
C CYS G 326 2.15 0.23 -51.45
N ALA G 327 3.41 0.07 -51.04
CA ALA G 327 4.51 0.23 -51.98
C ALA G 327 5.48 -0.95 -52.04
N THR G 328 6.06 -1.13 -53.24
CA THR G 328 7.28 -1.91 -53.49
C THR G 328 7.15 -3.43 -53.66
N GLN G 329 7.63 -3.92 -54.80
CA GLN G 329 7.74 -5.37 -55.09
CA GLN G 329 7.73 -5.37 -55.10
C GLN G 329 6.39 -6.09 -55.19
N MET G 330 5.31 -5.31 -55.31
CA MET G 330 3.96 -5.87 -55.40
C MET G 330 3.82 -6.84 -56.57
N LEU G 331 4.44 -6.50 -57.70
CA LEU G 331 4.40 -7.34 -58.90
C LEU G 331 5.81 -7.51 -59.48
N GLU G 332 6.77 -7.76 -58.62
CA GLU G 332 8.18 -7.70 -59.01
C GLU G 332 8.52 -8.55 -60.22
N SER G 333 8.17 -9.84 -60.17
CA SER G 333 8.52 -10.78 -61.24
C SER G 333 8.10 -10.27 -62.63
N MET G 334 7.16 -9.34 -62.67
CA MET G 334 6.69 -8.77 -63.94
C MET G 334 7.67 -7.82 -64.62
N ILE G 335 8.77 -7.53 -63.95
CA ILE G 335 9.91 -6.86 -64.58
C ILE G 335 10.39 -7.68 -65.79
N LYS G 336 10.49 -9.00 -65.60
CA LYS G 336 10.97 -9.92 -66.66
C LYS G 336 9.87 -10.86 -67.22
N LYS G 337 8.67 -10.79 -66.65
CA LYS G 337 7.59 -11.74 -67.02
C LYS G 337 6.25 -11.03 -67.29
N PRO G 338 5.49 -11.51 -68.29
CA PRO G 338 4.22 -10.86 -68.66
C PRO G 338 3.03 -11.21 -67.73
N ARG G 339 3.25 -12.17 -66.84
CA ARG G 339 2.24 -12.57 -65.88
C ARG G 339 2.90 -12.63 -64.48
N PRO G 340 2.16 -12.18 -63.45
CA PRO G 340 2.64 -12.20 -62.08
C PRO G 340 2.65 -13.59 -61.48
N THR G 341 3.39 -13.76 -60.38
CA THR G 341 3.29 -15.00 -59.61
C THR G 341 1.98 -14.99 -58.82
N ARG G 342 1.63 -16.14 -58.27
CA ARG G 342 0.47 -16.25 -57.41
C ARG G 342 0.62 -15.40 -56.14
N ALA G 343 1.82 -15.37 -55.57
CA ALA G 343 2.11 -14.56 -54.37
C ALA G 343 1.97 -13.05 -54.63
N GLU G 344 2.26 -12.64 -55.86
CA GLU G 344 2.10 -11.25 -56.29
C GLU G 344 0.61 -10.86 -56.45
N GLY G 345 -0.17 -11.67 -57.14
CA GLY G 345 -1.62 -11.45 -57.17
C GLY G 345 -2.23 -11.33 -55.77
N SER G 346 -1.77 -12.21 -54.87
CA SER G 346 -2.23 -12.22 -53.49
C SER G 346 -1.88 -10.97 -52.71
N ASP G 347 -0.65 -10.48 -52.89
CA ASP G 347 -0.18 -9.27 -52.20
C ASP G 347 -1.09 -8.09 -52.53
N VAL G 348 -1.19 -7.75 -53.82
CA VAL G 348 -2.05 -6.66 -54.31
C VAL G 348 -3.48 -6.79 -53.79
N ALA G 349 -3.99 -8.01 -53.73
CA ALA G 349 -5.37 -8.25 -53.33
C ALA G 349 -5.57 -8.01 -51.83
N ASN G 350 -4.60 -8.45 -51.04
CA ASN G 350 -4.64 -8.23 -49.62
C ASN G 350 -4.35 -6.79 -49.24
N ALA G 351 -3.57 -6.10 -50.08
CA ALA G 351 -3.29 -4.70 -49.84
C ALA G 351 -4.56 -3.89 -49.97
N VAL G 352 -5.40 -4.26 -50.93
CA VAL G 352 -6.65 -3.58 -51.15
C VAL G 352 -7.61 -3.96 -50.04
N LEU G 353 -7.60 -5.24 -49.63
CA LEU G 353 -8.44 -5.68 -48.51
C LEU G 353 -8.08 -5.01 -47.20
N ASP G 354 -6.80 -4.84 -46.94
CA ASP G 354 -6.33 -4.16 -45.73
C ASP G 354 -6.95 -2.77 -45.62
N GLY G 355 -7.03 -2.08 -46.76
CA GLY G 355 -7.65 -0.77 -46.85
C GLY G 355 -6.84 0.28 -47.63
N ALA G 356 -5.75 -0.12 -48.27
CA ALA G 356 -4.91 0.84 -48.98
C ALA G 356 -5.72 1.67 -49.97
N ASP G 357 -5.49 2.98 -49.95
CA ASP G 357 -6.11 3.87 -50.92
C ASP G 357 -5.48 3.67 -52.29
N CYS G 358 -4.14 3.62 -52.33
CA CYS G 358 -3.39 3.47 -53.56
C CYS G 358 -2.42 2.30 -53.49
N ILE G 359 -2.15 1.74 -54.65
CA ILE G 359 -1.08 0.76 -54.80
C ILE G 359 -0.02 1.26 -55.80
N MET G 360 1.15 0.65 -55.78
CA MET G 360 2.30 1.21 -56.44
C MET G 360 3.12 0.16 -57.18
N LEU G 361 3.60 0.59 -58.35
CA LEU G 361 4.58 -0.16 -59.11
C LEU G 361 5.83 0.70 -59.15
N SER G 362 6.99 0.06 -59.04
CA SER G 362 8.26 0.77 -59.16
C SER G 362 9.01 0.26 -60.37
N GLY G 363 9.91 -0.69 -60.15
CA GLY G 363 10.71 -1.25 -61.24
C GLY G 363 9.85 -1.89 -62.31
N GLU G 364 8.67 -2.38 -61.93
CA GLU G 364 7.73 -2.97 -62.89
C GLU G 364 7.36 -2.01 -64.04
N THR G 365 7.43 -0.70 -63.80
CA THR G 365 7.10 0.28 -64.80
C THR G 365 8.28 1.18 -65.15
N ALA G 366 9.16 1.42 -64.17
CA ALA G 366 10.36 2.25 -64.41
C ALA G 366 11.31 1.67 -65.45
N LYS G 367 11.73 0.42 -65.24
CA LYS G 367 12.73 -0.22 -66.09
C LYS G 367 12.24 -1.55 -66.68
N GLY G 368 11.13 -2.05 -66.17
CA GLY G 368 10.63 -3.40 -66.53
C GLY G 368 10.32 -3.65 -68.00
N ASP G 369 10.18 -4.93 -68.36
CA ASP G 369 9.95 -5.35 -69.74
C ASP G 369 8.46 -5.41 -70.12
N TYR G 370 7.59 -5.34 -69.12
CA TYR G 370 6.15 -5.40 -69.31
C TYR G 370 5.41 -4.33 -68.51
N PRO G 371 5.79 -3.05 -68.67
CA PRO G 371 5.21 -1.98 -67.84
C PRO G 371 3.67 -1.83 -67.93
N LEU G 372 3.10 -2.09 -69.11
CA LEU G 372 1.64 -1.95 -69.32
C LEU G 372 0.84 -3.07 -68.68
N GLU G 373 1.27 -4.29 -68.92
CA GLU G 373 0.63 -5.50 -68.40
C GLU G 373 0.49 -5.44 -66.86
N ALA G 374 1.49 -4.81 -66.23
CA ALA G 374 1.57 -4.66 -64.77
C ALA G 374 0.61 -3.62 -64.18
N VAL G 375 0.33 -2.58 -64.95
CA VAL G 375 -0.69 -1.58 -64.61
C VAL G 375 -2.07 -2.24 -64.72
N ARG G 376 -2.28 -2.97 -65.81
CA ARG G 376 -3.56 -3.64 -66.09
C ARG G 376 -3.84 -4.73 -65.07
N MET G 377 -2.80 -5.42 -64.61
CA MET G 377 -3.00 -6.47 -63.61
C MET G 377 -3.41 -5.87 -62.25
N GLN G 378 -2.82 -4.73 -61.89
CA GLN G 378 -3.20 -4.02 -60.68
C GLN G 378 -4.65 -3.56 -60.80
N HIS G 379 -5.00 -2.97 -61.95
CA HIS G 379 -6.38 -2.57 -62.22
C HIS G 379 -7.34 -3.73 -61.99
N LEU G 380 -7.12 -4.83 -62.70
CA LEU G 380 -7.92 -6.03 -62.55
C LEU G 380 -8.01 -6.52 -61.11
N ILE G 381 -6.86 -6.73 -60.47
CA ILE G 381 -6.82 -7.23 -59.09
C ILE G 381 -7.57 -6.31 -58.11
N ALA G 382 -7.36 -5.01 -58.26
CA ALA G 382 -8.05 -4.00 -57.45
C ALA G 382 -9.56 -4.24 -57.43
N ARG G 383 -10.11 -4.34 -58.63
CA ARG G 383 -11.54 -4.40 -58.84
C ARG G 383 -12.18 -5.62 -58.20
N GLU G 384 -11.46 -6.74 -58.24
CA GLU G 384 -11.91 -7.98 -57.64
C GLU G 384 -11.84 -7.90 -56.12
N ALA G 385 -10.71 -7.40 -55.62
CA ALA G 385 -10.49 -7.25 -54.18
C ALA G 385 -11.43 -6.20 -53.55
N GLU G 386 -11.89 -5.26 -54.37
CA GLU G 386 -12.79 -4.18 -53.94
C GLU G 386 -14.20 -4.68 -53.66
N ALA G 387 -14.74 -5.45 -54.59
CA ALA G 387 -16.01 -6.14 -54.35
C ALA G 387 -15.95 -7.04 -53.08
N ALA G 388 -14.78 -7.62 -52.81
CA ALA G 388 -14.57 -8.61 -51.73
C ALA G 388 -14.34 -8.05 -50.32
N MET G 389 -14.28 -6.73 -50.17
CA MET G 389 -14.19 -6.15 -48.83
C MET G 389 -15.55 -6.31 -48.19
N PHE G 390 -15.56 -6.42 -46.87
CA PHE G 390 -16.77 -6.61 -46.09
C PHE G 390 -17.28 -5.23 -45.72
N HIS G 391 -18.01 -4.59 -46.63
CA HIS G 391 -18.35 -3.18 -46.45
C HIS G 391 -19.10 -2.87 -45.16
N ARG G 392 -20.10 -3.70 -44.84
CA ARG G 392 -20.97 -3.44 -43.70
C ARG G 392 -20.17 -3.36 -42.40
N LYS G 393 -19.44 -4.43 -42.08
CA LYS G 393 -18.50 -4.44 -40.96
C LYS G 393 -17.50 -3.28 -40.92
N LEU G 394 -16.99 -2.90 -42.09
CA LEU G 394 -15.96 -1.88 -42.21
C LEU G 394 -16.45 -0.49 -41.79
N PHE G 395 -17.45 -0.01 -42.51
CA PHE G 395 -18.15 1.21 -42.18
C PHE G 395 -18.44 1.32 -40.67
N GLU G 396 -19.05 0.26 -40.12
CA GLU G 396 -19.35 0.16 -38.68
C GLU G 396 -18.14 0.40 -37.79
N GLU G 397 -16.98 -0.14 -38.19
CA GLU G 397 -15.76 -0.09 -37.38
C GLU G 397 -15.05 1.26 -37.46
N LEU G 398 -15.09 1.89 -38.63
CA LEU G 398 -14.59 3.24 -38.80
C LEU G 398 -15.46 4.24 -38.05
N ALA G 399 -16.77 4.07 -38.14
CA ALA G 399 -17.72 4.87 -37.38
C ALA G 399 -17.34 4.84 -35.90
N ARG G 400 -17.13 3.64 -35.38
CA ARG G 400 -16.82 3.46 -33.97
C ARG G 400 -15.60 4.28 -33.59
N ALA G 401 -14.56 4.21 -34.44
CA ALA G 401 -13.26 4.78 -34.11
C ALA G 401 -13.28 6.30 -34.18
N SER G 402 -14.22 6.85 -34.95
CA SER G 402 -14.35 8.29 -35.16
CA SER G 402 -14.35 8.30 -35.15
C SER G 402 -15.46 8.90 -34.29
N SER G 403 -16.11 8.04 -33.52
CA SER G 403 -17.31 8.42 -32.76
C SER G 403 -17.16 9.64 -31.87
N GLN G 404 -15.93 9.98 -31.48
CA GLN G 404 -15.66 11.14 -30.62
C GLN G 404 -15.84 12.47 -31.38
N SER G 405 -15.72 12.39 -32.70
CA SER G 405 -15.89 13.55 -33.57
C SER G 405 -17.36 13.75 -33.93
N THR G 406 -17.82 15.00 -33.90
CA THR G 406 -19.19 15.29 -34.31
C THR G 406 -19.25 16.14 -35.58
N ASP G 407 -18.14 16.14 -36.33
CA ASP G 407 -17.97 16.95 -37.53
C ASP G 407 -19.15 16.86 -38.51
N LEU G 408 -19.60 18.01 -38.99
CA LEU G 408 -20.78 18.09 -39.85
C LEU G 408 -20.60 17.42 -41.23
N MET G 409 -19.46 17.67 -41.87
CA MET G 409 -19.14 16.96 -43.10
C MET G 409 -19.11 15.43 -42.87
N GLU G 410 -18.36 14.98 -41.86
CA GLU G 410 -18.34 13.55 -41.49
C GLU G 410 -19.74 12.96 -41.39
N ALA G 411 -20.65 13.72 -40.80
CA ALA G 411 -22.03 13.30 -40.65
C ALA G 411 -22.71 13.15 -41.99
N MET G 412 -22.54 14.15 -42.88
CA MET G 412 -23.09 14.07 -44.23
C MET G 412 -22.49 12.90 -45.01
N ALA G 413 -21.19 12.68 -44.80
CA ALA G 413 -20.45 11.59 -45.44
C ALA G 413 -21.01 10.23 -45.03
N MET G 414 -21.19 10.03 -43.72
CA MET G 414 -21.75 8.81 -43.17
C MET G 414 -23.22 8.58 -43.56
N GLY G 415 -23.99 9.66 -43.61
CA GLY G 415 -25.37 9.57 -44.10
C GLY G 415 -25.45 9.08 -45.55
N SER G 416 -24.62 9.66 -46.41
CA SER G 416 -24.62 9.35 -47.85
C SER G 416 -24.17 7.91 -48.16
N VAL G 417 -23.03 7.50 -47.59
CA VAL G 417 -22.46 6.15 -47.78
C VAL G 417 -23.45 5.09 -47.32
N GLU G 418 -24.04 5.33 -46.16
CA GLU G 418 -25.07 4.47 -45.59
C GLU G 418 -26.31 4.38 -46.49
N ALA G 419 -26.78 5.53 -46.97
CA ALA G 419 -27.88 5.57 -47.93
C ALA G 419 -27.51 4.87 -49.25
N SER G 420 -26.26 5.07 -49.68
CA SER G 420 -25.71 4.43 -50.87
C SER G 420 -25.66 2.92 -50.74
N TYR G 421 -25.45 2.42 -49.53
CA TYR G 421 -25.42 0.98 -49.29
C TYR G 421 -26.81 0.40 -49.41
N LYS G 422 -27.78 1.07 -48.79
CA LYS G 422 -29.14 0.57 -48.67
C LYS G 422 -29.89 0.51 -50.01
N CYS G 423 -29.55 1.38 -50.95
CA CYS G 423 -30.24 1.39 -52.24
C CYS G 423 -29.35 0.95 -53.41
N LEU G 424 -28.26 0.25 -53.10
CA LEU G 424 -27.28 -0.19 -54.11
C LEU G 424 -27.06 0.87 -55.20
N ALA G 425 -26.76 2.09 -54.78
CA ALA G 425 -26.53 3.21 -55.68
C ALA G 425 -25.29 2.96 -56.51
N ALA G 426 -25.35 3.31 -57.78
CA ALA G 426 -24.27 2.99 -58.71
C ALA G 426 -23.07 3.95 -58.55
N ALA G 427 -23.28 5.03 -57.81
CA ALA G 427 -22.24 6.04 -57.55
C ALA G 427 -22.68 7.05 -56.51
N LEU G 428 -21.71 7.75 -55.92
CA LEU G 428 -21.98 9.00 -55.24
C LEU G 428 -21.33 10.14 -56.03
N ILE G 429 -22.08 11.22 -56.19
CA ILE G 429 -21.61 12.40 -56.88
C ILE G 429 -21.29 13.46 -55.84
N VAL G 430 -20.05 13.94 -55.84
CA VAL G 430 -19.62 15.00 -54.92
C VAL G 430 -19.06 16.23 -55.66
N LEU G 431 -19.61 17.39 -55.32
CA LEU G 431 -19.25 18.65 -55.92
C LEU G 431 -18.36 19.41 -54.97
N THR G 432 -17.07 19.45 -55.29
CA THR G 432 -16.08 19.98 -54.36
C THR G 432 -15.06 20.91 -55.03
N GLU G 433 -14.51 21.80 -54.21
CA GLU G 433 -13.47 22.73 -54.63
CA GLU G 433 -13.46 22.72 -54.64
C GLU G 433 -12.15 22.41 -53.93
N SER G 434 -12.22 22.24 -52.60
CA SER G 434 -11.04 21.87 -51.82
C SER G 434 -10.74 20.38 -51.92
N GLY G 435 -11.75 19.59 -52.25
CA GLY G 435 -11.68 18.13 -52.16
C GLY G 435 -12.11 17.58 -50.82
N ARG G 436 -12.14 18.43 -49.78
CA ARG G 436 -12.37 17.95 -48.41
C ARG G 436 -13.65 17.13 -48.26
N SER G 437 -14.68 17.48 -49.03
CA SER G 437 -15.98 16.81 -48.96
C SER G 437 -15.95 15.43 -49.59
N ALA G 438 -15.20 15.28 -50.68
CA ALA G 438 -15.09 14.01 -51.36
C ALA G 438 -14.23 13.08 -50.53
N HIS G 439 -13.15 13.63 -49.96
CA HIS G 439 -12.29 12.89 -49.04
C HIS G 439 -13.11 12.26 -47.91
N GLN G 440 -14.01 13.05 -47.31
CA GLN G 440 -14.80 12.57 -46.17
C GLN G 440 -15.70 11.40 -46.53
N VAL G 441 -16.28 11.45 -47.73
CA VAL G 441 -17.01 10.30 -48.28
C VAL G 441 -16.10 9.09 -48.52
N ALA G 442 -14.98 9.29 -49.22
CA ALA G 442 -14.05 8.18 -49.49
C ALA G 442 -13.69 7.41 -48.22
N ARG G 443 -13.39 8.18 -47.19
CA ARG G 443 -12.92 7.71 -45.90
C ARG G 443 -13.91 6.78 -45.21
N TYR G 444 -15.17 6.84 -45.62
CA TYR G 444 -16.18 5.92 -45.09
C TYR G 444 -16.54 4.76 -46.02
N ARG G 445 -15.74 4.65 -47.09
CA ARG G 445 -15.64 3.44 -47.91
C ARG G 445 -16.94 2.90 -48.50
N PRO G 446 -17.63 3.69 -49.33
CA PRO G 446 -18.73 3.09 -50.08
C PRO G 446 -18.14 2.10 -51.08
N ARG G 447 -18.93 1.13 -51.53
CA ARG G 447 -18.47 0.26 -52.61
C ARG G 447 -18.54 1.00 -53.95
N ALA G 448 -19.41 2.00 -54.01
CA ALA G 448 -19.69 2.75 -55.20
C ALA G 448 -18.66 3.86 -55.45
N PRO G 449 -18.35 4.09 -56.74
CA PRO G 449 -17.46 5.18 -57.12
C PRO G 449 -18.01 6.55 -56.68
N ILE G 450 -17.09 7.44 -56.32
CA ILE G 450 -17.40 8.79 -55.91
C ILE G 450 -16.96 9.71 -57.04
N ILE G 451 -17.91 10.21 -57.81
CA ILE G 451 -17.59 11.12 -58.89
C ILE G 451 -17.49 12.52 -58.32
N ALA G 452 -16.25 13.05 -58.31
CA ALA G 452 -15.99 14.39 -57.77
C ALA G 452 -15.81 15.41 -58.89
N VAL G 453 -16.81 16.29 -59.04
CA VAL G 453 -16.74 17.35 -60.02
C VAL G 453 -16.12 18.58 -59.39
N THR G 454 -15.04 19.06 -60.01
CA THR G 454 -14.29 20.19 -59.48
C THR G 454 -13.77 21.13 -60.57
N ARG G 455 -13.77 22.42 -60.28
CA ARG G 455 -13.13 23.39 -61.17
C ARG G 455 -11.67 23.59 -60.78
N ASN G 456 -11.28 23.07 -59.62
CA ASN G 456 -9.90 23.11 -59.15
C ASN G 456 -9.12 21.89 -59.65
N HIS G 457 -8.20 22.14 -60.60
CA HIS G 457 -7.44 21.09 -61.28
C HIS G 457 -6.53 20.34 -60.31
N GLN G 458 -5.75 21.10 -59.54
CA GLN G 458 -4.87 20.51 -58.52
C GLN G 458 -5.64 19.61 -57.55
N THR G 459 -6.87 20.00 -57.22
CA THR G 459 -7.77 19.19 -56.40
C THR G 459 -8.08 17.87 -57.11
N ALA G 460 -8.44 17.97 -58.39
CA ALA G 460 -8.71 16.79 -59.24
C ALA G 460 -7.55 15.78 -59.25
N ARG G 461 -6.32 16.27 -59.35
CA ARG G 461 -5.12 15.44 -59.41
C ARG G 461 -4.78 14.79 -58.06
N GLN G 462 -4.95 15.54 -56.98
CA GLN G 462 -4.72 15.04 -55.62
C GLN G 462 -5.82 14.11 -55.11
N ALA G 463 -6.97 14.12 -55.80
CA ALA G 463 -8.08 13.22 -55.47
C ALA G 463 -7.69 11.79 -55.69
N HIS G 464 -6.76 11.56 -56.61
CA HIS G 464 -6.24 10.23 -56.91
C HIS G 464 -5.59 9.57 -55.69
N LEU G 465 -5.30 10.35 -54.66
CA LEU G 465 -4.80 9.79 -53.41
C LEU G 465 -5.85 9.09 -52.56
N TYR G 466 -7.15 9.24 -52.89
CA TYR G 466 -8.22 8.64 -52.06
C TYR G 466 -8.97 7.51 -52.72
N ARG G 467 -9.21 6.45 -51.95
CA ARG G 467 -10.01 5.31 -52.43
C ARG G 467 -11.34 5.77 -52.99
N GLY G 468 -11.69 5.22 -54.16
CA GLY G 468 -12.99 5.46 -54.77
C GLY G 468 -13.27 6.80 -55.41
N ILE G 469 -12.35 7.76 -55.33
CA ILE G 469 -12.61 9.06 -55.96
C ILE G 469 -12.25 9.07 -57.44
N PHE G 470 -13.25 9.37 -58.26
CA PHE G 470 -13.09 9.48 -59.69
C PHE G 470 -13.32 10.96 -59.95
N PRO G 471 -12.21 11.74 -60.02
CA PRO G 471 -12.32 13.17 -60.23
C PRO G 471 -12.69 13.51 -61.67
N VAL G 472 -13.49 14.55 -61.83
CA VAL G 472 -13.90 15.02 -63.14
C VAL G 472 -13.78 16.53 -63.17
N VAL G 473 -12.88 17.04 -63.99
CA VAL G 473 -12.67 18.48 -64.09
C VAL G 473 -13.86 19.13 -64.79
N CYS G 474 -14.27 20.29 -64.28
CA CYS G 474 -15.30 21.07 -64.90
C CYS G 474 -14.67 22.29 -65.58
N LYS G 475 -14.78 22.35 -66.91
CA LYS G 475 -14.21 23.45 -67.68
C LYS G 475 -15.23 24.56 -67.94
N ASP G 476 -16.50 24.24 -67.73
CA ASP G 476 -17.60 25.16 -67.97
C ASP G 476 -17.48 26.41 -67.10
N PRO G 477 -17.86 27.57 -67.67
CA PRO G 477 -17.92 28.81 -66.89
C PRO G 477 -18.95 28.71 -65.76
N VAL G 478 -18.70 29.46 -64.69
CA VAL G 478 -19.63 29.61 -63.57
C VAL G 478 -20.92 30.30 -64.01
N GLN G 479 -22.06 29.64 -63.78
CA GLN G 479 -23.37 30.22 -64.09
C GLN G 479 -23.72 31.28 -63.06
N GLU G 480 -24.56 32.23 -63.46
CA GLU G 480 -25.02 33.30 -62.59
C GLU G 480 -25.93 32.77 -61.47
N ALA G 481 -26.86 31.89 -61.84
CA ALA G 481 -27.77 31.29 -60.88
C ALA G 481 -27.19 30.02 -60.28
N TRP G 482 -26.97 30.04 -58.96
CA TRP G 482 -26.34 28.92 -58.22
C TRP G 482 -26.95 27.55 -58.46
N ALA G 483 -28.28 27.49 -58.62
CA ALA G 483 -28.99 26.23 -58.82
C ALA G 483 -28.70 25.60 -60.18
N GLU G 484 -28.53 26.44 -61.20
CA GLU G 484 -28.17 26.01 -62.55
C GLU G 484 -26.71 25.60 -62.65
N ASP G 485 -25.89 26.11 -61.73
CA ASP G 485 -24.48 25.80 -61.68
C ASP G 485 -24.25 24.44 -61.01
N VAL G 486 -25.09 24.11 -60.04
CA VAL G 486 -25.07 22.78 -59.40
C VAL G 486 -25.54 21.72 -60.38
N ASP G 487 -26.71 21.94 -60.97
CA ASP G 487 -27.29 21.06 -62.00
C ASP G 487 -26.30 20.69 -63.10
N LEU G 488 -25.60 21.68 -63.63
CA LEU G 488 -24.68 21.48 -64.75
C LEU G 488 -23.51 20.57 -64.35
N ARG G 489 -22.93 20.85 -63.19
CA ARG G 489 -21.87 20.00 -62.63
C ARG G 489 -22.38 18.60 -62.31
N VAL G 490 -23.62 18.52 -61.82
CA VAL G 490 -24.24 17.23 -61.54
C VAL G 490 -24.44 16.46 -62.85
N ASN G 491 -25.09 17.11 -63.83
CA ASN G 491 -25.22 16.52 -65.17
C ASN G 491 -23.88 16.14 -65.81
N LEU G 492 -22.83 16.87 -65.46
CA LEU G 492 -21.47 16.53 -65.92
C LEU G 492 -21.03 15.18 -65.34
N ALA G 493 -21.29 14.96 -64.05
CA ALA G 493 -21.01 13.70 -63.37
C ALA G 493 -21.86 12.55 -63.89
N MET G 494 -23.12 12.84 -64.19
CA MET G 494 -24.02 11.88 -64.85
C MET G 494 -23.43 11.41 -66.20
N ASN G 495 -23.13 12.34 -67.09
CA ASN G 495 -22.64 11.99 -68.42
C ASN G 495 -21.30 11.24 -68.41
N VAL G 496 -20.41 11.60 -67.48
CA VAL G 496 -19.17 10.86 -67.29
C VAL G 496 -19.48 9.40 -66.95
N GLY G 497 -20.14 9.17 -65.82
CA GLY G 497 -20.47 7.82 -65.36
C GLY G 497 -21.18 6.97 -66.40
N LYS G 498 -22.10 7.59 -67.13
CA LYS G 498 -22.94 6.92 -68.11
C LYS G 498 -22.10 6.38 -69.26
N ALA G 499 -21.20 7.22 -69.76
CA ALA G 499 -20.31 6.88 -70.87
C ALA G 499 -19.23 5.88 -70.45
N ARG G 500 -18.89 5.89 -69.16
CA ARG G 500 -17.88 4.99 -68.59
C ARG G 500 -18.44 3.61 -68.22
N GLY G 501 -19.76 3.48 -68.26
CA GLY G 501 -20.46 2.24 -67.89
C GLY G 501 -20.60 1.99 -66.39
N PHE G 502 -20.50 3.06 -65.60
CA PHE G 502 -20.74 2.97 -64.17
C PHE G 502 -22.22 2.80 -63.89
N PHE G 503 -23.05 3.51 -64.64
CA PHE G 503 -24.49 3.43 -64.49
C PHE G 503 -25.22 3.78 -65.79
N LYS G 504 -26.30 3.05 -66.05
CA LYS G 504 -27.21 3.37 -67.16
C LYS G 504 -28.47 4.04 -66.61
N LYS G 505 -29.31 4.55 -67.51
CA LYS G 505 -30.58 5.21 -67.16
C LYS G 505 -31.41 4.40 -66.16
N GLY G 506 -32.16 5.10 -65.30
CA GLY G 506 -33.04 4.44 -64.33
C GLY G 506 -32.26 3.78 -63.21
N ASP G 507 -30.96 4.10 -63.13
CA ASP G 507 -30.15 3.78 -61.96
C ASP G 507 -30.31 4.89 -60.93
N VAL G 508 -29.78 4.67 -59.74
CA VAL G 508 -29.89 5.65 -58.65
C VAL G 508 -28.50 6.01 -58.13
N VAL G 509 -28.26 7.31 -58.02
CA VAL G 509 -27.02 7.83 -57.48
C VAL G 509 -27.33 8.66 -56.23
N ILE G 510 -26.36 8.75 -55.31
CA ILE G 510 -26.45 9.73 -54.21
C ILE G 510 -25.76 11.00 -54.69
N VAL G 511 -26.24 12.15 -54.26
CA VAL G 511 -25.68 13.43 -54.74
C VAL G 511 -25.38 14.38 -53.59
N LEU G 512 -24.11 14.74 -53.46
CA LEU G 512 -23.65 15.70 -52.45
C LEU G 512 -23.29 17.06 -53.04
N THR G 513 -24.04 18.07 -52.59
CA THR G 513 -23.90 19.46 -53.06
C THR G 513 -23.98 20.40 -51.87
N GLY G 514 -23.59 21.66 -52.05
CA GLY G 514 -23.84 22.70 -51.07
C GLY G 514 -25.18 23.33 -51.37
N TRP G 515 -25.92 23.71 -50.33
CA TRP G 515 -27.25 24.32 -50.50
C TRP G 515 -27.18 25.72 -51.10
N ARG G 516 -26.24 26.52 -50.61
CA ARG G 516 -26.01 27.89 -51.08
C ARG G 516 -24.57 28.07 -51.58
N PRO G 517 -24.29 29.15 -52.34
CA PRO G 517 -22.90 29.45 -52.73
C PRO G 517 -21.96 29.55 -51.52
N GLY G 518 -22.43 30.19 -50.46
CA GLY G 518 -21.67 30.35 -49.21
C GLY G 518 -21.45 29.09 -48.37
N SER G 519 -22.12 27.99 -48.73
CA SER G 519 -22.03 26.73 -47.98
C SER G 519 -20.59 26.20 -47.86
N GLY G 520 -20.19 25.89 -46.62
CA GLY G 520 -18.82 25.48 -46.33
C GLY G 520 -18.44 24.06 -46.72
N PHE G 521 -19.43 23.27 -47.12
CA PHE G 521 -19.23 21.85 -47.46
C PHE G 521 -20.52 21.33 -48.11
N THR G 522 -20.48 20.11 -48.64
CA THR G 522 -21.69 19.47 -49.18
C THR G 522 -22.66 19.09 -48.06
N ASN G 523 -23.51 20.06 -47.72
CA ASN G 523 -24.51 19.92 -46.66
C ASN G 523 -25.88 19.48 -47.19
N THR G 524 -25.91 19.02 -48.43
CA THR G 524 -27.16 18.63 -49.08
C THR G 524 -27.01 17.29 -49.77
N MET G 525 -27.76 16.30 -49.29
N MET G 525 -27.75 16.29 -49.30
CA MET G 525 -27.75 14.94 -49.85
CA MET G 525 -27.73 14.95 -49.88
C MET G 525 -29.07 14.62 -50.56
C MET G 525 -29.06 14.59 -50.54
N ARG G 526 -28.97 14.01 -51.74
CA ARG G 526 -30.14 13.56 -52.49
C ARG G 526 -29.91 12.16 -53.06
N VAL G 527 -30.97 11.36 -53.15
CA VAL G 527 -30.97 10.16 -54.00
C VAL G 527 -31.72 10.52 -55.27
N VAL G 528 -31.04 10.38 -56.40
CA VAL G 528 -31.56 10.87 -57.67
C VAL G 528 -31.54 9.78 -58.74
N PRO G 529 -32.66 9.64 -59.50
CA PRO G 529 -32.64 8.74 -60.64
C PRO G 529 -31.69 9.27 -61.70
N VAL G 530 -30.85 8.39 -62.26
CA VAL G 530 -29.98 8.75 -63.37
C VAL G 530 -30.83 8.98 -64.61
N PRO G 531 -30.79 10.22 -65.17
CA PRO G 531 -31.50 10.61 -66.40
C PRO G 531 -31.03 9.85 -67.64
N PHE H 12 -18.08 17.02 -15.50
CA PHE H 12 -18.97 16.92 -16.69
C PHE H 12 -19.44 15.49 -16.91
N ILE H 13 -20.68 15.23 -16.50
CA ILE H 13 -21.37 13.99 -16.82
C ILE H 13 -22.18 14.20 -18.09
N GLN H 14 -21.94 13.34 -19.08
CA GLN H 14 -22.61 13.42 -20.38
C GLN H 14 -24.11 13.28 -20.23
N THR H 15 -24.82 14.18 -20.88
CA THR H 15 -26.27 14.16 -20.90
C THR H 15 -26.76 12.95 -21.72
N GLN H 16 -28.03 12.57 -21.53
CA GLN H 16 -28.73 11.66 -22.43
C GLN H 16 -28.06 10.28 -22.57
N GLN H 17 -27.54 9.75 -21.46
CA GLN H 17 -26.86 8.45 -21.42
C GLN H 17 -25.96 8.26 -22.64
N LEU H 18 -25.22 9.32 -22.97
CA LEU H 18 -24.38 9.34 -24.16
C LEU H 18 -23.10 8.56 -23.94
N HIS H 19 -22.72 8.39 -22.68
CA HIS H 19 -21.57 7.58 -22.35
C HIS H 19 -21.87 6.09 -22.59
N ALA H 20 -23.01 5.62 -22.09
CA ALA H 20 -23.49 4.26 -22.38
C ALA H 20 -23.75 4.06 -23.86
N ALA H 21 -24.27 5.10 -24.52
CA ALA H 21 -24.46 5.07 -25.96
C ALA H 21 -23.21 4.57 -26.69
N MET H 22 -22.02 4.89 -26.16
CA MET H 22 -20.74 4.55 -26.79
C MET H 22 -20.15 3.17 -26.40
N ALA H 23 -20.88 2.37 -25.62
CA ALA H 23 -20.40 1.05 -25.22
C ALA H 23 -20.30 0.07 -26.40
N ASP H 24 -19.38 -0.88 -26.28
CA ASP H 24 -19.19 -1.90 -27.32
C ASP H 24 -20.08 -3.10 -27.12
N THR H 25 -20.57 -3.27 -25.89
CA THR H 25 -21.40 -4.43 -25.51
C THR H 25 -22.63 -3.99 -24.70
N PHE H 26 -23.69 -4.81 -24.78
CA PHE H 26 -24.89 -4.57 -24.00
CA PHE H 26 -24.90 -4.58 -24.02
C PHE H 26 -24.59 -4.55 -22.52
N LEU H 27 -23.74 -5.47 -22.07
CA LEU H 27 -23.26 -5.47 -20.67
C LEU H 27 -22.61 -4.13 -20.28
N GLU H 28 -21.66 -3.64 -21.10
CA GLU H 28 -20.98 -2.37 -20.85
CA GLU H 28 -20.98 -2.38 -20.78
C GLU H 28 -21.96 -1.21 -20.89
N HIS H 29 -22.92 -1.33 -21.79
CA HIS H 29 -23.97 -0.33 -21.94
C HIS H 29 -24.76 -0.16 -20.62
N LYS H 30 -25.20 -1.26 -20.02
CA LYS H 30 -25.94 -1.20 -18.76
CA LYS H 30 -25.94 -1.22 -18.74
C LYS H 30 -25.07 -0.65 -17.61
N CYS H 31 -23.83 -1.13 -17.52
CA CYS H 31 -22.91 -0.74 -16.46
C CYS H 31 -22.67 0.75 -16.44
N ARG H 32 -23.03 1.38 -17.56
CA ARG H 32 -22.68 2.77 -17.81
C ARG H 32 -23.87 3.69 -17.62
N LEU H 33 -25.04 3.10 -17.39
CA LEU H 33 -26.24 3.89 -17.15
C LEU H 33 -25.99 4.76 -15.92
N ASP H 34 -26.21 6.05 -16.12
CA ASP H 34 -25.99 7.06 -15.08
C ASP H 34 -27.31 7.73 -14.69
N ILE H 35 -27.61 7.69 -13.40
CA ILE H 35 -28.81 8.39 -12.87
C ILE H 35 -28.58 9.90 -12.85
N ASP H 36 -27.32 10.30 -12.94
CA ASP H 36 -26.96 11.71 -13.02
C ASP H 36 -26.85 12.18 -14.48
N SER H 37 -27.26 11.35 -15.43
CA SER H 37 -27.28 11.75 -16.83
C SER H 37 -28.65 12.25 -17.27
N ALA H 38 -28.84 13.56 -17.21
CA ALA H 38 -30.14 14.17 -17.48
C ALA H 38 -30.68 13.74 -18.83
N PRO H 39 -31.97 13.39 -18.89
CA PRO H 39 -32.59 13.11 -20.19
C PRO H 39 -32.77 14.41 -20.95
N ILE H 40 -33.21 14.34 -22.22
CA ILE H 40 -33.51 15.56 -22.96
C ILE H 40 -34.95 16.02 -22.73
N THR H 41 -35.30 17.18 -23.26
CA THR H 41 -36.62 17.77 -23.03
C THR H 41 -37.68 16.97 -23.79
N ALA H 42 -37.42 16.71 -25.07
CA ALA H 42 -38.32 15.94 -25.93
C ALA H 42 -38.59 14.54 -25.40
N ARG H 43 -39.80 14.05 -25.66
CA ARG H 43 -40.25 12.75 -25.20
C ARG H 43 -40.86 12.05 -26.40
N ASN H 44 -40.30 10.89 -26.74
CA ASN H 44 -40.60 10.25 -28.00
C ASN H 44 -41.68 9.16 -27.97
N THR H 45 -41.94 8.62 -26.79
CA THR H 45 -42.96 7.59 -26.68
C THR H 45 -44.37 8.19 -26.59
N GLY H 46 -45.23 7.87 -27.55
CA GLY H 46 -46.62 8.31 -27.53
C GLY H 46 -47.42 7.78 -26.33
N ILE H 47 -48.23 8.65 -25.75
CA ILE H 47 -49.02 8.30 -24.58
C ILE H 47 -50.50 8.27 -24.91
N ILE H 48 -51.11 7.12 -24.64
CA ILE H 48 -52.50 6.88 -24.95
C ILE H 48 -53.28 6.85 -23.65
N CYS H 49 -54.27 7.74 -23.53
CA CYS H 49 -55.06 7.85 -22.31
C CYS H 49 -56.53 7.50 -22.50
N THR H 50 -56.98 6.43 -21.83
CA THR H 50 -58.37 6.02 -21.84
C THR H 50 -59.20 7.03 -21.06
N ILE H 51 -60.16 7.66 -21.72
CA ILE H 51 -60.98 8.67 -21.08
C ILE H 51 -62.22 8.02 -20.47
N GLY H 52 -62.51 8.40 -19.23
CA GLY H 52 -63.70 7.98 -18.52
C GLY H 52 -64.14 9.06 -17.56
N PRO H 53 -64.86 8.68 -16.48
CA PRO H 53 -65.46 9.66 -15.55
C PRO H 53 -64.44 10.61 -14.90
N ALA H 54 -63.27 10.12 -14.53
CA ALA H 54 -62.25 10.96 -13.88
C ALA H 54 -61.50 11.90 -14.84
N SER H 55 -61.77 11.79 -16.14
CA SER H 55 -61.01 12.52 -17.15
C SER H 55 -61.86 13.13 -18.27
N ARG H 56 -63.18 12.98 -18.16
CA ARG H 56 -64.17 13.44 -19.13
C ARG H 56 -64.31 14.96 -19.30
N SER H 57 -64.17 15.69 -18.20
CA SER H 57 -64.47 17.13 -18.21
C SER H 57 -63.47 17.89 -19.08
N VAL H 58 -63.94 18.97 -19.70
CA VAL H 58 -63.08 19.79 -20.55
C VAL H 58 -61.90 20.36 -19.77
N GLU H 59 -62.13 20.77 -18.53
CA GLU H 59 -61.07 21.30 -17.65
C GLU H 59 -59.97 20.27 -17.45
N THR H 60 -60.35 19.08 -17.02
CA THR H 60 -59.38 18.00 -16.80
C THR H 60 -58.66 17.63 -18.10
N LEU H 61 -59.37 17.64 -19.23
CA LEU H 61 -58.76 17.27 -20.51
C LEU H 61 -57.69 18.27 -21.00
N LYS H 62 -57.91 19.56 -20.79
CA LYS H 62 -56.87 20.55 -21.01
C LYS H 62 -55.60 20.11 -20.28
N GLU H 63 -55.76 19.81 -18.98
CA GLU H 63 -54.63 19.42 -18.14
C GLU H 63 -53.90 18.14 -18.58
N MET H 64 -54.68 17.17 -19.07
N MET H 64 -54.66 17.17 -19.08
CA MET H 64 -54.12 15.92 -19.60
CA MET H 64 -54.09 15.92 -19.58
C MET H 64 -53.19 16.18 -20.78
C MET H 64 -53.18 16.17 -20.79
N ILE H 65 -53.65 17.02 -21.71
CA ILE H 65 -52.88 17.37 -22.89
C ILE H 65 -51.55 18.00 -22.48
N LYS H 66 -51.60 18.94 -21.54
CA LYS H 66 -50.42 19.64 -21.03
C LYS H 66 -49.47 18.68 -20.32
N SER H 67 -50.02 17.67 -19.66
CA SER H 67 -49.22 16.69 -18.95
C SER H 67 -48.61 15.63 -19.88
N GLY H 68 -49.12 15.53 -21.12
CA GLY H 68 -48.54 14.61 -22.11
C GLY H 68 -49.45 13.81 -23.05
N MET H 69 -50.76 13.76 -22.80
CA MET H 69 -51.64 12.89 -23.61
C MET H 69 -51.55 13.18 -25.11
N ASN H 70 -51.31 12.12 -25.87
CA ASN H 70 -51.26 12.23 -27.32
C ASN H 70 -52.53 11.70 -27.94
N VAL H 71 -53.09 10.64 -27.35
CA VAL H 71 -54.24 9.93 -27.93
C VAL H 71 -55.32 9.73 -26.85
N ALA H 72 -56.56 10.10 -27.18
CA ALA H 72 -57.70 9.82 -26.32
C ALA H 72 -58.34 8.51 -26.75
N ARG H 73 -58.42 7.56 -25.81
CA ARG H 73 -58.96 6.21 -26.06
C ARG H 73 -60.36 6.00 -25.47
N MET H 74 -61.31 5.70 -26.33
CA MET H 74 -62.70 5.50 -25.93
C MET H 74 -63.06 4.01 -25.95
N ASN H 75 -63.33 3.47 -24.77
CA ASN H 75 -63.56 2.04 -24.60
C ASN H 75 -65.03 1.68 -24.71
N PHE H 76 -65.38 1.09 -25.85
CA PHE H 76 -66.75 0.77 -26.21
C PHE H 76 -67.30 -0.56 -25.64
N SER H 77 -66.65 -1.10 -24.61
CA SER H 77 -67.21 -2.22 -23.84
C SER H 77 -68.35 -1.73 -22.95
N HIS H 78 -68.32 -0.42 -22.69
CA HIS H 78 -69.34 0.24 -21.90
C HIS H 78 -69.70 1.57 -22.55
N GLY H 79 -70.77 2.18 -22.07
CA GLY H 79 -71.23 3.50 -22.56
C GLY H 79 -72.03 3.40 -23.84
N THR H 80 -72.89 4.39 -24.07
CA THR H 80 -73.65 4.49 -25.30
C THR H 80 -72.95 5.40 -26.28
N HIS H 81 -73.47 5.44 -27.51
CA HIS H 81 -73.00 6.35 -28.51
C HIS H 81 -73.08 7.81 -28.02
N GLU H 82 -74.19 8.15 -27.37
CA GLU H 82 -74.37 9.49 -26.78
C GLU H 82 -73.26 9.87 -25.78
N TYR H 83 -72.87 8.91 -24.93
CA TYR H 83 -71.77 9.10 -23.99
C TYR H 83 -70.46 9.42 -24.73
N HIS H 84 -70.04 8.49 -25.59
CA HIS H 84 -68.77 8.62 -26.31
C HIS H 84 -68.70 9.83 -27.24
N ALA H 85 -69.84 10.25 -27.80
CA ALA H 85 -69.88 11.46 -28.63
C ALA H 85 -69.63 12.71 -27.79
N GLU H 86 -70.07 12.70 -26.53
CA GLU H 86 -69.83 13.83 -25.63
C GLU H 86 -68.37 13.87 -25.17
N THR H 87 -67.81 12.70 -24.91
CA THR H 87 -66.41 12.59 -24.55
C THR H 87 -65.56 13.09 -25.72
N ILE H 88 -65.91 12.65 -26.93
CA ILE H 88 -65.18 13.03 -28.14
C ILE H 88 -65.23 14.55 -28.32
N LYS H 89 -66.41 15.14 -28.14
CA LYS H 89 -66.56 16.59 -28.14
C LYS H 89 -65.66 17.28 -27.12
N ASN H 90 -65.74 16.86 -25.86
CA ASN H 90 -64.94 17.48 -24.80
C ASN H 90 -63.45 17.45 -25.12
N VAL H 91 -63.01 16.31 -25.66
CA VAL H 91 -61.64 16.12 -26.13
C VAL H 91 -61.27 17.18 -27.18
N ARG H 92 -62.05 17.24 -28.25
CA ARG H 92 -61.80 18.20 -29.31
C ARG H 92 -61.86 19.63 -28.80
N THR H 93 -62.79 19.89 -27.87
CA THR H 93 -62.95 21.22 -27.27
C THR H 93 -61.72 21.64 -26.48
N ALA H 94 -61.19 20.73 -25.66
CA ALA H 94 -59.98 21.02 -24.90
C ALA H 94 -58.81 21.20 -25.86
N THR H 95 -58.76 20.35 -26.88
CA THR H 95 -57.70 20.36 -27.86
C THR H 95 -57.62 21.73 -28.57
N GLU H 96 -58.74 22.21 -29.09
CA GLU H 96 -58.78 23.47 -29.84
C GLU H 96 -58.60 24.72 -28.96
N SER H 97 -58.76 24.56 -27.65
CA SER H 97 -58.60 25.65 -26.69
C SER H 97 -57.17 26.15 -26.72
N PHE H 98 -56.32 25.40 -27.41
CA PHE H 98 -54.90 25.69 -27.54
C PHE H 98 -54.52 26.15 -28.94
N ALA H 99 -55.47 26.07 -29.88
CA ALA H 99 -55.23 26.37 -31.30
C ALA H 99 -54.86 27.83 -31.64
N SER H 100 -55.06 28.74 -30.68
CA SER H 100 -54.73 30.15 -30.85
C SER H 100 -53.24 30.34 -31.18
N ASP H 101 -52.40 29.56 -30.49
CA ASP H 101 -50.96 29.60 -30.68
C ASP H 101 -50.51 28.47 -31.61
N PRO H 102 -50.18 28.79 -32.87
CA PRO H 102 -49.75 27.76 -33.84
C PRO H 102 -48.42 27.10 -33.49
N ILE H 103 -47.57 27.85 -32.78
CA ILE H 103 -46.25 27.38 -32.34
C ILE H 103 -46.34 26.36 -31.19
N LEU H 104 -47.44 26.42 -30.44
CA LEU H 104 -47.60 25.60 -29.22
C LEU H 104 -48.68 24.50 -29.33
N TYR H 105 -49.69 24.72 -30.16
CA TYR H 105 -50.78 23.76 -30.36
C TYR H 105 -50.28 22.32 -30.49
N ARG H 106 -50.93 21.40 -29.77
CA ARG H 106 -50.68 19.96 -29.93
C ARG H 106 -51.91 19.27 -30.56
N PRO H 107 -51.72 18.58 -31.69
CA PRO H 107 -52.80 17.72 -32.18
C PRO H 107 -53.04 16.56 -31.24
N VAL H 108 -54.29 16.10 -31.18
CA VAL H 108 -54.65 14.98 -30.33
C VAL H 108 -55.50 14.02 -31.14
N ALA H 109 -55.25 12.72 -30.95
CA ALA H 109 -55.93 11.67 -31.67
C ALA H 109 -57.09 11.09 -30.86
N VAL H 110 -58.10 10.60 -31.57
CA VAL H 110 -59.25 9.92 -30.96
C VAL H 110 -59.27 8.44 -31.39
N ALA H 111 -59.47 7.54 -30.43
CA ALA H 111 -59.38 6.10 -30.71
C ALA H 111 -60.58 5.31 -30.24
N LEU H 112 -61.08 4.45 -31.11
CA LEU H 112 -62.22 3.61 -30.76
C LEU H 112 -61.75 2.19 -30.48
N ASP H 113 -61.87 1.80 -29.21
CA ASP H 113 -61.58 0.44 -28.76
C ASP H 113 -62.88 -0.37 -28.76
N THR H 114 -63.04 -1.27 -29.73
CA THR H 114 -64.27 -2.06 -29.88
C THR H 114 -64.54 -2.99 -28.69
N LYS H 115 -65.81 -3.37 -28.52
CA LYS H 115 -66.19 -4.35 -27.51
C LYS H 115 -65.59 -5.72 -27.92
N GLY H 116 -65.79 -6.10 -29.17
CA GLY H 116 -65.33 -7.39 -29.67
C GLY H 116 -66.03 -8.55 -28.98
N PRO H 117 -65.58 -9.78 -29.28
CA PRO H 117 -66.27 -10.96 -28.74
C PRO H 117 -66.13 -11.14 -27.23
N GLU H 118 -66.51 -10.11 -26.45
CA GLU H 118 -66.56 -10.17 -24.98
C GLU H 118 -67.61 -11.11 -24.42
N ILE H 119 -67.23 -11.82 -23.37
CA ILE H 119 -68.15 -12.62 -22.57
C ILE H 119 -68.27 -11.93 -21.21
N ARG H 120 -69.50 -11.73 -20.74
CA ARG H 120 -69.75 -11.05 -19.47
C ARG H 120 -70.88 -11.68 -18.66
N THR H 121 -70.73 -11.60 -17.34
CA THR H 121 -71.79 -12.01 -16.43
C THR H 121 -72.85 -10.93 -16.37
N GLY H 122 -73.95 -11.23 -15.68
CA GLY H 122 -75.02 -10.27 -15.45
C GLY H 122 -74.89 -9.62 -14.09
N LEU H 123 -75.94 -8.92 -13.67
CA LEU H 123 -75.93 -8.15 -12.43
C LEU H 123 -76.18 -9.03 -11.22
N ILE H 124 -75.56 -8.67 -10.10
CA ILE H 124 -75.80 -9.36 -8.84
C ILE H 124 -77.23 -9.05 -8.36
N LYS H 125 -77.91 -10.08 -7.84
CA LYS H 125 -79.31 -9.98 -7.40
C LYS H 125 -79.55 -8.83 -6.42
N GLY H 126 -80.73 -8.24 -6.49
CA GLY H 126 -81.10 -7.12 -5.64
C GLY H 126 -80.92 -7.41 -4.16
N SER H 127 -81.39 -8.58 -3.74
CA SER H 127 -81.29 -9.05 -2.34
C SER H 127 -79.85 -9.37 -1.90
N GLY H 128 -79.66 -9.52 -0.59
CA GLY H 128 -78.35 -9.84 0.00
C GLY H 128 -77.31 -8.74 -0.13
N THR H 129 -76.05 -9.08 0.12
CA THR H 129 -74.93 -8.10 0.13
C THR H 129 -74.60 -7.54 -1.25
N ALA H 130 -73.75 -6.50 -1.28
CA ALA H 130 -73.36 -5.76 -2.51
C ALA H 130 -72.68 -6.62 -3.58
N GLU H 131 -71.60 -7.30 -3.17
CA GLU H 131 -70.96 -8.34 -3.98
C GLU H 131 -71.35 -9.71 -3.41
N VAL H 132 -70.98 -10.77 -4.12
CA VAL H 132 -71.32 -12.13 -3.70
C VAL H 132 -70.02 -12.93 -3.55
N GLU H 133 -69.93 -13.73 -2.48
CA GLU H 133 -68.71 -14.49 -2.22
C GLU H 133 -68.76 -15.91 -2.78
N LEU H 134 -67.99 -16.15 -3.85
CA LEU H 134 -67.87 -17.47 -4.46
C LEU H 134 -66.80 -18.29 -3.75
N LYS H 135 -67.22 -19.09 -2.78
CA LYS H 135 -66.28 -19.78 -1.89
C LYS H 135 -65.61 -20.98 -2.55
N LYS H 136 -64.33 -21.17 -2.21
CA LYS H 136 -63.55 -22.30 -2.74
C LYS H 136 -64.18 -23.63 -2.33
N GLY H 137 -64.40 -24.50 -3.33
CA GLY H 137 -64.99 -25.80 -3.08
C GLY H 137 -66.49 -25.80 -3.24
N ALA H 138 -67.09 -24.61 -3.25
CA ALA H 138 -68.53 -24.48 -3.49
C ALA H 138 -68.84 -24.69 -4.95
N THR H 139 -70.12 -24.97 -5.24
CA THR H 139 -70.60 -25.19 -6.60
C THR H 139 -71.28 -23.93 -7.13
N LEU H 140 -71.49 -23.89 -8.45
CA LEU H 140 -72.12 -22.74 -9.10
C LEU H 140 -72.74 -23.16 -10.43
N LYS H 141 -74.04 -22.92 -10.57
CA LYS H 141 -74.71 -23.20 -11.84
C LYS H 141 -74.66 -21.97 -12.74
N ILE H 142 -73.99 -22.11 -13.87
CA ILE H 142 -74.05 -21.10 -14.91
C ILE H 142 -75.33 -21.31 -15.71
N THR H 143 -76.08 -20.23 -15.89
CA THR H 143 -77.36 -20.31 -16.60
C THR H 143 -77.35 -19.46 -17.85
N LEU H 144 -78.25 -19.81 -18.77
CA LEU H 144 -78.45 -19.02 -19.99
C LEU H 144 -79.84 -18.38 -19.95
N ASP H 145 -80.60 -18.75 -18.92
CA ASP H 145 -81.96 -18.27 -18.70
C ASP H 145 -81.93 -16.77 -18.42
N ASN H 146 -82.40 -15.99 -19.40
CA ASN H 146 -82.44 -14.54 -19.32
C ASN H 146 -83.22 -13.97 -18.12
N ALA H 147 -84.07 -14.80 -17.52
CA ALA H 147 -84.83 -14.38 -16.35
C ALA H 147 -83.94 -14.33 -15.10
N TYR H 148 -82.66 -14.62 -15.28
CA TYR H 148 -81.67 -14.56 -14.22
C TYR H 148 -80.59 -13.51 -14.51
N MET H 149 -80.71 -12.82 -15.65
CA MET H 149 -79.66 -11.91 -16.11
C MET H 149 -79.37 -10.72 -15.20
N GLU H 150 -80.33 -10.41 -14.33
CA GLU H 150 -80.13 -9.41 -13.29
C GLU H 150 -80.24 -10.00 -11.88
N LYS H 151 -80.37 -11.32 -11.81
CA LYS H 151 -80.49 -12.04 -10.54
C LYS H 151 -79.34 -13.02 -10.30
N CYS H 152 -78.10 -12.56 -10.48
CA CYS H 152 -76.92 -13.40 -10.23
C CYS H 152 -76.63 -13.54 -8.74
N ASP H 153 -76.26 -14.74 -8.32
CA ASP H 153 -75.72 -14.95 -6.97
C ASP H 153 -74.67 -16.06 -6.90
N GLU H 154 -74.34 -16.49 -5.68
CA GLU H 154 -73.33 -17.53 -5.46
C GLU H 154 -73.81 -18.92 -5.85
N ASN H 155 -75.11 -19.03 -6.12
CA ASN H 155 -75.73 -20.27 -6.56
C ASN H 155 -75.97 -20.31 -8.07
N ILE H 156 -76.28 -19.15 -8.65
CA ILE H 156 -76.66 -19.04 -10.04
C ILE H 156 -75.93 -17.85 -10.66
N LEU H 157 -75.21 -18.12 -11.76
CA LEU H 157 -74.49 -17.07 -12.48
C LEU H 157 -74.84 -17.04 -13.97
N TRP H 158 -75.51 -15.97 -14.38
CA TRP H 158 -75.91 -15.76 -15.76
C TRP H 158 -74.74 -15.17 -16.55
N LEU H 159 -74.63 -15.55 -17.81
CA LEU H 159 -73.71 -14.87 -18.72
C LEU H 159 -74.27 -14.73 -20.13
N ASP H 160 -73.73 -13.78 -20.90
CA ASP H 160 -74.28 -13.42 -22.20
C ASP H 160 -73.72 -14.16 -23.42
N TYR H 161 -72.88 -15.17 -23.19
CA TYR H 161 -72.42 -16.05 -24.26
C TYR H 161 -73.37 -17.23 -24.39
N LYS H 162 -74.35 -17.06 -25.27
CA LYS H 162 -75.45 -18.00 -25.48
C LYS H 162 -74.98 -19.37 -25.98
N ASN H 163 -73.93 -19.38 -26.79
CA ASN H 163 -73.45 -20.61 -27.41
C ASN H 163 -72.39 -21.33 -26.57
N ILE H 164 -72.27 -20.93 -25.30
CA ILE H 164 -71.22 -21.44 -24.41
C ILE H 164 -71.13 -22.97 -24.31
N CYS H 165 -72.24 -23.63 -24.04
CA CYS H 165 -72.24 -25.09 -23.83
C CYS H 165 -71.58 -25.84 -24.99
N LYS H 166 -71.66 -25.24 -26.19
CA LYS H 166 -71.09 -25.83 -27.40
C LYS H 166 -69.56 -25.82 -27.46
N VAL H 167 -68.92 -25.01 -26.61
CA VAL H 167 -67.46 -24.86 -26.65
C VAL H 167 -66.69 -25.19 -25.36
N VAL H 168 -67.40 -25.40 -24.25
CA VAL H 168 -66.78 -25.95 -23.04
C VAL H 168 -67.06 -27.46 -22.96
N ASP H 169 -66.17 -28.18 -22.29
CA ASP H 169 -66.38 -29.59 -22.04
C ASP H 169 -66.34 -29.78 -20.54
N VAL H 170 -66.73 -30.96 -20.07
CA VAL H 170 -66.45 -31.37 -18.70
C VAL H 170 -64.93 -31.30 -18.54
N GLY H 171 -64.47 -30.69 -17.46
CA GLY H 171 -63.05 -30.48 -17.23
C GLY H 171 -62.63 -29.06 -17.49
N SER H 172 -63.26 -28.41 -18.48
CA SER H 172 -62.95 -27.02 -18.84
C SER H 172 -62.97 -26.10 -17.63
N LYS H 173 -62.10 -25.10 -17.67
CA LYS H 173 -62.07 -24.07 -16.63
C LYS H 173 -62.69 -22.79 -17.16
N VAL H 174 -63.32 -22.03 -16.25
CA VAL H 174 -63.92 -20.74 -16.58
C VAL H 174 -63.39 -19.68 -15.63
N TYR H 175 -62.81 -18.63 -16.20
CA TYR H 175 -62.26 -17.54 -15.40
C TYR H 175 -63.19 -16.33 -15.44
N VAL H 176 -63.35 -15.69 -14.28
CA VAL H 176 -64.28 -14.57 -14.13
C VAL H 176 -63.65 -13.39 -13.37
N ASP H 177 -63.92 -12.18 -13.85
CA ASP H 177 -63.46 -10.90 -13.25
C ASP H 177 -61.94 -10.75 -13.29
N ASP H 178 -61.43 -10.24 -14.42
CA ASP H 178 -59.98 -10.10 -14.66
C ASP H 178 -59.19 -11.37 -14.26
N GLY H 179 -59.80 -12.53 -14.44
CA GLY H 179 -59.16 -13.82 -14.17
C GLY H 179 -58.95 -14.18 -12.71
N LEU H 180 -59.47 -13.35 -11.80
CA LEU H 180 -59.28 -13.54 -10.35
C LEU H 180 -60.06 -14.72 -9.77
N ILE H 181 -61.19 -15.05 -10.39
CA ILE H 181 -62.04 -16.16 -9.95
C ILE H 181 -61.99 -17.31 -10.96
N SER H 182 -61.95 -18.53 -10.45
CA SER H 182 -61.80 -19.72 -11.31
C SER H 182 -62.85 -20.81 -11.01
N LEU H 183 -63.46 -21.31 -12.07
CA LEU H 183 -64.45 -22.38 -11.96
C LEU H 183 -64.10 -23.53 -12.89
N GLN H 184 -64.39 -24.76 -12.46
CA GLN H 184 -64.22 -25.93 -13.33
C GLN H 184 -65.55 -26.60 -13.66
N VAL H 185 -65.79 -26.78 -14.95
CA VAL H 185 -67.02 -27.41 -15.43
C VAL H 185 -67.07 -28.87 -15.00
N LYS H 186 -68.21 -29.27 -14.43
CA LYS H 186 -68.39 -30.64 -13.92
C LYS H 186 -69.52 -31.42 -14.59
N GLN H 187 -70.44 -30.71 -15.25
CA GLN H 187 -71.61 -31.33 -15.89
C GLN H 187 -72.31 -30.37 -16.85
N LYS H 188 -72.34 -30.72 -18.14
CA LYS H 188 -72.99 -29.93 -19.18
C LYS H 188 -74.50 -30.18 -19.26
N GLY H 189 -75.26 -29.11 -19.50
CA GLY H 189 -76.70 -29.20 -19.66
C GLY H 189 -77.08 -29.72 -21.03
N ASP H 191 -78.44 -27.01 -21.67
CA ASP H 191 -78.31 -25.58 -21.91
C ASP H 191 -77.74 -24.82 -20.69
N PHE H 192 -77.30 -25.57 -19.67
CA PHE H 192 -76.72 -24.99 -18.47
C PHE H 192 -75.32 -25.54 -18.18
N LEU H 193 -74.70 -25.05 -17.11
CA LEU H 193 -73.37 -25.50 -16.69
C LEU H 193 -73.21 -25.49 -15.18
N VAL H 194 -73.15 -26.67 -14.57
CA VAL H 194 -72.84 -26.75 -13.15
C VAL H 194 -71.33 -26.88 -12.98
N THR H 195 -70.75 -25.94 -12.25
CA THR H 195 -69.30 -25.87 -12.08
C THR H 195 -68.87 -26.04 -10.63
N GLU H 196 -67.57 -26.21 -10.43
CA GLU H 196 -66.98 -26.17 -9.09
C GLU H 196 -66.06 -24.97 -8.97
N VAL H 197 -66.07 -24.34 -7.79
CA VAL H 197 -65.22 -23.19 -7.55
C VAL H 197 -63.81 -23.66 -7.17
N GLU H 198 -62.87 -23.44 -8.08
CA GLU H 198 -61.44 -23.68 -7.81
C GLU H 198 -60.85 -22.51 -7.07
N ASN H 199 -60.78 -21.34 -7.72
CA ASN H 199 -60.31 -20.14 -7.04
C ASN H 199 -61.46 -19.17 -6.71
N GLY H 200 -61.72 -19.04 -5.41
CA GLY H 200 -62.78 -18.20 -4.89
C GLY H 200 -62.49 -16.71 -4.90
N GLY H 201 -63.55 -15.92 -4.69
CA GLY H 201 -63.45 -14.46 -4.67
C GLY H 201 -64.81 -13.82 -4.52
N PHE H 202 -64.82 -12.51 -4.33
CA PHE H 202 -66.08 -11.76 -4.30
C PHE H 202 -66.45 -11.44 -5.74
N LEU H 203 -67.70 -11.74 -6.11
CA LEU H 203 -68.17 -11.55 -7.48
C LEU H 203 -69.15 -10.38 -7.59
N GLY H 204 -68.88 -9.48 -8.54
CA GLY H 204 -69.73 -8.32 -8.80
C GLY H 204 -70.49 -8.46 -10.11
N SER H 205 -70.99 -7.32 -10.61
CA SER H 205 -71.80 -7.26 -11.83
C SER H 205 -71.00 -7.08 -13.13
N LYS H 206 -71.56 -7.56 -14.23
CA LYS H 206 -70.95 -7.42 -15.57
C LYS H 206 -69.44 -7.55 -15.53
N LYS H 207 -68.96 -8.68 -15.01
CA LYS H 207 -67.53 -8.98 -14.94
C LYS H 207 -67.08 -9.80 -16.14
N GLY H 208 -65.84 -9.62 -16.56
CA GLY H 208 -65.31 -10.34 -17.73
C GLY H 208 -65.07 -11.82 -17.54
N VAL H 209 -65.60 -12.62 -18.46
CA VAL H 209 -65.41 -14.07 -18.50
C VAL H 209 -64.40 -14.48 -19.57
N ASN H 210 -63.41 -15.27 -19.18
CA ASN H 210 -62.42 -15.84 -20.10
C ASN H 210 -62.43 -17.35 -20.12
N LEU H 211 -62.32 -17.90 -21.32
CA LEU H 211 -62.36 -19.34 -21.51
C LEU H 211 -61.13 -19.80 -22.31
N PRO H 212 -59.95 -19.83 -21.65
CA PRO H 212 -58.73 -20.22 -22.37
C PRO H 212 -58.82 -21.67 -22.81
N GLY H 213 -58.41 -21.93 -24.04
CA GLY H 213 -58.39 -23.30 -24.57
C GLY H 213 -59.74 -23.73 -25.12
N ALA H 214 -60.70 -22.80 -25.10
CA ALA H 214 -61.97 -23.02 -25.76
C ALA H 214 -61.90 -22.31 -27.10
N ALA H 215 -62.54 -22.90 -28.11
CA ALA H 215 -62.59 -22.30 -29.43
C ALA H 215 -63.85 -21.43 -29.52
N VAL H 216 -63.83 -20.30 -28.82
CA VAL H 216 -64.97 -19.37 -28.75
C VAL H 216 -65.41 -18.96 -30.16
N ASP H 217 -66.70 -19.12 -30.46
CA ASP H 217 -67.20 -18.90 -31.83
C ASP H 217 -68.06 -17.64 -32.00
N LEU H 218 -67.89 -16.69 -31.09
CA LEU H 218 -68.50 -15.38 -31.23
C LEU H 218 -67.88 -14.70 -32.44
N PRO H 219 -68.66 -13.88 -33.17
CA PRO H 219 -68.09 -13.19 -34.32
C PRO H 219 -66.98 -12.23 -33.93
N ALA H 220 -65.96 -12.14 -34.77
CA ALA H 220 -64.93 -11.12 -34.59
C ALA H 220 -65.57 -9.74 -34.61
N VAL H 221 -66.39 -9.49 -35.63
CA VAL H 221 -67.13 -8.24 -35.76
C VAL H 221 -68.64 -8.52 -35.62
N SER H 222 -69.13 -8.34 -34.38
CA SER H 222 -70.55 -8.56 -34.07
C SER H 222 -71.41 -7.39 -34.51
N GLU H 223 -72.72 -7.58 -34.48
CA GLU H 223 -73.66 -6.49 -34.76
C GLU H 223 -73.34 -5.19 -34.01
N LYS H 224 -73.15 -5.26 -32.70
CA LYS H 224 -72.86 -4.04 -31.91
C LYS H 224 -71.60 -3.36 -32.43
N ASP H 225 -70.56 -4.15 -32.69
CA ASP H 225 -69.30 -3.66 -33.23
C ASP H 225 -69.48 -2.97 -34.56
N ILE H 226 -70.29 -3.57 -35.44
CA ILE H 226 -70.57 -2.96 -36.72
C ILE H 226 -71.00 -1.52 -36.48
N GLN H 227 -72.02 -1.34 -35.65
N GLN H 227 -72.04 -1.33 -35.67
CA GLN H 227 -72.60 -0.02 -35.38
CA GLN H 227 -72.59 -0.02 -35.38
C GLN H 227 -71.63 0.96 -34.74
C GLN H 227 -71.54 0.94 -34.82
N ASP H 228 -70.80 0.48 -33.81
CA ASP H 228 -69.75 1.30 -33.15
C ASP H 228 -68.69 1.84 -34.14
N LEU H 229 -68.20 0.97 -35.02
CA LEU H 229 -67.26 1.35 -36.09
C LEU H 229 -67.86 2.38 -37.05
N LYS H 230 -69.14 2.25 -37.37
CA LYS H 230 -69.79 3.19 -38.30
C LYS H 230 -70.10 4.53 -37.64
N PHE H 231 -70.31 4.50 -36.33
CA PHE H 231 -70.31 5.70 -35.51
C PHE H 231 -68.89 6.30 -35.48
N GLY H 232 -67.89 5.42 -35.46
CA GLY H 232 -66.48 5.81 -35.49
C GLY H 232 -66.06 6.55 -36.75
N VAL H 233 -66.53 6.09 -37.91
CA VAL H 233 -66.34 6.81 -39.17
C VAL H 233 -67.08 8.15 -39.11
N GLU H 234 -68.36 8.11 -38.75
CA GLU H 234 -69.21 9.29 -38.56
C GLU H 234 -68.58 10.36 -37.63
N GLN H 235 -68.01 9.94 -36.50
CA GLN H 235 -67.33 10.85 -35.59
C GLN H 235 -65.86 11.13 -35.95
N ASP H 236 -65.46 10.73 -37.17
CA ASP H 236 -64.13 11.03 -37.74
C ASP H 236 -62.98 10.63 -36.80
N VAL H 237 -63.05 9.44 -36.23
CA VAL H 237 -61.98 8.94 -35.38
C VAL H 237 -60.70 8.75 -36.21
N ASP H 238 -59.55 8.73 -35.54
CA ASP H 238 -58.27 8.59 -36.22
C ASP H 238 -57.86 7.13 -36.41
N MET H 239 -58.14 6.32 -35.39
CA MET H 239 -57.73 4.92 -35.36
C MET H 239 -58.76 4.06 -34.61
N VAL H 240 -58.74 2.76 -34.89
CA VAL H 240 -59.58 1.78 -34.21
C VAL H 240 -58.68 0.73 -33.57
N PHE H 241 -58.85 0.49 -32.27
CA PHE H 241 -58.20 -0.63 -31.57
C PHE H 241 -59.12 -1.82 -31.63
N ALA H 242 -58.80 -2.81 -32.48
CA ALA H 242 -59.71 -3.92 -32.72
C ALA H 242 -59.45 -5.08 -31.79
N SER H 243 -60.43 -5.36 -30.93
CA SER H 243 -60.30 -6.31 -29.84
C SER H 243 -60.35 -7.75 -30.31
N PHE H 244 -59.50 -8.59 -29.69
CA PHE H 244 -59.52 -10.05 -29.84
C PHE H 244 -59.28 -10.59 -31.25
N ILE H 245 -58.62 -9.80 -32.09
CA ILE H 245 -58.33 -10.24 -33.45
C ILE H 245 -57.48 -11.51 -33.43
N ARG H 246 -58.00 -12.55 -34.08
CA ARG H 246 -57.43 -13.91 -34.04
C ARG H 246 -56.65 -14.27 -35.30
N LYS H 247 -56.93 -13.56 -36.38
CA LYS H 247 -56.42 -13.91 -37.71
C LYS H 247 -56.58 -12.75 -38.71
N ALA H 248 -55.95 -12.90 -39.87
CA ALA H 248 -56.01 -11.86 -40.90
C ALA H 248 -57.44 -11.56 -41.37
N ALA H 249 -58.25 -12.59 -41.58
CA ALA H 249 -59.66 -12.45 -41.96
C ALA H 249 -60.41 -11.49 -41.04
N ASP H 250 -60.23 -11.67 -39.72
CA ASP H 250 -60.75 -10.77 -38.70
C ASP H 250 -60.47 -9.29 -39.01
N VAL H 251 -59.20 -9.00 -39.34
CA VAL H 251 -58.75 -7.64 -39.67
C VAL H 251 -59.51 -7.13 -40.89
N HIS H 252 -59.73 -8.02 -41.86
CA HIS H 252 -60.38 -7.64 -43.11
C HIS H 252 -61.84 -7.29 -42.90
N GLU H 253 -62.52 -8.00 -42.00
CA GLU H 253 -63.90 -7.67 -41.64
C GLU H 253 -63.98 -6.23 -41.12
N VAL H 254 -63.07 -5.88 -40.23
CA VAL H 254 -62.96 -4.53 -39.71
C VAL H 254 -62.81 -3.52 -40.85
N ARG H 255 -61.85 -3.77 -41.75
CA ARG H 255 -61.54 -2.86 -42.86
C ARG H 255 -62.71 -2.70 -43.84
N LYS H 256 -63.41 -3.80 -44.10
CA LYS H 256 -64.57 -3.80 -44.98
C LYS H 256 -65.73 -3.00 -44.37
N ILE H 257 -65.96 -3.16 -43.06
CA ILE H 257 -66.98 -2.39 -42.34
C ILE H 257 -66.69 -0.89 -42.42
N LEU H 258 -65.45 -0.50 -42.09
CA LEU H 258 -65.01 0.90 -42.22
C LEU H 258 -65.08 1.44 -43.67
N GLY H 259 -65.06 0.54 -44.64
CA GLY H 259 -65.30 0.85 -46.05
C GLY H 259 -64.46 1.95 -46.67
N GLU H 260 -64.99 2.53 -47.75
CA GLU H 260 -64.32 3.61 -48.46
CA GLU H 260 -64.32 3.61 -48.46
C GLU H 260 -64.29 4.91 -47.65
N LYS H 261 -65.40 5.22 -46.97
CA LYS H 261 -65.47 6.46 -46.18
C LYS H 261 -64.43 6.53 -45.05
N GLY H 262 -64.10 5.39 -44.45
CA GLY H 262 -63.08 5.33 -43.41
C GLY H 262 -61.79 4.62 -43.81
N LYS H 263 -61.42 4.69 -45.09
CA LYS H 263 -60.22 4.00 -45.59
C LYS H 263 -58.91 4.47 -44.96
N ASN H 264 -58.83 5.73 -44.53
CA ASN H 264 -57.60 6.25 -43.93
C ASN H 264 -57.52 6.02 -42.44
N ILE H 265 -58.53 5.37 -41.87
CA ILE H 265 -58.56 5.10 -40.43
C ILE H 265 -57.59 3.95 -40.14
N LYS H 266 -56.74 4.15 -39.14
CA LYS H 266 -55.76 3.13 -38.80
C LYS H 266 -56.36 2.01 -37.96
N ILE H 267 -56.15 0.77 -38.37
CA ILE H 267 -56.54 -0.37 -37.54
C ILE H 267 -55.36 -0.84 -36.70
N ILE H 268 -55.53 -0.74 -35.39
CA ILE H 268 -54.61 -1.36 -34.45
C ILE H 268 -55.25 -2.66 -34.00
N SER H 269 -54.60 -3.78 -34.29
CA SER H 269 -55.09 -5.08 -33.88
C SER H 269 -54.65 -5.42 -32.47
N LYS H 270 -55.62 -5.66 -31.61
CA LYS H 270 -55.33 -6.08 -30.25
C LYS H 270 -55.03 -7.58 -30.21
N ILE H 271 -53.87 -7.92 -29.66
CA ILE H 271 -53.48 -9.31 -29.46
C ILE H 271 -53.70 -9.63 -27.99
N GLU H 272 -54.60 -10.57 -27.75
CA GLU H 272 -55.06 -10.85 -26.39
C GLU H 272 -55.54 -12.29 -26.22
N ASN H 273 -55.07 -13.16 -27.10
CA ASN H 273 -55.34 -14.58 -27.00
C ASN H 273 -54.23 -15.39 -27.71
N HIS H 274 -54.18 -16.67 -27.37
CA HIS H 274 -53.24 -17.62 -27.96
C HIS H 274 -53.31 -17.65 -29.50
N GLU H 275 -54.51 -17.62 -30.07
CA GLU H 275 -54.62 -17.70 -31.52
C GLU H 275 -53.95 -16.49 -32.15
N GLY H 276 -54.25 -15.32 -31.61
CA GLY H 276 -53.66 -14.05 -32.05
C GLY H 276 -52.14 -14.03 -32.05
N VAL H 277 -51.51 -14.64 -31.03
CA VAL H 277 -50.04 -14.76 -30.99
C VAL H 277 -49.56 -15.78 -32.03
N ARG H 278 -50.23 -16.94 -32.13
CA ARG H 278 -49.89 -17.95 -33.12
CA ARG H 278 -49.91 -17.96 -33.12
C ARG H 278 -49.90 -17.35 -34.53
N ARG H 279 -51.00 -16.70 -34.90
CA ARG H 279 -51.16 -16.19 -36.25
C ARG H 279 -50.74 -14.73 -36.33
N PHE H 280 -49.74 -14.35 -35.53
CA PHE H 280 -49.37 -12.95 -35.46
C PHE H 280 -48.88 -12.38 -36.77
N ASP H 281 -47.93 -13.05 -37.42
CA ASP H 281 -47.40 -12.56 -38.71
C ASP H 281 -48.48 -12.18 -39.74
N GLU H 282 -49.51 -13.00 -39.88
CA GLU H 282 -50.59 -12.68 -40.83
C GLU H 282 -51.44 -11.49 -40.36
N ILE H 283 -51.59 -11.34 -39.03
CA ILE H 283 -52.32 -10.21 -38.46
C ILE H 283 -51.56 -8.89 -38.65
N LEU H 284 -50.28 -8.90 -38.34
CA LEU H 284 -49.41 -7.76 -38.57
C LEU H 284 -49.46 -7.31 -40.05
N GLU H 285 -49.41 -8.26 -40.98
CA GLU H 285 -49.42 -7.93 -42.41
C GLU H 285 -50.66 -7.15 -42.83
N ALA H 286 -51.84 -7.60 -42.38
CA ALA H 286 -53.13 -6.96 -42.70
C ALA H 286 -53.45 -5.71 -41.87
N SER H 287 -52.69 -5.49 -40.78
CA SER H 287 -52.96 -4.38 -39.87
C SER H 287 -52.06 -3.19 -40.12
N ASP H 288 -52.48 -2.04 -39.59
CA ASP H 288 -51.75 -0.81 -39.69
C ASP H 288 -50.84 -0.66 -38.48
N GLY H 289 -51.10 -1.47 -37.46
CA GLY H 289 -50.41 -1.42 -36.17
C GLY H 289 -50.96 -2.50 -35.23
N ILE H 290 -50.41 -2.58 -34.01
CA ILE H 290 -50.67 -3.69 -33.10
C ILE H 290 -50.69 -3.21 -31.65
N MET H 291 -51.59 -3.78 -30.84
CA MET H 291 -51.58 -3.53 -29.41
C MET H 291 -51.30 -4.82 -28.64
N VAL H 292 -50.41 -4.73 -27.66
CA VAL H 292 -50.16 -5.84 -26.78
C VAL H 292 -51.15 -5.66 -25.65
N ALA H 293 -52.33 -6.25 -25.82
CA ALA H 293 -53.41 -6.13 -24.86
C ALA H 293 -53.19 -7.11 -23.70
N ARG H 294 -52.20 -6.78 -22.87
CA ARG H 294 -51.67 -7.71 -21.86
C ARG H 294 -52.69 -8.22 -20.84
N GLY H 295 -53.78 -7.47 -20.67
CA GLY H 295 -54.83 -7.80 -19.69
C GLY H 295 -55.45 -9.16 -19.94
N ASP H 296 -56.20 -9.27 -21.03
CA ASP H 296 -56.79 -10.54 -21.47
C ASP H 296 -55.75 -11.55 -21.90
N LEU H 297 -54.66 -11.08 -22.51
CA LEU H 297 -53.57 -11.98 -22.87
C LEU H 297 -53.07 -12.74 -21.63
N GLY H 298 -53.05 -12.06 -20.48
CA GLY H 298 -52.51 -12.63 -19.23
C GLY H 298 -53.47 -13.54 -18.49
N ILE H 299 -54.70 -13.62 -19.01
CA ILE H 299 -55.67 -14.58 -18.53
C ILE H 299 -55.73 -15.75 -19.54
N GLU H 300 -55.70 -15.42 -20.83
CA GLU H 300 -55.81 -16.41 -21.90
C GLU H 300 -54.59 -17.34 -22.06
N ILE H 301 -53.38 -16.81 -21.82
CA ILE H 301 -52.17 -17.64 -21.68
C ILE H 301 -51.60 -17.48 -20.26
N PRO H 302 -50.69 -18.37 -19.82
CA PRO H 302 -50.17 -18.19 -18.47
C PRO H 302 -49.57 -16.81 -18.29
N ALA H 303 -49.75 -16.22 -17.11
CA ALA H 303 -49.32 -14.83 -16.90
C ALA H 303 -47.79 -14.69 -16.91
N GLU H 304 -47.09 -15.77 -16.54
CA GLU H 304 -45.62 -15.77 -16.61
C GLU H 304 -45.06 -15.75 -18.06
N LYS H 305 -45.95 -15.88 -19.06
CA LYS H 305 -45.51 -15.91 -20.46
C LYS H 305 -45.75 -14.61 -21.23
N VAL H 306 -46.49 -13.69 -20.62
CA VAL H 306 -46.88 -12.44 -21.31
C VAL H 306 -45.68 -11.67 -21.85
N PHE H 307 -44.63 -11.55 -21.04
CA PHE H 307 -43.43 -10.79 -21.45
C PHE H 307 -42.81 -11.35 -22.71
N LEU H 308 -42.86 -12.67 -22.88
CA LEU H 308 -42.37 -13.31 -24.09
C LEU H 308 -43.09 -12.76 -25.31
N ALA H 309 -44.42 -12.73 -25.23
CA ALA H 309 -45.27 -12.25 -26.32
C ALA H 309 -45.12 -10.75 -26.48
N GLN H 310 -44.93 -10.02 -25.38
CA GLN H 310 -44.71 -8.59 -25.48
C GLN H 310 -43.41 -8.24 -26.21
N LYS H 311 -42.35 -8.97 -25.94
CA LYS H 311 -41.07 -8.66 -26.55
C LYS H 311 -41.03 -9.13 -28.00
N MET H 312 -41.62 -10.29 -28.24
CA MET H 312 -41.76 -10.81 -29.59
C MET H 312 -42.54 -9.83 -30.46
N ILE H 313 -43.71 -9.44 -29.99
CA ILE H 313 -44.61 -8.55 -30.73
C ILE H 313 -43.99 -7.17 -30.98
N ILE H 314 -43.33 -6.60 -29.98
CA ILE H 314 -42.67 -5.32 -30.19
C ILE H 314 -41.51 -5.52 -31.16
N GLY H 315 -40.72 -6.56 -30.91
CA GLY H 315 -39.62 -6.92 -31.80
C GLY H 315 -40.02 -6.88 -33.28
N ARG H 316 -41.02 -7.68 -33.64
CA ARG H 316 -41.44 -7.89 -35.03
C ARG H 316 -42.08 -6.65 -35.58
N CYS H 317 -42.73 -5.90 -34.70
CA CYS H 317 -43.39 -4.67 -35.07
C CYS H 317 -42.38 -3.63 -35.48
N ASN H 318 -41.30 -3.54 -34.70
CA ASN H 318 -40.18 -2.65 -35.05
C ASN H 318 -39.58 -3.05 -36.37
N ARG H 319 -39.37 -4.36 -36.53
CA ARG H 319 -38.86 -4.95 -37.75
C ARG H 319 -39.65 -4.51 -38.99
N ALA H 320 -40.98 -4.48 -38.87
CA ALA H 320 -41.84 -4.13 -40.00
C ALA H 320 -42.05 -2.64 -40.12
N GLY H 321 -41.51 -1.89 -39.16
CA GLY H 321 -41.72 -0.45 -39.08
C GLY H 321 -43.19 -0.11 -38.93
N LYS H 322 -43.94 -0.95 -38.20
CA LYS H 322 -45.36 -0.67 -37.94
C LYS H 322 -45.62 -0.33 -36.46
N PRO H 323 -46.52 0.64 -36.19
CA PRO H 323 -46.71 1.03 -34.77
C PRO H 323 -47.15 -0.11 -33.87
N VAL H 324 -46.59 -0.15 -32.66
CA VAL H 324 -47.06 -1.06 -31.61
C VAL H 324 -47.22 -0.33 -30.27
N ILE H 325 -48.30 -0.68 -29.57
CA ILE H 325 -48.61 -0.12 -28.24
C ILE H 325 -48.44 -1.21 -27.16
N CYS H 326 -47.81 -0.84 -26.04
CA CYS H 326 -47.84 -1.68 -24.82
C CYS H 326 -48.92 -1.15 -23.89
N ALA H 327 -49.78 -2.05 -23.42
CA ALA H 327 -51.01 -1.61 -22.77
C ALA H 327 -51.33 -2.37 -21.49
N THR H 328 -52.05 -1.68 -20.60
CA THR H 328 -52.81 -2.32 -19.52
C THR H 328 -51.99 -2.63 -18.27
N GLN H 329 -52.33 -1.95 -17.18
CA GLN H 329 -51.80 -2.18 -15.82
C GLN H 329 -50.39 -1.68 -15.54
N MET H 330 -49.86 -0.94 -16.52
CA MET H 330 -48.55 -0.31 -16.43
C MET H 330 -48.30 0.49 -15.15
N LEU H 331 -49.31 1.23 -14.69
CA LEU H 331 -49.22 2.02 -13.45
C LEU H 331 -50.49 1.82 -12.62
N GLU H 332 -50.96 0.57 -12.58
CA GLU H 332 -52.22 0.20 -11.94
C GLU H 332 -52.46 0.73 -10.51
N SER H 333 -51.42 0.78 -9.69
CA SER H 333 -51.60 1.25 -8.31
C SER H 333 -51.98 2.74 -8.28
N MET H 334 -51.67 3.47 -9.35
CA MET H 334 -51.96 4.90 -9.39
C MET H 334 -53.45 5.23 -9.52
N ILE H 335 -54.28 4.19 -9.60
CA ILE H 335 -55.73 4.33 -9.55
C ILE H 335 -56.12 4.87 -8.16
N LYS H 336 -55.42 4.38 -7.14
CA LYS H 336 -55.68 4.76 -5.75
C LYS H 336 -54.54 5.54 -5.06
N LYS H 337 -53.35 5.54 -5.66
CA LYS H 337 -52.17 6.16 -5.03
C LYS H 337 -51.51 7.18 -5.96
N PRO H 338 -50.84 8.21 -5.39
CA PRO H 338 -50.24 9.26 -6.24
C PRO H 338 -48.82 8.96 -6.76
N ARG H 339 -48.20 7.87 -6.31
CA ARG H 339 -46.91 7.43 -6.84
C ARG H 339 -47.09 5.98 -7.26
N PRO H 340 -46.39 5.55 -8.32
CA PRO H 340 -46.45 4.15 -8.75
C PRO H 340 -45.61 3.23 -7.85
N THR H 341 -45.70 1.93 -8.09
CA THR H 341 -44.81 1.00 -7.46
C THR H 341 -43.54 0.87 -8.28
N ARG H 342 -42.49 0.33 -7.65
CA ARG H 342 -41.20 0.13 -8.31
C ARG H 342 -41.29 -0.80 -9.52
N ALA H 343 -42.30 -1.67 -9.53
CA ALA H 343 -42.49 -2.59 -10.63
C ALA H 343 -43.15 -1.86 -11.79
N GLU H 344 -44.10 -0.99 -11.46
CA GLU H 344 -44.83 -0.20 -12.44
C GLU H 344 -43.90 0.82 -13.09
N GLY H 345 -42.95 1.35 -12.31
CA GLY H 345 -41.91 2.22 -12.84
C GLY H 345 -40.99 1.44 -13.76
N SER H 346 -40.79 0.17 -13.42
CA SER H 346 -39.89 -0.71 -14.19
C SER H 346 -40.53 -1.16 -15.49
N ASP H 347 -41.82 -1.46 -15.43
CA ASP H 347 -42.56 -1.94 -16.58
C ASP H 347 -42.65 -0.90 -17.72
N VAL H 348 -42.92 0.35 -17.36
CA VAL H 348 -42.98 1.42 -18.35
C VAL H 348 -41.61 1.62 -18.99
N ALA H 349 -40.56 1.60 -18.16
CA ALA H 349 -39.18 1.70 -18.64
C ALA H 349 -38.88 0.61 -19.66
N ASN H 350 -39.10 -0.63 -19.25
CA ASN H 350 -38.76 -1.79 -20.06
C ASN H 350 -39.54 -1.92 -21.33
N ALA H 351 -40.80 -1.50 -21.29
CA ALA H 351 -41.64 -1.41 -22.49
C ALA H 351 -41.04 -0.45 -23.51
N VAL H 352 -40.56 0.70 -23.05
CA VAL H 352 -39.96 1.68 -23.95
C VAL H 352 -38.69 1.07 -24.54
N LEU H 353 -37.89 0.44 -23.68
CA LEU H 353 -36.66 -0.23 -24.09
C LEU H 353 -36.90 -1.41 -25.02
N ASP H 354 -38.02 -2.12 -24.83
CA ASP H 354 -38.42 -3.19 -25.73
C ASP H 354 -38.60 -2.63 -27.16
N GLY H 355 -39.03 -1.37 -27.25
CA GLY H 355 -39.19 -0.70 -28.53
C GLY H 355 -40.60 -0.21 -28.81
N ALA H 356 -41.45 -0.17 -27.79
CA ALA H 356 -42.83 0.25 -27.98
C ALA H 356 -42.91 1.71 -28.41
N ASP H 357 -43.60 1.94 -29.53
CA ASP H 357 -43.93 3.28 -29.99
C ASP H 357 -44.76 4.08 -28.97
N CYS H 358 -45.74 3.41 -28.38
CA CYS H 358 -46.70 4.04 -27.51
C CYS H 358 -46.94 3.24 -26.25
N ILE H 359 -47.24 3.96 -25.18
CA ILE H 359 -47.64 3.34 -23.93
C ILE H 359 -49.01 3.84 -23.56
N MET H 360 -49.72 3.05 -22.76
CA MET H 360 -51.14 3.25 -22.59
C MET H 360 -51.58 3.19 -21.14
N LEU H 361 -52.58 4.01 -20.84
CA LEU H 361 -53.25 4.03 -19.55
C LEU H 361 -54.75 3.69 -19.70
N SER H 362 -55.24 2.85 -18.79
CA SER H 362 -56.67 2.45 -18.74
C SER H 362 -57.34 3.01 -17.47
N GLY H 363 -57.51 2.17 -16.45
CA GLY H 363 -58.10 2.60 -15.18
C GLY H 363 -57.44 3.85 -14.64
N GLU H 364 -56.13 3.95 -14.84
CA GLU H 364 -55.33 5.04 -14.29
C GLU H 364 -55.90 6.39 -14.65
N THR H 365 -56.35 6.52 -15.91
CA THR H 365 -56.93 7.77 -16.39
C THR H 365 -58.45 7.75 -16.54
N ALA H 366 -59.01 6.60 -16.88
CA ALA H 366 -60.45 6.49 -17.06
C ALA H 366 -61.22 6.79 -15.77
N LYS H 367 -60.98 5.99 -14.72
CA LYS H 367 -61.75 6.11 -13.47
CA LYS H 367 -61.75 6.08 -13.47
C LYS H 367 -60.90 6.45 -12.22
N GLY H 368 -59.58 6.48 -12.37
CA GLY H 368 -58.70 6.64 -11.20
C GLY H 368 -58.68 7.99 -10.49
N ASP H 369 -58.22 8.00 -9.24
CA ASP H 369 -58.10 9.22 -8.43
C ASP H 369 -57.04 10.21 -8.91
N TYR H 370 -56.01 9.71 -9.58
CA TYR H 370 -54.85 10.52 -9.94
C TYR H 370 -54.52 10.44 -11.43
N PRO H 371 -55.48 10.84 -12.31
CA PRO H 371 -55.20 10.67 -13.73
C PRO H 371 -54.05 11.55 -14.26
N LEU H 372 -53.96 12.79 -13.78
CA LEU H 372 -52.90 13.72 -14.19
C LEU H 372 -51.50 13.24 -13.79
N GLU H 373 -51.37 12.73 -12.56
CA GLU H 373 -50.09 12.29 -11.99
C GLU H 373 -49.52 11.07 -12.72
N ALA H 374 -50.44 10.26 -13.27
CA ALA H 374 -50.07 9.03 -13.95
C ALA H 374 -49.59 9.30 -15.37
N VAL H 375 -50.14 10.32 -16.01
CA VAL H 375 -49.68 10.72 -17.33
C VAL H 375 -48.29 11.36 -17.20
N ARG H 376 -48.16 12.24 -16.22
CA ARG H 376 -46.88 12.90 -15.93
C ARG H 376 -45.76 11.90 -15.62
N MET H 377 -46.11 10.84 -14.89
CA MET H 377 -45.17 9.78 -14.56
C MET H 377 -44.73 9.01 -15.81
N GLN H 378 -45.69 8.57 -16.63
CA GLN H 378 -45.36 7.92 -17.90
C GLN H 378 -44.50 8.82 -18.80
N HIS H 379 -44.76 10.13 -18.77
CA HIS H 379 -43.93 11.10 -19.51
C HIS H 379 -42.49 11.09 -19.02
N LEU H 380 -42.31 11.14 -17.70
CA LEU H 380 -40.98 11.20 -17.10
C LEU H 380 -40.14 9.94 -17.30
N ILE H 381 -40.78 8.78 -17.17
CA ILE H 381 -40.07 7.50 -17.30
C ILE H 381 -39.66 7.31 -18.75
N ALA H 382 -40.58 7.57 -19.68
CA ALA H 382 -40.27 7.52 -21.13
C ALA H 382 -38.94 8.20 -21.48
N ARG H 383 -38.75 9.45 -21.03
CA ARG H 383 -37.54 10.21 -21.40
C ARG H 383 -36.25 9.59 -20.86
N GLU H 384 -36.32 9.02 -19.66
CA GLU H 384 -35.19 8.32 -19.08
C GLU H 384 -34.85 7.03 -19.85
N ALA H 385 -35.87 6.27 -20.22
CA ALA H 385 -35.69 5.01 -20.97
C ALA H 385 -35.24 5.27 -22.42
N GLU H 386 -35.83 6.27 -23.08
CA GLU H 386 -35.43 6.65 -24.45
C GLU H 386 -33.94 6.96 -24.52
N ALA H 387 -33.42 7.59 -23.46
CA ALA H 387 -32.00 7.90 -23.38
C ALA H 387 -31.19 6.62 -23.24
N ALA H 388 -31.73 5.70 -22.45
CA ALA H 388 -31.02 4.49 -22.08
C ALA H 388 -30.97 3.43 -23.19
N MET H 389 -31.78 3.59 -24.24
CA MET H 389 -31.74 2.71 -25.42
C MET H 389 -30.33 2.56 -25.99
N PHE H 390 -30.04 1.41 -26.58
CA PHE H 390 -28.74 1.16 -27.22
C PHE H 390 -28.80 1.49 -28.72
N HIS H 391 -29.14 2.74 -29.04
CA HIS H 391 -29.29 3.20 -30.43
C HIS H 391 -28.35 2.59 -31.45
N ARG H 392 -27.05 2.73 -31.21
CA ARG H 392 -26.01 2.24 -32.12
C ARG H 392 -26.23 0.77 -32.49
N LYS H 393 -26.45 -0.07 -31.48
CA LYS H 393 -26.81 -1.49 -31.70
C LYS H 393 -28.17 -1.70 -32.41
N LEU H 394 -29.20 -1.02 -31.93
CA LEU H 394 -30.54 -1.11 -32.49
C LEU H 394 -30.61 -0.74 -33.99
N PHE H 395 -30.06 0.41 -34.34
CA PHE H 395 -29.99 0.85 -35.72
C PHE H 395 -29.30 -0.19 -36.59
N GLU H 396 -28.20 -0.76 -36.07
CA GLU H 396 -27.47 -1.80 -36.78
C GLU H 396 -28.32 -3.02 -37.03
N GLU H 397 -29.16 -3.37 -36.06
CA GLU H 397 -29.95 -4.59 -36.13
C GLU H 397 -31.23 -4.39 -36.94
N LEU H 398 -31.84 -3.21 -36.82
CA LEU H 398 -32.98 -2.85 -37.67
C LEU H 398 -32.54 -2.82 -39.12
N ALA H 399 -31.39 -2.19 -39.39
CA ALA H 399 -30.80 -2.17 -40.74
C ALA H 399 -30.42 -3.54 -41.29
N ARG H 400 -30.02 -4.46 -40.41
N ARG H 400 -30.03 -4.46 -40.40
CA ARG H 400 -29.67 -5.81 -40.84
CA ARG H 400 -29.66 -5.81 -40.81
C ARG H 400 -30.92 -6.60 -41.23
C ARG H 400 -30.89 -6.63 -41.19
N ALA H 401 -31.95 -6.48 -40.40
CA ALA H 401 -33.21 -7.20 -40.63
C ALA H 401 -34.02 -6.71 -41.84
N SER H 402 -33.64 -5.57 -42.42
CA SER H 402 -34.36 -4.99 -43.56
C SER H 402 -33.53 -4.90 -44.85
N SER H 403 -32.34 -5.48 -44.81
CA SER H 403 -31.34 -5.25 -45.84
C SER H 403 -31.73 -5.73 -47.24
N GLN H 404 -32.75 -6.58 -47.33
CA GLN H 404 -33.25 -7.04 -48.63
C GLN H 404 -34.03 -5.96 -49.39
N SER H 405 -34.61 -5.03 -48.62
CA SER H 405 -35.34 -3.88 -49.17
C SER H 405 -34.36 -2.82 -49.60
N THR H 406 -34.50 -2.37 -50.85
CA THR H 406 -33.66 -1.34 -51.42
C THR H 406 -34.43 -0.04 -51.60
N ASP H 407 -35.46 0.15 -50.78
CA ASP H 407 -36.40 1.29 -50.88
C ASP H 407 -35.70 2.62 -50.61
N LEU H 408 -35.95 3.58 -51.50
CA LEU H 408 -35.27 4.88 -51.48
C LEU H 408 -35.59 5.73 -50.25
N MET H 409 -36.85 5.70 -49.79
CA MET H 409 -37.19 6.38 -48.54
C MET H 409 -36.52 5.74 -47.33
N GLU H 410 -36.42 4.41 -47.30
CA GLU H 410 -35.72 3.72 -46.21
C GLU H 410 -34.27 4.19 -46.17
N ALA H 411 -33.69 4.41 -47.35
CA ALA H 411 -32.29 4.84 -47.49
C ALA H 411 -32.07 6.27 -47.03
N MET H 412 -32.85 7.23 -47.55
CA MET H 412 -32.86 8.60 -47.02
C MET H 412 -32.96 8.59 -45.49
N ALA H 413 -33.79 7.69 -44.95
CA ALA H 413 -34.12 7.61 -43.54
C ALA H 413 -32.96 7.06 -42.73
N MET H 414 -32.29 6.06 -43.28
CA MET H 414 -31.12 5.49 -42.65
C MET H 414 -29.99 6.50 -42.71
N GLY H 415 -29.89 7.21 -43.83
CA GLY H 415 -28.96 8.34 -43.96
C GLY H 415 -29.16 9.37 -42.87
N SER H 416 -30.35 9.94 -42.81
CA SER H 416 -30.72 10.98 -41.85
C SER H 416 -30.49 10.57 -40.40
N VAL H 417 -30.98 9.39 -40.03
CA VAL H 417 -30.76 8.86 -38.71
C VAL H 417 -29.26 8.72 -38.45
N GLU H 418 -28.57 7.97 -39.31
CA GLU H 418 -27.12 7.85 -39.22
CA GLU H 418 -27.12 7.85 -39.20
C GLU H 418 -26.47 9.22 -39.01
N ALA H 419 -26.88 10.19 -39.83
CA ALA H 419 -26.31 11.53 -39.76
C ALA H 419 -26.64 12.27 -38.46
N SER H 420 -27.84 12.05 -37.94
CA SER H 420 -28.26 12.64 -36.67
C SER H 420 -27.47 12.08 -35.50
N TYR H 421 -27.14 10.78 -35.59
CA TYR H 421 -26.36 10.11 -34.56
C TYR H 421 -24.97 10.72 -34.48
N LYS H 422 -24.37 10.95 -35.65
CA LYS H 422 -22.99 11.41 -35.75
C LYS H 422 -22.77 12.84 -35.26
N CYS H 423 -23.63 13.76 -35.69
CA CYS H 423 -23.49 15.18 -35.34
C CYS H 423 -24.30 15.54 -34.10
N LEU H 424 -24.72 14.51 -33.36
CA LEU H 424 -25.60 14.67 -32.21
C LEU H 424 -26.66 15.74 -32.48
N ALA H 425 -27.37 15.59 -33.59
CA ALA H 425 -28.40 16.55 -34.02
C ALA H 425 -29.51 16.65 -32.98
N ALA H 426 -30.02 17.86 -32.79
CA ALA H 426 -31.04 18.17 -31.81
C ALA H 426 -32.43 17.79 -32.29
N ALA H 427 -32.59 17.60 -33.59
CA ALA H 427 -33.88 17.22 -34.15
C ALA H 427 -33.75 16.78 -35.60
N LEU H 428 -34.75 16.05 -36.07
CA LEU H 428 -34.93 15.81 -37.48
C LEU H 428 -36.28 16.38 -37.91
N ILE H 429 -36.22 17.29 -38.87
CA ILE H 429 -37.39 17.98 -39.38
C ILE H 429 -37.80 17.34 -40.71
N VAL H 430 -39.04 16.88 -40.76
CA VAL H 430 -39.55 16.16 -41.92
C VAL H 430 -40.80 16.85 -42.47
N LEU H 431 -40.85 16.99 -43.79
CA LEU H 431 -42.02 17.52 -44.48
C LEU H 431 -42.78 16.35 -45.07
N THR H 432 -44.06 16.24 -44.75
CA THR H 432 -44.86 15.11 -45.21
C THR H 432 -46.33 15.48 -45.28
N GLU H 433 -47.04 14.92 -46.26
CA GLU H 433 -48.50 15.06 -46.33
CA GLU H 433 -48.49 15.07 -46.31
C GLU H 433 -49.17 13.74 -45.97
N SER H 434 -48.56 12.63 -46.37
CA SER H 434 -49.09 11.30 -46.10
C SER H 434 -48.56 10.71 -44.78
N GLY H 435 -47.46 11.27 -44.28
CA GLY H 435 -46.77 10.71 -43.12
C GLY H 435 -45.61 9.80 -43.48
N ARG H 436 -45.73 9.09 -44.60
CA ARG H 436 -44.82 8.00 -44.97
C ARG H 436 -43.32 8.25 -44.74
N SER H 437 -42.85 9.45 -45.06
CA SER H 437 -41.45 9.81 -44.88
C SER H 437 -41.11 9.80 -43.40
N ALA H 438 -41.80 10.65 -42.63
CA ALA H 438 -41.58 10.75 -41.19
C ALA H 438 -41.69 9.37 -40.56
N HIS H 439 -42.70 8.58 -40.98
CA HIS H 439 -42.87 7.22 -40.46
C HIS H 439 -41.59 6.41 -40.66
N GLN H 440 -41.04 6.49 -41.88
CA GLN H 440 -39.80 5.79 -42.23
C GLN H 440 -38.60 6.28 -41.43
N VAL H 441 -38.62 7.55 -41.03
CA VAL H 441 -37.57 8.09 -40.17
C VAL H 441 -37.69 7.49 -38.74
N ALA H 442 -38.92 7.40 -38.25
CA ALA H 442 -39.23 6.90 -36.91
C ALA H 442 -38.85 5.43 -36.74
N ARG H 443 -39.20 4.65 -37.75
CA ARG H 443 -38.83 3.25 -37.86
C ARG H 443 -37.37 3.02 -37.49
N TYR H 444 -36.47 3.88 -37.97
CA TYR H 444 -35.03 3.69 -37.77
C TYR H 444 -34.47 4.31 -36.49
N ARG H 445 -35.39 4.73 -35.62
CA ARG H 445 -35.10 4.95 -34.21
C ARG H 445 -33.99 5.96 -33.89
N PRO H 446 -34.12 7.20 -34.38
CA PRO H 446 -33.20 8.24 -33.89
C PRO H 446 -33.51 8.54 -32.42
N ARG H 447 -32.54 9.10 -31.68
CA ARG H 447 -32.86 9.59 -30.34
C ARG H 447 -33.50 10.97 -30.40
N ALA H 448 -33.07 11.77 -31.36
CA ALA H 448 -33.55 13.13 -31.53
C ALA H 448 -35.02 13.15 -31.98
N PRO H 449 -35.78 14.16 -31.52
CA PRO H 449 -37.18 14.30 -31.92
C PRO H 449 -37.35 14.40 -33.41
N ILE H 450 -38.43 13.82 -33.91
CA ILE H 450 -38.78 13.93 -35.33
C ILE H 450 -39.93 14.92 -35.43
N ILE H 451 -39.60 16.20 -35.63
CA ILE H 451 -40.60 17.24 -35.86
CA ILE H 451 -40.59 17.23 -35.87
C ILE H 451 -41.14 17.06 -37.28
N ALA H 452 -42.40 16.62 -37.40
CA ALA H 452 -43.00 16.46 -38.73
C ALA H 452 -43.97 17.57 -39.08
N VAL H 453 -43.66 18.35 -40.11
CA VAL H 453 -44.54 19.43 -40.54
C VAL H 453 -45.43 18.99 -41.70
N THR H 454 -46.73 19.08 -41.47
CA THR H 454 -47.75 18.63 -42.41
C THR H 454 -48.97 19.56 -42.43
N ARG H 455 -49.63 19.61 -43.57
CA ARG H 455 -50.86 20.38 -43.78
C ARG H 455 -52.07 19.48 -43.64
N ASN H 456 -51.81 18.20 -43.48
CA ASN H 456 -52.86 17.23 -43.28
C ASN H 456 -53.06 17.02 -41.77
N HIS H 457 -54.20 17.48 -41.27
CA HIS H 457 -54.55 17.35 -39.85
C HIS H 457 -54.56 15.91 -39.39
N GLN H 458 -55.17 15.03 -40.19
CA GLN H 458 -55.31 13.63 -39.82
C GLN H 458 -53.95 12.95 -39.83
N THR H 459 -53.14 13.28 -40.82
CA THR H 459 -51.75 12.84 -40.84
C THR H 459 -51.08 13.25 -39.52
N ALA H 460 -51.25 14.51 -39.16
CA ALA H 460 -50.74 15.06 -37.91
C ALA H 460 -51.24 14.29 -36.68
N ARG H 461 -52.52 13.94 -36.66
CA ARG H 461 -53.10 13.23 -35.51
C ARG H 461 -52.64 11.78 -35.42
N GLN H 462 -52.59 11.09 -36.58
CA GLN H 462 -52.17 9.67 -36.63
C GLN H 462 -50.67 9.46 -36.40
N ALA H 463 -49.88 10.54 -36.53
CA ALA H 463 -48.43 10.49 -36.33
C ALA H 463 -48.03 10.12 -34.91
N HIS H 464 -48.98 10.26 -33.97
CA HIS H 464 -48.76 9.94 -32.56
C HIS H 464 -48.52 8.44 -32.32
N LEU H 465 -48.93 7.62 -33.27
CA LEU H 465 -48.72 6.18 -33.19
C LEU H 465 -47.25 5.77 -33.35
N TYR H 466 -46.41 6.69 -33.80
CA TYR H 466 -45.02 6.37 -34.13
C TYR H 466 -44.02 6.97 -33.14
N ARG H 467 -43.00 6.20 -32.78
CA ARG H 467 -41.93 6.70 -31.90
C ARG H 467 -41.30 7.97 -32.48
N GLY H 468 -41.11 8.98 -31.63
CA GLY H 468 -40.31 10.17 -31.98
C GLY H 468 -40.95 11.24 -32.88
N ILE H 469 -42.09 10.93 -33.47
CA ILE H 469 -42.73 11.87 -34.37
C ILE H 469 -43.49 12.93 -33.59
N PHE H 470 -42.99 14.15 -33.67
CA PHE H 470 -43.62 15.30 -33.02
C PHE H 470 -44.33 16.12 -34.09
N PRO H 471 -45.62 15.81 -34.36
CA PRO H 471 -46.33 16.43 -35.48
C PRO H 471 -46.72 17.89 -35.23
N VAL H 472 -46.61 18.72 -36.26
CA VAL H 472 -46.95 20.13 -36.19
C VAL H 472 -47.79 20.46 -37.42
N VAL H 473 -49.01 20.96 -37.21
CA VAL H 473 -49.91 21.35 -38.30
C VAL H 473 -49.53 22.72 -38.86
N CYS H 474 -49.17 22.76 -40.13
CA CYS H 474 -48.95 24.01 -40.84
C CYS H 474 -50.28 24.53 -41.32
N LYS H 475 -50.59 25.77 -40.96
CA LYS H 475 -51.91 26.34 -41.23
C LYS H 475 -51.80 27.39 -42.33
N ASP H 476 -50.57 27.66 -42.75
CA ASP H 476 -50.29 28.68 -43.77
C ASP H 476 -50.79 28.25 -45.16
N PRO H 477 -51.17 29.22 -46.02
CA PRO H 477 -51.53 28.88 -47.39
C PRO H 477 -50.32 28.36 -48.18
N VAL H 478 -50.58 27.66 -49.27
CA VAL H 478 -49.52 27.11 -50.10
C VAL H 478 -48.93 28.24 -50.96
N GLN H 479 -47.61 28.43 -50.84
CA GLN H 479 -46.90 29.48 -51.56
C GLN H 479 -46.68 29.08 -53.02
N GLU H 480 -46.71 30.08 -53.91
CA GLU H 480 -46.47 29.87 -55.35
C GLU H 480 -45.16 29.12 -55.62
N ALA H 481 -44.09 29.57 -54.98
CA ALA H 481 -42.78 28.98 -55.18
C ALA H 481 -42.48 27.93 -54.11
N TRP H 482 -42.29 26.69 -54.58
CA TRP H 482 -41.95 25.55 -53.76
C TRP H 482 -40.84 25.84 -52.74
N ALA H 483 -39.76 26.48 -53.21
CA ALA H 483 -38.62 26.85 -52.37
C ALA H 483 -39.00 27.77 -51.20
N GLU H 484 -39.95 28.69 -51.42
CA GLU H 484 -40.46 29.53 -50.34
C GLU H 484 -41.44 28.77 -49.44
N ASP H 485 -42.16 27.81 -50.01
CA ASP H 485 -43.16 27.04 -49.27
C ASP H 485 -42.48 26.03 -48.34
N VAL H 486 -41.43 25.40 -48.86
CA VAL H 486 -40.55 24.54 -48.09
C VAL H 486 -39.99 25.31 -46.89
N ASP H 487 -39.44 26.50 -47.16
CA ASP H 487 -38.73 27.26 -46.14
C ASP H 487 -39.64 27.86 -45.06
N LEU H 488 -40.87 28.19 -45.44
CA LEU H 488 -41.92 28.57 -44.50
C LEU H 488 -42.19 27.42 -43.54
N ARG H 489 -42.34 26.21 -44.09
CA ARG H 489 -42.65 25.01 -43.32
C ARG H 489 -41.50 24.59 -42.43
N VAL H 490 -40.27 24.78 -42.93
CA VAL H 490 -39.07 24.46 -42.13
C VAL H 490 -38.92 25.48 -41.00
N ASN H 491 -39.10 26.76 -41.33
CA ASN H 491 -39.03 27.81 -40.32
CA ASN H 491 -39.04 27.83 -40.33
C ASN H 491 -39.95 27.53 -39.15
N LEU H 492 -41.18 27.09 -39.45
CA LEU H 492 -42.17 26.79 -38.45
C LEU H 492 -41.67 25.72 -37.46
N ALA H 493 -41.00 24.71 -37.99
CA ALA H 493 -40.44 23.65 -37.17
C ALA H 493 -39.42 24.23 -36.23
N MET H 494 -38.59 25.12 -36.75
CA MET H 494 -37.58 25.77 -35.96
C MET H 494 -38.26 26.49 -34.78
N ASN H 495 -39.24 27.34 -35.09
CA ASN H 495 -40.01 28.07 -34.09
C ASN H 495 -40.64 27.16 -33.04
N VAL H 496 -41.22 26.05 -33.51
CA VAL H 496 -41.84 25.08 -32.61
C VAL H 496 -40.77 24.45 -31.74
N GLY H 497 -39.72 23.95 -32.36
CA GLY H 497 -38.59 23.36 -31.63
C GLY H 497 -38.03 24.29 -30.56
N LYS H 498 -37.76 25.54 -30.93
CA LYS H 498 -37.23 26.54 -30.00
C LYS H 498 -38.15 26.85 -28.82
N ALA H 499 -39.45 26.97 -29.09
CA ALA H 499 -40.46 27.25 -28.07
C ALA H 499 -40.65 26.05 -27.12
N ARG H 500 -40.56 24.85 -27.67
CA ARG H 500 -40.73 23.61 -26.90
C ARG H 500 -39.52 23.30 -26.02
N GLY H 501 -38.37 23.85 -26.40
CA GLY H 501 -37.14 23.69 -25.63
C GLY H 501 -36.29 22.54 -26.14
N PHE H 502 -36.50 22.16 -27.40
CA PHE H 502 -35.75 21.07 -28.01
C PHE H 502 -34.38 21.56 -28.49
N PHE H 503 -34.31 22.84 -28.85
CA PHE H 503 -33.05 23.45 -29.30
C PHE H 503 -33.06 24.99 -29.28
N LYS H 504 -31.86 25.58 -29.23
CA LYS H 504 -31.68 27.03 -29.28
C LYS H 504 -30.81 27.40 -30.47
N LYS H 505 -30.86 28.67 -30.85
CA LYS H 505 -30.06 29.22 -31.96
C LYS H 505 -28.60 28.76 -31.88
N GLY H 506 -28.14 28.03 -32.89
CA GLY H 506 -26.75 27.59 -32.95
C GLY H 506 -26.53 26.10 -32.79
N ASP H 507 -27.61 25.38 -32.47
CA ASP H 507 -27.64 23.92 -32.52
C ASP H 507 -27.87 23.53 -33.97
N VAL H 508 -27.57 22.27 -34.30
CA VAL H 508 -27.79 21.76 -35.66
C VAL H 508 -28.95 20.76 -35.71
N VAL H 509 -29.65 20.74 -36.84
CA VAL H 509 -30.77 19.81 -37.06
C VAL H 509 -30.68 19.13 -38.44
N ILE H 510 -31.31 17.97 -38.59
CA ILE H 510 -31.36 17.26 -39.88
C ILE H 510 -32.67 17.58 -40.59
N VAL H 511 -32.63 18.08 -41.82
CA VAL H 511 -33.85 18.52 -42.52
C VAL H 511 -34.19 17.72 -43.79
N LEU H 512 -35.35 17.03 -43.76
CA LEU H 512 -35.82 16.27 -44.91
C LEU H 512 -36.96 16.94 -45.67
N THR H 513 -36.79 17.06 -46.98
CA THR H 513 -37.74 17.77 -47.85
C THR H 513 -37.80 17.12 -49.23
N GLY H 514 -38.89 17.37 -49.97
CA GLY H 514 -38.97 16.97 -51.36
C GLY H 514 -38.23 17.99 -52.20
N TRP H 515 -37.34 17.52 -53.07
CA TRP H 515 -36.56 18.42 -53.94
C TRP H 515 -37.46 19.29 -54.81
N ARG H 516 -38.48 18.67 -55.41
CA ARG H 516 -39.45 19.38 -56.23
C ARG H 516 -40.84 19.12 -55.67
N PRO H 517 -41.85 19.91 -56.11
CA PRO H 517 -43.24 19.69 -55.68
C PRO H 517 -43.78 18.31 -56.03
N GLY H 518 -43.18 17.68 -57.04
CA GLY H 518 -43.58 16.34 -57.49
C GLY H 518 -42.66 15.21 -57.05
N SER H 519 -41.86 15.46 -56.02
CA SER H 519 -41.03 14.41 -55.42
C SER H 519 -41.92 13.50 -54.57
N GLY H 520 -41.84 12.19 -54.80
CA GLY H 520 -42.75 11.23 -54.17
C GLY H 520 -42.46 10.98 -52.70
N PHE H 521 -41.38 11.59 -52.21
CA PHE H 521 -40.90 11.42 -50.84
C PHE H 521 -39.85 12.50 -50.56
N THR H 522 -39.43 12.61 -49.31
CA THR H 522 -38.32 13.45 -48.92
C THR H 522 -37.02 12.86 -49.47
N ASN H 523 -36.62 13.29 -50.67
CA ASN H 523 -35.37 12.89 -51.28
C ASN H 523 -34.22 13.89 -51.09
N THR H 524 -34.41 14.83 -50.16
CA THR H 524 -33.39 15.85 -49.90
C THR H 524 -33.08 15.92 -48.40
N MET H 525 -31.81 15.73 -48.07
N MET H 525 -31.80 15.74 -48.06
CA MET H 525 -31.35 15.79 -46.68
CA MET H 525 -31.37 15.78 -46.67
C MET H 525 -30.36 16.93 -46.48
C MET H 525 -30.35 16.89 -46.44
N ARG H 526 -30.59 17.72 -45.43
CA ARG H 526 -29.69 18.80 -45.08
C ARG H 526 -29.28 18.73 -43.63
N VAL H 527 -28.05 19.15 -43.36
CA VAL H 527 -27.68 19.49 -41.98
C VAL H 527 -27.75 21.01 -41.88
N VAL H 528 -28.67 21.49 -41.04
CA VAL H 528 -29.03 22.91 -40.96
C VAL H 528 -28.85 23.47 -39.54
N PRO H 529 -28.15 24.62 -39.40
CA PRO H 529 -28.02 25.30 -38.10
C PRO H 529 -29.32 26.00 -37.70
N VAL H 530 -29.63 26.00 -36.41
CA VAL H 530 -30.85 26.63 -35.90
C VAL H 530 -30.68 28.14 -35.90
N PRO H 531 -31.49 28.85 -36.70
CA PRO H 531 -31.41 30.31 -36.78
C PRO H 531 -31.98 30.97 -35.54
N PRO I . 35.28 -20.62 30.65
CA PRO I . 35.90 -20.63 29.33
C PRO I . 37.37 -21.05 29.31
O PRO I . 37.97 -21.11 28.23
CB PRO I . 35.76 -19.17 28.85
CG PRO I . 34.97 -18.45 29.94
CD PRO I . 34.33 -19.51 30.77
OXT PRO I . 38.01 -21.35 30.34
MN MN J . 14.18 -29.88 24.68
C PYR K . 15.78 -27.80 23.52
O PYR K . 16.14 -26.65 22.97
OXT PYR K . 14.58 -28.27 23.30
CA PYR K . 16.68 -28.53 24.32
O3 PYR K . 16.23 -29.46 25.13
CB PYR K . 18.15 -28.26 24.30
K K L . 17.59 -34.35 26.27
NA NA M . 9.75 -47.91 5.42
NA NA N . 36.15 -18.39 47.47
C1 GOL O . 40.83 -20.67 20.11
O1 GOL O . 42.02 -20.17 19.58
C2 GOL O . 41.11 -21.39 21.43
O2 GOL O . 41.92 -20.60 22.28
C3 GOL O . 39.79 -21.74 22.09
O3 GOL O . 39.39 -20.81 23.09
C1 EDO P . 41.76 -33.54 36.30
O1 EDO P . 42.99 -32.87 36.64
C2 EDO P . 41.77 -34.97 36.84
O2 EDO P . 40.45 -35.33 37.25
C1 EDO Q . 20.45 -23.25 44.64
O1 EDO Q . 19.24 -23.17 45.40
C2 EDO Q . 21.61 -22.65 45.44
O2 EDO Q . 21.32 -21.27 45.68
C1 EDO R . 27.67 -18.46 3.92
O1 EDO R . 28.40 -17.50 3.14
C2 EDO R . 26.25 -18.57 3.39
O2 EDO R . 25.44 -19.14 4.42
C1 GOL S . 6.97 -32.32 27.40
O1 GOL S . 6.80 -32.81 28.71
C2 GOL S . 5.61 -32.22 26.76
O2 GOL S . 4.86 -31.22 27.41
C3 GOL S . 5.79 -31.90 25.28
O3 GOL S . 4.64 -31.22 24.82
C1 GOL T . 11.42 -32.92 22.28
O1 GOL T . 12.47 -33.50 23.06
C2 GOL T . 10.12 -33.71 22.38
O2 GOL T . 10.37 -35.09 22.19
C3 GOL T . 9.45 -33.48 23.75
O3 GOL T . 8.16 -34.05 23.79
N PRO U . 39.42 17.88 57.63
CA PRO U . 38.29 17.76 58.53
C PRO U . 38.65 17.06 59.83
O PRO U . 37.93 17.19 60.83
CB PRO U . 37.33 16.91 57.71
CG PRO U . 37.53 17.45 56.32
CD PRO U . 38.96 18.02 56.25
OXT PRO U . 39.65 16.34 59.90
MN MN V . 38.98 39.48 48.28
C PYR W . 36.92 37.70 49.16
O PYR W . 35.91 36.86 49.10
OXT PYR W . 36.88 38.82 48.47
CA PYR W . 38.05 37.41 49.91
O3 PYR W . 39.09 38.20 49.84
CB PYR W . 38.11 36.20 50.79
K K X . 43.61 39.47 51.86
NA NA Y . 51.08 7.91 48.45
C1 GOL Z . 33.59 19.41 65.93
O1 GOL Z . 33.81 18.40 64.97
C2 GOL Z . 33.35 18.80 67.31
O2 GOL Z . 34.12 17.64 67.50
C3 GOL Z . 31.87 18.49 67.49
O3 GOL Z . 31.68 17.83 68.72
C1 EDO AA . 25.38 11.88 65.02
O1 EDO AA . 25.12 10.70 65.82
C2 EDO AA . 24.11 12.71 64.96
O2 EDO AA . 23.04 11.92 64.43
C1 EDO BA . 36.02 42.38 50.26
O1 EDO BA . 34.99 43.21 49.67
C2 EDO BA . 35.50 41.62 51.47
O2 EDO BA . 36.25 40.42 51.64
C1 GOL CA . 41.97 45.00 42.05
O1 GOL CA . 42.98 44.66 41.14
C2 GOL CA . 40.64 45.06 41.30
O2 GOL CA . 39.96 43.83 41.45
C3 GOL CA . 39.79 46.17 41.91
O3 GOL CA . 38.55 46.21 41.25
C1 GOL DA . 38.97 44.49 48.44
O1 GOL DA . 39.99 43.60 48.84
C2 GOL DA . 39.54 45.78 47.87
O2 GOL DA . 40.34 46.40 48.87
C3 GOL DA . 40.36 45.45 46.63
O3 GOL DA . 40.63 46.59 45.83
N PRO EA . 4.83 0.49 5.73
CA PRO EA . 4.10 -0.69 6.16
C PRO EA . 2.64 -0.71 5.76
O PRO EA . 2.03 -1.78 5.83
CB PRO EA . 4.27 -0.65 7.68
CG PRO EA . 5.64 -0.04 7.87
CD PRO EA . 6.02 0.68 6.57
OXT PRO EA . 2.03 0.28 5.34
MN MN FA . 25.04 -8.43 -2.52
C PYR GA . 23.30 -8.94 0.11
O PYR GA . 22.92 -9.08 1.35
OXT PYR GA . 24.52 -9.30 -0.26
CA PYR GA . 22.42 -8.36 -0.80
O3 PYR GA . 22.86 -7.97 -1.97
CB PYR GA . 20.96 -8.13 -0.47
K K HA . 21.74 -7.35 -7.19
NA NA IA . 4.66 17.42 4.55
C1 EDO JA . -3.88 -9.13 18.48
O1 EDO JA . -4.37 -8.50 17.30
C2 EDO JA . -2.36 -9.16 18.42
O2 EDO JA . -1.83 -9.24 19.75
C1 GOL KA . -5.80 -4.49 0.26
O1 GOL KA . -4.69 -4.26 -0.59
C2 GOL KA . -5.91 -5.97 0.64
O2 GOL KA . -7.20 -6.20 1.19
C3 GOL KA . -4.84 -6.36 1.64
O3 GOL KA . -5.00 -5.66 2.84
C1 GOL LA . 30.05 -10.35 -6.01
O1 GOL LA . 31.14 -10.68 -6.86
C2 GOL LA . 29.03 -11.49 -5.98
O2 GOL LA . 28.79 -11.91 -7.30
C3 GOL LA . 27.73 -11.08 -5.30
O3 GOL LA . 26.89 -10.28 -6.12
N PRO MA . 3.84 35.62 37.27
CA PRO MA . 4.86 36.64 37.01
C PRO MA . 4.42 37.71 36.02
O PRO MA . 5.00 38.80 36.00
CB PRO MA . 6.02 35.82 36.44
CG PRO MA . 5.70 34.36 36.73
CD PRO MA . 4.47 34.34 37.59
OXT PRO MA . 3.47 37.55 35.22
C1 GOL NA . 7.84 8.48 30.51
O1 GOL NA . 8.29 9.09 31.71
C2 GOL NA . 7.06 9.49 29.68
O2 GOL NA . 6.98 9.00 28.35
C3 GOL NA . 5.66 9.71 30.25
O3 GOL NA . 4.80 8.61 30.02
MN MN OA . 5.60 32.02 60.74
C PYR PA . 7.50 32.16 58.56
O PYR PA . 8.53 31.88 57.78
OXT PYR PA . 7.53 31.74 59.81
CA PYR PA . 6.39 32.86 58.09
O3 PYR PA . 5.33 32.92 58.84
CB PYR PA . 6.34 33.54 56.76
K K QA . 1.42 35.61 59.88
NA NA RA . 10.72 50.58 79.03
NA NA SA . -8.53 25.91 30.70
C1 EDO TA . 19.16 40.56 30.14
O1 EDO TA . 20.26 39.73 29.73
C2 EDO TA . 18.65 41.41 28.97
O2 EDO TA . 17.24 41.59 29.15
C1 EDO UA . 6.74 39.06 58.64
O1 EDO UA . 5.89 37.91 58.67
C2 EDO UA . 6.13 40.11 57.71
O2 EDO UA . 6.90 41.33 57.72
C1 EDO VA . 8.67 34.76 63.28
O1 EDO VA . 9.72 33.84 62.94
C2 EDO VA . 8.30 35.60 62.06
O2 EDO VA . 8.46 34.84 60.86
C1 GOL WA . 5.12 27.37 68.70
O1 GOL WA . 5.81 26.21 69.13
C2 GOL WA . 4.00 26.96 67.75
O2 GOL WA . 3.39 25.78 68.21
C3 GOL WA . 2.97 28.09 67.71
O3 GOL WA . 1.68 27.55 67.56
C1 GOL XA . 5.02 31.75 66.91
O1 GOL XA . 4.07 31.90 67.97
C2 GOL XA . 5.29 33.07 66.20
O2 GOL XA . 4.48 34.10 66.72
C3 GOL XA . 5.02 32.87 64.71
O3 GOL XA . 4.25 33.93 64.16
N PRO YA . 3.38 -29.72 -37.61
CA PRO YA . 4.30 -28.85 -36.93
C PRO YA . 5.29 -29.64 -36.08
O PRO YA . 6.41 -29.18 -35.83
CB PRO YA . 3.37 -28.02 -36.05
CG PRO YA . 2.12 -27.90 -36.88
CD PRO YA . 2.10 -29.05 -37.86
OXT PRO YA . 5.00 -30.75 -35.61
MN MN ZA . -0.91 -28.20 -60.76
C PYR AB . -0.36 -26.38 -58.78
O PYR AB . -0.15 -25.17 -58.29
OXT PYR AB . -1.00 -26.53 -59.91
CA PYR AB . 0.08 -27.51 -58.09
O3 PYR AB . 0.03 -28.69 -58.65
CB PYR AB . 0.62 -27.38 -56.70
K K BB . 1.86 -33.36 -59.78
NA NA CB . 18.39 -26.53 -79.73
NA NA DB . -9.03 -40.05 -30.28
C1 EDO EB . 11.90 -16.60 -29.13
O1 EDO EB . 11.63 -17.50 -30.21
C2 EDO EB . 10.80 -15.55 -29.09
O2 EDO EB . 10.29 -15.28 -30.42
C1 EDO FB . 1.82 -24.85 -63.37
O1 EDO FB . 2.22 -23.66 -62.65
C2 EDO FB . 2.57 -26.06 -62.83
O2 EDO FB . 2.74 -25.96 -61.40
C1 EDO GB . 11.04 -32.89 -58.76
O1 EDO GB . 12.15 -31.98 -58.66
C2 EDO GB . 9.86 -32.30 -58.00
O2 EDO GB . 9.35 -31.16 -58.70
C1 EDO HB . -13.60 -39.09 -45.70
O1 EDO HB . -14.32 -38.67 -46.87
C2 EDO HB . -13.70 -38.00 -44.63
O2 EDO HB . -14.97 -37.35 -44.67
C1 GOL IB . -5.68 -30.62 -67.24
O1 GOL IB . -6.41 -31.83 -67.30
C2 GOL IB . -6.21 -29.70 -68.33
O2 GOL IB . -7.58 -29.51 -68.08
C3 GOL IB . -5.48 -28.37 -68.29
O3 GOL IB . -6.29 -27.37 -68.86
C1 GOL JB . 0.13 -28.89 -65.14
O1 GOL JB . 0.38 -30.07 -64.38
C2 GOL JB . -0.05 -29.12 -66.63
O2 GOL JB . 0.43 -30.38 -67.09
C3 GOL JB . -1.52 -28.96 -67.00
O3 GOL JB . -1.82 -29.82 -68.08
N PRO KB . -30.58 -21.58 -5.23
CA PRO KB . -31.92 -22.02 -5.58
C PRO KB . -32.19 -23.47 -5.19
O PRO KB . -31.32 -24.26 -4.79
CB PRO KB . -31.91 -21.88 -7.11
CG PRO KB . -30.94 -20.76 -7.39
CD PRO KB . -30.15 -20.48 -6.12
OXT PRO KB . -33.34 -23.87 -5.32
MN MN LB . -35.17 0.34 2.67
C PYR MB . -36.05 -1.36 0.44
O PYR MB . -36.40 -1.77 -0.75
OXT PYR MB . -36.15 -0.11 0.78
CA PYR MB . -35.58 -2.28 1.34
O3 PYR MB . -35.02 -1.82 2.44
CB PYR MB . -35.68 -3.74 1.02
K K NB . -34.71 -3.01 7.40
NA NA OB . -13.85 -24.98 -4.33
C1 GOL PB . -45.46 2.33 -3.94
O1 GOL PB . -46.77 1.86 -3.75
C2 GOL PB . -45.21 3.60 -3.13
O2 GOL PB . -44.29 3.31 -2.10
C3 GOL PB . -44.61 4.65 -4.06
O3 GOL PB . -44.15 5.75 -3.32
C1 EDO QB . -41.71 -28.29 -17.10
O1 EDO QB . -41.34 -28.35 -15.72
C2 EDO QB . -42.06 -26.85 -17.48
O2 EDO QB . -41.79 -26.68 -18.87
C1 GOL RB . -32.39 7.42 5.82
O1 GOL RB . -31.04 7.32 6.20
C2 GOL RB . -32.49 8.32 4.61
O2 GOL RB . -31.44 9.25 4.66
C3 GOL RB . -33.79 9.10 4.69
O3 GOL RB . -33.68 10.24 3.87
C1 GOL SB . -37.62 3.25 5.42
O1 GOL SB . -36.75 2.32 6.06
C2 GOL SB . -37.59 4.64 6.07
O2 GOL SB . -37.74 4.58 7.47
C3 GOL SB . -36.33 5.42 5.68
O3 GOL SB . -36.00 6.36 6.69
N PRO TB . -8.53 7.52 -58.61
CA PRO TB . -8.91 6.43 -59.49
C PRO TB . -9.68 6.92 -60.71
O PRO TB . -9.90 6.16 -61.66
CB PRO TB . -9.84 5.60 -58.60
CG PRO TB . -9.42 5.95 -57.17
CD PRO TB . -8.41 7.07 -57.23
OXT PRO TB . -10.08 8.09 -60.79
MN MN UB . 13.06 3.44 -49.72
C PYR VB . 10.90 1.64 -50.47
O PYR VB . 10.02 0.67 -50.45
OXT PYR VB . 11.91 1.53 -49.65
CA PYR VB . 10.80 2.76 -51.31
O3 PYR VB . 11.79 3.60 -51.36
CB PYR VB . 9.59 3.02 -52.16
K K WB . 13.64 7.73 -53.33
NA NA XB . -16.04 21.19 -50.47
C1 GOL YB . 19.46 2.79 -43.61
O1 GOL YB . 19.82 1.97 -42.51
C2 GOL YB . 18.93 4.11 -43.07
O2 GOL YB . 19.71 4.50 -41.97
C3 GOL YB . 19.02 5.17 -44.14
O3 GOL YB . 18.84 6.43 -43.54
C1 GOL ZB . 19.29 3.49 -47.75
O1 GOL ZB . 20.19 3.31 -46.68
C2 GOL ZB . 19.75 2.69 -48.97
O2 GOL ZB . 20.37 3.56 -49.90
C3 GOL ZB . 18.59 1.94 -49.61
O3 GOL ZB . 17.72 2.83 -50.26
N PRO AC . -46.18 11.98 -30.35
CA PRO AC . -45.66 12.55 -29.12
C PRO AC . -45.78 14.07 -29.08
O PRO AC . -45.54 14.72 -28.06
CB PRO AC . -44.20 12.12 -29.16
CG PRO AC . -44.22 10.81 -29.96
CD PRO AC . -45.57 10.68 -30.62
OXT PRO AC . -46.13 14.69 -30.07
MN MN BC . -59.12 -6.94 -23.66
C PYR CC . -56.90 -5.77 -22.55
O PYR CC . -55.66 -5.77 -22.10
OXT PYR CC . -57.72 -6.75 -22.23
CA PYR CC . -57.36 -4.75 -23.37
O3 PYR CC . -58.45 -4.94 -24.07
CB PYR CC . -56.63 -3.44 -23.50
K K DC . -62.82 -2.83 -25.27
NA NA EC . -77.30 -7.20 -3.89
NA NA FC . -44.46 11.71 -47.39
C1 EDO GC . -51.25 -2.28 -44.14
O1 EDO GC . -52.12 -3.39 -44.41
C2 EDO GC . -50.04 -2.31 -45.07
O2 EDO GC . -49.66 -3.67 -45.34
C1 GOL HC . -63.28 -10.62 -22.47
O1 GOL HC . -63.77 -11.91 -22.20
C2 GOL HC . -63.30 -9.72 -21.22
O2 GOL HC . -64.61 -9.26 -20.96
C3 GOL HC . -62.34 -8.53 -21.42
O3 GOL HC . -62.80 -7.60 -22.40
#